data_7YBH
#
_entry.id   7YBH
#
loop_
_entity.id
_entity.type
_entity.pdbx_description
1 polymer 'Spike glycoprotein'
2 branched 2-acetamido-2-deoxy-beta-D-glucopyranose-(1-4)-2-acetamido-2-deoxy-beta-D-glucopyranose
3 branched beta-D-mannopyranose-(1-4)-2-acetamido-2-deoxy-beta-D-glucopyranose-(1-4)-2-acetamido-2-deoxy-beta-D-glucopyranose
4 branched alpha-D-mannopyranose-(1-3)-beta-D-mannopyranose-(1-4)-2-acetamido-2-deoxy-beta-D-glucopyranose-(1-4)-2-acetamido-2-deoxy-beta-D-glucopyranose
5 non-polymer 2-acetamido-2-deoxy-beta-D-glucopyranose
#
_entity_poly.entity_id   1
_entity_poly.type   'polypeptide(L)'
_entity_poly.pdbx_seq_one_letter_code
;MFVFLVLLPLVSSQCVNLTTRTQLPPAYTNSFTRGVYYPDKVFRSSVLHSTQDLFLPFFSNVTWFHAIHVSGTNVIKRFD
NPVLPFNDGVYFASTEKSNIIRGWIFGTTLDSKTQSLLIVNNATNVVIKVCEFQFCNDPFLGVYYHKNNKSWMESEFRVY
SSANNCTFEYVSQPFLMDLEGKQGNFKNLREFVFKNIDGYFKIYSKHTPINLVRDLPQGFSALEPLVDLPIGINITRFQT
LLALHNSSSGWTAGAAAYYVGYLQPRTFLLKYNENGTITDAVDCALDPLSETKCTLKSFTVEKGIYQTSNFRVQPTESIV
RFPNITNLCPFGEVFNATRFASVYAWNRKRISNCVADYSVLYNSASFSTFKCYGVSPTKLNDLCFTNVYADSFVIRGDEV
RQIAPGQTGKIADYNYKLPDDFTGCVIAWNSNNLDSKVGGNYNYQYRLFRKSNLKPFERDISTEIYQAGSTPCNGVEGFN
CYSPLQSYGFQPTNGVGYQPYRVVVLSFELLHAPATVCGPKKSTNLVKNKCVNFNFNGLTGTGVLTESNKKFLPFQQFGR
DIADTTDAVRDPQTLEILDITPCSFGGVSVITPGTNTSNQVAVLYQGVNCTEVPVAIHADQLTPTWRVYSTGSNVFQTRA
GCLIGAEHVNNSYECDIPIGAGICASYQTQTNSPRRARSVASQSIIAYTMSLGAENSVAYSNNSIAIPTNFTISVTTEIL
PVSMTKTSVDCTMYICGDSTECSNLLLQYGSFCTQLNRALTGIAVEQDKNTQEVFAQVKQIYKTPPIKDFGGFNFSQILP
DPSKPSKRSPIEDLLFNKVTLADAGFIKQYGDCLGDIAARDLICAQKFNGLNVLPPLLTDEMIAQYTSALLAGTITSGWT
FGAGPALQIPFPMQMAYRFNGIGVTQNVLYENQKLIANQFNSAIGKIQDSLSSTPSALGKLQDVVNQNAQALNTLVKQLS
SNFGAISSVLNDILSRLDPPEAEVQIDRLITGRLQSLQTYVTQQLIRAAEIRASANLAATKMSECVLGQSKRVDFCGKGY
HLMSFPQSAPHGVVFLHVTYVPAQEKNFTTAPAICHDGKAHFPREGVFVSNGTHWFVTQRNFYEPQIITTDNTFVSGNCD
VVIGIVNNTVYDPLQPELDSFKEELDKYFKNHTSPDVDLGDISGINASVVNIQKEIDRLNEVAKNLNESLIDLQELGKYE
QYIKWPWYIWLGFIAGLIAIVMVTIMLCCMTSCCSCLKGCCSCGSCCKFDEDDSEPVLKGVKLHYT
;
_entity_poly.pdbx_strand_id   A,B,C
#
# COMPACT_ATOMS: atom_id res chain seq x y z
N GLN A 14 42.99 28.96 -57.55
CA GLN A 14 43.32 30.15 -56.78
C GLN A 14 42.32 30.39 -55.66
N CYS A 15 42.26 31.63 -55.18
CA CYS A 15 41.32 32.03 -54.15
C CYS A 15 40.66 33.35 -54.56
N VAL A 16 39.48 33.59 -54.00
CA VAL A 16 38.71 34.80 -54.31
C VAL A 16 38.39 35.51 -53.00
N ASN A 17 38.40 36.84 -53.05
CA ASN A 17 38.10 37.67 -51.88
C ASN A 17 37.28 38.86 -52.33
N LEU A 18 36.28 39.23 -51.52
CA LEU A 18 35.39 40.33 -51.86
C LEU A 18 35.53 41.48 -50.86
N THR A 19 35.67 42.69 -51.39
CA THR A 19 35.68 43.91 -50.60
C THR A 19 34.42 44.73 -50.76
N THR A 20 33.46 44.28 -51.57
CA THR A 20 32.23 45.02 -51.84
C THR A 20 31.14 44.46 -50.92
N ARG A 21 31.05 45.02 -49.72
CA ARG A 21 30.08 44.57 -48.73
C ARG A 21 29.73 45.72 -47.81
N THR A 22 28.58 45.58 -47.14
CA THR A 22 28.12 46.53 -46.15
C THR A 22 28.02 45.84 -44.80
N GLN A 23 28.69 46.39 -43.80
CA GLN A 23 28.71 45.80 -42.46
C GLN A 23 27.57 46.36 -41.63
N LEU A 24 26.83 45.48 -40.97
CA LEU A 24 25.69 45.86 -40.14
C LEU A 24 25.90 45.35 -38.72
N PRO A 25 25.39 46.07 -37.72
CA PRO A 25 25.42 45.57 -36.35
C PRO A 25 24.46 44.41 -36.18
N PRO A 26 24.65 43.59 -35.13
CA PRO A 26 23.68 42.51 -34.88
C PRO A 26 22.29 43.07 -34.64
N ALA A 27 21.29 42.38 -35.19
CA ALA A 27 19.90 42.80 -35.11
C ALA A 27 19.09 41.71 -34.41
N TYR A 28 18.24 42.13 -33.48
CA TYR A 28 17.42 41.23 -32.70
C TYR A 28 16.01 41.20 -33.25
N THR A 29 15.47 40.00 -33.46
CA THR A 29 14.09 39.83 -33.86
C THR A 29 13.49 38.72 -33.00
N ASN A 30 12.19 38.51 -33.08
CA ASN A 30 11.56 37.44 -32.32
C ASN A 30 10.52 36.73 -33.18
N SER A 31 10.33 35.44 -32.89
CA SER A 31 9.53 34.53 -33.71
C SER A 31 8.11 34.35 -33.18
N PHE A 32 7.98 34.12 -31.89
CA PHE A 32 6.78 33.91 -31.09
C PHE A 32 6.20 32.50 -31.27
N THR A 33 6.58 31.75 -32.30
CA THR A 33 5.99 30.43 -32.48
C THR A 33 6.89 29.39 -33.13
N ARG A 34 8.13 29.70 -33.47
CA ARG A 34 8.87 28.90 -34.44
C ARG A 34 9.82 27.93 -33.74
N GLY A 35 10.15 26.86 -34.47
CA GLY A 35 11.14 25.90 -34.01
C GLY A 35 10.58 24.64 -33.38
N VAL A 36 9.60 24.02 -34.02
CA VAL A 36 9.00 22.78 -33.55
C VAL A 36 9.23 21.71 -34.61
N TYR A 37 9.88 20.62 -34.22
CA TYR A 37 10.22 19.55 -35.15
C TYR A 37 9.79 18.22 -34.56
N TYR A 38 9.44 17.29 -35.44
CA TYR A 38 8.99 15.96 -35.04
C TYR A 38 10.09 15.26 -34.25
N PRO A 39 9.91 15.07 -32.94
CA PRO A 39 11.00 14.52 -32.13
C PRO A 39 11.45 13.13 -32.55
N ASP A 40 10.54 12.30 -33.06
CA ASP A 40 10.90 10.94 -33.42
C ASP A 40 9.91 10.41 -34.45
N LYS A 41 10.31 9.32 -35.10
CA LYS A 41 9.56 8.75 -36.22
C LYS A 41 8.54 7.72 -35.74
N VAL A 42 7.68 8.16 -34.83
CA VAL A 42 6.62 7.33 -34.26
C VAL A 42 5.29 8.03 -34.48
N PHE A 43 4.31 7.30 -34.99
CA PHE A 43 3.03 7.87 -35.35
C PHE A 43 2.07 7.83 -34.16
N ARG A 44 1.42 8.96 -33.89
CA ARG A 44 0.40 9.05 -32.86
C ARG A 44 -0.76 9.86 -33.41
N SER A 45 -1.94 9.65 -32.83
CA SER A 45 -3.15 10.30 -33.33
C SER A 45 -3.99 10.81 -32.17
N SER A 46 -4.33 12.10 -32.22
CA SER A 46 -5.29 12.71 -31.29
C SER A 46 -4.89 12.46 -29.83
N VAL A 47 -3.74 13.01 -29.45
CA VAL A 47 -3.25 12.83 -28.09
C VAL A 47 -2.44 14.05 -27.70
N LEU A 48 -2.39 14.32 -26.40
CA LEU A 48 -1.61 15.41 -25.83
C LEU A 48 -0.36 14.81 -25.22
N HIS A 49 0.71 14.75 -26.00
CA HIS A 49 1.94 14.13 -25.56
C HIS A 49 2.80 15.14 -24.80
N SER A 50 3.58 14.64 -23.85
CA SER A 50 4.50 15.45 -23.07
C SER A 50 5.91 14.93 -23.27
N THR A 51 6.74 15.69 -23.97
CA THR A 51 8.10 15.28 -24.28
C THR A 51 9.08 16.29 -23.71
N GLN A 52 10.36 15.92 -23.69
CA GLN A 52 11.42 16.79 -23.20
C GLN A 52 12.66 16.57 -24.06
N ASP A 53 13.08 17.62 -24.75
CA ASP A 53 14.18 17.48 -25.71
C ASP A 53 14.69 18.87 -26.05
N LEU A 54 15.55 18.95 -27.07
CA LEU A 54 16.12 20.21 -27.50
C LEU A 54 15.12 20.96 -28.37
N PHE A 55 14.84 22.20 -28.02
CA PHE A 55 13.93 23.05 -28.78
C PHE A 55 14.38 24.49 -28.66
N LEU A 56 13.85 25.33 -29.54
CA LEU A 56 14.10 26.76 -29.47
C LEU A 56 13.00 27.43 -28.66
N PRO A 57 13.32 28.08 -27.54
CA PRO A 57 12.27 28.58 -26.65
C PRO A 57 11.39 29.62 -27.34
N PHE A 58 10.13 29.67 -26.92
CA PHE A 58 9.21 30.65 -27.45
C PHE A 58 9.63 32.06 -27.05
N PHE A 59 9.26 33.03 -27.89
CA PHE A 59 9.51 34.45 -27.63
C PHE A 59 10.99 34.73 -27.46
N SER A 60 11.82 34.05 -28.23
CA SER A 60 13.26 34.18 -28.12
C SER A 60 13.78 35.27 -29.06
N ASN A 61 15.05 35.61 -28.87
CA ASN A 61 15.71 36.61 -29.70
C ASN A 61 16.59 35.91 -30.74
N VAL A 62 16.34 36.21 -32.00
CA VAL A 62 17.03 35.60 -33.14
C VAL A 62 17.83 36.68 -33.84
N THR A 63 19.05 36.32 -34.26
CA THR A 63 19.95 37.26 -34.91
C THR A 63 19.61 37.36 -36.39
N TRP A 64 19.49 38.59 -36.87
CA TRP A 64 19.11 38.88 -38.24
C TRP A 64 20.33 39.33 -39.03
N PHE A 65 20.51 38.80 -40.24
CA PHE A 65 21.62 39.17 -41.09
C PHE A 65 21.13 39.41 -42.51
N HIS A 66 21.68 40.43 -43.16
CA HIS A 66 21.35 40.79 -44.51
C HIS A 66 22.44 40.34 -45.48
N ALA A 67 22.06 40.20 -46.75
CA ALA A 67 23.01 39.99 -47.85
C ALA A 67 22.33 40.57 -49.09
N ILE A 68 22.66 41.81 -49.40
CA ILE A 68 22.01 42.54 -50.48
C ILE A 68 23.05 43.21 -51.38
N LYS A 77 28.57 44.38 -52.76
CA LYS A 77 27.57 45.37 -52.37
C LYS A 77 27.22 45.25 -50.89
N ARG A 78 26.76 44.07 -50.48
CA ARG A 78 26.40 43.83 -49.07
C ARG A 78 26.53 42.33 -48.82
N PHE A 79 27.63 41.93 -48.18
CA PHE A 79 27.89 40.55 -47.84
C PHE A 79 28.06 40.43 -46.32
N ASP A 80 27.39 39.44 -45.72
CA ASP A 80 27.52 39.14 -44.31
C ASP A 80 27.69 37.64 -44.14
N ASN A 81 28.85 37.21 -43.65
CA ASN A 81 29.03 35.81 -43.29
C ASN A 81 30.18 35.62 -42.30
N PRO A 82 30.12 36.21 -41.10
CA PRO A 82 31.13 35.89 -40.10
C PRO A 82 30.93 34.48 -39.56
N VAL A 83 32.02 33.89 -39.09
CA VAL A 83 31.96 32.52 -38.57
C VAL A 83 31.33 32.56 -37.19
N LEU A 84 30.10 32.07 -37.09
CA LEU A 84 29.31 32.11 -35.86
C LEU A 84 29.45 30.82 -35.06
N PRO A 85 29.42 30.91 -33.74
CA PRO A 85 29.63 29.72 -32.91
C PRO A 85 28.50 28.72 -33.08
N PHE A 86 28.85 27.45 -32.93
CA PHE A 86 27.90 26.35 -32.95
C PHE A 86 27.84 25.76 -31.55
N ASN A 87 26.63 25.66 -31.01
CA ASN A 87 26.45 25.13 -29.65
C ASN A 87 25.06 24.56 -29.52
N ASP A 88 24.98 23.23 -29.40
CA ASP A 88 23.72 22.52 -29.20
C ASP A 88 22.74 22.80 -30.34
N GLY A 89 23.14 22.38 -31.53
CA GLY A 89 22.31 22.57 -32.72
C GLY A 89 22.14 24.04 -33.06
N VAL A 90 21.39 24.29 -34.12
CA VAL A 90 21.13 25.65 -34.57
C VAL A 90 19.89 25.66 -35.43
N TYR A 91 19.18 26.79 -35.40
CA TYR A 91 17.99 27.02 -36.21
C TYR A 91 18.28 28.12 -37.21
N PHE A 92 18.06 27.85 -38.48
CA PHE A 92 18.43 28.74 -39.58
C PHE A 92 17.22 28.95 -40.47
N ALA A 93 16.77 30.20 -40.58
CA ALA A 93 15.59 30.52 -41.37
C ALA A 93 15.98 31.50 -42.46
N SER A 94 15.70 31.15 -43.72
CA SER A 94 16.08 31.99 -44.84
C SER A 94 14.90 32.22 -45.77
N THR A 95 14.74 33.47 -46.19
CA THR A 95 13.84 33.82 -47.28
C THR A 95 14.64 34.53 -48.35
N GLU A 96 14.51 34.08 -49.59
CA GLU A 96 15.29 34.62 -50.70
C GLU A 96 14.68 34.12 -51.99
N LYS A 97 15.24 34.58 -53.10
CA LYS A 97 14.79 34.20 -54.43
C LYS A 97 16.00 34.11 -55.36
N SER A 98 15.78 33.50 -56.51
CA SER A 98 16.82 33.28 -57.52
C SER A 98 17.95 32.41 -56.99
N ASN A 99 17.67 31.63 -55.95
CA ASN A 99 18.54 30.53 -55.51
C ASN A 99 19.94 31.06 -55.20
N ILE A 100 20.05 31.76 -54.07
CA ILE A 100 21.28 32.45 -53.72
C ILE A 100 22.17 31.57 -52.83
N ILE A 101 21.62 31.09 -51.71
CA ILE A 101 22.44 30.39 -50.73
C ILE A 101 22.82 29.02 -51.27
N ARG A 102 24.07 28.59 -51.01
CA ARG A 102 24.61 27.42 -51.66
C ARG A 102 25.00 26.30 -50.70
N GLY A 103 25.78 26.56 -49.67
CA GLY A 103 26.26 25.47 -48.86
C GLY A 103 26.63 25.90 -47.45
N TRP A 104 27.14 24.94 -46.70
CA TRP A 104 27.59 25.18 -45.33
C TRP A 104 28.89 24.43 -45.06
N ILE A 105 29.68 25.02 -44.17
CA ILE A 105 30.96 24.47 -43.75
C ILE A 105 30.94 24.34 -42.23
N PHE A 106 31.57 23.28 -41.73
CA PHE A 106 31.57 22.98 -40.32
C PHE A 106 32.96 22.50 -39.91
N GLY A 107 33.43 23.00 -38.77
CA GLY A 107 34.69 22.52 -38.23
C GLY A 107 34.99 23.22 -36.92
N THR A 108 36.10 22.81 -36.30
CA THR A 108 36.58 23.45 -35.09
C THR A 108 37.76 24.36 -35.32
N THR A 109 38.55 24.12 -36.37
CA THR A 109 39.64 25.00 -36.76
C THR A 109 39.64 25.37 -38.23
N LEU A 110 39.08 24.54 -39.10
CA LEU A 110 38.81 24.89 -40.49
C LEU A 110 40.10 25.10 -41.30
N ASP A 111 41.22 24.54 -40.87
CA ASP A 111 42.44 24.70 -41.65
C ASP A 111 43.32 23.45 -41.51
N SER A 112 43.11 22.49 -42.40
CA SER A 112 44.08 21.45 -42.76
C SER A 112 44.60 20.65 -41.58
N LYS A 113 44.03 20.78 -40.38
CA LYS A 113 44.58 20.09 -39.24
C LYS A 113 43.55 19.39 -38.36
N THR A 114 42.26 19.46 -38.70
CA THR A 114 41.24 18.72 -37.97
C THR A 114 40.11 18.37 -38.93
N GLN A 115 39.39 17.29 -38.61
CA GLN A 115 38.32 16.82 -39.46
C GLN A 115 37.25 17.90 -39.62
N SER A 116 36.77 18.06 -40.86
CA SER A 116 35.80 19.11 -41.17
C SER A 116 34.71 18.53 -42.06
N LEU A 117 33.56 19.20 -42.02
CA LEU A 117 32.37 18.77 -42.76
C LEU A 117 32.00 19.86 -43.76
N LEU A 118 31.52 19.43 -44.93
CA LEU A 118 31.18 20.37 -45.99
C LEU A 118 29.94 19.85 -46.71
N ILE A 119 28.95 20.71 -46.88
CA ILE A 119 27.74 20.38 -47.63
C ILE A 119 27.54 21.44 -48.70
N VAL A 120 27.31 21.00 -49.94
CA VAL A 120 26.99 21.92 -51.02
C VAL A 120 25.85 21.34 -51.86
N ASN A 121 24.84 22.16 -52.10
CA ASN A 121 23.67 21.79 -52.88
C ASN A 121 23.76 22.48 -54.25
N ASN A 122 24.16 21.73 -55.26
CA ASN A 122 24.11 22.21 -56.63
C ASN A 122 22.66 22.44 -57.04
N ALA A 123 22.47 23.04 -58.21
CA ALA A 123 21.15 23.03 -58.82
C ALA A 123 20.69 21.60 -59.07
N THR A 124 21.63 20.71 -59.35
CA THR A 124 21.41 19.28 -59.40
C THR A 124 21.71 18.70 -58.00
N ASN A 125 21.89 17.39 -57.90
CA ASN A 125 22.02 16.68 -56.63
C ASN A 125 23.00 17.36 -55.67
N VAL A 126 22.70 17.24 -54.37
CA VAL A 126 23.49 17.78 -53.28
C VAL A 126 24.54 16.77 -52.86
N VAL A 127 25.71 17.26 -52.43
CA VAL A 127 26.81 16.39 -52.05
C VAL A 127 27.39 16.84 -50.72
N ILE A 128 27.72 15.86 -49.88
CA ILE A 128 28.23 16.06 -48.53
C ILE A 128 29.57 15.32 -48.41
N LYS A 129 30.56 15.96 -47.82
CA LYS A 129 31.90 15.40 -47.74
C LYS A 129 32.51 15.71 -46.37
N VAL A 130 33.15 14.71 -45.78
CA VAL A 130 33.78 14.87 -44.47
C VAL A 130 35.27 14.59 -44.64
N CYS A 131 36.07 15.65 -44.62
CA CYS A 131 37.51 15.52 -44.80
C CYS A 131 38.22 16.68 -44.12
N GLU A 132 39.55 16.59 -44.09
CA GLU A 132 40.37 17.74 -43.77
C GLU A 132 40.41 18.67 -44.98
N PHE A 133 40.36 19.98 -44.72
CA PHE A 133 40.18 20.93 -45.81
C PHE A 133 41.08 22.14 -45.63
N GLN A 134 41.40 22.76 -46.77
CA GLN A 134 42.00 24.08 -46.82
C GLN A 134 40.99 25.05 -47.44
N PHE A 135 40.91 26.25 -46.88
CA PHE A 135 39.87 27.19 -47.25
C PHE A 135 40.48 28.53 -47.67
N CYS A 136 39.81 29.19 -48.60
CA CYS A 136 40.16 30.56 -48.95
C CYS A 136 39.59 31.52 -47.91
N ASN A 137 40.11 32.75 -47.92
CA ASN A 137 39.66 33.74 -46.95
C ASN A 137 38.19 34.08 -47.17
N ASP A 138 37.76 34.25 -48.42
CA ASP A 138 36.38 34.56 -48.76
C ASP A 138 35.92 33.62 -49.88
N PRO A 139 35.71 32.34 -49.57
CA PRO A 139 35.27 31.39 -50.59
C PRO A 139 33.76 31.40 -50.77
N PHE A 140 33.33 31.27 -52.01
CA PHE A 140 31.91 31.25 -52.34
C PHE A 140 31.73 30.63 -53.72
N LEU A 141 30.54 30.81 -54.30
CA LEU A 141 30.18 30.24 -55.59
C LEU A 141 29.71 31.34 -56.53
N GLY A 142 30.53 32.39 -56.67
CA GLY A 142 30.13 33.54 -57.46
C GLY A 142 29.86 33.16 -58.91
N VAL A 143 28.84 33.82 -59.48
CA VAL A 143 28.35 33.50 -60.83
C VAL A 143 28.57 34.70 -61.73
N TYR A 144 28.99 34.43 -62.96
CA TYR A 144 29.11 35.46 -63.99
C TYR A 144 27.92 35.35 -64.93
N TYR A 145 27.12 36.41 -65.01
CA TYR A 145 25.98 36.41 -65.91
C TYR A 145 26.44 36.40 -67.36
N HIS A 146 25.63 35.77 -68.21
CA HIS A 146 25.83 35.76 -69.65
C HIS A 146 24.55 36.22 -70.33
N LYS A 147 24.69 36.92 -71.45
CA LYS A 147 23.52 37.44 -72.16
C LYS A 147 22.63 36.32 -72.68
N ASN A 148 23.24 35.27 -73.22
CA ASN A 148 22.46 34.18 -73.81
C ASN A 148 21.62 33.46 -72.76
N ASN A 149 22.19 33.15 -71.60
CA ASN A 149 21.51 32.46 -70.53
C ASN A 149 21.50 33.33 -69.29
N LYS A 150 20.32 33.85 -68.93
CA LYS A 150 20.21 34.70 -67.75
C LYS A 150 20.56 33.92 -66.48
N SER A 151 20.08 32.69 -66.38
CA SER A 151 20.42 31.82 -65.24
C SER A 151 21.76 31.14 -65.52
N TRP A 152 22.77 31.98 -65.69
CA TRP A 152 24.09 31.50 -66.05
C TRP A 152 24.69 30.65 -64.92
N MET A 153 25.50 29.67 -65.32
CA MET A 153 26.19 28.84 -64.34
C MET A 153 27.26 29.65 -63.61
N GLU A 154 27.55 29.23 -62.38
CA GLU A 154 28.54 29.92 -61.57
C GLU A 154 29.93 29.82 -62.19
N SER A 155 30.76 30.82 -61.89
CA SER A 155 32.10 30.91 -62.45
C SER A 155 33.20 30.69 -61.42
N GLU A 156 33.18 31.44 -60.32
CA GLU A 156 34.26 31.44 -59.34
C GLU A 156 33.81 30.64 -58.11
N PHE A 157 34.23 29.38 -58.03
CA PHE A 157 33.97 28.54 -56.87
C PHE A 157 35.34 28.08 -56.36
N ARG A 158 35.92 28.88 -55.46
CA ARG A 158 37.27 28.63 -54.95
C ARG A 158 37.19 28.47 -53.43
N VAL A 159 36.92 27.24 -53.00
CA VAL A 159 36.95 26.88 -51.59
C VAL A 159 38.14 25.99 -51.29
N TYR A 160 38.37 24.97 -52.11
CA TYR A 160 39.49 24.06 -51.98
C TYR A 160 39.72 23.38 -53.32
N SER A 161 40.99 23.11 -53.63
CA SER A 161 41.31 22.37 -54.84
C SER A 161 41.14 20.88 -54.61
N SER A 162 41.92 20.33 -53.70
CA SER A 162 41.73 18.97 -53.20
C SER A 162 41.91 19.00 -51.70
N ALA A 163 41.20 18.13 -50.98
CA ALA A 163 41.10 18.28 -49.54
C ALA A 163 42.17 17.47 -48.80
N ASN A 164 42.03 16.14 -48.81
CA ASN A 164 43.01 15.24 -48.20
C ASN A 164 42.57 13.78 -48.31
N ASN A 165 43.40 12.88 -47.80
CA ASN A 165 42.98 11.54 -47.43
C ASN A 165 41.87 11.60 -46.37
N CYS A 166 40.67 11.15 -46.70
CA CYS A 166 39.54 11.33 -45.79
C CYS A 166 38.61 10.12 -45.89
N THR A 167 37.44 10.24 -45.26
CA THR A 167 36.61 9.09 -44.94
C THR A 167 35.26 9.08 -45.66
N PHE A 168 34.42 10.09 -45.46
CA PHE A 168 32.99 9.97 -45.75
C PHE A 168 32.58 10.86 -46.92
N GLU A 169 31.82 10.28 -47.84
CA GLU A 169 31.16 10.97 -48.93
C GLU A 169 29.71 10.53 -48.98
N TYR A 170 28.84 11.44 -49.42
CA TYR A 170 27.42 11.09 -49.56
C TYR A 170 26.80 12.01 -50.60
N VAL A 171 25.79 11.48 -51.30
CA VAL A 171 25.07 12.20 -52.33
C VAL A 171 23.57 12.04 -52.10
N SER A 172 22.82 13.10 -52.36
CA SER A 172 21.38 13.06 -52.20
C SER A 172 20.74 13.98 -53.25
N GLN A 173 19.42 14.00 -53.27
CA GLN A 173 18.68 14.78 -54.25
C GLN A 173 18.69 16.26 -53.87
N PRO A 174 18.64 17.15 -54.85
CA PRO A 174 18.66 18.59 -54.55
C PRO A 174 17.37 19.02 -53.88
N PHE A 175 17.47 20.12 -53.12
CA PHE A 175 16.35 20.60 -52.33
C PHE A 175 15.37 21.42 -53.17
N LEU A 176 15.83 22.52 -53.77
CA LEU A 176 14.91 23.43 -54.45
C LEU A 176 15.35 23.71 -55.89
N MET A 177 14.70 24.67 -56.53
CA MET A 177 14.89 24.94 -57.95
C MET A 177 14.72 26.44 -58.18
N ASP A 178 14.53 26.81 -59.45
CA ASP A 178 14.30 28.21 -59.86
C ASP A 178 15.49 29.11 -59.49
N LEU A 179 16.61 28.82 -60.16
CA LEU A 179 17.81 29.64 -60.01
C LEU A 179 17.63 31.05 -60.55
N GLU A 180 16.58 31.31 -61.33
CA GLU A 180 16.26 32.64 -61.80
C GLU A 180 14.79 32.92 -61.55
N GLY A 181 14.47 34.20 -61.33
CA GLY A 181 13.12 34.60 -61.03
C GLY A 181 13.04 35.64 -59.94
N LYS A 182 12.21 36.66 -60.13
CA LYS A 182 12.07 37.76 -59.19
C LYS A 182 10.59 38.00 -58.89
N GLN A 183 9.88 36.92 -58.58
CA GLN A 183 8.46 37.02 -58.28
C GLN A 183 8.24 37.89 -57.04
N GLY A 184 7.08 38.56 -57.00
CA GLY A 184 6.84 39.56 -55.98
C GLY A 184 6.58 39.01 -54.59
N ASN A 185 6.40 37.70 -54.46
CA ASN A 185 6.12 37.08 -53.18
C ASN A 185 7.16 36.00 -52.87
N PHE A 186 7.54 35.94 -51.60
CA PHE A 186 8.59 35.01 -51.16
C PHE A 186 7.98 33.65 -50.86
N LYS A 187 7.56 32.98 -51.93
CA LYS A 187 6.97 31.65 -51.83
C LYS A 187 8.01 30.64 -51.36
N ASN A 188 9.27 31.07 -51.22
CA ASN A 188 10.34 30.23 -50.73
C ASN A 188 10.71 30.69 -49.33
N LEU A 189 10.46 29.83 -48.35
CA LEU A 189 10.90 30.05 -46.97
C LEU A 189 11.52 28.77 -46.47
N ARG A 190 12.84 28.73 -46.36
CA ARG A 190 13.58 27.54 -45.99
C ARG A 190 13.92 27.59 -44.51
N GLU A 191 13.33 26.69 -43.74
CA GLU A 191 13.56 26.60 -42.30
C GLU A 191 14.30 25.31 -42.02
N PHE A 192 15.45 25.41 -41.34
CA PHE A 192 16.33 24.27 -41.12
C PHE A 192 16.72 24.19 -39.65
N VAL A 193 16.87 22.98 -39.15
CA VAL A 193 17.41 22.71 -37.83
C VAL A 193 18.53 21.69 -37.96
N PHE A 194 19.68 22.00 -37.36
CA PHE A 194 20.82 21.10 -37.37
C PHE A 194 21.14 20.67 -35.96
N LYS A 195 21.23 19.35 -35.75
CA LYS A 195 21.59 18.79 -34.46
C LYS A 195 22.74 17.81 -34.64
N ASN A 196 23.58 17.70 -33.61
CA ASN A 196 24.69 16.76 -33.62
C ASN A 196 24.76 16.10 -32.25
N ILE A 197 24.63 14.78 -32.21
CA ILE A 197 24.62 14.07 -30.94
C ILE A 197 24.95 12.61 -31.19
N ASP A 198 25.78 12.04 -30.31
CA ASP A 198 26.15 10.62 -30.29
C ASP A 198 26.50 10.09 -31.69
N GLY A 199 27.35 10.83 -32.38
CA GLY A 199 27.84 10.36 -33.66
C GLY A 199 26.85 10.47 -34.80
N TYR A 200 25.73 11.15 -34.59
CA TYR A 200 24.71 11.36 -35.61
C TYR A 200 24.53 12.84 -35.85
N PHE A 201 24.39 13.22 -37.11
CA PHE A 201 24.15 14.59 -37.52
C PHE A 201 22.79 14.65 -38.18
N LYS A 202 21.80 15.21 -37.50
CA LYS A 202 20.42 15.21 -37.97
C LYS A 202 20.09 16.57 -38.57
N ILE A 203 19.47 16.55 -39.75
CA ILE A 203 19.09 17.75 -40.47
C ILE A 203 17.59 17.68 -40.73
N TYR A 204 16.85 18.67 -40.22
CA TYR A 204 15.42 18.79 -40.40
C TYR A 204 15.13 20.02 -41.26
N SER A 205 14.22 19.89 -42.22
CA SER A 205 13.98 20.94 -43.18
C SER A 205 12.49 21.15 -43.42
N LYS A 206 12.14 22.35 -43.85
CA LYS A 206 10.79 22.66 -44.29
C LYS A 206 10.84 23.82 -45.28
N HIS A 207 10.04 23.71 -46.34
CA HIS A 207 9.94 24.75 -47.37
C HIS A 207 8.51 25.29 -47.35
N THR A 208 8.31 26.40 -46.64
CA THR A 208 6.99 26.99 -46.51
C THR A 208 6.86 28.23 -47.37
N PRO A 209 5.75 28.40 -48.09
CA PRO A 209 5.53 29.62 -48.86
C PRO A 209 4.83 30.71 -48.05
N ILE A 210 5.12 31.95 -48.45
CA ILE A 210 4.51 33.12 -47.84
C ILE A 210 4.46 34.24 -48.88
N ASN A 211 3.35 34.97 -48.91
CA ASN A 211 3.18 36.10 -49.81
C ASN A 211 2.97 37.38 -49.01
N LEU A 212 3.78 37.57 -47.98
CA LEU A 212 3.62 38.69 -47.06
C LEU A 212 4.99 39.31 -46.80
N VAL A 213 5.05 40.18 -45.79
CA VAL A 213 6.29 40.88 -45.49
C VAL A 213 7.36 39.88 -45.02
N ARG A 214 8.62 40.27 -45.19
CA ARG A 214 9.75 39.39 -44.88
C ARG A 214 9.90 39.09 -43.40
N ASP A 215 9.16 39.79 -42.53
CA ASP A 215 9.22 39.51 -41.10
C ASP A 215 8.83 38.06 -40.82
N LEU A 216 9.22 37.58 -39.65
CA LEU A 216 8.96 36.19 -39.28
C LEU A 216 7.46 35.94 -39.24
N PRO A 217 6.97 34.95 -39.99
CA PRO A 217 5.52 34.71 -40.00
C PRO A 217 5.03 34.16 -38.68
N GLN A 218 3.81 34.52 -38.33
CA GLN A 218 3.14 33.96 -37.17
C GLN A 218 2.43 32.67 -37.58
N GLY A 219 1.58 32.15 -36.71
CA GLY A 219 0.91 30.90 -37.00
C GLY A 219 1.68 29.72 -36.44
N PHE A 220 1.80 28.65 -37.23
CA PHE A 220 2.51 27.46 -36.76
C PHE A 220 2.81 26.51 -37.91
N SER A 221 3.95 25.82 -37.85
CA SER A 221 4.29 24.81 -38.84
C SER A 221 5.31 23.85 -38.25
N ALA A 222 5.19 22.58 -38.63
CA ALA A 222 6.08 21.53 -38.16
C ALA A 222 7.05 21.16 -39.26
N LEU A 223 8.27 20.76 -38.87
CA LEU A 223 9.34 20.47 -39.82
C LEU A 223 9.48 18.97 -39.97
N GLU A 224 9.28 18.48 -41.18
CA GLU A 224 9.48 17.07 -41.46
C GLU A 224 10.98 16.75 -41.43
N PRO A 225 11.41 15.75 -40.67
CA PRO A 225 12.83 15.39 -40.66
C PRO A 225 13.30 15.01 -42.06
N LEU A 226 14.51 15.47 -42.40
CA LEU A 226 15.06 15.26 -43.73
C LEU A 226 16.06 14.11 -43.76
N VAL A 227 17.13 14.19 -42.97
CA VAL A 227 18.20 13.21 -43.11
C VAL A 227 18.95 13.09 -41.79
N ASP A 228 19.62 11.95 -41.60
CA ASP A 228 20.54 11.73 -40.50
C ASP A 228 21.82 11.13 -41.07
N LEU A 229 22.96 11.69 -40.68
CA LEU A 229 24.26 11.27 -41.17
C LEU A 229 25.02 10.57 -40.05
N PRO A 230 25.37 9.30 -40.20
CA PRO A 230 26.14 8.57 -39.17
C PRO A 230 27.65 8.71 -39.30
N ILE A 231 28.19 9.84 -38.84
CA ILE A 231 29.62 10.05 -38.96
C ILE A 231 30.27 10.32 -37.60
N GLY A 232 29.95 11.45 -36.97
CA GLY A 232 30.50 11.76 -35.66
C GLY A 232 31.78 12.58 -35.76
N ILE A 233 31.71 13.88 -35.47
CA ILE A 233 32.86 14.75 -35.49
C ILE A 233 32.78 15.71 -34.30
N ASN A 234 33.89 16.38 -34.03
CA ASN A 234 33.94 17.45 -33.05
C ASN A 234 33.66 18.77 -33.76
N ILE A 235 32.63 19.48 -33.31
CA ILE A 235 32.15 20.68 -33.98
C ILE A 235 31.95 21.79 -32.96
N THR A 236 32.41 23.00 -33.30
CA THR A 236 32.22 24.16 -32.43
C THR A 236 31.76 25.39 -33.20
N ARG A 237 32.11 25.49 -34.48
CA ARG A 237 31.87 26.71 -35.25
C ARG A 237 31.48 26.34 -36.67
N PHE A 238 30.86 27.29 -37.36
CA PHE A 238 30.39 27.04 -38.72
C PHE A 238 30.21 28.36 -39.45
N GLN A 239 30.01 28.27 -40.76
CA GLN A 239 29.86 29.44 -41.62
C GLN A 239 29.09 29.02 -42.88
N THR A 240 28.55 30.00 -43.57
CA THR A 240 27.69 29.76 -44.73
C THR A 240 28.36 30.26 -46.01
N LEU A 241 27.81 29.82 -47.15
CA LEU A 241 28.32 30.17 -48.47
C LEU A 241 27.17 30.55 -49.39
N LEU A 242 27.39 31.56 -50.21
CA LEU A 242 26.36 32.05 -51.12
C LEU A 242 26.99 32.48 -52.43
N ALA A 243 26.16 32.59 -53.46
CA ALA A 243 26.63 32.94 -54.80
C ALA A 243 26.96 34.44 -54.88
N LEU A 244 27.44 34.86 -56.04
CA LEU A 244 27.82 36.25 -56.25
C LEU A 244 27.75 36.57 -57.74
N HIS A 245 26.87 37.48 -58.13
CA HIS A 245 26.65 37.78 -59.53
C HIS A 245 27.68 38.76 -60.06
N ASN A 246 28.22 38.46 -61.24
CA ASN A 246 29.35 39.19 -61.81
C ASN A 246 28.95 40.00 -63.04
N SER A 247 27.71 40.46 -63.08
CA SER A 247 27.25 41.19 -64.26
C SER A 247 27.97 42.52 -64.42
N SER A 248 27.99 43.34 -63.37
CA SER A 248 28.59 44.66 -63.42
C SER A 248 28.73 45.14 -61.98
N SER A 249 29.19 46.39 -61.83
CA SER A 249 29.49 46.98 -60.53
C SER A 249 30.51 46.16 -59.76
N GLY A 250 31.37 45.44 -60.47
CA GLY A 250 32.34 44.60 -59.81
C GLY A 250 31.74 43.27 -59.44
N TRP A 251 31.30 43.15 -58.20
CA TRP A 251 30.69 41.92 -57.70
C TRP A 251 29.42 42.30 -56.95
N THR A 252 28.28 42.02 -57.56
CA THR A 252 26.98 42.46 -57.06
C THR A 252 26.13 41.26 -56.68
N ALA A 253 25.20 41.47 -55.74
CA ALA A 253 24.29 40.44 -55.30
C ALA A 253 22.86 40.96 -55.39
N GLY A 254 21.91 40.04 -55.18
CA GLY A 254 20.51 40.40 -55.17
C GLY A 254 20.04 40.90 -53.81
N ALA A 255 18.96 40.31 -53.29
CA ALA A 255 18.45 40.66 -51.97
C ALA A 255 18.11 39.39 -51.21
N ALA A 256 18.68 39.22 -50.03
CA ALA A 256 18.41 38.05 -49.20
C ALA A 256 18.71 38.36 -47.75
N ALA A 257 18.19 37.54 -46.86
CA ALA A 257 18.45 37.67 -45.43
C ALA A 257 18.31 36.30 -44.78
N TYR A 258 18.92 36.15 -43.61
CA TYR A 258 18.80 34.91 -42.86
C TYR A 258 18.83 35.19 -41.37
N TYR A 259 18.13 34.34 -40.63
CA TYR A 259 17.98 34.46 -39.18
C TYR A 259 18.59 33.23 -38.52
N VAL A 260 19.36 33.47 -37.47
CA VAL A 260 20.08 32.42 -36.75
C VAL A 260 19.64 32.42 -35.30
N GLY A 261 19.27 31.24 -34.79
CA GLY A 261 18.92 31.09 -33.39
C GLY A 261 19.52 29.82 -32.82
N TYR A 262 19.56 29.77 -31.50
CA TYR A 262 20.14 28.64 -30.79
C TYR A 262 19.06 27.86 -30.08
N LEU A 263 19.42 26.65 -29.65
CA LEU A 263 18.50 25.72 -29.02
C LEU A 263 18.80 25.58 -27.53
N GLN A 264 17.94 24.83 -26.84
CA GLN A 264 18.06 24.64 -25.40
C GLN A 264 17.26 23.42 -25.01
N PRO A 265 17.64 22.72 -23.95
CA PRO A 265 16.86 21.56 -23.48
C PRO A 265 15.65 22.00 -22.68
N ARG A 266 14.46 21.76 -23.21
CA ARG A 266 13.22 22.17 -22.56
C ARG A 266 12.17 21.10 -22.73
N THR A 267 11.09 21.23 -21.96
CA THR A 267 9.99 20.26 -21.96
C THR A 267 8.78 20.89 -22.64
N PHE A 268 8.26 20.21 -23.65
CA PHE A 268 7.14 20.68 -24.45
C PHE A 268 5.96 19.73 -24.31
N LEU A 269 4.78 20.25 -24.62
CA LEU A 269 3.58 19.42 -24.73
C LEU A 269 3.01 19.63 -26.12
N LEU A 270 2.97 18.55 -26.91
CA LEU A 270 2.53 18.59 -28.29
C LEU A 270 1.11 18.04 -28.40
N LYS A 271 0.39 18.50 -29.41
CA LYS A 271 -0.96 18.02 -29.67
C LYS A 271 -0.99 17.34 -31.04
N TYR A 272 -1.19 16.03 -31.05
CA TYR A 272 -1.31 15.27 -32.29
C TYR A 272 -2.79 15.17 -32.65
N ASN A 273 -3.13 15.61 -33.86
CA ASN A 273 -4.51 15.56 -34.32
C ASN A 273 -4.83 14.17 -34.86
N GLU A 274 -6.05 14.02 -35.39
CA GLU A 274 -6.46 12.74 -35.94
C GLU A 274 -5.72 12.42 -37.24
N ASN A 275 -5.38 13.44 -38.03
CA ASN A 275 -4.63 13.22 -39.25
C ASN A 275 -3.20 12.76 -38.95
N GLY A 276 -2.73 12.96 -37.73
CA GLY A 276 -1.38 12.58 -37.35
C GLY A 276 -0.35 13.68 -37.45
N THR A 277 -0.75 14.89 -37.80
CA THR A 277 0.17 16.00 -37.93
C THR A 277 0.09 16.91 -36.71
N ILE A 278 1.23 17.46 -36.31
CA ILE A 278 1.28 18.35 -35.16
C ILE A 278 0.56 19.65 -35.51
N THR A 279 -0.36 20.07 -34.63
CA THR A 279 -1.11 21.29 -34.85
C THR A 279 -0.85 22.37 -33.81
N ASP A 280 -0.33 22.01 -32.64
CA ASP A 280 -0.03 22.99 -31.62
C ASP A 280 0.93 22.40 -30.60
N ALA A 281 1.67 23.29 -29.95
CA ALA A 281 2.61 22.90 -28.90
C ALA A 281 2.67 24.01 -27.87
N VAL A 282 2.78 23.63 -26.61
CA VAL A 282 2.86 24.57 -25.50
C VAL A 282 4.14 24.31 -24.73
N ASP A 283 4.89 25.38 -24.47
CA ASP A 283 6.05 25.31 -23.60
C ASP A 283 5.60 25.13 -22.15
N CYS A 284 6.48 24.56 -21.33
CA CYS A 284 6.17 24.31 -19.94
C CYS A 284 7.05 25.09 -18.98
N ALA A 285 7.87 26.02 -19.48
CA ALA A 285 8.78 26.75 -18.61
C ALA A 285 8.83 28.23 -18.96
N LEU A 286 7.76 28.79 -19.51
CA LEU A 286 7.74 30.19 -19.91
C LEU A 286 7.17 31.08 -18.82
N ASP A 287 5.92 30.85 -18.45
CA ASP A 287 5.24 31.61 -17.40
C ASP A 287 4.34 30.65 -16.63
N PRO A 288 3.97 31.01 -15.40
CA PRO A 288 3.23 30.04 -14.56
C PRO A 288 1.96 29.51 -15.19
N LEU A 289 1.27 30.30 -16.02
CA LEU A 289 0.11 29.77 -16.74
C LEU A 289 0.48 28.57 -17.59
N SER A 290 1.57 28.69 -18.35
CA SER A 290 1.99 27.58 -19.19
C SER A 290 2.39 26.38 -18.35
N GLU A 291 3.05 26.60 -17.22
CA GLU A 291 3.46 25.48 -16.39
C GLU A 291 2.26 24.75 -15.79
N THR A 292 1.25 25.50 -15.35
CA THR A 292 0.03 24.86 -14.85
C THR A 292 -0.67 24.08 -15.97
N LYS A 293 -0.72 24.66 -17.17
CA LYS A 293 -1.31 23.93 -18.30
C LYS A 293 -0.54 22.64 -18.57
N CYS A 294 0.78 22.69 -18.43
CA CYS A 294 1.59 21.49 -18.63
C CYS A 294 1.28 20.44 -17.56
N THR A 295 1.16 20.86 -16.31
CA THR A 295 0.88 19.91 -15.23
C THR A 295 -0.49 19.26 -15.41
N LEU A 296 -1.52 20.06 -15.70
CA LEU A 296 -2.86 19.52 -15.82
C LEU A 296 -3.08 18.71 -17.09
N LYS A 297 -2.12 18.73 -18.02
CA LYS A 297 -2.21 17.96 -19.25
C LYS A 297 -3.44 18.33 -20.07
N SER A 298 -3.68 19.64 -20.20
CA SER A 298 -4.81 20.11 -20.99
C SER A 298 -4.54 21.53 -21.45
N PHE A 299 -5.32 21.97 -22.44
CA PHE A 299 -5.18 23.30 -23.01
C PHE A 299 -6.25 24.27 -22.51
N THR A 300 -7.01 23.90 -21.49
CA THR A 300 -7.99 24.77 -20.88
C THR A 300 -7.86 24.69 -19.37
N VAL A 301 -7.99 25.84 -18.71
CA VAL A 301 -7.88 25.92 -17.26
C VAL A 301 -9.09 26.70 -16.74
N GLU A 302 -9.75 26.15 -15.72
CA GLU A 302 -10.93 26.78 -15.13
C GLU A 302 -10.54 27.50 -13.83
N LYS A 303 -11.49 28.29 -13.33
CA LYS A 303 -11.25 29.08 -12.13
C LYS A 303 -10.92 28.16 -10.96
N GLY A 304 -9.92 28.56 -10.18
CA GLY A 304 -9.51 27.81 -9.00
C GLY A 304 -8.01 27.78 -8.84
N ILE A 305 -7.57 27.66 -7.59
CA ILE A 305 -6.15 27.63 -7.27
C ILE A 305 -5.60 26.24 -7.57
N TYR A 306 -4.33 26.18 -7.96
CA TYR A 306 -3.65 24.92 -8.21
C TYR A 306 -2.29 24.93 -7.52
N GLN A 307 -1.75 23.74 -7.29
CA GLN A 307 -0.48 23.57 -6.59
C GLN A 307 0.51 22.84 -7.49
N THR A 308 1.75 23.32 -7.51
CA THR A 308 2.78 22.75 -8.37
C THR A 308 4.13 23.34 -7.98
N SER A 309 5.18 22.83 -8.64
CA SER A 309 6.51 23.44 -8.68
C SER A 309 7.03 23.77 -7.27
N ASN A 310 7.28 22.70 -6.52
CA ASN A 310 7.82 22.87 -5.18
C ASN A 310 9.13 23.64 -5.23
N PHE A 311 9.31 24.55 -4.28
CA PHE A 311 10.40 25.50 -4.29
C PHE A 311 11.36 25.24 -3.14
N ARG A 312 12.65 25.45 -3.41
CA ARG A 312 13.70 25.31 -2.41
C ARG A 312 14.87 26.20 -2.79
N VAL A 313 15.47 26.82 -1.77
CA VAL A 313 16.58 27.74 -1.99
C VAL A 313 17.81 26.96 -2.42
N GLN A 314 18.66 27.59 -3.24
CA GLN A 314 19.84 26.92 -3.78
C GLN A 314 21.07 27.32 -2.98
N PRO A 315 21.91 26.38 -2.58
CA PRO A 315 23.12 26.74 -1.82
C PRO A 315 24.15 27.42 -2.70
N THR A 316 25.08 28.10 -2.04
CA THR A 316 26.15 28.82 -2.73
C THR A 316 27.44 28.01 -2.83
N GLU A 317 27.99 27.60 -1.69
CA GLU A 317 29.31 26.98 -1.66
C GLU A 317 29.34 25.90 -0.57
N SER A 318 30.52 25.31 -0.39
CA SER A 318 30.73 24.21 0.55
C SER A 318 32.01 24.44 1.34
N ILE A 319 32.06 23.85 2.54
CA ILE A 319 33.16 24.08 3.47
C ILE A 319 33.53 22.78 4.17
N VAL A 320 34.75 22.73 4.70
CA VAL A 320 35.27 21.61 5.46
C VAL A 320 35.93 22.13 6.73
N ARG A 321 35.76 21.46 7.87
CA ARG A 321 36.34 21.99 9.14
C ARG A 321 36.82 20.82 9.99
N PHE A 322 38.13 20.72 10.22
CA PHE A 322 38.63 19.53 10.95
C PHE A 322 39.77 19.91 11.89
N PRO A 323 40.07 19.10 12.93
CA PRO A 323 41.08 19.41 13.92
C PRO A 323 42.43 19.88 13.35
N ASN A 324 43.26 20.48 14.19
CA ASN A 324 44.55 21.09 13.76
C ASN A 324 45.53 20.00 13.31
N ILE A 325 46.65 20.38 12.71
CA ILE A 325 47.70 19.37 12.38
C ILE A 325 48.21 18.85 13.73
N THR A 326 48.87 17.69 13.76
CA THR A 326 49.23 17.13 15.09
C THR A 326 50.58 16.41 15.06
N ASN A 327 50.67 15.29 15.79
CA ASN A 327 51.95 14.55 15.91
C ASN A 327 52.40 14.07 14.53
N LEU A 328 53.05 14.95 13.76
CA LEU A 328 53.57 14.49 12.49
C LEU A 328 54.77 13.56 12.69
N CYS A 329 54.92 12.62 11.76
CA CYS A 329 55.92 11.57 11.91
C CYS A 329 57.33 12.14 11.74
N PRO A 330 58.28 11.76 12.61
CA PRO A 330 59.68 12.20 12.49
C PRO A 330 60.50 11.39 11.49
N PHE A 331 60.02 11.30 10.25
CA PHE A 331 60.80 10.65 9.20
C PHE A 331 61.85 11.57 8.60
N GLY A 332 61.76 12.87 8.84
CA GLY A 332 62.75 13.79 8.31
C GLY A 332 64.14 13.54 8.87
N GLU A 333 64.23 13.28 10.16
CA GLU A 333 65.54 12.99 10.76
C GLU A 333 66.13 11.72 10.18
N VAL A 334 65.27 10.76 9.80
CA VAL A 334 65.76 9.61 9.04
C VAL A 334 66.31 10.05 7.70
N PHE A 335 65.58 10.93 7.01
CA PHE A 335 66.07 11.45 5.73
C PHE A 335 67.25 12.40 5.91
N ASN A 336 67.38 13.00 7.09
CA ASN A 336 68.47 13.93 7.38
C ASN A 336 69.42 13.35 8.43
N ALA A 337 69.67 12.04 8.36
CA ALA A 337 70.48 11.35 9.34
C ALA A 337 71.95 11.34 8.94
N THR A 338 72.78 10.77 9.82
CA THR A 338 74.22 10.71 9.56
C THR A 338 74.59 9.55 8.64
N ARG A 339 74.16 8.34 9.00
CA ARG A 339 74.49 7.13 8.24
C ARG A 339 73.22 6.55 7.63
N PHE A 340 73.26 6.27 6.33
CA PHE A 340 72.17 5.63 5.63
C PHE A 340 72.54 4.21 5.22
N ALA A 341 71.53 3.42 4.94
CA ALA A 341 71.71 1.98 4.77
C ALA A 341 71.92 1.61 3.31
N SER A 342 72.45 0.40 3.12
CA SER A 342 72.65 -0.19 1.80
C SER A 342 71.43 -1.05 1.45
N VAL A 343 71.55 -1.88 0.41
CA VAL A 343 70.43 -2.75 0.04
C VAL A 343 70.49 -4.10 0.74
N TYR A 344 71.64 -4.48 1.32
CA TYR A 344 71.68 -5.73 2.07
C TYR A 344 71.02 -5.61 3.43
N ALA A 345 71.09 -4.44 4.05
CA ALA A 345 70.50 -4.20 5.36
C ALA A 345 69.78 -2.86 5.36
N TRP A 346 68.92 -2.64 4.37
CA TRP A 346 68.22 -1.36 4.28
C TRP A 346 67.35 -1.13 5.51
N ASN A 347 67.26 0.14 5.91
CA ASN A 347 66.52 0.50 7.12
C ASN A 347 65.05 0.20 6.93
N ARG A 348 64.56 -0.83 7.62
CA ARG A 348 63.14 -1.15 7.70
C ARG A 348 62.63 -0.66 9.04
N LYS A 349 61.59 0.17 9.00
CA LYS A 349 61.06 0.77 10.22
C LYS A 349 59.54 0.73 10.19
N ARG A 350 58.94 0.70 11.38
CA ARG A 350 57.50 0.73 11.56
C ARG A 350 57.05 2.13 11.91
N ILE A 351 56.07 2.63 11.17
CA ILE A 351 55.52 3.97 11.37
C ILE A 351 54.04 3.84 11.68
N SER A 352 53.61 4.45 12.78
CA SER A 352 52.21 4.42 13.19
C SER A 352 51.96 5.57 14.15
N ASN A 353 50.67 5.86 14.36
CA ASN A 353 50.22 6.84 15.34
C ASN A 353 50.78 8.24 15.08
N CYS A 354 50.82 8.62 13.82
CA CYS A 354 51.22 9.98 13.44
C CYS A 354 50.73 10.25 12.03
N VAL A 355 50.77 11.53 11.66
CA VAL A 355 50.42 11.98 10.31
C VAL A 355 51.70 12.19 9.52
N ALA A 356 51.76 11.61 8.33
CA ALA A 356 52.96 11.65 7.50
C ALA A 356 52.74 12.66 6.37
N ASP A 357 53.41 13.80 6.47
CA ASP A 357 53.28 14.81 5.44
C ASP A 357 53.96 14.34 4.15
N TYR A 358 53.20 14.37 3.06
CA TYR A 358 53.68 13.88 1.77
C TYR A 358 53.74 14.96 0.71
N SER A 359 52.69 15.79 0.60
CA SER A 359 52.59 16.72 -0.51
C SER A 359 53.74 17.72 -0.51
N VAL A 360 54.11 18.23 0.66
CA VAL A 360 55.22 19.18 0.75
C VAL A 360 56.51 18.51 0.29
N LEU A 361 56.75 17.27 0.74
CA LEU A 361 57.94 16.55 0.31
C LEU A 361 57.82 16.10 -1.14
N TYR A 362 56.63 15.66 -1.55
CA TYR A 362 56.43 15.19 -2.91
C TYR A 362 56.70 16.30 -3.93
N ASN A 363 55.88 17.36 -3.90
CA ASN A 363 55.97 18.42 -4.90
C ASN A 363 57.24 19.24 -4.77
N SER A 364 58.00 19.09 -3.69
CA SER A 364 59.31 19.71 -3.61
C SER A 364 60.22 19.13 -4.68
N ALA A 365 61.03 19.99 -5.29
CA ALA A 365 61.91 19.58 -6.38
C ALA A 365 63.08 18.72 -5.90
N SER A 366 63.19 18.49 -4.59
CA SER A 366 64.30 17.73 -4.00
C SER A 366 64.22 16.23 -4.24
N PHE A 367 63.38 15.75 -5.14
CA PHE A 367 63.33 14.34 -5.52
C PHE A 367 63.79 14.17 -6.97
N SER A 368 64.06 12.93 -7.36
CA SER A 368 64.53 12.62 -8.69
C SER A 368 63.53 11.78 -9.47
N THR A 369 63.14 10.62 -8.97
CA THR A 369 62.15 9.77 -9.63
C THR A 369 61.18 9.22 -8.59
N PHE A 370 60.02 8.79 -9.08
CA PHE A 370 58.86 8.57 -8.22
C PHE A 370 57.95 7.56 -8.89
N LYS A 371 57.45 6.59 -8.14
CA LYS A 371 56.57 5.58 -8.72
C LYS A 371 55.68 5.00 -7.62
N CYS A 372 54.41 5.40 -7.60
CA CYS A 372 53.42 4.75 -6.76
C CYS A 372 52.73 3.64 -7.54
N TYR A 373 52.66 2.46 -6.94
CA TYR A 373 52.09 1.29 -7.60
C TYR A 373 50.64 1.06 -7.24
N GLY A 374 50.14 1.68 -6.17
CA GLY A 374 48.77 1.50 -5.78
C GLY A 374 47.80 2.45 -6.44
N VAL A 375 48.00 3.76 -6.24
CA VAL A 375 47.07 4.77 -6.72
C VAL A 375 47.83 6.01 -7.20
N SER A 376 47.09 7.02 -7.64
CA SER A 376 47.71 8.29 -7.99
C SER A 376 48.28 8.94 -6.74
N PRO A 377 49.54 9.37 -6.77
CA PRO A 377 50.14 10.00 -5.58
C PRO A 377 49.46 11.29 -5.17
N THR A 378 48.75 11.95 -6.08
CA THR A 378 48.19 13.26 -5.79
C THR A 378 47.23 13.22 -4.61
N LYS A 379 46.52 12.10 -4.44
CA LYS A 379 45.59 11.92 -3.33
C LYS A 379 46.15 10.99 -2.26
N LEU A 380 47.48 10.85 -2.18
CA LEU A 380 48.08 9.96 -1.19
C LEU A 380 47.64 10.28 0.23
N ASN A 381 47.35 11.55 0.51
CA ASN A 381 46.95 11.94 1.86
C ASN A 381 45.61 11.36 2.27
N ASP A 382 44.80 10.90 1.32
CA ASP A 382 43.44 10.47 1.60
C ASP A 382 43.31 8.98 1.90
N LEU A 383 44.39 8.22 1.83
CA LEU A 383 44.36 6.80 2.13
C LEU A 383 45.13 6.56 3.42
N CYS A 384 44.44 5.98 4.42
CA CYS A 384 44.99 5.83 5.75
C CYS A 384 45.46 4.40 5.99
N PHE A 385 46.64 4.27 6.59
CA PHE A 385 47.32 3.00 6.75
C PHE A 385 47.42 2.63 8.22
N THR A 386 47.12 1.36 8.52
CA THR A 386 47.25 0.88 9.89
C THR A 386 48.70 0.98 10.36
N ASN A 387 49.64 0.54 9.54
CA ASN A 387 51.05 0.59 9.87
C ASN A 387 51.84 0.67 8.57
N VAL A 388 52.91 1.46 8.59
CA VAL A 388 53.72 1.71 7.40
C VAL A 388 55.09 1.08 7.60
N TYR A 389 55.47 0.23 6.65
CA TYR A 389 56.83 -0.31 6.58
C TYR A 389 57.64 0.62 5.68
N ALA A 390 58.65 1.26 6.26
CA ALA A 390 59.51 2.18 5.54
C ALA A 390 60.85 1.50 5.28
N ASP A 391 61.27 1.50 4.02
CA ASP A 391 62.50 0.83 3.58
C ASP A 391 63.39 1.86 2.91
N SER A 392 64.40 2.35 3.64
CA SER A 392 65.29 3.39 3.15
C SER A 392 66.67 2.81 2.89
N PHE A 393 67.27 3.19 1.77
CA PHE A 393 68.56 2.63 1.38
C PHE A 393 69.22 3.52 0.34
N VAL A 394 70.47 3.20 0.03
CA VAL A 394 71.26 3.88 -0.99
C VAL A 394 71.87 2.81 -1.90
N ILE A 395 71.62 2.94 -3.22
CA ILE A 395 72.17 1.98 -4.17
C ILE A 395 72.72 2.69 -5.39
N ARG A 396 73.13 1.91 -6.40
CA ARG A 396 73.51 2.43 -7.70
C ARG A 396 72.29 2.40 -8.61
N GLY A 397 71.99 3.53 -9.24
CA GLY A 397 70.78 3.66 -10.02
C GLY A 397 70.72 2.79 -11.25
N ASP A 398 71.86 2.22 -11.66
CA ASP A 398 71.90 1.41 -12.87
C ASP A 398 71.05 0.15 -12.77
N GLU A 399 70.63 -0.23 -11.57
CA GLU A 399 69.76 -1.38 -11.36
C GLU A 399 68.40 -0.96 -10.81
N VAL A 400 68.06 0.33 -10.89
CA VAL A 400 66.83 0.82 -10.27
C VAL A 400 65.59 0.19 -10.91
N ARG A 401 65.68 -0.19 -12.18
CA ARG A 401 64.56 -0.84 -12.84
C ARG A 401 64.22 -2.18 -12.18
N GLN A 402 65.19 -2.80 -11.52
CA GLN A 402 64.97 -4.04 -10.79
C GLN A 402 64.32 -3.81 -9.43
N ILE A 403 64.16 -2.56 -9.01
CA ILE A 403 63.48 -2.27 -7.75
C ILE A 403 62.01 -2.64 -7.85
N ALA A 404 61.41 -2.44 -9.01
CA ALA A 404 59.99 -2.69 -9.19
C ALA A 404 59.68 -4.19 -9.05
N PRO A 405 58.48 -4.53 -8.60
CA PRO A 405 58.12 -5.94 -8.48
C PRO A 405 58.06 -6.62 -9.85
N GLY A 406 58.33 -7.92 -9.84
CA GLY A 406 58.33 -8.70 -11.07
C GLY A 406 59.43 -8.32 -12.03
N GLN A 407 60.64 -8.08 -11.53
CA GLN A 407 61.78 -7.74 -12.37
C GLN A 407 62.95 -8.64 -12.00
N THR A 408 63.82 -8.86 -12.98
CA THR A 408 64.97 -9.74 -12.83
C THR A 408 66.25 -8.92 -12.86
N GLY A 409 67.19 -9.27 -11.99
CA GLY A 409 68.46 -8.58 -11.93
C GLY A 409 69.27 -9.04 -10.75
N LYS A 410 70.46 -8.46 -10.63
CA LYS A 410 71.35 -8.81 -9.53
C LYS A 410 70.74 -8.43 -8.18
N ILE A 411 70.09 -7.26 -8.11
CA ILE A 411 69.46 -6.84 -6.87
C ILE A 411 68.01 -7.31 -6.74
N ALA A 412 67.43 -7.81 -7.83
CA ALA A 412 66.04 -8.26 -7.82
C ALA A 412 65.91 -9.78 -7.73
N ASP A 413 66.98 -10.47 -7.41
CA ASP A 413 66.90 -11.93 -7.35
C ASP A 413 67.42 -12.51 -6.04
N TYR A 414 68.34 -11.82 -5.37
CA TYR A 414 69.05 -12.40 -4.23
C TYR A 414 68.74 -11.73 -2.91
N ASN A 415 68.60 -10.40 -2.86
CA ASN A 415 68.36 -9.70 -1.61
C ASN A 415 67.06 -8.91 -1.59
N TYR A 416 66.79 -8.14 -2.64
CA TYR A 416 65.66 -7.21 -2.65
C TYR A 416 64.57 -7.77 -3.55
N LYS A 417 63.41 -8.07 -2.96
CA LYS A 417 62.31 -8.72 -3.65
C LYS A 417 61.00 -8.04 -3.28
N LEU A 418 60.05 -8.06 -4.22
CA LEU A 418 58.71 -7.54 -4.02
C LEU A 418 57.68 -8.51 -4.58
N PRO A 419 56.51 -8.59 -3.97
CA PRO A 419 55.46 -9.48 -4.48
C PRO A 419 54.78 -8.90 -5.70
N ASP A 420 54.08 -9.78 -6.42
CA ASP A 420 53.37 -9.35 -7.62
C ASP A 420 52.21 -8.41 -7.30
N ASP A 421 51.61 -8.56 -6.12
CA ASP A 421 50.52 -7.69 -5.69
C ASP A 421 51.01 -6.52 -4.83
N PHE A 422 52.25 -6.09 -5.05
CA PHE A 422 52.82 -5.00 -4.27
C PHE A 422 52.07 -3.70 -4.50
N THR A 423 52.04 -2.85 -3.48
CA THR A 423 51.27 -1.62 -3.50
C THR A 423 52.09 -0.37 -3.21
N GLY A 424 53.10 -0.47 -2.34
CA GLY A 424 53.77 0.72 -1.83
C GLY A 424 54.46 1.54 -2.90
N CYS A 425 54.68 2.79 -2.56
CA CYS A 425 55.32 3.76 -3.46
C CYS A 425 56.82 3.75 -3.23
N VAL A 426 57.56 3.91 -4.32
CA VAL A 426 59.03 3.91 -4.32
C VAL A 426 59.50 5.27 -4.81
N ILE A 427 60.33 5.94 -4.02
CA ILE A 427 60.82 7.28 -4.32
C ILE A 427 62.33 7.24 -4.29
N ALA A 428 62.96 7.86 -5.29
CA ALA A 428 64.41 7.91 -5.35
C ALA A 428 64.86 9.33 -5.60
N TRP A 429 66.00 9.69 -5.01
CA TRP A 429 66.62 10.98 -5.22
C TRP A 429 68.09 10.79 -5.56
N ASN A 430 68.56 11.57 -6.53
CA ASN A 430 69.98 11.58 -6.88
C ASN A 430 70.81 12.13 -5.72
N SER A 431 71.82 11.36 -5.32
CA SER A 431 72.61 11.69 -4.14
C SER A 431 74.09 11.42 -4.36
N ASN A 432 74.61 11.79 -5.54
CA ASN A 432 76.03 11.61 -5.80
C ASN A 432 76.90 12.53 -4.96
N ASN A 433 76.32 13.62 -4.43
CA ASN A 433 77.10 14.63 -3.73
C ASN A 433 77.71 14.11 -2.42
N LEU A 434 76.92 13.40 -1.61
CA LEU A 434 77.36 13.01 -0.28
C LEU A 434 77.67 11.53 -0.15
N ASP A 435 76.87 10.66 -0.75
CA ASP A 435 77.11 9.22 -0.62
C ASP A 435 78.45 8.84 -1.25
N SER A 436 78.79 9.45 -2.37
CA SER A 436 80.05 9.15 -3.04
C SER A 436 81.24 9.63 -2.20
N LYS A 437 82.32 8.85 -2.26
CA LYS A 437 83.56 9.17 -1.57
C LYS A 437 84.67 9.33 -2.61
N VAL A 438 85.54 10.32 -2.38
CA VAL A 438 86.61 10.60 -3.33
C VAL A 438 87.53 9.40 -3.48
N GLY A 439 87.79 8.69 -2.39
CA GLY A 439 88.59 7.48 -2.42
C GLY A 439 87.81 6.21 -2.65
N GLY A 440 86.50 6.30 -2.88
CA GLY A 440 85.69 5.13 -3.09
C GLY A 440 85.00 4.66 -1.81
N ASN A 441 83.69 4.84 -1.74
CA ASN A 441 82.91 4.47 -0.56
C ASN A 441 82.63 2.97 -0.55
N TYR A 442 83.64 2.22 -0.09
CA TYR A 442 83.54 0.77 -0.01
C TYR A 442 82.93 0.29 1.30
N ASN A 443 82.55 1.21 2.19
CA ASN A 443 81.79 0.81 3.38
C ASN A 443 80.44 0.23 2.98
N TYR A 444 79.81 0.81 1.96
CA TYR A 444 78.59 0.24 1.40
C TYR A 444 78.87 -1.16 0.88
N GLN A 445 77.87 -2.04 1.05
CA GLN A 445 77.97 -3.41 0.56
C GLN A 445 76.60 -3.85 0.06
N TYR A 446 76.60 -4.89 -0.76
CA TYR A 446 75.37 -5.44 -1.31
C TYR A 446 75.54 -6.95 -1.51
N ARG A 447 74.43 -7.67 -1.38
CA ARG A 447 74.42 -9.12 -1.51
C ARG A 447 74.65 -9.48 -2.97
N LEU A 448 75.91 -9.75 -3.32
CA LEU A 448 76.25 -10.13 -4.68
C LEU A 448 75.62 -11.46 -5.06
N PHE A 449 75.62 -12.42 -4.13
CA PHE A 449 75.26 -13.80 -4.42
C PHE A 449 74.21 -14.29 -3.43
N ARG A 450 73.48 -15.31 -3.85
CA ARG A 450 72.55 -16.04 -2.99
C ARG A 450 72.17 -17.34 -3.68
N LYS A 451 72.18 -18.43 -2.91
CA LYS A 451 71.89 -19.75 -3.49
C LYS A 451 70.48 -19.81 -4.03
N SER A 452 69.49 -19.45 -3.21
CA SER A 452 68.09 -19.53 -3.58
C SER A 452 67.41 -18.20 -3.27
N ASN A 453 66.57 -17.75 -4.20
CA ASN A 453 65.90 -16.46 -4.06
C ASN A 453 65.02 -16.44 -2.82
N LEU A 454 65.09 -15.34 -2.07
CA LEU A 454 64.34 -15.17 -0.83
C LEU A 454 63.05 -14.41 -1.07
N LYS A 455 62.10 -14.59 -0.14
CA LYS A 455 60.80 -13.95 -0.25
C LYS A 455 60.92 -12.45 -0.01
N PRO A 456 60.00 -11.66 -0.54
CA PRO A 456 60.07 -10.20 -0.36
C PRO A 456 60.07 -9.81 1.12
N PHE A 457 60.83 -8.76 1.42
CA PHE A 457 61.00 -8.19 2.76
C PHE A 457 61.68 -9.15 3.73
N GLU A 458 62.22 -10.26 3.25
CA GLU A 458 62.93 -11.21 4.11
C GLU A 458 64.44 -10.98 3.99
N ARG A 459 64.90 -9.92 4.63
CA ARG A 459 66.32 -9.59 4.59
C ARG A 459 67.14 -10.64 5.32
N ASP A 460 68.29 -10.97 4.75
CA ASP A 460 69.30 -11.79 5.41
C ASP A 460 70.57 -10.96 5.56
N ILE A 461 71.05 -10.86 6.80
CA ILE A 461 72.26 -10.10 7.08
C ILE A 461 73.46 -11.00 7.36
N SER A 462 73.25 -12.29 7.54
CA SER A 462 74.37 -13.22 7.66
C SER A 462 75.15 -13.27 6.35
N THR A 463 76.47 -13.31 6.47
CA THR A 463 77.34 -13.23 5.30
C THR A 463 78.19 -14.49 5.17
N GLU A 464 77.56 -15.66 5.30
CA GLU A 464 78.28 -16.91 5.15
C GLU A 464 78.90 -17.00 3.76
N ILE A 465 80.08 -17.62 3.69
CA ILE A 465 80.82 -17.69 2.43
C ILE A 465 80.00 -18.45 1.41
N TYR A 466 79.58 -17.76 0.35
CA TYR A 466 78.74 -18.36 -0.68
C TYR A 466 79.50 -19.45 -1.41
N GLN A 467 78.84 -20.58 -1.64
CA GLN A 467 79.43 -21.73 -2.33
C GLN A 467 78.91 -21.72 -3.77
N ALA A 468 79.75 -21.22 -4.68
CA ALA A 468 79.36 -21.19 -6.09
C ALA A 468 79.23 -22.60 -6.66
N GLY A 469 80.16 -23.49 -6.32
CA GLY A 469 80.15 -24.84 -6.82
C GLY A 469 79.75 -25.85 -5.75
N SER A 470 79.49 -27.08 -6.22
CA SER A 470 79.11 -28.16 -5.34
C SER A 470 80.28 -28.72 -4.52
N THR A 471 81.51 -28.34 -4.85
CA THR A 471 82.65 -28.81 -4.08
C THR A 471 82.61 -28.21 -2.68
N PRO A 472 82.98 -28.98 -1.66
CA PRO A 472 82.99 -28.44 -0.30
C PRO A 472 84.00 -27.32 -0.12
N CYS A 473 83.64 -26.35 0.71
CA CYS A 473 84.48 -25.19 0.99
C CYS A 473 85.16 -25.39 2.33
N ASN A 474 86.49 -25.30 2.34
CA ASN A 474 87.29 -25.45 3.55
C ASN A 474 88.12 -24.20 3.77
N GLY A 475 88.11 -23.69 4.99
CA GLY A 475 88.79 -22.46 5.31
C GLY A 475 87.92 -21.24 5.06
N VAL A 476 88.46 -20.09 5.46
CA VAL A 476 87.73 -18.83 5.28
C VAL A 476 87.54 -18.53 3.80
N GLU A 477 88.59 -18.74 3.00
CA GLU A 477 88.51 -18.57 1.56
C GLU A 477 89.09 -19.79 0.87
N GLY A 478 88.47 -20.17 -0.24
CA GLY A 478 88.91 -21.34 -0.96
C GLY A 478 88.28 -21.39 -2.34
N PHE A 479 88.50 -22.50 -3.03
CA PHE A 479 87.94 -22.67 -4.36
C PHE A 479 86.43 -22.76 -4.29
N ASN A 480 85.76 -22.04 -5.19
CA ASN A 480 84.30 -21.94 -5.22
C ASN A 480 83.76 -21.42 -3.89
N CYS A 481 84.48 -20.49 -3.28
CA CYS A 481 84.04 -19.81 -2.06
C CYS A 481 84.07 -18.32 -2.32
N TYR A 482 82.93 -17.66 -2.10
CA TYR A 482 82.77 -16.25 -2.44
C TYR A 482 82.24 -15.49 -1.23
N SER A 483 82.64 -14.22 -1.14
CA SER A 483 82.05 -13.33 -0.17
C SER A 483 80.74 -12.78 -0.71
N PRO A 484 79.60 -13.05 -0.08
CA PRO A 484 78.32 -12.59 -0.63
C PRO A 484 78.20 -11.08 -0.75
N LEU A 485 78.85 -10.33 0.13
CA LEU A 485 78.75 -8.88 0.13
C LEU A 485 79.90 -8.27 -0.67
N GLN A 486 79.56 -7.42 -1.63
CA GLN A 486 80.55 -6.69 -2.40
C GLN A 486 80.35 -5.19 -2.17
N SER A 487 81.44 -4.44 -2.28
CA SER A 487 81.45 -3.03 -1.92
C SER A 487 81.02 -2.15 -3.10
N TYR A 488 80.14 -1.20 -2.82
CA TYR A 488 79.75 -0.21 -3.82
C TYR A 488 80.91 0.70 -4.18
N GLY A 489 80.87 1.22 -5.40
CA GLY A 489 81.77 2.28 -5.81
C GLY A 489 81.00 3.49 -6.26
N PHE A 490 81.05 4.56 -5.47
CA PHE A 490 80.40 5.82 -5.79
C PHE A 490 81.41 6.94 -5.73
N GLN A 491 81.54 7.69 -6.82
CA GLN A 491 82.51 8.77 -6.93
C GLN A 491 81.86 9.92 -7.68
N PRO A 492 82.32 11.16 -7.44
CA PRO A 492 81.83 12.28 -8.24
C PRO A 492 82.09 12.12 -9.73
N THR A 493 83.16 11.41 -10.09
CA THR A 493 83.48 11.16 -11.49
C THR A 493 82.53 10.15 -12.15
N ASN A 494 81.67 9.50 -11.37
CA ASN A 494 80.70 8.58 -11.93
C ASN A 494 79.71 9.32 -12.82
N GLY A 495 79.16 8.59 -13.80
CA GLY A 495 78.20 9.13 -14.73
C GLY A 495 76.77 8.83 -14.32
N VAL A 496 75.86 8.95 -15.29
CA VAL A 496 74.45 8.70 -15.04
C VAL A 496 74.24 7.23 -14.73
N GLY A 497 73.48 6.94 -13.68
CA GLY A 497 73.26 5.59 -13.21
C GLY A 497 74.25 5.15 -12.15
N TYR A 498 75.53 5.45 -12.38
CA TYR A 498 76.56 5.18 -11.38
C TYR A 498 76.47 6.13 -10.19
N GLN A 499 75.74 7.23 -10.33
CA GLN A 499 75.54 8.12 -9.20
C GLN A 499 74.60 7.48 -8.18
N PRO A 500 74.96 7.49 -6.89
CA PRO A 500 74.12 6.82 -5.89
C PRO A 500 72.73 7.44 -5.82
N TYR A 501 71.75 6.57 -5.59
CA TYR A 501 70.36 6.94 -5.43
C TYR A 501 69.92 6.62 -4.00
N ARG A 502 69.29 7.58 -3.34
CA ARG A 502 68.70 7.36 -2.03
C ARG A 502 67.22 7.11 -2.22
N VAL A 503 66.76 5.92 -1.83
CA VAL A 503 65.46 5.40 -2.20
C VAL A 503 64.72 5.00 -0.94
N VAL A 504 63.43 5.35 -0.88
CA VAL A 504 62.53 4.95 0.19
C VAL A 504 61.32 4.26 -0.42
N VAL A 505 60.98 3.10 0.12
CA VAL A 505 59.80 2.33 -0.29
C VAL A 505 58.85 2.28 0.89
N LEU A 506 57.60 2.68 0.67
CA LEU A 506 56.65 2.87 1.75
C LEU A 506 55.47 1.92 1.57
N SER A 507 55.60 0.70 2.08
CA SER A 507 54.48 -0.22 2.06
C SER A 507 53.65 -0.03 3.33
N PHE A 508 52.50 -0.69 3.39
CA PHE A 508 51.62 -0.52 4.54
C PHE A 508 50.63 -1.67 4.61
N GLU A 509 50.08 -1.86 5.82
CA GLU A 509 49.17 -2.96 6.08
C GLU A 509 47.73 -2.44 6.12
N LEU A 510 46.79 -3.30 5.69
CA LEU A 510 45.42 -2.89 5.43
C LEU A 510 44.44 -3.67 6.30
N LEU A 511 43.63 -2.94 7.07
CA LEU A 511 42.34 -3.40 7.57
C LEU A 511 42.39 -4.51 8.61
N HIS A 512 43.57 -5.05 8.92
CA HIS A 512 43.64 -6.01 10.02
C HIS A 512 43.51 -5.30 11.36
N ALA A 513 43.93 -4.05 11.43
CA ALA A 513 43.73 -3.16 12.56
C ALA A 513 43.31 -1.81 12.02
N PRO A 514 42.66 -0.97 12.83
CA PRO A 514 42.16 0.31 12.33
C PRO A 514 43.28 1.16 11.76
N ALA A 515 42.98 1.85 10.66
CA ALA A 515 43.97 2.66 9.96
C ALA A 515 44.38 3.84 10.83
N THR A 516 45.65 4.21 10.76
CA THR A 516 46.16 5.26 11.63
C THR A 516 46.95 6.33 10.88
N VAL A 517 47.71 5.96 9.86
CA VAL A 517 48.67 6.86 9.23
C VAL A 517 48.13 7.31 7.87
N CYS A 518 47.94 8.62 7.73
CA CYS A 518 47.60 9.23 6.45
C CYS A 518 47.81 10.73 6.54
N GLY A 519 47.87 11.37 5.37
CA GLY A 519 48.34 12.73 5.25
C GLY A 519 47.41 13.75 5.88
N PRO A 520 47.94 14.96 6.08
CA PRO A 520 47.13 16.03 6.68
C PRO A 520 46.04 16.50 5.74
N LYS A 521 45.00 17.07 6.34
CA LYS A 521 43.85 17.58 5.60
C LYS A 521 43.58 19.02 5.98
N LYS A 522 43.09 19.80 5.01
CA LYS A 522 42.96 21.24 5.14
C LYS A 522 41.56 21.64 5.54
N SER A 523 41.35 22.95 5.70
CA SER A 523 40.05 23.50 6.09
C SER A 523 39.99 24.95 5.65
N THR A 524 38.78 25.51 5.69
CA THR A 524 38.52 26.86 5.22
C THR A 524 37.70 27.61 6.27
N ASN A 525 37.90 28.93 6.33
CA ASN A 525 37.25 29.75 7.33
C ASN A 525 35.73 29.63 7.25
N LEU A 526 35.09 29.51 8.41
CA LEU A 526 33.65 29.34 8.47
C LEU A 526 32.92 30.61 8.08
N VAL A 527 31.71 30.44 7.57
CA VAL A 527 30.81 31.54 7.23
C VAL A 527 29.46 31.24 7.85
N LYS A 528 28.65 32.29 8.05
CA LYS A 528 27.38 32.16 8.75
C LYS A 528 26.27 32.83 7.97
N ASN A 529 25.04 32.50 8.35
CA ASN A 529 23.83 33.10 7.79
C ASN A 529 23.72 32.86 6.29
N LYS A 530 24.04 31.63 5.87
CA LYS A 530 23.90 31.22 4.48
C LYS A 530 23.59 29.73 4.44
N CYS A 531 22.74 29.33 3.49
CA CYS A 531 22.46 27.92 3.26
C CYS A 531 23.65 27.35 2.49
N VAL A 532 24.59 26.75 3.21
CA VAL A 532 25.82 26.23 2.65
C VAL A 532 25.95 24.75 2.99
N ASN A 533 26.95 24.13 2.38
CA ASN A 533 27.28 22.73 2.61
C ASN A 533 28.48 22.63 3.55
N PHE A 534 28.41 21.72 4.50
CA PHE A 534 29.44 21.57 5.51
C PHE A 534 29.77 20.09 5.72
N ASN A 535 31.03 19.83 6.04
CA ASN A 535 31.52 18.49 6.40
C ASN A 535 32.20 18.61 7.76
N PHE A 536 31.42 18.42 8.81
CA PHE A 536 31.91 18.56 10.18
C PHE A 536 32.05 17.17 10.78
N ASN A 537 33.29 16.78 11.08
CA ASN A 537 33.59 15.49 11.70
C ASN A 537 32.99 14.33 10.91
N GLY A 538 33.07 14.43 9.59
CA GLY A 538 32.55 13.38 8.72
C GLY A 538 31.05 13.44 8.48
N LEU A 539 30.34 14.35 9.11
CA LEU A 539 28.92 14.54 8.86
C LEU A 539 28.74 15.64 7.83
N THR A 540 28.16 15.29 6.69
CA THR A 540 27.93 16.23 5.61
C THR A 540 26.48 16.67 5.63
N GLY A 541 26.26 17.98 5.56
CA GLY A 541 24.92 18.51 5.61
C GLY A 541 24.84 19.84 4.88
N THR A 542 23.62 20.35 4.77
CA THR A 542 23.36 21.63 4.13
C THR A 542 22.39 22.41 5.00
N GLY A 543 22.74 23.65 5.31
CA GLY A 543 21.88 24.46 6.15
C GLY A 543 22.53 25.80 6.45
N VAL A 544 21.94 26.49 7.42
CA VAL A 544 22.37 27.81 7.83
C VAL A 544 22.90 27.71 9.26
N LEU A 545 24.09 28.25 9.49
CA LEU A 545 24.78 28.14 10.75
C LEU A 545 24.53 29.40 11.58
N THR A 546 24.11 29.21 12.83
CA THR A 546 23.82 30.32 13.72
C THR A 546 24.39 30.01 15.09
N GLU A 547 24.68 31.05 15.87
CA GLU A 547 25.17 30.83 17.22
C GLU A 547 24.06 30.29 18.12
N SER A 548 24.47 29.61 19.19
CA SER A 548 23.56 28.89 20.07
C SER A 548 23.73 29.34 21.51
N ASN A 549 22.62 29.38 22.25
CA ASN A 549 22.65 29.64 23.67
C ASN A 549 22.76 28.38 24.51
N LYS A 550 22.66 27.20 23.90
CA LYS A 550 22.76 25.96 24.63
C LYS A 550 24.22 25.61 24.91
N LYS A 551 24.44 24.78 25.92
CA LYS A 551 25.77 24.41 26.37
C LYS A 551 25.89 22.89 26.38
N PHE A 552 26.78 22.36 25.54
CA PHE A 552 27.01 20.92 25.55
C PHE A 552 27.91 20.53 26.70
N LEU A 553 27.95 19.24 26.96
CA LEU A 553 29.01 18.67 27.78
C LEU A 553 30.31 18.69 26.97
N PRO A 554 31.46 18.87 27.61
CA PRO A 554 32.73 18.94 26.86
C PRO A 554 33.11 17.64 26.16
N PHE A 555 32.23 16.64 26.18
CA PHE A 555 32.52 15.37 25.52
C PHE A 555 31.56 15.03 24.38
N GLN A 556 30.40 15.67 24.31
CA GLN A 556 29.46 15.46 23.22
C GLN A 556 29.67 16.50 22.12
N GLN A 557 29.42 16.08 20.89
CA GLN A 557 29.63 16.95 19.73
C GLN A 557 28.38 17.24 18.94
N PHE A 558 27.35 16.38 19.01
CA PHE A 558 26.22 16.44 18.10
C PHE A 558 24.94 16.66 18.88
N GLY A 559 24.13 17.62 18.42
CA GLY A 559 22.84 17.90 19.02
C GLY A 559 21.74 17.27 18.19
N ARG A 560 20.80 16.62 18.88
CA ARG A 560 19.70 15.94 18.24
C ARG A 560 18.40 16.29 18.95
N ASP A 561 17.29 16.10 18.23
CA ASP A 561 15.97 16.40 18.74
C ASP A 561 15.19 15.12 18.96
N ILE A 562 13.92 15.25 19.34
CA ILE A 562 13.07 14.08 19.54
C ILE A 562 12.82 13.38 18.21
N ALA A 563 12.78 14.12 17.11
CA ALA A 563 12.63 13.54 15.79
C ALA A 563 13.88 12.83 15.31
N ASP A 564 14.98 12.89 16.09
CA ASP A 564 16.22 12.21 15.78
C ASP A 564 16.83 12.71 14.47
N THR A 565 17.14 14.00 14.46
CA THR A 565 17.89 14.60 13.37
C THR A 565 18.93 15.55 13.94
N THR A 566 19.98 15.80 13.16
CA THR A 566 21.10 16.60 13.62
C THR A 566 20.77 18.08 13.49
N ASP A 567 20.90 18.83 14.58
CA ASP A 567 20.64 20.26 14.54
C ASP A 567 21.63 21.13 15.30
N ALA A 568 22.59 20.55 16.03
CA ALA A 568 23.57 21.35 16.74
C ALA A 568 24.93 20.66 16.67
N VAL A 569 25.96 21.41 16.32
CA VAL A 569 27.28 20.85 16.06
C VAL A 569 28.36 21.72 16.70
N ARG A 570 29.41 21.07 17.19
CA ARG A 570 30.56 21.75 17.77
C ARG A 570 31.66 21.88 16.73
N ASP A 571 32.18 23.09 16.56
CA ASP A 571 33.25 23.32 15.62
C ASP A 571 34.52 22.62 16.09
N PRO A 572 35.27 22.00 15.18
CA PRO A 572 36.47 21.26 15.59
C PRO A 572 37.66 22.15 15.91
N GLN A 573 37.79 23.28 15.22
CA GLN A 573 38.92 24.17 15.47
C GLN A 573 38.77 24.93 16.77
N THR A 574 37.72 25.74 16.88
CA THR A 574 37.45 26.51 18.09
C THR A 574 36.24 25.93 18.79
N LEU A 575 36.28 25.93 20.12
CA LEU A 575 35.25 25.29 20.93
C LEU A 575 34.05 26.21 21.03
N GLU A 576 33.04 25.94 20.19
CA GLU A 576 31.77 26.65 20.27
C GLU A 576 30.69 25.76 19.69
N ILE A 577 29.44 26.14 19.92
CA ILE A 577 28.29 25.32 19.57
C ILE A 577 27.41 26.12 18.61
N LEU A 578 27.05 25.49 17.49
CA LEU A 578 26.28 26.17 16.45
C LEU A 578 25.02 25.39 16.13
N ASP A 579 23.93 26.13 15.92
CA ASP A 579 22.66 25.57 15.47
C ASP A 579 22.60 25.57 13.95
N ILE A 580 21.92 24.56 13.41
CA ILE A 580 21.75 24.37 11.99
C ILE A 580 20.27 24.51 11.66
N THR A 581 19.94 25.43 10.76
CA THR A 581 18.57 25.62 10.33
C THR A 581 18.44 25.33 8.85
N PRO A 582 17.52 24.47 8.43
CA PRO A 582 17.38 24.20 7.00
C PRO A 582 16.92 25.46 6.26
N CYS A 583 17.50 25.68 5.08
CA CYS A 583 17.07 26.83 4.30
C CYS A 583 15.71 26.56 3.68
N SER A 584 14.98 27.65 3.42
CA SER A 584 13.53 27.57 3.24
C SER A 584 13.15 26.73 2.04
N PHE A 585 11.95 26.15 2.12
CA PHE A 585 11.40 25.33 1.04
C PHE A 585 9.89 25.28 1.18
N GLY A 586 9.20 25.28 0.05
CA GLY A 586 7.75 25.22 0.05
C GLY A 586 7.15 25.21 -1.35
N GLY A 587 6.06 24.47 -1.52
CA GLY A 587 5.45 24.36 -2.83
C GLY A 587 4.85 25.67 -3.31
N VAL A 588 4.67 25.77 -4.63
CA VAL A 588 4.18 27.00 -5.25
C VAL A 588 2.71 26.80 -5.60
N SER A 589 1.93 27.87 -5.50
CA SER A 589 0.52 27.82 -5.88
C SER A 589 0.25 28.88 -6.94
N VAL A 590 -0.60 28.54 -7.89
CA VAL A 590 -1.00 29.45 -8.96
C VAL A 590 -2.49 29.73 -8.80
N ILE A 591 -2.84 31.00 -8.68
CA ILE A 591 -4.23 31.44 -8.58
C ILE A 591 -4.61 32.08 -9.90
N THR A 592 -5.72 31.64 -10.47
CA THR A 592 -6.09 32.14 -11.78
C THR A 592 -7.58 32.01 -12.01
N PRO A 593 -8.21 32.97 -12.67
CA PRO A 593 -9.54 32.72 -13.23
C PRO A 593 -9.42 31.80 -14.44
N GLY A 594 -10.56 31.31 -14.90
CA GLY A 594 -10.55 30.40 -16.03
C GLY A 594 -9.90 31.04 -17.24
N THR A 595 -9.19 30.22 -18.01
CA THR A 595 -8.51 30.73 -19.20
C THR A 595 -9.48 31.27 -20.22
N ASN A 596 -10.77 30.94 -20.11
CA ASN A 596 -11.78 31.55 -20.95
C ASN A 596 -11.84 33.05 -20.74
N THR A 597 -11.68 33.49 -19.49
CA THR A 597 -11.84 34.91 -19.17
C THR A 597 -10.59 35.71 -19.52
N SER A 598 -9.46 35.39 -18.91
CA SER A 598 -8.25 36.19 -19.07
C SER A 598 -7.04 35.28 -18.99
N ASN A 599 -5.86 35.89 -18.95
CA ASN A 599 -4.60 35.17 -18.82
C ASN A 599 -3.77 35.60 -17.61
N GLN A 600 -4.15 36.67 -16.94
CA GLN A 600 -3.39 37.12 -15.78
C GLN A 600 -3.53 36.13 -14.63
N VAL A 601 -2.44 35.93 -13.88
CA VAL A 601 -2.39 34.96 -12.80
C VAL A 601 -1.70 35.59 -11.60
N ALA A 602 -1.68 34.85 -10.50
CA ALA A 602 -0.97 35.24 -9.30
C ALA A 602 -0.23 34.05 -8.74
N VAL A 603 0.87 34.31 -8.04
CA VAL A 603 1.74 33.25 -7.54
C VAL A 603 1.84 33.37 -6.03
N LEU A 604 1.61 32.27 -5.32
CA LEU A 604 1.66 32.22 -3.88
C LEU A 604 2.78 31.28 -3.45
N TYR A 605 3.70 31.78 -2.65
CA TYR A 605 4.77 30.98 -2.07
C TYR A 605 4.38 30.68 -0.62
N GLN A 606 4.28 29.40 -0.29
CA GLN A 606 3.75 28.97 0.99
C GLN A 606 4.88 28.86 2.02
N GLY A 607 4.65 29.42 3.20
CA GLY A 607 5.60 29.31 4.29
C GLY A 607 6.95 29.93 4.00
N VAL A 608 6.98 31.03 3.27
CA VAL A 608 8.22 31.72 2.93
C VAL A 608 8.02 33.21 3.13
N ASN A 609 8.89 33.81 3.94
CA ASN A 609 8.96 35.26 4.08
C ASN A 609 9.48 35.84 2.77
N CYS A 610 8.64 36.57 2.05
CA CYS A 610 8.97 36.89 0.66
C CYS A 610 9.94 38.06 0.53
N THR A 611 10.65 38.40 1.60
CA THR A 611 11.93 39.06 1.39
C THR A 611 12.95 38.12 0.78
N GLU A 612 12.63 36.82 0.73
CA GLU A 612 13.50 35.79 0.19
C GLU A 612 13.01 35.23 -1.13
N VAL A 613 12.13 35.94 -1.82
CA VAL A 613 11.62 35.50 -3.12
C VAL A 613 12.61 35.74 -4.27
N PRO A 614 13.42 36.82 -4.29
CA PRO A 614 14.26 37.03 -5.47
C PRO A 614 15.36 36.00 -5.65
N VAL A 615 15.71 35.25 -4.59
CA VAL A 615 16.80 34.28 -4.70
C VAL A 615 16.35 33.05 -5.46
N ALA A 616 15.05 32.90 -5.67
CA ALA A 616 14.50 31.77 -6.43
C ALA A 616 15.12 31.68 -7.82
N ASN A 634 3.33 43.88 -7.34
CA ASN A 634 2.62 43.93 -6.07
C ASN A 634 2.83 42.65 -5.27
N VAL A 635 3.16 42.80 -3.99
CA VAL A 635 3.36 41.68 -3.09
C VAL A 635 2.53 41.90 -1.84
N PHE A 636 2.22 40.81 -1.14
CA PHE A 636 1.43 40.88 0.08
C PHE A 636 1.65 39.62 0.89
N GLN A 637 1.98 39.77 2.17
CA GLN A 637 2.24 38.63 3.03
C GLN A 637 1.02 38.34 3.91
N THR A 638 0.66 37.06 4.00
CA THR A 638 -0.35 36.57 4.91
C THR A 638 0.26 35.41 5.69
N ARG A 639 -0.47 34.94 6.71
CA ARG A 639 0.06 33.88 7.55
C ARG A 639 0.35 32.60 6.77
N ALA A 640 -0.22 32.44 5.59
CA ALA A 640 0.03 31.25 4.78
C ALA A 640 1.20 31.40 3.81
N GLY A 641 1.79 32.58 3.70
CA GLY A 641 2.89 32.80 2.79
C GLY A 641 2.74 34.12 2.10
N CYS A 642 3.49 34.32 1.03
CA CYS A 642 3.49 35.60 0.32
C CYS A 642 2.92 35.43 -1.07
N LEU A 643 2.01 36.32 -1.43
CA LEU A 643 1.30 36.29 -2.70
C LEU A 643 1.72 37.49 -3.53
N ILE A 644 2.11 37.25 -4.77
CA ILE A 644 2.49 38.31 -5.69
C ILE A 644 1.61 38.22 -6.93
N GLY A 645 1.41 39.37 -7.57
CA GLY A 645 0.56 39.48 -8.72
C GLY A 645 -0.84 40.00 -8.45
N ALA A 646 -1.17 40.27 -7.19
CA ALA A 646 -2.50 40.72 -6.83
C ALA A 646 -2.42 41.92 -5.89
N GLU A 647 -3.40 42.82 -6.02
CA GLU A 647 -3.51 44.02 -5.21
C GLU A 647 -4.60 43.83 -4.17
N HIS A 648 -4.24 44.00 -2.90
CA HIS A 648 -5.22 43.84 -1.84
C HIS A 648 -5.91 45.17 -1.55
N VAL A 649 -7.15 45.08 -1.06
CA VAL A 649 -8.01 46.25 -0.91
C VAL A 649 -8.55 46.29 0.51
N ASN A 650 -9.03 47.47 0.90
CA ASN A 650 -9.68 47.64 2.20
C ASN A 650 -11.12 47.17 2.20
N ASN A 651 -11.71 46.96 1.03
CA ASN A 651 -13.10 46.55 0.94
C ASN A 651 -13.24 45.06 1.25
N SER A 652 -14.47 44.65 1.57
CA SER A 652 -14.77 43.27 1.91
C SER A 652 -15.92 42.77 1.07
N TYR A 653 -15.82 41.51 0.64
CA TYR A 653 -16.86 40.86 -0.16
C TYR A 653 -17.00 39.43 0.33
N GLU A 654 -17.77 38.63 -0.39
CA GLU A 654 -17.86 37.20 -0.14
C GLU A 654 -16.77 36.48 -0.91
N CYS A 655 -16.36 35.33 -0.40
CA CYS A 655 -15.22 34.62 -0.95
C CYS A 655 -15.54 34.07 -2.33
N ASP A 656 -14.57 34.17 -3.24
CA ASP A 656 -14.66 33.58 -4.57
C ASP A 656 -13.62 32.50 -4.79
N ILE A 657 -12.36 32.80 -4.52
CA ILE A 657 -11.28 31.80 -4.55
C ILE A 657 -10.54 31.88 -3.23
N PRO A 658 -10.55 30.85 -2.41
CA PRO A 658 -9.92 30.94 -1.09
C PRO A 658 -8.41 30.77 -1.17
N ILE A 659 -7.72 31.52 -0.32
CA ILE A 659 -6.29 31.33 -0.11
C ILE A 659 -6.06 30.78 1.28
N GLY A 660 -6.47 31.54 2.30
CA GLY A 660 -6.33 31.05 3.66
C GLY A 660 -6.15 32.19 4.64
N ALA A 661 -6.28 31.84 5.92
CA ALA A 661 -6.23 32.79 7.02
C ALA A 661 -7.27 33.89 6.85
N GLY A 662 -8.39 33.55 6.22
CA GLY A 662 -9.43 34.53 5.95
C GLY A 662 -9.27 35.31 4.67
N ILE A 663 -8.19 35.10 3.93
CA ILE A 663 -7.90 35.86 2.72
C ILE A 663 -8.42 35.07 1.52
N CYS A 664 -9.24 35.74 0.70
CA CYS A 664 -9.78 35.19 -0.54
C CYS A 664 -9.51 36.17 -1.68
N ALA A 665 -9.42 35.63 -2.89
CA ALA A 665 -9.15 36.43 -4.07
C ALA A 665 -10.30 36.28 -5.06
N SER A 666 -10.38 37.24 -5.98
CA SER A 666 -11.44 37.25 -6.98
C SER A 666 -11.02 38.13 -8.14
N TYR A 667 -11.90 38.19 -9.16
CA TYR A 667 -11.67 38.98 -10.36
C TYR A 667 -12.72 40.09 -10.42
N GLN A 668 -12.26 41.33 -10.55
CA GLN A 668 -13.16 42.48 -10.50
C GLN A 668 -12.46 43.68 -11.11
N THR A 669 -13.24 44.62 -11.62
CA THR A 669 -12.71 45.87 -12.15
C THR A 669 -11.89 46.61 -11.10
N SER A 682 -10.70 48.01 -16.23
CA SER A 682 -9.74 47.91 -15.14
C SER A 682 -9.84 46.56 -14.44
N GLN A 683 -10.08 45.51 -15.22
CA GLN A 683 -10.25 44.18 -14.64
C GLN A 683 -8.93 43.66 -14.10
N SER A 684 -8.96 43.19 -12.86
CA SER A 684 -7.77 42.66 -12.20
C SER A 684 -8.20 41.73 -11.08
N ILE A 685 -7.24 41.00 -10.55
CA ILE A 685 -7.50 40.09 -9.44
C ILE A 685 -7.14 40.79 -8.13
N ILE A 686 -7.97 40.57 -7.12
CA ILE A 686 -7.87 41.28 -5.85
C ILE A 686 -7.96 40.28 -4.70
N ALA A 687 -7.24 40.57 -3.63
CA ALA A 687 -7.22 39.75 -2.43
C ALA A 687 -7.73 40.56 -1.24
N TYR A 688 -8.53 39.94 -0.38
CA TYR A 688 -9.14 40.67 0.72
C TYR A 688 -9.61 39.69 1.79
N THR A 689 -9.86 40.23 2.98
CA THR A 689 -10.53 39.47 4.02
C THR A 689 -12.02 39.37 3.68
N MET A 690 -12.54 38.16 3.63
CA MET A 690 -13.91 37.96 3.16
C MET A 690 -14.90 38.44 4.23
N SER A 691 -16.14 38.61 3.79
CA SER A 691 -17.18 39.16 4.65
C SER A 691 -17.90 38.06 5.42
N LEU A 692 -18.29 38.37 6.64
CA LEU A 692 -19.01 37.44 7.50
C LEU A 692 -20.51 37.40 7.20
N GLY A 693 -21.02 38.37 6.46
CA GLY A 693 -22.44 38.52 6.19
C GLY A 693 -22.86 39.95 6.44
N ALA A 694 -24.17 40.17 6.48
CA ALA A 694 -24.74 41.49 6.69
C ALA A 694 -25.25 41.59 8.11
N GLU A 695 -24.74 42.55 8.87
CA GLU A 695 -25.18 42.75 10.23
C GLU A 695 -26.59 43.35 10.25
N ASN A 696 -27.46 42.76 11.08
CA ASN A 696 -28.82 43.26 11.25
C ASN A 696 -29.18 43.06 12.73
N SER A 697 -29.04 44.13 13.50
CA SER A 697 -29.46 44.10 14.89
C SER A 697 -30.97 44.04 14.99
N VAL A 698 -31.45 43.45 16.08
CA VAL A 698 -32.88 43.29 16.33
C VAL A 698 -33.22 44.00 17.63
N ALA A 699 -34.27 44.82 17.59
CA ALA A 699 -34.69 45.54 18.78
C ALA A 699 -35.42 44.60 19.73
N TYR A 700 -35.01 44.61 21.00
CA TYR A 700 -35.56 43.72 22.01
C TYR A 700 -36.09 44.54 23.17
N SER A 701 -37.23 44.11 23.72
CA SER A 701 -37.83 44.78 24.84
C SER A 701 -38.62 43.77 25.66
N ASN A 702 -38.93 44.15 26.89
CA ASN A 702 -39.59 43.24 27.82
C ASN A 702 -41.12 43.34 27.77
N ASN A 703 -41.67 44.13 26.85
CA ASN A 703 -43.12 44.26 26.78
C ASN A 703 -43.66 44.30 25.35
N SER A 704 -42.85 43.99 24.35
CA SER A 704 -43.27 44.10 22.96
C SER A 704 -43.06 42.78 22.23
N ILE A 705 -43.91 42.53 21.23
CA ILE A 705 -43.86 41.32 20.43
C ILE A 705 -44.01 41.71 18.96
N ALA A 706 -43.60 40.80 18.09
CA ALA A 706 -43.74 40.97 16.65
C ALA A 706 -44.53 39.79 16.08
N ILE A 707 -45.45 40.10 15.17
CA ILE A 707 -46.33 39.08 14.58
C ILE A 707 -46.39 39.31 13.08
N PRO A 708 -46.28 38.26 12.27
CA PRO A 708 -46.41 38.44 10.82
C PRO A 708 -47.85 38.70 10.41
N THR A 709 -48.01 39.21 9.19
CA THR A 709 -49.31 39.43 8.60
C THR A 709 -49.48 38.78 7.24
N ASN A 710 -48.41 38.57 6.51
CA ASN A 710 -48.44 37.93 5.20
C ASN A 710 -47.43 36.79 5.19
N PHE A 711 -47.55 35.92 4.19
CA PHE A 711 -46.69 34.75 4.09
C PHE A 711 -46.28 34.56 2.65
N THR A 712 -45.45 33.56 2.40
CA THR A 712 -45.09 33.21 1.04
C THR A 712 -44.67 31.75 0.98
N ILE A 713 -44.75 31.19 -0.23
CA ILE A 713 -44.43 29.80 -0.49
C ILE A 713 -43.14 29.74 -1.27
N SER A 714 -42.27 28.80 -0.91
CA SER A 714 -40.98 28.64 -1.57
C SER A 714 -40.78 27.19 -1.96
N VAL A 715 -40.03 26.99 -3.03
CA VAL A 715 -39.63 25.67 -3.48
C VAL A 715 -38.11 25.64 -3.62
N THR A 716 -37.47 24.71 -2.95
CA THR A 716 -36.01 24.59 -2.97
C THR A 716 -35.62 23.22 -3.51
N THR A 717 -34.40 23.13 -4.04
CA THR A 717 -33.93 21.92 -4.69
C THR A 717 -32.69 21.41 -3.98
N GLU A 718 -32.63 20.10 -3.74
CA GLU A 718 -31.40 19.52 -3.22
C GLU A 718 -31.09 18.21 -3.92
N ILE A 719 -29.80 17.93 -4.10
CA ILE A 719 -29.32 16.85 -4.95
C ILE A 719 -28.51 15.89 -4.10
N LEU A 720 -28.80 14.59 -4.21
CA LEU A 720 -28.10 13.56 -3.45
C LEU A 720 -27.60 12.48 -4.39
N PRO A 721 -26.31 12.17 -4.41
CA PRO A 721 -25.83 11.00 -5.16
C PRO A 721 -26.32 9.71 -4.52
N VAL A 722 -26.47 8.68 -5.35
CA VAL A 722 -26.97 7.41 -4.85
C VAL A 722 -26.03 6.26 -5.19
N SER A 723 -25.73 6.08 -6.46
CA SER A 723 -24.97 4.93 -6.92
C SER A 723 -23.76 5.37 -7.71
N MET A 724 -22.71 4.56 -7.65
CA MET A 724 -21.51 4.77 -8.45
C MET A 724 -21.42 3.69 -9.52
N THR A 725 -20.41 3.82 -10.38
CA THR A 725 -20.26 2.94 -11.52
C THR A 725 -19.70 1.59 -11.09
N LYS A 726 -20.33 0.52 -11.56
CA LYS A 726 -19.79 -0.82 -11.32
C LYS A 726 -18.54 -1.01 -12.16
N THR A 727 -17.74 -2.01 -11.78
CA THR A 727 -16.56 -2.36 -12.54
C THR A 727 -16.10 -3.76 -12.17
N SER A 728 -15.23 -4.32 -13.00
CA SER A 728 -14.69 -5.64 -12.77
C SER A 728 -13.39 -5.79 -13.55
N VAL A 729 -12.45 -6.54 -12.97
CA VAL A 729 -11.10 -6.65 -13.51
C VAL A 729 -10.76 -8.12 -13.67
N ASP A 730 -10.03 -8.42 -14.75
CA ASP A 730 -9.53 -9.76 -15.03
C ASP A 730 -8.02 -9.75 -14.84
N CYS A 731 -7.53 -10.49 -13.85
CA CYS A 731 -6.12 -10.38 -13.47
C CYS A 731 -5.20 -10.92 -14.56
N THR A 732 -5.50 -12.09 -15.10
CA THR A 732 -4.58 -12.70 -16.07
C THR A 732 -4.41 -11.83 -17.30
N MET A 733 -5.46 -11.11 -17.69
CA MET A 733 -5.35 -10.18 -18.81
C MET A 733 -4.44 -9.00 -18.47
N TYR A 734 -4.67 -8.35 -17.34
CA TYR A 734 -3.96 -7.12 -17.03
C TYR A 734 -2.48 -7.40 -16.75
N ILE A 735 -2.20 -8.33 -15.85
CA ILE A 735 -0.83 -8.49 -15.39
C ILE A 735 0.03 -9.22 -16.42
N CYS A 736 -0.47 -10.30 -17.01
CA CYS A 736 0.34 -11.18 -17.85
C CYS A 736 -0.30 -11.37 -19.21
N GLY A 737 -0.64 -10.27 -19.87
CA GLY A 737 -1.36 -10.32 -21.13
C GLY A 737 -0.85 -11.30 -22.16
N ASP A 738 -1.66 -12.31 -22.46
CA ASP A 738 -1.44 -13.29 -23.52
C ASP A 738 0.02 -13.71 -23.67
N SER A 739 0.58 -14.21 -22.57
CA SER A 739 1.91 -14.80 -22.58
C SER A 739 1.91 -16.02 -21.67
N THR A 740 2.49 -17.12 -22.16
CA THR A 740 2.42 -18.37 -21.41
C THR A 740 3.33 -18.34 -20.19
N GLU A 741 4.56 -17.85 -20.35
CA GLU A 741 5.52 -17.83 -19.26
C GLU A 741 5.01 -16.99 -18.09
N CYS A 742 4.44 -15.82 -18.39
CA CYS A 742 3.96 -14.95 -17.33
C CYS A 742 2.82 -15.60 -16.56
N SER A 743 1.90 -16.25 -17.27
CA SER A 743 0.80 -16.94 -16.58
C SER A 743 1.33 -18.09 -15.74
N ASN A 744 2.31 -18.83 -16.25
CA ASN A 744 2.87 -19.94 -15.48
C ASN A 744 3.54 -19.45 -14.20
N LEU A 745 4.27 -18.34 -14.28
CA LEU A 745 4.85 -17.78 -13.07
C LEU A 745 3.79 -17.21 -12.15
N LEU A 746 2.69 -16.69 -12.71
CA LEU A 746 1.67 -16.04 -11.90
C LEU A 746 0.85 -17.06 -11.11
N LEU A 747 0.58 -18.23 -11.69
CA LEU A 747 -0.33 -19.16 -11.04
C LEU A 747 0.18 -19.63 -9.68
N GLN A 748 1.48 -19.48 -9.41
CA GLN A 748 1.97 -19.82 -8.08
C GLN A 748 1.60 -18.76 -7.05
N TYR A 749 1.39 -17.51 -7.48
CA TYR A 749 0.89 -16.50 -6.56
C TYR A 749 -0.57 -16.75 -6.21
N GLY A 750 -1.36 -17.17 -7.17
CA GLY A 750 -2.69 -17.69 -6.92
C GLY A 750 -3.65 -16.72 -6.26
N SER A 751 -3.95 -16.96 -4.99
CA SER A 751 -5.06 -16.32 -4.30
C SER A 751 -4.77 -14.85 -3.99
N PHE A 752 -4.49 -14.09 -5.05
CA PHE A 752 -4.51 -12.63 -4.99
C PHE A 752 -5.65 -12.05 -5.81
N CYS A 753 -5.71 -12.34 -7.11
CA CYS A 753 -6.77 -11.75 -7.90
C CYS A 753 -8.12 -12.40 -7.62
N THR A 754 -8.15 -13.56 -6.99
CA THR A 754 -9.41 -14.08 -6.46
C THR A 754 -9.99 -13.13 -5.41
N GLN A 755 -9.14 -12.67 -4.50
CA GLN A 755 -9.56 -11.71 -3.49
C GLN A 755 -10.07 -10.43 -4.12
N LEU A 756 -9.38 -9.95 -5.15
CA LEU A 756 -9.81 -8.76 -5.85
C LEU A 756 -11.18 -8.98 -6.48
N ASN A 757 -11.40 -10.15 -7.10
CA ASN A 757 -12.69 -10.44 -7.68
C ASN A 757 -13.77 -10.42 -6.62
N ARG A 758 -13.50 -10.99 -5.45
CA ARG A 758 -14.50 -10.99 -4.38
C ARG A 758 -14.85 -9.56 -3.97
N ALA A 759 -13.82 -8.71 -3.79
CA ALA A 759 -14.06 -7.34 -3.34
C ALA A 759 -14.88 -6.56 -4.37
N LEU A 760 -14.50 -6.67 -5.64
CA LEU A 760 -15.24 -5.93 -6.67
C LEU A 760 -16.66 -6.46 -6.83
N THR A 761 -16.86 -7.77 -6.64
CA THR A 761 -18.21 -8.31 -6.65
C THR A 761 -19.04 -7.72 -5.52
N GLY A 762 -18.45 -7.62 -4.32
CA GLY A 762 -19.16 -7.00 -3.22
C GLY A 762 -19.61 -5.58 -3.53
N ILE A 763 -18.69 -4.78 -4.08
CA ILE A 763 -19.04 -3.40 -4.43
C ILE A 763 -20.16 -3.38 -5.48
N ALA A 764 -20.04 -4.23 -6.50
CA ALA A 764 -21.03 -4.23 -7.57
C ALA A 764 -22.42 -4.57 -7.06
N VAL A 765 -22.51 -5.56 -6.16
CA VAL A 765 -23.81 -5.91 -5.61
C VAL A 765 -24.34 -4.79 -4.71
N GLU A 766 -23.45 -4.19 -3.92
CA GLU A 766 -23.88 -3.14 -3.01
C GLU A 766 -24.49 -1.95 -3.75
N GLN A 767 -24.00 -1.65 -4.95
CA GLN A 767 -24.58 -0.54 -5.70
C GLN A 767 -26.05 -0.77 -6.01
N ASP A 768 -26.38 -1.96 -6.55
CA ASP A 768 -27.78 -2.26 -6.84
C ASP A 768 -28.59 -2.30 -5.56
N LYS A 769 -27.99 -2.77 -4.46
CA LYS A 769 -28.71 -2.75 -3.19
C LYS A 769 -29.09 -1.33 -2.80
N ASN A 770 -28.16 -0.39 -2.95
CA ASN A 770 -28.45 1.01 -2.62
C ASN A 770 -29.58 1.56 -3.48
N THR A 771 -29.51 1.32 -4.79
CA THR A 771 -30.55 1.85 -5.66
C THR A 771 -31.92 1.28 -5.30
N GLN A 772 -31.99 -0.03 -5.07
CA GLN A 772 -33.26 -0.65 -4.71
C GLN A 772 -33.79 -0.10 -3.40
N GLU A 773 -32.90 0.08 -2.43
CA GLU A 773 -33.34 0.59 -1.13
C GLU A 773 -33.88 2.01 -1.24
N VAL A 774 -33.23 2.87 -2.01
CA VAL A 774 -33.65 4.26 -2.04
C VAL A 774 -34.92 4.43 -2.85
N PHE A 775 -35.08 3.67 -3.93
CA PHE A 775 -36.19 3.94 -4.84
C PHE A 775 -37.40 3.03 -4.62
N ALA A 776 -37.19 1.71 -4.54
CA ALA A 776 -38.29 0.76 -4.45
C ALA A 776 -38.88 0.79 -3.03
N GLN A 777 -39.53 1.91 -2.72
CA GLN A 777 -40.14 2.11 -1.41
C GLN A 777 -41.60 1.70 -1.37
N VAL A 778 -42.35 1.92 -2.44
CA VAL A 778 -43.77 1.60 -2.49
C VAL A 778 -43.94 0.22 -3.12
N LYS A 779 -44.76 -0.62 -2.49
CA LYS A 779 -44.96 -1.97 -2.99
C LYS A 779 -45.87 -2.01 -4.20
N GLN A 780 -46.89 -1.17 -4.23
CA GLN A 780 -47.90 -1.18 -5.30
C GLN A 780 -47.73 0.05 -6.17
N ILE A 781 -47.71 -0.16 -7.49
CA ILE A 781 -47.48 0.92 -8.44
C ILE A 781 -48.82 1.53 -8.84
N TYR A 782 -48.92 2.85 -8.72
CA TYR A 782 -50.13 3.59 -9.05
C TYR A 782 -49.97 4.28 -10.41
N LYS A 783 -50.96 5.11 -10.74
CA LYS A 783 -50.89 5.92 -11.95
C LYS A 783 -51.75 7.16 -11.76
N THR A 784 -51.40 8.21 -12.51
CA THR A 784 -52.10 9.47 -12.38
C THR A 784 -53.52 9.36 -12.93
N PRO A 785 -54.49 10.04 -12.30
CA PRO A 785 -55.83 10.07 -12.87
C PRO A 785 -55.85 10.88 -14.15
N PRO A 786 -56.76 10.58 -15.08
CA PRO A 786 -56.82 11.38 -16.31
C PRO A 786 -57.16 12.84 -16.06
N ILE A 787 -57.95 13.13 -15.02
CA ILE A 787 -58.41 14.48 -14.79
C ILE A 787 -57.26 15.37 -14.34
N LYS A 788 -57.30 16.64 -14.73
CA LYS A 788 -56.28 17.62 -14.36
C LYS A 788 -56.87 18.77 -13.55
N ASP A 789 -58.00 18.54 -12.88
CA ASP A 789 -58.61 19.55 -12.03
C ASP A 789 -58.07 19.40 -10.61
N PHE A 790 -57.31 20.38 -10.16
CA PHE A 790 -56.65 20.33 -8.86
C PHE A 790 -56.87 21.62 -8.08
N GLY A 791 -58.06 22.19 -8.19
CA GLY A 791 -58.37 23.41 -7.45
C GLY A 791 -57.48 24.57 -7.81
N GLY A 792 -57.04 24.66 -9.06
CA GLY A 792 -56.19 25.72 -9.52
C GLY A 792 -54.71 25.41 -9.49
N PHE A 793 -54.30 24.42 -8.71
CA PHE A 793 -52.90 24.01 -8.69
C PHE A 793 -52.51 23.38 -10.01
N ASN A 794 -51.33 23.71 -10.49
CA ASN A 794 -50.82 23.23 -11.77
C ASN A 794 -49.61 22.33 -11.53
N PHE A 795 -49.68 21.11 -12.06
CA PHE A 795 -48.62 20.12 -11.86
C PHE A 795 -48.03 19.64 -13.18
N SER A 796 -48.31 20.33 -14.30
CA SER A 796 -47.93 19.81 -15.60
C SER A 796 -46.41 19.71 -15.75
N GLN A 797 -45.66 20.49 -14.97
CA GLN A 797 -44.21 20.48 -15.13
C GLN A 797 -43.59 19.16 -14.71
N ILE A 798 -44.07 18.57 -13.61
CA ILE A 798 -43.41 17.42 -13.02
C ILE A 798 -44.06 16.11 -13.47
N LEU A 799 -45.35 16.16 -13.79
CA LEU A 799 -46.05 14.95 -14.20
C LEU A 799 -45.45 14.41 -15.49
N PRO A 800 -45.39 13.10 -15.67
CA PRO A 800 -44.74 12.53 -16.86
C PRO A 800 -45.43 12.98 -18.15
N ASP A 801 -44.62 13.17 -19.18
CA ASP A 801 -45.10 13.66 -20.46
C ASP A 801 -45.35 12.48 -21.39
N PRO A 802 -46.60 12.25 -21.83
CA PRO A 802 -46.86 11.12 -22.74
C PRO A 802 -46.29 11.31 -24.14
N SER A 803 -46.06 12.54 -24.57
CA SER A 803 -45.63 12.76 -25.96
C SER A 803 -44.16 12.37 -26.14
N LYS A 804 -43.35 12.49 -25.10
CA LYS A 804 -41.96 12.09 -25.21
C LYS A 804 -41.84 10.59 -25.39
N PRO A 805 -40.90 10.11 -26.22
CA PRO A 805 -40.74 8.66 -26.37
C PRO A 805 -40.40 7.97 -25.06
N SER A 806 -39.61 8.61 -24.22
CA SER A 806 -39.33 8.13 -22.87
C SER A 806 -40.21 8.90 -21.90
N LYS A 807 -40.91 8.17 -21.04
CA LYS A 807 -41.93 8.76 -20.17
C LYS A 807 -41.23 9.54 -19.05
N ARG A 808 -40.70 10.71 -19.41
CA ARG A 808 -40.02 11.58 -18.48
C ARG A 808 -40.48 13.01 -18.69
N SER A 809 -40.68 13.74 -17.59
CA SER A 809 -41.20 15.09 -17.66
C SER A 809 -40.09 16.07 -18.03
N PRO A 810 -40.36 17.37 -17.89
CA PRO A 810 -39.41 18.38 -18.34
C PRO A 810 -38.15 18.41 -17.48
N ILE A 811 -38.32 18.38 -16.16
CA ILE A 811 -37.18 18.54 -15.26
C ILE A 811 -36.22 17.37 -15.40
N GLU A 812 -36.74 16.15 -15.59
CA GLU A 812 -35.86 15.01 -15.82
C GLU A 812 -35.05 15.20 -17.09
N ASP A 813 -35.68 15.72 -18.15
CA ASP A 813 -34.96 15.96 -19.40
C ASP A 813 -33.85 16.97 -19.20
N LEU A 814 -34.14 18.07 -18.49
CA LEU A 814 -33.11 19.06 -18.24
C LEU A 814 -31.97 18.45 -17.44
N LEU A 815 -32.28 17.66 -16.42
CA LEU A 815 -31.26 17.06 -15.59
C LEU A 815 -30.38 16.10 -16.38
N PHE A 816 -31.00 15.28 -17.24
CA PHE A 816 -30.22 14.37 -18.06
C PHE A 816 -29.31 15.14 -19.01
N ASN A 817 -29.81 16.23 -19.61
CA ASN A 817 -29.01 16.95 -20.58
C ASN A 817 -27.88 17.73 -19.93
N LYS A 818 -28.04 18.16 -18.68
CA LYS A 818 -26.99 18.94 -18.04
C LYS A 818 -25.80 18.08 -17.63
N VAL A 819 -26.00 16.79 -17.36
CA VAL A 819 -24.93 15.90 -16.92
C VAL A 819 -24.56 14.98 -18.08
N THR A 820 -23.27 14.92 -18.40
CA THR A 820 -22.78 14.15 -19.53
C THR A 820 -22.05 12.90 -19.05
N LEU A 821 -21.91 11.94 -19.98
CA LEU A 821 -21.20 10.69 -19.73
C LEU A 821 -21.80 9.92 -18.56
N ALA A 822 -23.13 9.80 -18.57
CA ALA A 822 -23.81 9.06 -17.52
C ALA A 822 -23.36 7.60 -17.50
N ASP A 823 -23.43 6.93 -18.64
CA ASP A 823 -22.98 5.54 -18.79
C ASP A 823 -22.18 5.49 -20.09
N ALA A 824 -20.88 5.76 -20.00
CA ALA A 824 -20.07 5.96 -21.19
C ALA A 824 -19.48 4.64 -21.71
N GLY A 825 -18.64 3.99 -20.91
CA GLY A 825 -18.03 2.75 -21.34
C GLY A 825 -19.03 1.64 -21.57
N PHE A 826 -20.20 1.75 -20.96
CA PHE A 826 -21.25 0.75 -21.16
C PHE A 826 -21.69 0.67 -22.61
N ILE A 827 -21.95 1.82 -23.23
CA ILE A 827 -22.56 1.82 -24.56
C ILE A 827 -21.54 1.55 -25.65
N LYS A 828 -20.25 1.62 -25.35
CA LYS A 828 -19.21 1.37 -26.34
C LYS A 828 -19.18 -0.13 -26.64
N GLN A 829 -19.81 -0.51 -27.75
CA GLN A 829 -19.85 -1.91 -28.12
C GLN A 829 -18.49 -2.38 -28.64
N TYR A 830 -18.24 -3.69 -28.48
CA TYR A 830 -16.97 -4.26 -28.89
C TYR A 830 -16.79 -4.17 -30.40
N GLY A 831 -17.87 -4.27 -31.16
CA GLY A 831 -17.77 -4.11 -32.61
C GLY A 831 -17.25 -2.75 -33.02
N ASP A 832 -17.62 -1.71 -32.26
CA ASP A 832 -17.10 -0.38 -32.53
C ASP A 832 -15.59 -0.35 -32.33
N CYS A 833 -15.10 -1.02 -31.28
CA CYS A 833 -13.66 -1.07 -31.05
C CYS A 833 -12.94 -1.89 -32.12
N LEU A 834 -13.60 -2.89 -32.70
CA LEU A 834 -12.98 -3.68 -33.74
C LEU A 834 -12.65 -2.84 -34.96
N GLY A 835 -13.55 -1.95 -35.35
CA GLY A 835 -13.36 -1.10 -36.50
C GLY A 835 -12.39 0.05 -36.25
N ASP A 836 -12.63 1.17 -36.91
CA ASP A 836 -11.79 2.35 -36.79
C ASP A 836 -12.67 3.60 -36.67
N ILE A 837 -13.02 3.94 -35.43
CA ILE A 837 -13.84 5.10 -35.14
C ILE A 837 -12.94 6.26 -34.74
N ALA A 838 -12.21 6.10 -33.63
CA ALA A 838 -11.33 7.17 -33.16
C ALA A 838 -9.98 6.63 -32.69
N ALA A 839 -9.59 5.44 -33.14
CA ALA A 839 -8.29 4.85 -32.81
C ALA A 839 -8.12 4.69 -31.30
N ARG A 840 -8.96 3.80 -30.74
CA ARG A 840 -8.88 3.42 -29.33
C ARG A 840 -9.07 4.63 -28.42
N ASP A 841 -10.31 5.14 -28.43
CA ASP A 841 -10.63 6.36 -27.69
C ASP A 841 -10.77 6.10 -26.20
N LEU A 842 -9.75 5.46 -25.61
CA LEU A 842 -9.55 5.42 -24.16
C LEU A 842 -10.61 4.59 -23.44
N ILE A 843 -11.63 4.13 -24.16
CA ILE A 843 -12.53 3.11 -23.65
C ILE A 843 -12.23 1.74 -24.25
N CYS A 844 -11.95 1.69 -25.55
CA CYS A 844 -11.49 0.45 -26.16
C CYS A 844 -10.14 0.04 -25.58
N ALA A 845 -9.26 1.01 -25.32
CA ALA A 845 -7.96 0.70 -24.75
C ALA A 845 -8.12 0.07 -23.37
N GLN A 846 -9.02 0.62 -22.54
CA GLN A 846 -9.21 0.06 -21.21
C GLN A 846 -10.03 -1.22 -21.22
N LYS A 847 -10.64 -1.57 -22.36
CA LYS A 847 -11.32 -2.86 -22.46
C LYS A 847 -10.43 -3.94 -23.03
N PHE A 848 -9.40 -3.56 -23.80
CA PHE A 848 -8.46 -4.56 -24.29
C PHE A 848 -7.51 -5.05 -23.22
N ASN A 849 -7.44 -4.38 -22.07
CA ASN A 849 -6.56 -4.77 -20.99
C ASN A 849 -7.29 -5.47 -19.85
N GLY A 850 -8.55 -5.83 -20.04
CA GLY A 850 -9.30 -6.59 -19.07
C GLY A 850 -10.31 -5.79 -18.27
N LEU A 851 -10.08 -4.49 -18.10
CA LEU A 851 -11.01 -3.67 -17.33
C LEU A 851 -12.36 -3.59 -18.03
N ASN A 852 -13.43 -3.67 -17.26
CA ASN A 852 -14.78 -3.69 -17.80
C ASN A 852 -15.69 -2.83 -16.93
N VAL A 853 -16.76 -2.34 -17.54
CA VAL A 853 -17.81 -1.61 -16.84
C VAL A 853 -19.10 -2.41 -16.95
N LEU A 854 -19.85 -2.48 -15.87
CA LEU A 854 -20.98 -3.39 -15.87
C LEU A 854 -22.30 -2.64 -15.84
N PRO A 855 -23.37 -3.24 -16.37
CA PRO A 855 -24.66 -2.56 -16.37
C PRO A 855 -25.19 -2.38 -14.96
N PRO A 856 -25.96 -1.33 -14.71
CA PRO A 856 -26.83 -1.32 -13.54
C PRO A 856 -28.04 -2.20 -13.78
N LEU A 857 -28.65 -2.65 -12.68
CA LEU A 857 -29.80 -3.53 -12.81
C LEU A 857 -31.01 -2.81 -13.39
N LEU A 858 -31.31 -1.63 -12.88
CA LEU A 858 -32.50 -0.88 -13.28
C LEU A 858 -32.12 0.20 -14.29
N THR A 859 -32.72 0.15 -15.47
CA THR A 859 -32.52 1.19 -16.45
C THR A 859 -33.32 2.43 -16.07
N ASP A 860 -33.23 3.45 -16.91
CA ASP A 860 -33.90 4.71 -16.58
C ASP A 860 -35.41 4.60 -16.64
N GLU A 861 -35.94 3.69 -17.48
CA GLU A 861 -37.38 3.59 -17.62
C GLU A 861 -38.03 3.11 -16.33
N MET A 862 -37.47 2.09 -15.69
CA MET A 862 -38.04 1.58 -14.46
C MET A 862 -37.96 2.62 -13.34
N ILE A 863 -36.84 3.34 -13.26
CA ILE A 863 -36.70 4.39 -12.26
C ILE A 863 -37.74 5.47 -12.47
N ALA A 864 -37.94 5.88 -13.73
CA ALA A 864 -38.95 6.89 -14.02
C ALA A 864 -40.34 6.39 -13.66
N GLN A 865 -40.62 5.10 -13.89
CA GLN A 865 -41.92 4.56 -13.52
C GLN A 865 -42.14 4.60 -12.01
N TYR A 866 -41.12 4.21 -11.24
CA TYR A 866 -41.21 4.37 -9.79
C TYR A 866 -41.47 5.81 -9.39
N THR A 867 -40.73 6.74 -9.99
CA THR A 867 -40.89 8.15 -9.63
C THR A 867 -42.30 8.64 -9.91
N SER A 868 -42.83 8.29 -11.09
CA SER A 868 -44.18 8.72 -11.43
C SER A 868 -45.20 8.10 -10.49
N ALA A 869 -45.03 6.82 -10.14
CA ALA A 869 -45.95 6.18 -9.22
C ALA A 869 -45.96 6.88 -7.87
N LEU A 870 -44.76 7.17 -7.34
CA LEU A 870 -44.68 7.85 -6.04
C LEU A 870 -45.33 9.22 -6.11
N LEU A 871 -45.05 9.98 -7.17
CA LEU A 871 -45.60 11.33 -7.27
C LEU A 871 -47.12 11.28 -7.37
N ALA A 872 -47.66 10.36 -8.16
CA ALA A 872 -49.12 10.26 -8.30
C ALA A 872 -49.77 9.86 -6.98
N GLY A 873 -49.18 8.90 -6.28
CA GLY A 873 -49.71 8.53 -4.98
C GLY A 873 -49.71 9.70 -4.03
N THR A 874 -48.63 10.48 -4.02
CA THR A 874 -48.57 11.64 -3.13
C THR A 874 -49.66 12.66 -3.46
N ILE A 875 -49.84 12.96 -4.75
CA ILE A 875 -50.81 14.01 -5.09
C ILE A 875 -52.25 13.54 -4.98
N THR A 876 -52.50 12.23 -4.97
CA THR A 876 -53.88 11.76 -4.89
C THR A 876 -54.31 11.31 -3.50
N SER A 877 -53.48 10.53 -2.80
CA SER A 877 -53.89 9.90 -1.55
C SER A 877 -53.32 10.58 -0.32
N GLY A 878 -52.73 11.77 -0.46
CA GLY A 878 -52.09 12.37 0.69
C GLY A 878 -50.92 11.55 1.16
N TRP A 879 -50.77 11.44 2.48
CA TRP A 879 -49.71 10.63 3.06
C TRP A 879 -50.22 9.33 3.67
N THR A 880 -51.47 8.97 3.40
CA THR A 880 -52.01 7.75 3.99
C THR A 880 -51.40 6.50 3.37
N PHE A 881 -51.04 6.55 2.09
CA PHE A 881 -50.56 5.35 1.42
C PHE A 881 -49.19 4.91 1.88
N GLY A 882 -48.51 5.71 2.70
CA GLY A 882 -47.28 5.26 3.32
C GLY A 882 -47.48 4.26 4.43
N ALA A 883 -48.68 4.23 5.03
CA ALA A 883 -48.97 3.31 6.13
C ALA A 883 -49.68 2.05 5.64
N GLY A 884 -50.87 2.21 5.06
CA GLY A 884 -51.66 1.06 4.65
C GLY A 884 -52.41 1.28 3.35
N PRO A 885 -53.70 0.95 3.34
CA PRO A 885 -54.51 1.14 2.15
C PRO A 885 -54.60 2.62 1.80
N ALA A 886 -54.42 2.93 0.52
CA ALA A 886 -54.50 4.31 0.06
C ALA A 886 -55.92 4.83 0.16
N LEU A 887 -56.05 6.09 0.58
CA LEU A 887 -57.35 6.72 0.79
C LEU A 887 -57.39 8.02 0.00
N GLN A 888 -58.31 8.10 -0.97
CA GLN A 888 -58.39 9.29 -1.80
C GLN A 888 -58.97 10.46 -1.00
N ILE A 889 -58.67 11.67 -1.45
CA ILE A 889 -59.12 12.89 -0.78
C ILE A 889 -58.89 14.05 -1.75
N PRO A 890 -59.72 15.09 -1.74
CA PRO A 890 -59.44 16.26 -2.58
C PRO A 890 -58.13 16.92 -2.17
N PHE A 891 -57.68 17.88 -2.99
CA PHE A 891 -56.41 18.53 -2.75
C PHE A 891 -56.54 19.68 -1.75
N PRO A 892 -57.66 20.42 -1.82
CA PRO A 892 -57.84 21.56 -0.94
C PRO A 892 -57.84 21.15 0.54
N MET A 893 -58.55 20.08 0.89
CA MET A 893 -58.53 19.66 2.28
C MET A 893 -57.18 19.08 2.67
N GLN A 894 -56.46 18.49 1.72
CA GLN A 894 -55.11 18.03 2.03
C GLN A 894 -54.22 19.20 2.43
N MET A 895 -54.28 20.29 1.65
CA MET A 895 -53.52 21.48 2.02
C MET A 895 -54.00 22.06 3.34
N ALA A 896 -55.30 22.00 3.59
CA ALA A 896 -55.84 22.46 4.87
C ALA A 896 -55.26 21.66 6.03
N TYR A 897 -55.18 20.35 5.87
CA TYR A 897 -54.57 19.53 6.91
C TYR A 897 -53.11 19.89 7.12
N ARG A 898 -52.40 20.16 6.02
CA ARG A 898 -50.99 20.54 6.16
C ARG A 898 -50.84 21.83 6.97
N PHE A 899 -51.65 22.85 6.67
CA PHE A 899 -51.57 24.07 7.47
C PHE A 899 -52.03 23.83 8.91
N ASN A 900 -52.98 22.93 9.12
CA ASN A 900 -53.34 22.61 10.49
C ASN A 900 -52.14 22.03 11.23
N GLY A 901 -51.40 21.16 10.57
CA GLY A 901 -50.20 20.60 11.18
C GLY A 901 -49.13 21.64 11.45
N ILE A 902 -48.92 22.55 10.50
CA ILE A 902 -47.82 23.52 10.64
C ILE A 902 -48.07 24.48 11.79
N GLY A 903 -49.31 24.75 12.14
CA GLY A 903 -49.62 25.67 13.22
C GLY A 903 -50.39 26.90 12.77
N VAL A 904 -51.19 26.75 11.72
CA VAL A 904 -52.01 27.84 11.19
C VAL A 904 -53.43 27.34 11.04
N THR A 905 -54.40 28.13 11.48
CA THR A 905 -55.80 27.73 11.41
C THR A 905 -56.22 27.50 9.96
N GLN A 906 -57.13 26.55 9.77
CA GLN A 906 -57.49 26.11 8.43
C GLN A 906 -58.06 27.25 7.59
N ASN A 907 -58.84 28.12 8.22
CA ASN A 907 -59.56 29.14 7.45
C ASN A 907 -58.63 30.07 6.69
N VAL A 908 -57.36 30.12 7.05
CA VAL A 908 -56.41 30.93 6.30
C VAL A 908 -56.31 30.44 4.86
N LEU A 909 -56.24 29.11 4.67
CA LEU A 909 -56.07 28.58 3.33
C LEU A 909 -57.27 28.88 2.45
N TYR A 910 -58.48 28.55 2.93
CA TYR A 910 -59.67 28.66 2.09
C TYR A 910 -59.92 30.11 1.69
N GLU A 911 -59.74 31.05 2.61
CA GLU A 911 -59.95 32.45 2.29
C GLU A 911 -58.88 33.01 1.36
N ASN A 912 -57.81 32.25 1.09
CA ASN A 912 -56.72 32.74 0.24
C ASN A 912 -56.31 31.73 -0.82
N GLN A 913 -57.12 30.70 -1.08
CA GLN A 913 -56.72 29.65 -2.01
C GLN A 913 -56.38 30.23 -3.37
N LYS A 914 -57.24 31.11 -3.90
CA LYS A 914 -56.99 31.70 -5.21
C LYS A 914 -55.64 32.39 -5.25
N LEU A 915 -55.20 33.00 -4.15
CA LEU A 915 -53.88 33.60 -4.11
C LEU A 915 -52.79 32.54 -4.10
N ILE A 916 -52.96 31.51 -3.25
CA ILE A 916 -51.88 30.55 -3.03
C ILE A 916 -51.53 29.83 -4.31
N ALA A 917 -52.55 29.38 -5.05
CA ALA A 917 -52.29 28.71 -6.31
C ALA A 917 -51.51 29.60 -7.27
N ASN A 918 -51.74 30.91 -7.21
CA ASN A 918 -50.99 31.80 -8.09
C ASN A 918 -49.52 31.88 -7.71
N GLN A 919 -49.20 31.68 -6.43
CA GLN A 919 -47.80 31.69 -6.02
C GLN A 919 -47.10 30.40 -6.41
N PHE A 920 -47.63 29.27 -5.95
CA PHE A 920 -46.96 27.98 -6.13
C PHE A 920 -46.73 27.69 -7.61
N ASN A 921 -47.77 27.80 -8.42
CA ASN A 921 -47.62 27.55 -9.86
C ASN A 921 -46.55 28.43 -10.47
N SER A 922 -46.36 29.64 -9.93
CA SER A 922 -45.28 30.50 -10.41
C SER A 922 -43.92 29.94 -10.02
N ALA A 923 -43.76 29.58 -8.74
CA ALA A 923 -42.44 29.28 -8.22
C ALA A 923 -41.78 28.12 -8.97
N ILE A 924 -42.58 27.13 -9.35
CA ILE A 924 -42.04 25.98 -10.07
C ILE A 924 -41.29 26.43 -11.32
N GLY A 925 -41.86 27.37 -12.06
CA GLY A 925 -41.18 27.85 -13.25
C GLY A 925 -39.78 28.37 -12.95
N LYS A 926 -39.65 29.11 -11.85
CA LYS A 926 -38.34 29.63 -11.46
C LYS A 926 -37.31 28.51 -11.40
N ILE A 927 -37.70 27.35 -10.84
CA ILE A 927 -36.77 26.24 -10.68
C ILE A 927 -36.15 25.88 -12.02
N GLN A 928 -36.98 25.80 -13.07
CA GLN A 928 -36.45 25.45 -14.38
C GLN A 928 -35.28 26.36 -14.75
N ASP A 929 -35.47 27.67 -14.58
CA ASP A 929 -34.41 28.61 -14.95
C ASP A 929 -33.12 28.28 -14.22
N SER A 930 -33.20 27.99 -12.92
CA SER A 930 -32.00 27.66 -12.18
C SER A 930 -31.28 26.48 -12.82
N LEU A 931 -32.01 25.40 -13.09
CA LEU A 931 -31.37 24.24 -13.68
C LEU A 931 -30.90 24.50 -15.10
N SER A 932 -31.42 25.54 -15.73
CA SER A 932 -30.97 25.94 -17.06
C SER A 932 -29.92 27.04 -17.02
N SER A 933 -29.58 27.55 -15.84
CA SER A 933 -28.64 28.65 -15.73
C SER A 933 -27.38 28.28 -14.95
N THR A 934 -27.53 27.75 -13.73
CA THR A 934 -26.40 27.43 -12.88
C THR A 934 -25.94 26.01 -13.20
N PRO A 935 -24.85 25.89 -13.96
CA PRO A 935 -24.36 24.57 -14.33
C PRO A 935 -23.74 23.85 -13.14
N SER A 936 -23.06 24.58 -12.26
CA SER A 936 -22.38 23.96 -11.13
C SER A 936 -23.32 23.41 -10.07
N ALA A 937 -24.62 23.69 -10.17
CA ALA A 937 -25.57 23.15 -9.21
C ALA A 937 -25.61 21.63 -9.23
N LEU A 938 -25.24 21.01 -10.35
CA LEU A 938 -25.17 19.56 -10.46
C LEU A 938 -23.76 19.04 -10.23
N GLY A 939 -22.87 19.86 -9.69
CA GLY A 939 -21.50 19.43 -9.47
C GLY A 939 -21.40 18.19 -8.61
N LYS A 940 -22.27 18.07 -7.62
CA LYS A 940 -22.25 16.89 -6.75
C LYS A 940 -22.48 15.60 -7.51
N LEU A 941 -23.15 15.65 -8.66
CA LEU A 941 -23.34 14.47 -9.48
C LEU A 941 -22.31 14.33 -10.58
N GLN A 942 -21.45 15.33 -10.77
CA GLN A 942 -20.44 15.27 -11.82
C GLN A 942 -19.16 14.61 -11.35
N ASP A 943 -18.67 15.01 -10.18
CA ASP A 943 -17.40 14.47 -9.67
C ASP A 943 -17.49 12.96 -9.49
N VAL A 944 -18.61 12.48 -8.97
CA VAL A 944 -18.81 11.05 -8.72
C VAL A 944 -18.58 10.27 -10.00
N VAL A 945 -18.75 10.93 -11.15
CA VAL A 945 -18.35 10.33 -12.41
C VAL A 945 -16.88 10.59 -12.68
N ASN A 946 -16.50 11.87 -12.77
CA ASN A 946 -15.18 12.23 -13.28
C ASN A 946 -14.08 11.55 -12.48
N GLN A 947 -14.09 11.71 -11.16
CA GLN A 947 -13.07 11.09 -10.32
C GLN A 947 -12.95 9.62 -10.66
N ASN A 948 -14.08 8.92 -10.72
CA ASN A 948 -14.07 7.51 -11.09
C ASN A 948 -13.22 7.28 -12.33
N ALA A 949 -13.59 7.91 -13.44
CA ALA A 949 -12.85 7.72 -14.68
C ALA A 949 -11.38 8.00 -14.46
N GLN A 950 -11.06 9.12 -13.80
CA GLN A 950 -9.67 9.49 -13.57
C GLN A 950 -8.92 8.33 -12.93
N ALA A 951 -9.48 7.79 -11.84
CA ALA A 951 -8.81 6.69 -11.16
C ALA A 951 -8.49 5.58 -12.13
N LEU A 952 -9.50 5.13 -12.88
CA LEU A 952 -9.30 4.01 -13.78
C LEU A 952 -8.24 4.35 -14.81
N ASN A 953 -8.26 5.58 -15.32
CA ASN A 953 -7.27 5.96 -16.33
C ASN A 953 -5.87 5.81 -15.77
N THR A 954 -5.66 6.26 -14.53
CA THR A 954 -4.33 6.15 -13.94
C THR A 954 -3.85 4.72 -13.99
N LEU A 955 -4.74 3.78 -13.69
CA LEU A 955 -4.36 2.36 -13.70
C LEU A 955 -3.73 2.00 -15.03
N VAL A 956 -4.37 2.37 -16.13
CA VAL A 956 -3.86 2.01 -17.45
C VAL A 956 -2.48 2.62 -17.65
N LYS A 957 -2.29 3.87 -17.22
CA LYS A 957 -0.99 4.50 -17.41
C LYS A 957 0.07 3.78 -16.60
N GLN A 958 -0.29 3.22 -15.45
CA GLN A 958 0.69 2.48 -14.66
C GLN A 958 1.22 1.26 -15.41
N LEU A 959 0.50 0.81 -16.45
CA LEU A 959 0.98 -0.28 -17.26
C LEU A 959 2.25 0.10 -18.02
N SER A 960 2.45 1.39 -18.30
CA SER A 960 3.62 1.82 -19.04
C SER A 960 4.86 1.94 -18.17
N SER A 961 4.73 1.75 -16.86
CA SER A 961 5.86 1.91 -15.95
C SER A 961 6.87 0.79 -16.15
N ASN A 962 8.09 1.05 -15.71
CA ASN A 962 9.17 0.08 -15.87
C ASN A 962 9.34 -0.81 -14.64
N PHE A 963 9.13 -0.25 -13.45
CA PHE A 963 9.16 -1.01 -12.20
C PHE A 963 10.53 -1.59 -11.91
N GLY A 964 11.58 -1.01 -12.47
CA GLY A 964 12.93 -1.46 -12.18
C GLY A 964 13.44 -2.59 -13.02
N ALA A 965 12.81 -2.88 -14.15
CA ALA A 965 13.27 -3.93 -15.04
C ALA A 965 13.98 -3.31 -16.24
N ILE A 966 14.33 -4.15 -17.22
CA ILE A 966 15.02 -3.67 -18.41
C ILE A 966 14.10 -2.78 -19.23
N SER A 967 12.87 -3.25 -19.49
CA SER A 967 11.93 -2.49 -20.30
C SER A 967 10.53 -2.95 -19.97
N SER A 968 9.58 -2.02 -20.10
CA SER A 968 8.20 -2.28 -19.69
C SER A 968 7.51 -3.32 -20.55
N VAL A 969 7.96 -3.53 -21.79
CA VAL A 969 7.30 -4.47 -22.69
C VAL A 969 7.66 -5.89 -22.26
N LEU A 970 6.64 -6.69 -21.97
CA LEU A 970 6.87 -8.03 -21.46
C LEU A 970 7.46 -8.94 -22.52
N ASN A 971 6.85 -8.95 -23.71
CA ASN A 971 7.30 -9.85 -24.76
C ASN A 971 8.72 -9.53 -25.20
N ASP A 972 9.13 -8.28 -25.08
CA ASP A 972 10.46 -7.87 -25.51
C ASP A 972 11.55 -8.58 -24.69
N ILE A 973 11.53 -8.39 -23.37
CA ILE A 973 12.49 -9.08 -22.54
C ILE A 973 12.24 -10.58 -22.55
N LEU A 974 11.01 -10.99 -22.86
CA LEU A 974 10.75 -12.42 -22.99
C LEU A 974 11.55 -13.03 -24.13
N SER A 975 11.61 -12.35 -25.27
CA SER A 975 12.28 -12.86 -26.45
C SER A 975 13.73 -12.41 -26.56
N ARG A 976 14.21 -11.56 -25.66
CA ARG A 976 15.56 -11.03 -25.77
C ARG A 976 16.52 -11.55 -24.71
N LEU A 977 16.12 -12.56 -23.93
CA LEU A 977 16.98 -13.07 -22.88
C LEU A 977 16.71 -14.55 -22.67
N ASP A 978 17.72 -15.23 -22.12
CA ASP A 978 17.62 -16.64 -21.76
C ASP A 978 16.86 -16.81 -20.45
N PRO A 979 16.32 -18.00 -20.18
CA PRO A 979 15.34 -18.15 -19.10
C PRO A 979 15.88 -18.62 -17.76
N PRO A 980 17.19 -18.55 -17.45
CA PRO A 980 17.58 -18.81 -16.06
C PRO A 980 17.55 -17.59 -15.17
N GLU A 981 17.52 -16.38 -15.75
CA GLU A 981 17.52 -15.16 -14.97
C GLU A 981 16.33 -14.24 -15.25
N ALA A 982 15.64 -14.40 -16.38
CA ALA A 982 14.48 -13.56 -16.67
C ALA A 982 13.39 -13.72 -15.64
N GLU A 983 13.42 -14.81 -14.86
CA GLU A 983 12.48 -14.98 -13.77
C GLU A 983 12.50 -13.79 -12.83
N VAL A 984 13.69 -13.22 -12.59
CA VAL A 984 13.79 -12.04 -11.73
C VAL A 984 13.03 -10.86 -12.33
N GLN A 985 13.19 -10.64 -13.64
CA GLN A 985 12.51 -9.55 -14.30
C GLN A 985 10.99 -9.72 -14.20
N ILE A 986 10.53 -10.94 -14.46
CA ILE A 986 9.09 -11.21 -14.40
C ILE A 986 8.58 -10.99 -12.99
N ASP A 987 9.35 -11.39 -11.98
CA ASP A 987 8.93 -11.18 -10.59
C ASP A 987 8.80 -9.69 -10.30
N ARG A 988 9.76 -8.89 -10.79
CA ARG A 988 9.66 -7.45 -10.62
C ARG A 988 8.34 -6.93 -11.19
N LEU A 989 8.03 -7.30 -12.43
CA LEU A 989 6.81 -6.81 -13.06
C LEU A 989 5.57 -7.24 -12.30
N ILE A 990 5.53 -8.51 -11.87
CA ILE A 990 4.37 -9.03 -11.16
C ILE A 990 4.15 -8.25 -9.87
N THR A 991 5.22 -8.05 -9.10
CA THR A 991 5.10 -7.32 -7.85
C THR A 991 4.56 -5.92 -8.08
N GLY A 992 5.14 -5.20 -9.05
CA GLY A 992 4.69 -3.85 -9.29
C GLY A 992 3.23 -3.77 -9.68
N ARG A 993 2.81 -4.63 -10.62
CA ARG A 993 1.45 -4.52 -11.12
C ARG A 993 0.42 -4.94 -10.08
N LEU A 994 0.70 -6.00 -9.32
CA LEU A 994 -0.21 -6.37 -8.24
C LEU A 994 -0.31 -5.27 -7.20
N GLN A 995 0.81 -4.62 -6.88
CA GLN A 995 0.75 -3.53 -5.91
C GLN A 995 -0.15 -2.39 -6.41
N SER A 996 0.03 -1.99 -7.67
CA SER A 996 -0.78 -0.89 -8.20
C SER A 996 -2.27 -1.26 -8.22
N LEU A 997 -2.58 -2.49 -8.64
CA LEU A 997 -3.97 -2.88 -8.74
C LEU A 997 -4.62 -3.00 -7.36
N GLN A 998 -3.85 -3.45 -6.36
CA GLN A 998 -4.35 -3.45 -5.00
C GLN A 998 -4.64 -2.04 -4.51
N THR A 999 -3.75 -1.09 -4.83
CA THR A 999 -4.01 0.30 -4.45
C THR A 999 -5.32 0.79 -5.04
N TYR A 1000 -5.55 0.49 -6.32
CA TYR A 1000 -6.79 0.91 -6.96
C TYR A 1000 -8.01 0.29 -6.26
N VAL A 1001 -7.91 -0.99 -5.91
CA VAL A 1001 -9.04 -1.65 -5.26
C VAL A 1001 -9.35 -0.99 -3.92
N THR A 1002 -8.32 -0.68 -3.12
CA THR A 1002 -8.56 -0.03 -1.84
C THR A 1002 -9.23 1.33 -2.02
N GLN A 1003 -8.76 2.11 -3.00
CA GLN A 1003 -9.38 3.40 -3.27
C GLN A 1003 -10.87 3.24 -3.58
N GLN A 1004 -11.19 2.29 -4.46
CA GLN A 1004 -12.58 2.07 -4.81
C GLN A 1004 -13.40 1.66 -3.58
N LEU A 1005 -12.81 0.85 -2.70
CA LEU A 1005 -13.53 0.42 -1.51
C LEU A 1005 -13.91 1.61 -0.63
N ILE A 1006 -12.96 2.51 -0.41
CA ILE A 1006 -13.23 3.66 0.47
C ILE A 1006 -14.31 4.54 -0.14
N ARG A 1007 -14.20 4.82 -1.45
CA ARG A 1007 -15.20 5.67 -2.08
C ARG A 1007 -16.58 5.01 -2.06
N ALA A 1008 -16.62 3.68 -2.20
CA ALA A 1008 -17.90 2.99 -2.13
C ALA A 1008 -18.52 3.11 -0.75
N ALA A 1009 -17.70 3.05 0.30
CA ALA A 1009 -18.24 3.24 1.65
C ALA A 1009 -18.85 4.62 1.81
N GLU A 1010 -18.16 5.65 1.31
CA GLU A 1010 -18.73 7.00 1.39
C GLU A 1010 -20.05 7.10 0.65
N ILE A 1011 -20.11 6.54 -0.56
CA ILE A 1011 -21.34 6.59 -1.35
C ILE A 1011 -22.47 5.85 -0.62
N ARG A 1012 -22.13 4.74 0.05
CA ARG A 1012 -23.13 4.01 0.81
C ARG A 1012 -23.73 4.88 1.91
N ALA A 1013 -22.87 5.60 2.63
CA ALA A 1013 -23.40 6.49 3.67
C ALA A 1013 -24.32 7.54 3.07
N SER A 1014 -23.92 8.13 1.95
CA SER A 1014 -24.76 9.16 1.31
C SER A 1014 -26.10 8.58 0.88
N ALA A 1015 -26.09 7.37 0.32
CA ALA A 1015 -27.34 6.75 -0.13
C ALA A 1015 -28.26 6.44 1.04
N ASN A 1016 -27.71 6.00 2.17
CA ASN A 1016 -28.55 5.78 3.34
C ASN A 1016 -29.19 7.07 3.81
N LEU A 1017 -28.42 8.17 3.83
CA LEU A 1017 -29.01 9.45 4.20
C LEU A 1017 -30.11 9.86 3.24
N ALA A 1018 -29.89 9.66 1.94
CA ALA A 1018 -30.91 10.02 0.96
C ALA A 1018 -32.17 9.19 1.13
N ALA A 1019 -32.02 7.90 1.41
CA ALA A 1019 -33.20 7.06 1.64
C ALA A 1019 -33.99 7.52 2.84
N THR A 1020 -33.30 7.85 3.94
CA THR A 1020 -33.99 8.36 5.12
C THR A 1020 -34.72 9.65 4.80
N LYS A 1021 -34.06 10.57 4.10
CA LYS A 1021 -34.69 11.83 3.76
C LYS A 1021 -35.92 11.61 2.90
N MET A 1022 -35.84 10.68 1.95
CA MET A 1022 -37.01 10.35 1.13
C MET A 1022 -38.15 9.87 2.01
N SER A 1023 -37.89 8.88 2.87
CA SER A 1023 -38.96 8.25 3.63
C SER A 1023 -39.65 9.25 4.55
N GLU A 1024 -38.88 10.11 5.22
CA GLU A 1024 -39.53 11.12 6.05
C GLU A 1024 -40.22 12.20 5.24
N CYS A 1025 -39.51 12.87 4.31
CA CYS A 1025 -40.08 14.04 3.67
C CYS A 1025 -41.28 13.68 2.79
N VAL A 1026 -41.12 12.70 1.90
CA VAL A 1026 -42.15 12.49 0.87
C VAL A 1026 -43.38 11.83 1.46
N LEU A 1027 -43.22 10.66 2.09
CA LEU A 1027 -44.37 9.89 2.55
C LEU A 1027 -45.04 10.46 3.78
N GLY A 1028 -44.46 11.49 4.41
CA GLY A 1028 -45.06 12.09 5.57
C GLY A 1028 -44.83 13.58 5.63
N GLN A 1029 -45.02 14.18 6.81
CA GLN A 1029 -44.72 15.59 7.03
C GLN A 1029 -43.69 15.68 8.15
N SER A 1030 -42.66 16.48 7.93
CA SER A 1030 -41.51 16.54 8.83
C SER A 1030 -41.71 17.60 9.90
N LYS A 1031 -41.53 17.22 11.16
CA LYS A 1031 -41.52 18.16 12.26
C LYS A 1031 -40.11 18.47 12.74
N ARG A 1032 -39.09 17.98 12.04
CA ARG A 1032 -37.71 18.34 12.32
C ARG A 1032 -37.35 19.59 11.55
N VAL A 1033 -36.33 20.29 12.04
CA VAL A 1033 -35.93 21.57 11.47
C VAL A 1033 -34.87 21.34 10.40
N ASP A 1034 -35.05 21.98 9.25
CA ASP A 1034 -34.09 22.02 8.15
C ASP A 1034 -33.84 20.67 7.50
N PHE A 1035 -34.54 19.62 7.91
CA PHE A 1035 -34.35 18.33 7.26
C PHE A 1035 -34.90 18.35 5.84
N CYS A 1036 -36.12 18.84 5.67
CA CYS A 1036 -36.73 18.97 4.35
C CYS A 1036 -36.85 20.47 4.06
N GLY A 1037 -35.90 20.99 3.29
CA GLY A 1037 -35.92 22.40 2.93
C GLY A 1037 -35.53 23.29 4.09
N LYS A 1038 -35.58 24.59 3.84
CA LYS A 1038 -35.28 25.62 4.83
C LYS A 1038 -36.56 26.38 5.16
N GLY A 1039 -36.89 26.44 6.44
CA GLY A 1039 -38.11 27.06 6.89
C GLY A 1039 -39.12 26.04 7.37
N TYR A 1040 -40.36 26.51 7.50
CA TYR A 1040 -41.45 25.63 7.89
C TYR A 1040 -41.80 24.70 6.73
N HIS A 1041 -41.75 23.39 6.97
CA HIS A 1041 -41.91 22.42 5.89
C HIS A 1041 -43.37 22.13 5.61
N LEU A 1042 -43.70 21.96 4.33
CA LEU A 1042 -45.03 21.56 3.91
C LEU A 1042 -45.03 20.19 3.23
N MET A 1043 -44.25 20.00 2.18
CA MET A 1043 -44.34 18.73 1.42
C MET A 1043 -43.15 18.68 0.46
N SER A 1044 -43.09 17.63 -0.37
CA SER A 1044 -41.94 17.46 -1.24
C SER A 1044 -42.30 16.61 -2.44
N PHE A 1045 -41.43 16.68 -3.46
CA PHE A 1045 -41.55 15.93 -4.69
C PHE A 1045 -40.21 15.35 -5.10
N PRO A 1046 -40.19 14.10 -5.59
CA PRO A 1046 -38.94 13.51 -6.04
C PRO A 1046 -38.73 13.65 -7.55
N GLN A 1047 -37.47 13.54 -7.95
CA GLN A 1047 -37.08 13.50 -9.35
C GLN A 1047 -35.83 12.64 -9.47
N SER A 1048 -35.68 11.99 -10.62
CA SER A 1048 -34.52 11.16 -10.88
C SER A 1048 -33.42 11.98 -11.53
N ALA A 1049 -32.21 11.42 -11.55
CA ALA A 1049 -31.08 12.05 -12.22
C ALA A 1049 -29.99 11.00 -12.37
N PRO A 1050 -29.05 11.19 -13.32
CA PRO A 1050 -28.02 10.18 -13.53
C PRO A 1050 -27.23 9.89 -12.27
N HIS A 1051 -27.37 8.68 -11.74
CA HIS A 1051 -26.72 8.28 -10.50
C HIS A 1051 -27.06 9.22 -9.35
N GLY A 1052 -28.33 9.61 -9.24
CA GLY A 1052 -28.70 10.47 -8.14
C GLY A 1052 -30.18 10.80 -8.13
N VAL A 1053 -30.58 11.46 -7.05
CA VAL A 1053 -31.96 11.87 -6.84
C VAL A 1053 -31.97 13.36 -6.55
N VAL A 1054 -33.09 14.01 -6.88
CA VAL A 1054 -33.28 15.44 -6.67
C VAL A 1054 -34.60 15.65 -5.97
N PHE A 1055 -34.60 16.43 -4.90
CA PHE A 1055 -35.81 16.70 -4.13
C PHE A 1055 -36.22 18.15 -4.34
N LEU A 1056 -37.51 18.36 -4.56
CA LEU A 1056 -38.12 19.70 -4.58
C LEU A 1056 -38.96 19.83 -3.31
N HIS A 1057 -38.51 20.66 -2.39
CA HIS A 1057 -39.19 20.87 -1.12
C HIS A 1057 -40.08 22.09 -1.22
N VAL A 1058 -41.36 21.92 -0.88
CA VAL A 1058 -42.32 23.00 -0.82
C VAL A 1058 -42.47 23.40 0.64
N THR A 1059 -42.15 24.65 0.94
CA THR A 1059 -42.09 25.15 2.31
C THR A 1059 -42.78 26.50 2.42
N TYR A 1060 -43.15 26.85 3.65
CA TYR A 1060 -43.94 28.03 3.96
C TYR A 1060 -43.13 28.95 4.86
N VAL A 1061 -43.03 30.23 4.48
CA VAL A 1061 -42.20 31.15 5.26
C VAL A 1061 -42.88 32.50 5.40
N PRO A 1062 -42.93 33.07 6.60
CA PRO A 1062 -43.71 34.29 6.81
C PRO A 1062 -43.10 35.52 6.15
N ALA A 1063 -43.98 36.41 5.71
CA ALA A 1063 -43.61 37.68 5.08
C ALA A 1063 -43.57 38.79 6.13
N GLN A 1064 -43.62 40.05 5.67
CA GLN A 1064 -43.49 41.21 6.53
C GLN A 1064 -44.40 41.14 7.75
N GLU A 1065 -43.98 41.82 8.83
CA GLU A 1065 -44.60 41.70 10.13
C GLU A 1065 -44.86 43.08 10.72
N LYS A 1066 -45.56 43.10 11.85
CA LYS A 1066 -45.80 44.31 12.61
C LYS A 1066 -45.65 43.99 14.09
N ASN A 1067 -45.22 44.99 14.87
CA ASN A 1067 -44.98 44.79 16.29
C ASN A 1067 -46.01 45.54 17.14
N PHE A 1068 -46.36 44.94 18.26
CA PHE A 1068 -47.35 45.48 19.17
C PHE A 1068 -46.87 45.29 20.60
N THR A 1069 -47.69 45.73 21.55
CA THR A 1069 -47.42 45.60 22.98
C THR A 1069 -48.27 44.49 23.56
N THR A 1070 -47.64 43.61 24.33
CA THR A 1070 -48.32 42.43 24.87
C THR A 1070 -48.24 42.43 26.38
N ALA A 1071 -48.91 41.45 26.99
CA ALA A 1071 -48.92 41.25 28.42
C ALA A 1071 -49.12 39.76 28.68
N PRO A 1072 -48.34 39.15 29.55
CA PRO A 1072 -48.46 37.70 29.76
C PRO A 1072 -49.83 37.26 30.24
N ALA A 1073 -50.46 38.03 31.11
CA ALA A 1073 -51.72 37.63 31.72
C ALA A 1073 -52.65 38.82 31.82
N ILE A 1074 -53.94 38.52 32.02
CA ILE A 1074 -54.98 39.53 32.13
C ILE A 1074 -55.84 39.20 33.35
N CYS A 1075 -56.09 40.22 34.18
CA CYS A 1075 -56.90 40.07 35.38
C CYS A 1075 -58.22 40.80 35.19
N HIS A 1076 -59.32 40.10 35.48
CA HIS A 1076 -60.66 40.67 35.30
C HIS A 1076 -61.38 40.85 36.63
N ASP A 1077 -61.53 39.78 37.41
CA ASP A 1077 -62.26 39.83 38.67
C ASP A 1077 -61.43 39.24 39.79
N GLY A 1078 -60.16 39.61 39.85
CA GLY A 1078 -59.25 39.03 40.82
C GLY A 1078 -58.73 37.66 40.46
N LYS A 1079 -59.09 37.13 39.30
CA LYS A 1079 -58.64 35.83 38.83
C LYS A 1079 -57.89 36.00 37.53
N ALA A 1080 -56.72 35.39 37.44
CA ALA A 1080 -55.90 35.49 36.24
C ALA A 1080 -56.55 34.76 35.08
N HIS A 1081 -56.17 35.14 33.87
CA HIS A 1081 -56.60 34.47 32.65
C HIS A 1081 -55.40 34.22 31.76
N PHE A 1082 -55.34 33.03 31.19
CA PHE A 1082 -54.26 32.70 30.27
C PHE A 1082 -54.85 32.17 28.97
N PRO A 1083 -54.26 32.51 27.83
CA PRO A 1083 -54.86 32.12 26.55
C PRO A 1083 -54.85 30.61 26.38
N ARG A 1084 -55.93 30.09 25.78
CA ARG A 1084 -55.97 28.67 25.47
C ARG A 1084 -54.88 28.31 24.47
N GLU A 1085 -54.72 29.13 23.44
CA GLU A 1085 -53.60 29.01 22.52
C GLU A 1085 -53.39 30.37 21.87
N GLY A 1086 -52.13 30.68 21.58
CA GLY A 1086 -51.81 31.97 21.00
C GLY A 1086 -51.17 32.92 21.98
N VAL A 1087 -51.57 34.19 21.95
CA VAL A 1087 -50.94 35.21 22.77
C VAL A 1087 -51.86 36.42 22.82
N PHE A 1088 -51.75 37.18 23.92
CA PHE A 1088 -52.47 38.43 24.07
C PHE A 1088 -51.73 39.53 23.34
N VAL A 1089 -52.49 40.38 22.64
CA VAL A 1089 -51.93 41.49 21.89
C VAL A 1089 -52.76 42.73 22.18
N SER A 1090 -52.17 43.89 21.96
CA SER A 1090 -52.85 45.15 22.25
C SER A 1090 -52.34 46.21 21.28
N ASN A 1091 -53.25 46.75 20.46
CA ASN A 1091 -52.88 47.78 19.50
C ASN A 1091 -52.83 49.17 20.12
N GLY A 1092 -52.79 49.26 21.44
CA GLY A 1092 -52.72 50.54 22.13
C GLY A 1092 -54.02 51.02 22.73
N THR A 1093 -55.13 50.42 22.38
CA THR A 1093 -56.41 50.84 22.95
C THR A 1093 -57.19 49.70 23.57
N HIS A 1094 -57.13 48.49 22.99
CA HIS A 1094 -57.86 47.35 23.50
C HIS A 1094 -56.94 46.13 23.48
N TRP A 1095 -57.51 44.96 23.78
CA TRP A 1095 -56.74 43.74 23.88
C TRP A 1095 -57.45 42.62 23.14
N PHE A 1096 -56.66 41.71 22.57
CA PHE A 1096 -57.18 40.63 21.74
C PHE A 1096 -56.28 39.41 21.92
N VAL A 1097 -56.70 38.31 21.31
CA VAL A 1097 -55.93 37.07 21.30
C VAL A 1097 -55.62 36.71 19.85
N THR A 1098 -54.44 36.12 19.63
CA THR A 1098 -54.07 35.75 18.27
C THR A 1098 -53.03 34.64 18.31
N GLN A 1099 -53.12 33.71 17.37
CA GLN A 1099 -52.09 32.69 17.27
C GLN A 1099 -50.79 33.30 16.72
N ARG A 1100 -49.71 32.54 16.84
CA ARG A 1100 -48.38 33.10 16.66
C ARG A 1100 -48.10 33.45 15.20
N ASN A 1101 -48.42 32.55 14.28
CA ASN A 1101 -47.88 32.62 12.93
C ASN A 1101 -48.75 33.42 11.96
N PHE A 1102 -49.83 34.02 12.44
CA PHE A 1102 -50.64 34.87 11.57
C PHE A 1102 -51.35 35.90 12.43
N TYR A 1103 -51.82 36.97 11.79
CA TYR A 1103 -52.50 38.06 12.47
C TYR A 1103 -54.00 37.94 12.23
N GLU A 1104 -54.74 37.71 13.30
CA GLU A 1104 -56.20 37.66 13.25
C GLU A 1104 -56.76 37.98 14.62
N PRO A 1105 -57.09 39.24 14.90
CA PRO A 1105 -57.57 39.61 16.24
C PRO A 1105 -58.92 38.97 16.55
N GLN A 1106 -59.13 38.73 17.84
CA GLN A 1106 -60.36 38.13 18.34
C GLN A 1106 -60.74 38.78 19.65
N ILE A 1107 -62.03 38.70 19.99
CA ILE A 1107 -62.49 39.21 21.28
C ILE A 1107 -62.08 38.24 22.37
N ILE A 1108 -61.70 38.78 23.53
CA ILE A 1108 -61.27 37.96 24.64
C ILE A 1108 -62.48 37.40 25.36
N THR A 1109 -62.94 36.23 24.94
CA THR A 1109 -64.11 35.60 25.52
C THR A 1109 -63.68 34.66 26.65
N THR A 1110 -64.64 33.89 27.16
CA THR A 1110 -64.30 32.84 28.13
C THR A 1110 -63.71 31.63 27.44
N ASP A 1111 -64.17 31.31 26.23
CA ASP A 1111 -63.68 30.12 25.53
C ASP A 1111 -62.22 30.23 25.16
N ASN A 1112 -61.77 31.42 24.75
CA ASN A 1112 -60.41 31.59 24.28
C ASN A 1112 -59.36 31.53 25.39
N THR A 1113 -59.78 31.57 26.66
CA THR A 1113 -58.83 31.59 27.76
C THR A 1113 -59.30 30.63 28.84
N PHE A 1114 -58.42 30.42 29.82
CA PHE A 1114 -58.75 29.63 31.00
C PHE A 1114 -58.21 30.32 32.23
N VAL A 1115 -58.91 30.11 33.35
CA VAL A 1115 -58.65 30.84 34.60
C VAL A 1115 -57.89 29.93 35.54
N SER A 1116 -56.85 30.46 36.17
CA SER A 1116 -56.06 29.68 37.12
C SER A 1116 -55.47 30.63 38.15
N GLY A 1117 -56.07 30.65 39.34
CA GLY A 1117 -55.51 31.37 40.47
C GLY A 1117 -55.78 32.86 40.45
N ASN A 1118 -55.44 33.50 41.56
CA ASN A 1118 -55.62 34.93 41.71
C ASN A 1118 -54.58 35.67 40.88
N CYS A 1119 -54.82 36.97 40.67
CA CYS A 1119 -53.98 37.80 39.81
C CYS A 1119 -53.04 38.69 40.60
N ASP A 1120 -52.46 38.18 41.68
CA ASP A 1120 -51.49 38.93 42.47
C ASP A 1120 -50.09 38.32 42.47
N VAL A 1121 -49.86 37.25 41.71
CA VAL A 1121 -48.56 36.60 41.70
C VAL A 1121 -47.84 36.75 40.37
N VAL A 1122 -48.56 36.76 39.25
CA VAL A 1122 -47.91 36.92 37.96
C VAL A 1122 -47.33 38.33 37.85
N ILE A 1123 -46.21 38.44 37.14
CA ILE A 1123 -45.52 39.71 36.95
C ILE A 1123 -45.89 40.28 35.58
N GLY A 1124 -46.30 41.54 35.56
CA GLY A 1124 -46.62 42.22 34.32
C GLY A 1124 -48.07 42.17 33.91
N ILE A 1125 -48.96 41.71 34.76
CA ILE A 1125 -50.37 41.65 34.41
C ILE A 1125 -50.90 43.07 34.20
N VAL A 1126 -51.96 43.18 33.41
CA VAL A 1126 -52.58 44.47 33.11
C VAL A 1126 -54.07 44.34 33.36
N ASN A 1127 -54.70 45.49 33.58
CA ASN A 1127 -56.12 45.53 33.95
C ASN A 1127 -56.99 45.62 32.70
N ASN A 1128 -58.01 44.77 32.65
CA ASN A 1128 -59.05 44.87 31.63
C ASN A 1128 -60.18 43.92 32.03
N THR A 1129 -61.38 44.25 31.56
CA THR A 1129 -62.52 43.38 31.76
C THR A 1129 -62.53 42.27 30.72
N VAL A 1130 -62.86 41.06 31.15
CA VAL A 1130 -62.90 39.90 30.28
C VAL A 1130 -64.34 39.72 29.82
N TYR A 1131 -64.54 39.81 28.51
CA TYR A 1131 -65.88 39.64 27.94
C TYR A 1131 -66.31 38.19 28.12
N ASP A 1132 -67.53 38.01 28.62
CA ASP A 1132 -68.08 36.67 28.81
C ASP A 1132 -69.17 36.44 27.78
N PRO A 1133 -68.99 35.50 26.83
CA PRO A 1133 -70.00 35.34 25.77
C PRO A 1133 -71.37 34.94 26.27
N LEU A 1134 -71.47 34.29 27.45
CA LEU A 1134 -72.76 33.93 28.01
C LEU A 1134 -73.49 35.14 28.59
N GLN A 1135 -72.75 36.18 28.97
CA GLN A 1135 -73.36 37.35 29.58
C GLN A 1135 -74.34 38.07 28.66
N PRO A 1136 -74.01 38.39 27.41
CA PRO A 1136 -75.03 39.06 26.57
C PRO A 1136 -76.27 38.22 26.33
N GLU A 1137 -76.12 36.90 26.19
CA GLU A 1137 -77.27 36.04 26.03
C GLU A 1137 -78.16 36.09 27.27
N LEU A 1138 -77.55 36.02 28.46
CA LEU A 1138 -78.35 36.15 29.67
C LEU A 1138 -78.94 37.55 29.83
N ASP A 1139 -78.24 38.58 29.34
CA ASP A 1139 -78.81 39.93 29.38
C ASP A 1139 -80.07 40.02 28.51
N SER A 1140 -80.00 39.47 27.30
CA SER A 1140 -81.18 39.46 26.43
C SER A 1140 -82.31 38.66 27.04
N PHE A 1141 -81.98 37.50 27.62
CA PHE A 1141 -83.02 36.68 28.25
C PHE A 1141 -83.64 37.38 29.45
N LYS A 1142 -82.82 38.05 30.26
CA LYS A 1142 -83.34 38.79 31.40
C LYS A 1142 -84.22 39.94 30.97
N GLU A 1143 -83.82 40.66 29.91
CA GLU A 1143 -84.64 41.76 29.42
C GLU A 1143 -85.96 41.26 28.86
N GLU A 1144 -85.94 40.15 28.13
CA GLU A 1144 -87.18 39.58 27.63
C GLU A 1144 -88.07 39.10 28.76
N LEU A 1145 -87.47 38.48 29.78
CA LEU A 1145 -88.24 38.01 30.93
C LEU A 1145 -88.85 39.18 31.69
N ASP A 1146 -88.11 40.29 31.83
CA ASP A 1146 -88.65 41.45 32.52
C ASP A 1146 -89.72 42.15 31.68
N LYS A 1147 -89.59 42.10 30.35
CA LYS A 1147 -90.67 42.59 29.49
C LYS A 1147 -91.94 41.75 29.69
N TYR A 1148 -91.78 40.43 29.77
CA TYR A 1148 -92.93 39.57 30.01
C TYR A 1148 -93.51 39.78 31.40
N PHE A 1149 -92.66 40.06 32.39
CA PHE A 1149 -93.15 40.38 33.73
C PHE A 1149 -93.90 41.70 33.73
N LYS A 1150 -93.42 42.69 32.96
CA LYS A 1150 -94.14 43.96 32.85
C LYS A 1150 -95.48 43.76 32.15
N ASN A 1151 -95.54 42.86 31.18
CA ASN A 1151 -96.82 42.48 30.60
C ASN A 1151 -97.72 41.82 31.64
N HIS A 1152 -97.17 40.93 32.46
CA HIS A 1152 -97.94 40.20 33.46
C HIS A 1152 -98.35 41.08 34.64
N THR A 1153 -97.75 42.27 34.78
CA THR A 1153 -98.15 43.18 35.85
C THR A 1153 -99.62 43.57 35.72
N SER A 1154 -100.09 43.78 34.48
CA SER A 1154 -101.49 44.16 34.28
C SER A 1154 -102.46 43.09 34.76
N PRO A 1155 -102.31 41.80 34.41
CA PRO A 1155 -103.21 40.82 35.03
C PRO A 1155 -102.83 40.53 36.48
N GLN B 14 17.71 -66.19 -36.05
CA GLN B 14 16.60 -66.20 -37.00
C GLN B 14 15.58 -65.13 -36.65
N CYS B 15 14.45 -65.14 -37.35
CA CYS B 15 13.37 -64.18 -37.12
C CYS B 15 12.03 -64.90 -37.19
N VAL B 16 11.02 -64.30 -36.60
CA VAL B 16 9.67 -64.82 -36.60
C VAL B 16 8.74 -63.82 -37.28
N ASN B 17 7.85 -64.31 -38.13
CA ASN B 17 6.89 -63.48 -38.83
C ASN B 17 5.54 -64.21 -38.85
N LEU B 18 4.47 -63.43 -39.01
CA LEU B 18 3.12 -63.96 -39.01
C LEU B 18 2.37 -63.52 -40.27
N THR B 19 1.50 -64.39 -40.76
CA THR B 19 0.64 -64.10 -41.90
C THR B 19 -0.84 -64.20 -41.59
N THR B 20 -1.22 -64.90 -40.52
CA THR B 20 -2.63 -65.02 -40.12
C THR B 20 -2.95 -63.84 -39.21
N ARG B 21 -3.35 -62.73 -39.81
CA ARG B 21 -3.62 -61.50 -39.08
C ARG B 21 -4.86 -60.83 -39.65
N THR B 22 -5.42 -59.90 -38.87
CA THR B 22 -6.56 -59.11 -39.29
C THR B 22 -6.22 -57.64 -39.13
N GLN B 23 -6.61 -56.83 -40.11
CA GLN B 23 -6.39 -55.39 -40.10
C GLN B 23 -7.72 -54.66 -40.02
N LEU B 24 -7.78 -53.64 -39.17
CA LEU B 24 -9.00 -52.89 -38.91
C LEU B 24 -8.78 -51.40 -39.15
N PRO B 25 -9.82 -50.67 -39.51
CA PRO B 25 -9.69 -49.20 -39.65
C PRO B 25 -9.48 -48.55 -38.29
N PRO B 26 -9.03 -47.29 -38.26
CA PRO B 26 -8.81 -46.63 -36.97
C PRO B 26 -10.09 -46.55 -36.16
N ALA B 27 -9.96 -46.78 -34.86
CA ALA B 27 -11.08 -46.79 -33.94
C ALA B 27 -10.90 -45.71 -32.89
N TYR B 28 -11.91 -44.86 -32.73
CA TYR B 28 -11.88 -43.72 -31.84
C TYR B 28 -12.76 -43.98 -30.64
N THR B 29 -12.30 -43.56 -29.46
CA THR B 29 -13.09 -43.65 -28.25
C THR B 29 -12.74 -42.42 -27.41
N ASN B 30 -13.30 -42.33 -26.20
CA ASN B 30 -13.01 -41.21 -25.32
C ASN B 30 -13.31 -41.61 -23.88
N SER B 31 -12.30 -41.43 -23.02
CA SER B 31 -12.32 -41.93 -21.65
C SER B 31 -13.23 -41.14 -20.72
N PHE B 32 -13.23 -39.81 -20.87
CA PHE B 32 -14.02 -38.83 -20.14
C PHE B 32 -13.48 -38.58 -18.74
N THR B 33 -12.56 -39.40 -18.24
CA THR B 33 -12.08 -39.21 -16.88
C THR B 33 -10.63 -39.61 -16.64
N ARG B 34 -9.89 -40.04 -17.65
CA ARG B 34 -8.63 -40.75 -17.43
C ARG B 34 -7.44 -39.84 -17.68
N GLY B 35 -6.35 -40.10 -16.94
CA GLY B 35 -5.09 -39.43 -17.16
C GLY B 35 -4.58 -38.61 -15.99
N VAL B 36 -4.96 -39.01 -14.77
CA VAL B 36 -4.62 -38.25 -13.57
C VAL B 36 -3.69 -39.11 -12.71
N TYR B 37 -2.57 -38.53 -12.31
CA TYR B 37 -1.56 -39.24 -11.52
C TYR B 37 -1.06 -38.33 -10.41
N TYR B 38 -0.56 -38.96 -9.35
CA TYR B 38 0.02 -38.25 -8.22
C TYR B 38 1.15 -37.36 -8.71
N PRO B 39 0.98 -36.04 -8.68
CA PRO B 39 2.00 -35.16 -9.27
C PRO B 39 3.38 -35.30 -8.66
N ASP B 40 3.47 -35.52 -7.35
CA ASP B 40 4.76 -35.62 -6.69
C ASP B 40 4.60 -36.42 -5.40
N LYS B 41 5.72 -36.86 -4.87
CA LYS B 41 5.73 -37.77 -3.72
C LYS B 41 5.89 -37.01 -2.41
N VAL B 42 4.90 -36.18 -2.10
CA VAL B 42 4.76 -35.54 -0.80
C VAL B 42 3.31 -35.67 -0.35
N PHE B 43 3.12 -36.08 0.89
CA PHE B 43 1.78 -36.38 1.38
C PHE B 43 0.99 -35.10 1.59
N ARG B 44 -0.32 -35.19 1.37
CA ARG B 44 -1.25 -34.10 1.63
C ARG B 44 -2.58 -34.71 2.06
N SER B 45 -3.42 -33.88 2.68
CA SER B 45 -4.72 -34.35 3.15
C SER B 45 -5.67 -33.18 3.29
N SER B 46 -6.89 -33.35 2.75
CA SER B 46 -7.95 -32.34 2.83
C SER B 46 -7.49 -31.01 2.24
N VAL B 47 -7.02 -31.06 1.01
CA VAL B 47 -6.46 -29.90 0.32
C VAL B 47 -6.95 -29.89 -1.12
N LEU B 48 -7.29 -28.70 -1.61
CA LEU B 48 -7.55 -28.48 -3.04
C LEU B 48 -6.31 -27.84 -3.63
N HIS B 49 -5.56 -28.64 -4.40
CA HIS B 49 -4.32 -28.18 -5.00
C HIS B 49 -4.53 -27.81 -6.45
N SER B 50 -3.69 -26.90 -6.96
CA SER B 50 -3.75 -26.46 -8.34
C SER B 50 -2.36 -26.55 -8.95
N THR B 51 -2.19 -27.40 -9.96
CA THR B 51 -0.89 -27.58 -10.57
C THR B 51 -1.04 -27.67 -12.08
N GLN B 52 -0.04 -27.16 -12.79
CA GLN B 52 0.00 -27.19 -14.24
C GLN B 52 1.14 -28.09 -14.69
N ASP B 53 0.82 -29.07 -15.53
CA ASP B 53 1.82 -30.02 -16.01
C ASP B 53 1.23 -30.77 -17.19
N LEU B 54 1.95 -31.81 -17.63
CA LEU B 54 1.52 -32.62 -18.77
C LEU B 54 0.45 -33.60 -18.29
N PHE B 55 -0.77 -33.43 -18.77
CA PHE B 55 -1.88 -34.30 -18.43
C PHE B 55 -2.61 -34.68 -19.71
N LEU B 56 -3.39 -35.75 -19.63
CA LEU B 56 -4.23 -36.16 -20.74
C LEU B 56 -5.54 -35.39 -20.68
N PRO B 57 -5.88 -34.61 -21.71
CA PRO B 57 -7.09 -33.78 -21.63
C PRO B 57 -8.34 -34.63 -21.45
N PHE B 58 -9.29 -34.11 -20.68
CA PHE B 58 -10.56 -34.77 -20.52
C PHE B 58 -11.31 -34.81 -21.85
N PHE B 59 -12.08 -35.88 -22.06
CA PHE B 59 -12.93 -36.03 -23.24
C PHE B 59 -12.11 -35.97 -24.53
N SER B 60 -11.11 -36.85 -24.60
CA SER B 60 -10.18 -36.87 -25.73
C SER B 60 -10.32 -38.17 -26.50
N ASN B 61 -10.09 -38.08 -27.82
CA ASN B 61 -10.18 -39.24 -28.70
C ASN B 61 -8.96 -40.14 -28.50
N VAL B 62 -9.15 -41.19 -27.71
CA VAL B 62 -8.15 -42.24 -27.57
C VAL B 62 -8.28 -43.20 -28.75
N THR B 63 -7.17 -43.80 -29.17
CA THR B 63 -7.14 -44.70 -30.31
C THR B 63 -7.12 -46.14 -29.84
N TRP B 64 -7.93 -46.97 -30.49
CA TRP B 64 -8.21 -48.34 -30.06
C TRP B 64 -7.52 -49.32 -31.01
N PHE B 65 -6.85 -50.33 -30.46
CA PHE B 65 -6.22 -51.37 -31.25
C PHE B 65 -6.60 -52.72 -30.68
N HIS B 66 -6.87 -53.69 -31.56
CA HIS B 66 -7.30 -55.02 -31.20
C HIS B 66 -6.16 -56.01 -31.32
N ALA B 67 -6.34 -57.18 -30.70
CA ALA B 67 -5.36 -58.26 -30.78
C ALA B 67 -6.12 -59.56 -30.53
N ILE B 68 -6.44 -60.26 -31.62
CA ILE B 68 -7.17 -61.52 -31.54
C ILE B 68 -6.53 -62.54 -32.47
N LYS B 77 -4.05 -64.15 -35.90
CA LYS B 77 -5.48 -64.13 -36.21
C LYS B 77 -5.95 -62.68 -36.37
N ARG B 78 -5.47 -61.81 -35.48
CA ARG B 78 -5.76 -60.37 -35.56
C ARG B 78 -4.60 -59.64 -34.90
N PHE B 79 -3.68 -59.13 -35.71
CA PHE B 79 -2.47 -58.48 -35.22
C PHE B 79 -2.43 -57.04 -35.72
N ASP B 80 -2.15 -56.11 -34.80
CA ASP B 80 -2.09 -54.69 -35.15
C ASP B 80 -1.10 -54.01 -34.20
N ASN B 81 0.05 -53.58 -34.74
CA ASN B 81 0.98 -52.78 -33.95
C ASN B 81 1.91 -51.99 -34.87
N PRO B 82 1.41 -50.95 -35.54
CA PRO B 82 2.29 -50.12 -36.37
C PRO B 82 3.25 -49.27 -35.55
N VAL B 83 4.06 -48.46 -36.22
CA VAL B 83 5.00 -47.59 -35.53
C VAL B 83 4.24 -46.33 -35.10
N LEU B 84 3.90 -46.27 -33.83
CA LEU B 84 3.12 -45.15 -33.28
C LEU B 84 4.03 -43.98 -32.97
N PRO B 85 3.74 -42.79 -33.49
CA PRO B 85 4.53 -41.62 -33.11
C PRO B 85 4.44 -41.35 -31.61
N PHE B 86 5.56 -40.92 -31.03
CA PHE B 86 5.66 -40.65 -29.61
C PHE B 86 6.05 -39.19 -29.42
N ASN B 87 5.35 -38.51 -28.52
CA ASN B 87 5.67 -37.12 -28.20
C ASN B 87 5.00 -36.75 -26.88
N ASP B 88 5.77 -36.09 -26.01
CA ASP B 88 5.26 -35.59 -24.74
C ASP B 88 4.66 -36.71 -23.89
N GLY B 89 5.24 -37.90 -23.96
CA GLY B 89 4.72 -39.02 -23.19
C GLY B 89 3.42 -39.56 -23.75
N VAL B 90 3.07 -40.79 -23.38
CA VAL B 90 1.84 -41.41 -23.88
C VAL B 90 1.11 -42.10 -22.74
N TYR B 91 -0.17 -42.35 -22.97
CA TYR B 91 -1.05 -43.07 -22.05
C TYR B 91 -1.47 -44.36 -22.72
N PHE B 92 -1.28 -45.47 -22.02
CA PHE B 92 -1.41 -46.81 -22.59
C PHE B 92 -2.25 -47.64 -21.63
N ALA B 93 -3.48 -47.97 -22.01
CA ALA B 93 -4.39 -48.68 -21.13
C ALA B 93 -4.91 -49.93 -21.81
N SER B 94 -4.80 -51.07 -21.14
CA SER B 94 -5.24 -52.32 -21.75
C SER B 94 -5.79 -53.27 -20.69
N THR B 95 -6.86 -53.96 -21.04
CA THR B 95 -7.37 -55.08 -20.27
C THR B 95 -7.17 -56.36 -21.06
N GLU B 96 -6.59 -57.37 -20.42
CA GLU B 96 -6.30 -58.62 -21.11
C GLU B 96 -6.08 -59.71 -20.07
N LYS B 97 -5.97 -60.94 -20.56
CA LYS B 97 -5.68 -62.09 -19.72
C LYS B 97 -4.81 -63.04 -20.53
N SER B 98 -4.13 -63.94 -19.83
CA SER B 98 -3.19 -64.93 -20.36
C SER B 98 -1.86 -64.32 -20.76
N ASN B 99 -1.60 -63.06 -20.38
CA ASN B 99 -0.31 -62.40 -20.60
C ASN B 99 0.07 -62.42 -22.09
N ILE B 100 -0.78 -61.78 -22.89
CA ILE B 100 -0.50 -61.68 -24.32
C ILE B 100 0.56 -60.62 -24.59
N ILE B 101 0.36 -59.42 -24.08
CA ILE B 101 1.33 -58.34 -24.26
C ILE B 101 2.52 -58.59 -23.36
N ARG B 102 3.73 -58.25 -23.82
CA ARG B 102 4.93 -58.52 -23.06
C ARG B 102 5.73 -57.27 -22.74
N GLY B 103 6.00 -56.42 -23.72
CA GLY B 103 6.87 -55.29 -23.49
C GLY B 103 6.75 -54.23 -24.55
N TRP B 104 7.81 -53.42 -24.66
CA TRP B 104 7.81 -52.28 -25.57
C TRP B 104 9.22 -51.98 -26.04
N ILE B 105 9.32 -51.24 -27.13
CA ILE B 105 10.58 -50.70 -27.61
C ILE B 105 10.42 -49.21 -27.85
N PHE B 106 11.53 -48.48 -27.76
CA PHE B 106 11.55 -47.04 -27.95
C PHE B 106 12.80 -46.64 -28.71
N GLY B 107 12.65 -45.71 -29.63
CA GLY B 107 13.79 -45.21 -30.38
C GLY B 107 13.34 -44.24 -31.44
N THR B 108 14.32 -43.76 -32.22
CA THR B 108 14.04 -42.83 -33.30
C THR B 108 14.06 -43.48 -34.67
N THR B 109 14.89 -44.51 -34.87
CA THR B 109 14.89 -45.27 -36.11
C THR B 109 14.93 -46.77 -35.91
N LEU B 110 15.35 -47.26 -34.73
CA LEU B 110 15.14 -48.64 -34.30
C LEU B 110 15.84 -49.65 -35.20
N ASP B 111 16.99 -49.32 -35.78
CA ASP B 111 17.72 -50.31 -36.56
C ASP B 111 19.23 -50.03 -36.48
N SER B 112 19.89 -50.66 -35.51
CA SER B 112 21.33 -50.92 -35.55
C SER B 112 22.20 -49.68 -35.64
N LYS B 113 21.61 -48.49 -35.60
CA LYS B 113 22.40 -47.26 -35.72
C LYS B 113 22.08 -46.20 -34.68
N THR B 114 21.07 -46.41 -33.84
CA THR B 114 20.76 -45.47 -32.77
C THR B 114 20.49 -46.25 -31.48
N GLN B 115 20.84 -45.61 -30.37
CA GLN B 115 20.54 -46.17 -29.05
C GLN B 115 19.04 -46.39 -28.90
N SER B 116 18.65 -47.56 -28.39
CA SER B 116 17.24 -47.92 -28.31
C SER B 116 16.93 -48.58 -26.97
N LEU B 117 15.70 -48.38 -26.51
CA LEU B 117 15.26 -48.85 -25.20
C LEU B 117 14.28 -50.01 -25.37
N LEU B 118 14.33 -50.96 -24.44
CA LEU B 118 13.58 -52.20 -24.56
C LEU B 118 13.12 -52.68 -23.19
N ILE B 119 11.79 -52.75 -23.01
CA ILE B 119 11.17 -53.48 -21.90
C ILE B 119 10.72 -54.83 -22.44
N VAL B 120 11.09 -55.90 -21.74
CA VAL B 120 10.46 -57.21 -21.92
C VAL B 120 10.12 -57.73 -20.54
N ASN B 121 8.86 -58.12 -20.34
CA ASN B 121 8.37 -58.55 -19.03
C ASN B 121 8.06 -60.04 -19.11
N ASN B 122 9.00 -60.86 -18.65
CA ASN B 122 8.78 -62.29 -18.55
C ASN B 122 8.01 -62.60 -17.27
N ALA B 123 7.61 -63.87 -17.13
CA ALA B 123 6.94 -64.29 -15.90
C ALA B 123 7.84 -64.10 -14.69
N THR B 124 9.15 -64.15 -14.87
CA THR B 124 10.10 -63.91 -13.81
C THR B 124 10.39 -62.40 -13.80
N ASN B 125 11.43 -61.97 -13.07
CA ASN B 125 11.71 -60.55 -12.89
C ASN B 125 11.88 -59.85 -14.24
N VAL B 126 11.20 -58.70 -14.38
CA VAL B 126 11.30 -57.89 -15.58
C VAL B 126 12.71 -57.33 -15.72
N VAL B 127 13.11 -57.09 -16.96
CA VAL B 127 14.43 -56.55 -17.29
C VAL B 127 14.26 -55.41 -18.28
N ILE B 128 14.99 -54.32 -18.04
CA ILE B 128 15.05 -53.15 -18.91
C ILE B 128 16.44 -53.04 -19.48
N LYS B 129 16.52 -52.76 -20.78
CA LYS B 129 17.82 -52.56 -21.42
C LYS B 129 17.77 -51.31 -22.28
N VAL B 130 18.92 -50.63 -22.35
CA VAL B 130 19.13 -49.47 -23.21
C VAL B 130 20.42 -49.77 -23.97
N CYS B 131 20.26 -50.22 -25.22
CA CYS B 131 21.37 -50.68 -26.03
C CYS B 131 21.04 -50.46 -27.49
N GLU B 132 22.04 -50.58 -28.35
CA GLU B 132 21.79 -50.65 -29.78
C GLU B 132 21.16 -52.00 -30.12
N PHE B 133 20.35 -52.02 -31.16
CA PHE B 133 19.63 -53.23 -31.52
C PHE B 133 19.28 -53.22 -33.00
N GLN B 134 19.14 -54.41 -33.56
CA GLN B 134 18.53 -54.62 -34.87
C GLN B 134 17.32 -55.52 -34.70
N PHE B 135 16.30 -55.30 -35.52
CA PHE B 135 15.01 -55.93 -35.31
C PHE B 135 14.51 -56.58 -36.58
N CYS B 136 13.63 -57.58 -36.42
CA CYS B 136 13.03 -58.27 -37.54
C CYS B 136 11.85 -57.48 -38.09
N ASN B 137 11.24 -58.02 -39.15
CA ASN B 137 10.13 -57.32 -39.79
C ASN B 137 8.89 -57.30 -38.90
N ASP B 138 8.51 -58.46 -38.37
CA ASP B 138 7.33 -58.59 -37.50
C ASP B 138 7.72 -59.39 -36.27
N PRO B 139 8.56 -58.83 -35.39
CA PRO B 139 9.10 -59.61 -34.27
C PRO B 139 8.14 -59.64 -33.08
N PHE B 140 8.16 -60.76 -32.37
CA PHE B 140 7.37 -60.94 -31.15
C PHE B 140 7.87 -62.20 -30.45
N LEU B 141 7.17 -62.59 -29.39
CA LEU B 141 7.63 -63.64 -28.49
C LEU B 141 6.66 -64.81 -28.43
N GLY B 142 6.27 -65.33 -29.59
CA GLY B 142 5.27 -66.37 -29.70
C GLY B 142 5.34 -67.49 -28.68
N VAL B 143 4.28 -67.65 -27.90
CA VAL B 143 4.19 -68.63 -26.83
C VAL B 143 3.50 -69.88 -27.37
N TYR B 144 3.78 -71.02 -26.75
CA TYR B 144 3.17 -72.30 -27.13
C TYR B 144 2.43 -72.88 -25.94
N TYR B 145 1.21 -73.36 -26.18
CA TYR B 145 0.45 -74.04 -25.14
C TYR B 145 1.14 -75.34 -24.73
N HIS B 146 1.14 -75.61 -23.43
CA HIS B 146 1.65 -76.86 -22.89
C HIS B 146 0.60 -77.44 -21.94
N LYS B 147 -0.01 -78.56 -22.34
CA LYS B 147 -1.03 -79.18 -21.50
C LYS B 147 -0.43 -79.76 -20.23
N ASN B 148 0.72 -80.43 -20.34
CA ASN B 148 1.36 -81.00 -19.16
C ASN B 148 1.83 -79.91 -18.20
N ASN B 149 2.42 -78.84 -18.73
CA ASN B 149 2.89 -77.76 -17.88
C ASN B 149 1.71 -76.95 -17.35
N LYS B 150 1.90 -76.37 -16.15
CA LYS B 150 0.83 -75.57 -15.55
C LYS B 150 0.53 -74.33 -16.37
N SER B 151 1.56 -73.66 -16.89
CA SER B 151 1.41 -72.44 -17.67
C SER B 151 2.20 -72.55 -18.96
N TRP B 152 1.70 -71.91 -20.01
CA TRP B 152 2.36 -71.95 -21.31
C TRP B 152 3.69 -71.22 -21.26
N MET B 153 4.68 -71.77 -21.96
CA MET B 153 6.01 -71.19 -22.04
C MET B 153 6.29 -70.71 -23.46
N GLU B 154 7.05 -69.63 -23.57
CA GLU B 154 7.33 -69.05 -24.89
C GLU B 154 8.14 -70.01 -25.74
N SER B 155 7.89 -69.96 -27.04
CA SER B 155 8.53 -70.84 -28.01
C SER B 155 9.44 -70.11 -28.99
N GLU B 156 8.90 -69.11 -29.68
CA GLU B 156 9.61 -68.43 -30.77
C GLU B 156 9.75 -66.94 -30.41
N PHE B 157 10.90 -66.57 -29.85
CA PHE B 157 11.21 -65.18 -29.56
C PHE B 157 12.43 -64.79 -30.37
N ARG B 158 12.24 -63.89 -31.35
CA ARG B 158 13.34 -63.40 -32.18
C ARG B 158 13.10 -61.93 -32.48
N VAL B 159 13.65 -61.08 -31.61
CA VAL B 159 13.67 -59.64 -31.84
C VAL B 159 15.06 -59.16 -32.21
N TYR B 160 16.09 -59.76 -31.63
CA TYR B 160 17.48 -59.46 -31.92
C TYR B 160 18.32 -60.63 -31.44
N SER B 161 19.43 -60.88 -32.13
CA SER B 161 20.40 -61.83 -31.59
C SER B 161 21.30 -61.14 -30.57
N SER B 162 22.08 -60.16 -31.03
CA SER B 162 22.90 -59.29 -30.18
C SER B 162 23.53 -58.23 -31.07
N ALA B 163 23.52 -56.96 -30.63
CA ALA B 163 24.04 -55.91 -31.50
C ALA B 163 25.51 -55.59 -31.19
N ASN B 164 25.80 -55.09 -29.99
CA ASN B 164 27.14 -54.62 -29.66
C ASN B 164 27.26 -54.22 -28.20
N ASN B 165 28.41 -53.63 -27.84
CA ASN B 165 28.54 -52.89 -26.60
C ASN B 165 27.36 -51.93 -26.43
N CYS B 166 26.92 -51.76 -25.19
CA CYS B 166 25.75 -50.90 -24.99
C CYS B 166 25.85 -50.27 -23.60
N THR B 167 24.87 -49.42 -23.29
CA THR B 167 24.96 -48.50 -22.16
C THR B 167 24.34 -49.05 -20.89
N PHE B 168 23.05 -49.35 -20.90
CA PHE B 168 22.32 -49.52 -19.64
C PHE B 168 21.63 -50.87 -19.57
N GLU B 169 21.69 -51.48 -18.39
CA GLU B 169 21.02 -52.75 -18.11
C GLU B 169 20.53 -52.74 -16.67
N TYR B 170 19.27 -53.12 -16.46
CA TYR B 170 18.74 -53.16 -15.11
C TYR B 170 17.65 -54.23 -15.04
N VAL B 171 17.43 -54.73 -13.83
CA VAL B 171 16.46 -55.79 -13.58
C VAL B 171 15.69 -55.46 -12.30
N SER B 172 14.39 -55.77 -12.31
CA SER B 172 13.56 -55.57 -11.13
C SER B 172 12.44 -56.60 -11.15
N GLN B 173 11.63 -56.60 -10.10
CA GLN B 173 10.54 -57.55 -10.02
C GLN B 173 9.46 -57.22 -11.05
N PRO B 174 8.75 -58.22 -11.56
CA PRO B 174 7.79 -58.00 -12.63
C PRO B 174 6.49 -57.40 -12.08
N PHE B 175 5.51 -57.26 -12.98
CA PHE B 175 4.26 -56.59 -12.65
C PHE B 175 3.15 -57.57 -12.26
N LEU B 176 2.82 -58.52 -13.13
CA LEU B 176 1.74 -59.46 -12.87
C LEU B 176 2.21 -60.90 -13.03
N MET B 177 1.25 -61.80 -12.97
CA MET B 177 1.44 -63.24 -13.03
C MET B 177 0.20 -63.84 -13.68
N ASP B 178 0.00 -65.14 -13.51
CA ASP B 178 -1.20 -65.84 -13.96
C ASP B 178 -1.39 -65.70 -15.47
N LEU B 179 -0.44 -66.30 -16.19
CA LEU B 179 -0.41 -66.34 -17.64
C LEU B 179 -1.55 -67.16 -18.26
N GLU B 180 -2.50 -67.60 -17.44
CA GLU B 180 -3.68 -68.31 -17.92
C GLU B 180 -4.93 -67.65 -17.33
N GLY B 181 -6.06 -67.90 -17.98
CA GLY B 181 -7.33 -67.41 -17.47
C GLY B 181 -8.35 -67.07 -18.54
N LYS B 182 -9.59 -67.51 -18.33
CA LYS B 182 -10.70 -67.16 -19.22
C LYS B 182 -11.95 -66.85 -18.40
N GLN B 183 -11.80 -66.08 -17.33
CA GLN B 183 -12.94 -65.69 -16.52
C GLN B 183 -13.84 -64.72 -17.29
N GLY B 184 -15.14 -64.78 -16.99
CA GLY B 184 -16.09 -63.92 -17.66
C GLY B 184 -15.86 -62.44 -17.40
N ASN B 185 -15.25 -62.11 -16.27
CA ASN B 185 -14.88 -60.74 -15.94
C ASN B 185 -13.36 -60.62 -15.87
N PHE B 186 -12.82 -59.58 -16.49
CA PHE B 186 -11.38 -59.38 -16.57
C PHE B 186 -10.93 -58.51 -15.41
N LYS B 187 -10.49 -59.16 -14.33
CA LYS B 187 -10.01 -58.46 -13.14
C LYS B 187 -8.66 -57.79 -13.35
N ASN B 188 -8.14 -57.77 -14.58
CA ASN B 188 -6.86 -57.14 -14.88
C ASN B 188 -7.10 -55.94 -15.80
N LEU B 189 -6.69 -54.77 -15.36
CA LEU B 189 -6.69 -53.57 -16.19
C LEU B 189 -5.41 -52.81 -15.89
N ARG B 190 -4.50 -52.78 -16.86
CA ARG B 190 -3.19 -52.15 -16.72
C ARG B 190 -3.26 -50.76 -17.35
N GLU B 191 -3.02 -49.73 -16.55
CA GLU B 191 -2.91 -48.37 -17.06
C GLU B 191 -1.49 -47.87 -16.82
N PHE B 192 -0.87 -47.33 -17.87
CA PHE B 192 0.49 -46.84 -17.81
C PHE B 192 0.57 -45.46 -18.44
N VAL B 193 1.46 -44.63 -17.91
CA VAL B 193 1.76 -43.32 -18.47
C VAL B 193 3.26 -43.16 -18.51
N PHE B 194 3.80 -42.84 -19.68
CA PHE B 194 5.23 -42.71 -19.87
C PHE B 194 5.57 -41.26 -20.25
N LYS B 195 6.56 -40.69 -19.57
CA LYS B 195 7.03 -39.36 -19.91
C LYS B 195 8.56 -39.36 -19.91
N ASN B 196 9.13 -38.47 -20.71
CA ASN B 196 10.59 -38.39 -20.87
C ASN B 196 11.01 -36.92 -20.83
N ILE B 197 11.76 -36.54 -19.81
CA ILE B 197 12.22 -35.17 -19.65
C ILE B 197 13.69 -35.16 -19.24
N ASP B 198 14.49 -34.34 -19.93
CA ASP B 198 15.89 -34.02 -19.62
C ASP B 198 16.68 -35.21 -19.04
N GLY B 199 16.75 -36.27 -19.83
CA GLY B 199 17.55 -37.42 -19.44
C GLY B 199 16.93 -38.30 -18.39
N TYR B 200 15.61 -38.32 -18.30
CA TYR B 200 14.88 -39.09 -17.31
C TYR B 200 13.64 -39.66 -17.96
N PHE B 201 13.32 -40.91 -17.63
CA PHE B 201 12.18 -41.62 -18.17
C PHE B 201 11.31 -42.06 -17.00
N LYS B 202 10.16 -41.43 -16.83
CA LYS B 202 9.28 -41.73 -15.70
C LYS B 202 8.09 -42.54 -16.18
N ILE B 203 7.81 -43.63 -15.46
CA ILE B 203 6.71 -44.53 -15.77
C ILE B 203 5.78 -44.56 -14.54
N TYR B 204 4.50 -44.28 -14.77
CA TYR B 204 3.46 -44.36 -13.76
C TYR B 204 2.52 -45.50 -14.12
N SER B 205 2.17 -46.32 -13.13
CA SER B 205 1.42 -47.54 -13.39
C SER B 205 0.29 -47.72 -12.39
N LYS B 206 -0.77 -48.38 -12.84
CA LYS B 206 -1.86 -48.79 -11.96
C LYS B 206 -2.50 -50.07 -12.48
N HIS B 207 -2.85 -50.95 -11.55
CA HIS B 207 -3.51 -52.22 -11.83
C HIS B 207 -4.87 -52.19 -11.15
N THR B 208 -5.94 -52.25 -11.93
CA THR B 208 -7.25 -52.20 -11.33
C THR B 208 -8.14 -53.33 -11.83
N PRO B 209 -9.01 -53.87 -10.97
CA PRO B 209 -9.96 -54.89 -11.41
C PRO B 209 -11.26 -54.30 -11.90
N ILE B 210 -11.74 -54.82 -13.03
CA ILE B 210 -12.98 -54.39 -13.64
C ILE B 210 -13.83 -55.62 -13.93
N ASN B 211 -15.14 -55.47 -13.74
CA ASN B 211 -16.09 -56.57 -13.92
C ASN B 211 -17.28 -56.12 -14.76
N LEU B 212 -17.03 -55.32 -15.80
CA LEU B 212 -18.11 -54.77 -16.60
C LEU B 212 -17.68 -54.76 -18.06
N VAL B 213 -18.45 -54.02 -18.87
CA VAL B 213 -18.28 -54.04 -20.32
C VAL B 213 -16.86 -53.57 -20.70
N ARG B 214 -16.42 -54.02 -21.87
CA ARG B 214 -15.08 -53.70 -22.38
C ARG B 214 -14.90 -52.23 -22.72
N ASP B 215 -15.97 -51.45 -22.76
CA ASP B 215 -15.87 -50.04 -23.06
C ASP B 215 -15.04 -49.32 -21.99
N LEU B 216 -14.61 -48.11 -22.32
CA LEU B 216 -13.82 -47.32 -21.39
C LEU B 216 -14.65 -46.97 -20.16
N PRO B 217 -14.21 -47.33 -18.97
CA PRO B 217 -15.04 -47.12 -17.78
C PRO B 217 -15.11 -45.65 -17.37
N GLN B 218 -16.13 -45.35 -16.58
CA GLN B 218 -16.25 -44.06 -15.93
C GLN B 218 -15.63 -44.15 -14.54
N GLY B 219 -15.87 -43.15 -13.70
CA GLY B 219 -15.32 -43.14 -12.37
C GLY B 219 -13.90 -42.61 -12.35
N PHE B 220 -13.36 -42.44 -11.15
CA PHE B 220 -12.07 -41.79 -10.99
C PHE B 220 -11.07 -42.71 -10.35
N SER B 221 -9.84 -42.68 -10.85
CA SER B 221 -8.74 -43.45 -10.30
C SER B 221 -7.43 -42.80 -10.72
N ALA B 222 -6.48 -42.76 -9.80
CA ALA B 222 -5.19 -42.11 -10.02
C ALA B 222 -4.09 -43.13 -10.24
N LEU B 223 -3.00 -42.69 -10.85
CA LEU B 223 -1.87 -43.56 -11.16
C LEU B 223 -0.71 -43.24 -10.23
N GLU B 224 -0.21 -44.27 -9.55
CA GLU B 224 0.93 -44.15 -8.65
C GLU B 224 2.23 -44.12 -9.46
N PRO B 225 3.28 -43.52 -8.90
CA PRO B 225 4.56 -43.49 -9.62
C PRO B 225 5.27 -44.84 -9.51
N LEU B 226 5.55 -45.45 -10.66
CA LEU B 226 6.14 -46.77 -10.71
C LEU B 226 7.66 -46.73 -10.68
N VAL B 227 8.29 -46.06 -11.64
CA VAL B 227 9.73 -46.17 -11.76
C VAL B 227 10.30 -44.95 -12.48
N ASP B 228 11.57 -44.67 -12.21
CA ASP B 228 12.33 -43.59 -12.83
C ASP B 228 13.62 -44.16 -13.40
N LEU B 229 13.91 -43.83 -14.66
CA LEU B 229 15.07 -44.37 -15.36
C LEU B 229 16.01 -43.25 -15.76
N PRO B 230 17.26 -43.26 -15.30
CA PRO B 230 18.27 -42.27 -15.70
C PRO B 230 19.06 -42.69 -16.95
N ILE B 231 18.48 -42.50 -18.13
CA ILE B 231 19.11 -43.02 -19.34
C ILE B 231 19.67 -41.91 -20.21
N GLY B 232 18.80 -41.10 -20.80
CA GLY B 232 19.21 -40.01 -21.66
C GLY B 232 19.26 -40.47 -23.11
N ILE B 233 18.26 -40.13 -23.90
CA ILE B 233 18.25 -40.46 -25.32
C ILE B 233 17.14 -39.73 -26.05
N ASN B 234 17.41 -39.36 -27.31
CA ASN B 234 16.37 -38.84 -28.18
C ASN B 234 15.36 -39.93 -28.47
N ILE B 235 14.08 -39.61 -28.31
CA ILE B 235 12.99 -40.57 -28.54
C ILE B 235 11.96 -39.91 -29.43
N THR B 236 11.57 -40.61 -30.50
CA THR B 236 10.59 -40.05 -31.42
C THR B 236 9.48 -41.06 -31.72
N ARG B 237 9.80 -42.34 -31.70
CA ARG B 237 8.83 -43.38 -32.05
C ARG B 237 8.90 -44.51 -31.03
N PHE B 238 7.87 -45.34 -31.03
CA PHE B 238 7.82 -46.50 -30.15
C PHE B 238 6.91 -47.54 -30.77
N GLN B 239 6.95 -48.74 -30.19
CA GLN B 239 6.11 -49.84 -30.65
C GLN B 239 5.97 -50.84 -29.50
N THR B 240 5.01 -51.74 -29.65
CA THR B 240 4.67 -52.70 -28.61
C THR B 240 4.92 -54.13 -29.09
N LEU B 241 5.06 -55.03 -28.12
CA LEU B 241 5.32 -56.44 -28.38
C LEU B 241 4.32 -57.30 -27.62
N LEU B 242 3.80 -58.32 -28.29
CA LEU B 242 2.83 -59.21 -27.68
C LEU B 242 3.19 -60.67 -27.98
N ALA B 243 2.88 -61.54 -27.03
CA ALA B 243 3.09 -62.97 -27.20
C ALA B 243 1.88 -63.60 -27.90
N LEU B 244 2.16 -64.60 -28.73
CA LEU B 244 1.14 -65.22 -29.55
C LEU B 244 1.17 -66.73 -29.36
N HIS B 245 -0.01 -67.34 -29.22
CA HIS B 245 -0.11 -68.77 -29.01
C HIS B 245 0.28 -69.54 -30.27
N ASN B 246 0.70 -70.79 -30.07
CA ASN B 246 0.98 -71.71 -31.17
C ASN B 246 0.11 -72.95 -31.05
N SER B 247 -1.19 -72.76 -30.79
CA SER B 247 -2.07 -73.89 -30.51
C SER B 247 -2.28 -74.75 -31.75
N SER B 248 -2.92 -74.19 -32.77
CA SER B 248 -3.24 -74.92 -33.99
C SER B 248 -3.71 -73.91 -35.03
N SER B 249 -4.10 -74.43 -36.20
CA SER B 249 -4.53 -73.62 -37.33
C SER B 249 -3.49 -72.56 -37.69
N GLY B 250 -2.22 -72.95 -37.60
CA GLY B 250 -1.14 -71.99 -37.73
C GLY B 250 -0.87 -71.33 -36.39
N TRP B 251 -1.38 -70.11 -36.22
CA TRP B 251 -1.23 -69.37 -34.97
C TRP B 251 -2.57 -68.73 -34.63
N THR B 252 -3.22 -69.21 -33.58
CA THR B 252 -4.50 -68.71 -33.13
C THR B 252 -4.33 -67.98 -31.81
N ALA B 253 -4.80 -66.74 -31.75
CA ALA B 253 -4.66 -65.90 -30.57
C ALA B 253 -5.99 -65.77 -29.85
N GLY B 254 -5.93 -65.24 -28.64
CA GLY B 254 -7.11 -65.08 -27.80
C GLY B 254 -7.87 -63.81 -28.11
N ALA B 255 -8.17 -63.01 -27.08
CA ALA B 255 -8.90 -61.77 -27.25
C ALA B 255 -8.32 -60.72 -26.30
N ALA B 256 -7.84 -59.61 -26.87
CA ALA B 256 -7.29 -58.52 -26.08
C ALA B 256 -7.33 -57.24 -26.89
N ALA B 257 -7.12 -56.12 -26.21
CA ALA B 257 -7.09 -54.83 -26.88
C ALA B 257 -6.32 -53.84 -26.02
N TYR B 258 -5.91 -52.74 -26.65
CA TYR B 258 -5.23 -51.68 -25.91
C TYR B 258 -5.56 -50.34 -26.54
N TYR B 259 -5.50 -49.30 -25.70
CA TYR B 259 -5.88 -47.95 -26.07
C TYR B 259 -4.69 -47.04 -25.83
N VAL B 260 -4.44 -46.14 -26.78
CA VAL B 260 -3.29 -45.25 -26.74
C VAL B 260 -3.76 -43.81 -26.89
N GLY B 261 -3.19 -42.92 -26.07
CA GLY B 261 -3.54 -41.52 -26.15
C GLY B 261 -2.31 -40.66 -25.87
N TYR B 262 -2.42 -39.40 -26.26
CA TYR B 262 -1.32 -38.45 -26.10
C TYR B 262 -1.59 -37.54 -24.89
N LEU B 263 -0.57 -36.76 -24.55
CA LEU B 263 -0.62 -35.84 -23.43
C LEU B 263 -0.38 -34.41 -23.91
N GLN B 264 -0.84 -33.45 -23.11
CA GLN B 264 -0.71 -32.04 -23.43
C GLN B 264 -0.52 -31.25 -22.15
N PRO B 265 0.12 -30.08 -22.22
CA PRO B 265 0.37 -29.29 -21.00
C PRO B 265 -0.85 -28.48 -20.62
N ARG B 266 -1.47 -28.82 -19.49
CA ARG B 266 -2.66 -28.14 -19.03
C ARG B 266 -2.60 -27.97 -17.52
N THR B 267 -3.52 -27.15 -17.00
CA THR B 267 -3.56 -26.77 -15.59
C THR B 267 -4.72 -27.49 -14.94
N PHE B 268 -4.42 -28.52 -14.15
CA PHE B 268 -5.43 -29.31 -13.47
C PHE B 268 -5.53 -28.88 -12.01
N LEU B 269 -6.67 -29.20 -11.42
CA LEU B 269 -6.91 -28.95 -10.00
C LEU B 269 -7.31 -30.27 -9.36
N LEU B 270 -6.59 -30.65 -8.31
CA LEU B 270 -6.78 -31.93 -7.64
C LEU B 270 -7.42 -31.71 -6.28
N LYS B 271 -8.15 -32.72 -5.80
CA LYS B 271 -8.74 -32.67 -4.46
C LYS B 271 -8.30 -33.89 -3.69
N TYR B 272 -7.76 -33.69 -2.49
CA TYR B 272 -7.32 -34.79 -1.65
C TYR B 272 -8.36 -35.09 -0.59
N ASN B 273 -8.47 -36.37 -0.24
CA ASN B 273 -9.34 -36.78 0.85
C ASN B 273 -8.56 -36.80 2.16
N GLU B 274 -9.25 -37.10 3.26
CA GLU B 274 -8.59 -37.10 4.56
C GLU B 274 -7.66 -38.30 4.73
N ASN B 275 -7.90 -39.39 4.00
CA ASN B 275 -7.00 -40.54 4.09
C ASN B 275 -5.69 -40.29 3.35
N GLY B 276 -5.73 -39.55 2.26
CA GLY B 276 -4.55 -39.27 1.46
C GLY B 276 -4.67 -39.67 0.00
N THR B 277 -5.81 -40.17 -0.46
CA THR B 277 -5.98 -40.60 -1.84
C THR B 277 -6.76 -39.56 -2.62
N ILE B 278 -6.35 -39.35 -3.87
CA ILE B 278 -7.05 -38.41 -4.74
C ILE B 278 -8.42 -38.98 -5.10
N THR B 279 -9.45 -38.15 -4.97
CA THR B 279 -10.81 -38.56 -5.28
C THR B 279 -11.42 -37.85 -6.49
N ASP B 280 -11.01 -36.62 -6.76
CA ASP B 280 -11.59 -35.89 -7.88
C ASP B 280 -10.62 -34.83 -8.37
N ALA B 281 -10.85 -34.41 -9.61
CA ALA B 281 -10.03 -33.40 -10.25
C ALA B 281 -10.88 -32.66 -11.27
N VAL B 282 -10.47 -31.44 -11.58
CA VAL B 282 -11.17 -30.60 -12.53
C VAL B 282 -10.16 -29.95 -13.47
N ASP B 283 -10.51 -29.93 -14.75
CA ASP B 283 -9.74 -29.23 -15.76
C ASP B 283 -10.20 -27.78 -15.82
N CYS B 284 -9.27 -26.88 -16.15
CA CYS B 284 -9.57 -25.46 -16.16
C CYS B 284 -9.76 -24.90 -17.56
N ALA B 285 -9.84 -25.74 -18.59
CA ALA B 285 -10.01 -25.26 -19.95
C ALA B 285 -11.00 -26.11 -20.74
N LEU B 286 -11.91 -26.78 -20.07
CA LEU B 286 -12.84 -27.69 -20.74
C LEU B 286 -14.16 -27.01 -21.09
N ASP B 287 -14.88 -26.54 -20.08
CA ASP B 287 -16.18 -25.90 -20.25
C ASP B 287 -16.31 -24.77 -19.24
N PRO B 288 -17.20 -23.82 -19.48
CA PRO B 288 -17.32 -22.66 -18.57
C PRO B 288 -17.55 -23.02 -17.12
N LEU B 289 -18.32 -24.07 -16.84
CA LEU B 289 -18.53 -24.48 -15.45
C LEU B 289 -17.21 -24.86 -14.79
N SER B 290 -16.39 -25.65 -15.49
CA SER B 290 -15.09 -26.00 -14.95
C SER B 290 -14.20 -24.78 -14.80
N GLU B 291 -14.27 -23.85 -15.75
CA GLU B 291 -13.47 -22.63 -15.63
C GLU B 291 -13.86 -21.82 -14.39
N THR B 292 -15.16 -21.72 -14.12
CA THR B 292 -15.61 -21.02 -12.91
C THR B 292 -15.13 -21.74 -11.66
N LYS B 293 -15.26 -23.06 -11.63
CA LYS B 293 -14.77 -23.82 -10.48
C LYS B 293 -13.29 -23.60 -10.27
N CYS B 294 -12.52 -23.53 -11.36
CA CYS B 294 -11.09 -23.29 -11.26
C CYS B 294 -10.82 -21.89 -10.71
N THR B 295 -11.52 -20.88 -11.23
CA THR B 295 -11.29 -19.51 -10.79
C THR B 295 -11.60 -19.35 -9.31
N LEU B 296 -12.73 -19.91 -8.86
CA LEU B 296 -13.07 -19.79 -7.45
C LEU B 296 -12.39 -20.84 -6.59
N LYS B 297 -11.65 -21.77 -7.19
CA LYS B 297 -10.85 -22.76 -6.45
C LYS B 297 -11.71 -23.52 -5.44
N SER B 298 -12.87 -24.00 -5.89
CA SER B 298 -13.72 -24.80 -5.04
C SER B 298 -14.53 -25.76 -5.90
N PHE B 299 -15.03 -26.81 -5.26
CA PHE B 299 -15.86 -27.81 -5.92
C PHE B 299 -17.34 -27.59 -5.69
N THR B 300 -17.72 -26.48 -5.08
CA THR B 300 -19.12 -26.11 -4.91
C THR B 300 -19.32 -24.67 -5.33
N VAL B 301 -20.45 -24.40 -5.97
CA VAL B 301 -20.77 -23.07 -6.47
C VAL B 301 -22.25 -22.81 -6.20
N GLU B 302 -22.57 -21.65 -5.64
CA GLU B 302 -23.93 -21.27 -5.33
C GLU B 302 -24.52 -20.44 -6.47
N LYS B 303 -25.71 -19.88 -6.23
CA LYS B 303 -26.39 -19.10 -7.24
C LYS B 303 -25.62 -17.81 -7.54
N GLY B 304 -26.06 -17.11 -8.58
CA GLY B 304 -25.50 -15.81 -8.89
C GLY B 304 -24.58 -15.81 -10.09
N ILE B 305 -24.45 -14.66 -10.73
CA ILE B 305 -23.54 -14.50 -11.85
C ILE B 305 -22.11 -14.45 -11.34
N TYR B 306 -21.18 -14.99 -12.12
CA TYR B 306 -19.77 -15.03 -11.76
C TYR B 306 -18.94 -14.51 -12.92
N GLN B 307 -17.80 -13.92 -12.59
CA GLN B 307 -16.84 -13.44 -13.58
C GLN B 307 -15.71 -14.46 -13.71
N THR B 308 -15.34 -14.77 -14.95
CA THR B 308 -14.32 -15.77 -15.21
C THR B 308 -13.09 -15.11 -15.81
N SER B 309 -11.92 -15.65 -15.46
CA SER B 309 -10.66 -15.15 -15.98
C SER B 309 -10.46 -15.70 -17.40
N ASN B 310 -9.25 -15.54 -17.94
CA ASN B 310 -8.90 -16.10 -19.24
C ASN B 310 -8.10 -17.38 -19.01
N PHE B 311 -8.72 -18.52 -19.30
CA PHE B 311 -8.08 -19.81 -19.13
C PHE B 311 -8.07 -20.68 -20.37
N ARG B 312 -8.88 -20.37 -21.38
CA ARG B 312 -8.90 -21.16 -22.60
C ARG B 312 -7.54 -21.12 -23.28
N VAL B 313 -7.13 -22.26 -23.82
CA VAL B 313 -5.82 -22.43 -24.43
C VAL B 313 -5.99 -22.56 -25.93
N GLN B 314 -5.22 -21.75 -26.68
CA GLN B 314 -5.37 -21.64 -28.12
C GLN B 314 -4.02 -21.74 -28.79
N PRO B 315 -3.85 -22.63 -29.78
CA PRO B 315 -2.58 -22.71 -30.50
C PRO B 315 -2.37 -21.48 -31.38
N THR B 316 -1.11 -21.21 -31.68
CA THR B 316 -0.75 -20.01 -32.42
C THR B 316 0.49 -20.26 -33.27
N GLU B 317 0.43 -19.87 -34.54
CA GLU B 317 1.56 -19.99 -35.45
C GLU B 317 2.54 -18.84 -35.23
N SER B 318 3.66 -18.87 -35.95
CA SER B 318 4.70 -17.86 -35.85
C SER B 318 5.06 -17.33 -37.23
N ILE B 319 5.26 -16.02 -37.32
CA ILE B 319 5.59 -15.35 -38.57
C ILE B 319 6.68 -14.33 -38.31
N VAL B 320 7.63 -14.22 -39.24
CA VAL B 320 8.76 -13.31 -39.14
C VAL B 320 8.94 -12.61 -40.47
N ARG B 321 9.14 -11.29 -40.43
CA ARG B 321 9.35 -10.50 -41.63
C ARG B 321 10.65 -9.72 -41.53
N PHE B 322 11.50 -9.84 -42.54
CA PHE B 322 12.82 -9.24 -42.57
C PHE B 322 13.04 -8.51 -43.88
N PRO B 323 13.91 -7.50 -43.90
CA PRO B 323 14.18 -6.77 -45.14
C PRO B 323 15.24 -7.45 -45.98
N ASN B 324 15.35 -7.00 -47.23
CA ASN B 324 16.38 -7.49 -48.13
C ASN B 324 17.76 -7.15 -47.59
N ILE B 325 18.70 -8.09 -47.75
CA ILE B 325 20.09 -7.84 -47.39
C ILE B 325 20.94 -8.93 -48.03
N THR B 326 22.10 -8.51 -48.56
CA THR B 326 22.96 -9.42 -49.32
C THR B 326 24.36 -9.55 -48.74
N ASN B 327 25.04 -8.44 -48.46
CA ASN B 327 26.46 -8.50 -48.13
C ASN B 327 26.68 -9.08 -46.74
N LEU B 328 27.92 -9.48 -46.48
CA LEU B 328 28.31 -10.10 -45.23
C LEU B 328 29.07 -9.12 -44.35
N CYS B 329 28.95 -9.31 -43.03
CA CYS B 329 29.61 -8.42 -42.08
C CYS B 329 31.10 -8.75 -42.00
N PRO B 330 31.96 -7.73 -42.02
CA PRO B 330 33.42 -7.94 -42.05
C PRO B 330 34.04 -8.12 -40.67
N PHE B 331 33.46 -9.00 -39.85
CA PHE B 331 34.00 -9.24 -38.52
C PHE B 331 35.35 -9.95 -38.58
N GLY B 332 35.54 -10.82 -39.57
CA GLY B 332 36.80 -11.52 -39.68
C GLY B 332 37.98 -10.59 -39.90
N GLU B 333 37.76 -9.51 -40.64
CA GLU B 333 38.83 -8.55 -40.89
C GLU B 333 39.37 -7.97 -39.60
N VAL B 334 38.47 -7.62 -38.67
CA VAL B 334 38.91 -7.21 -37.34
C VAL B 334 39.56 -8.37 -36.61
N PHE B 335 38.95 -9.56 -36.70
CA PHE B 335 39.49 -10.71 -35.98
C PHE B 335 40.77 -11.22 -36.61
N ASN B 336 41.02 -10.91 -37.89
CA ASN B 336 42.25 -11.30 -38.56
C ASN B 336 43.19 -10.11 -38.77
N ALA B 337 43.15 -9.13 -37.88
CA ALA B 337 44.04 -7.98 -38.00
C ALA B 337 45.47 -8.38 -37.70
N THR B 338 46.40 -7.96 -38.57
CA THR B 338 47.80 -8.31 -38.37
C THR B 338 48.40 -7.60 -37.15
N ARG B 339 47.82 -6.47 -36.76
CA ARG B 339 48.34 -5.71 -35.63
C ARG B 339 47.19 -5.00 -34.94
N PHE B 340 47.20 -5.06 -33.61
CA PHE B 340 46.20 -4.39 -32.79
C PHE B 340 46.82 -3.12 -32.21
N ALA B 341 46.09 -2.02 -32.30
CA ALA B 341 46.59 -0.76 -31.78
C ALA B 341 46.73 -0.81 -30.27
N SER B 342 47.58 0.06 -29.74
CA SER B 342 47.81 0.11 -28.31
C SER B 342 46.54 0.53 -27.57
N VAL B 343 46.44 0.08 -26.31
CA VAL B 343 45.22 0.26 -25.54
C VAL B 343 44.89 1.74 -25.36
N TYR B 344 45.90 2.60 -25.30
CA TYR B 344 45.61 4.03 -25.20
C TYR B 344 45.20 4.65 -26.52
N ALA B 345 45.23 3.90 -27.61
CA ALA B 345 44.76 4.32 -28.92
C ALA B 345 43.92 3.22 -29.56
N TRP B 346 42.95 2.71 -28.79
CA TRP B 346 42.21 1.53 -29.19
C TRP B 346 41.52 1.73 -30.54
N ASN B 347 41.45 0.65 -31.32
CA ASN B 347 40.92 0.75 -32.67
C ASN B 347 39.41 0.59 -32.64
N ARG B 348 38.68 1.58 -33.16
CA ARG B 348 37.22 1.62 -33.12
C ARG B 348 36.67 1.55 -34.54
N LYS B 349 35.75 0.63 -34.78
CA LYS B 349 35.22 0.38 -36.12
C LYS B 349 33.70 0.34 -36.10
N ARG B 350 33.10 0.99 -37.09
CA ARG B 350 31.66 0.96 -37.33
C ARG B 350 31.30 -0.24 -38.20
N ILE B 351 30.21 -0.92 -37.84
CA ILE B 351 29.69 -2.05 -38.60
C ILE B 351 28.20 -1.83 -38.80
N SER B 352 27.77 -1.89 -40.06
CA SER B 352 26.36 -1.70 -40.41
C SER B 352 26.11 -2.22 -41.81
N ASN B 353 24.83 -2.48 -42.10
CA ASN B 353 24.37 -2.85 -43.44
C ASN B 353 25.00 -4.16 -43.91
N CYS B 354 24.85 -5.21 -43.11
CA CYS B 354 25.38 -6.51 -43.49
C CYS B 354 24.71 -7.60 -42.68
N VAL B 355 24.85 -8.83 -43.16
CA VAL B 355 24.36 -10.00 -42.45
C VAL B 355 25.37 -10.36 -41.37
N ALA B 356 24.91 -10.40 -40.13
CA ALA B 356 25.78 -10.67 -38.98
C ALA B 356 25.47 -12.06 -38.44
N ASP B 357 26.25 -13.04 -38.89
CA ASP B 357 26.15 -14.41 -38.38
C ASP B 357 27.28 -14.64 -37.39
N TYR B 358 26.91 -14.93 -36.15
CA TYR B 358 27.89 -15.08 -35.07
C TYR B 358 28.25 -16.54 -34.80
N SER B 359 27.69 -17.48 -35.55
CA SER B 359 28.00 -18.89 -35.32
C SER B 359 29.48 -19.17 -35.58
N VAL B 360 29.99 -18.74 -36.73
CA VAL B 360 31.40 -18.92 -37.02
C VAL B 360 32.26 -18.09 -36.09
N LEU B 361 31.78 -16.90 -35.72
CA LEU B 361 32.55 -16.02 -34.84
C LEU B 361 32.64 -16.58 -33.42
N TYR B 362 31.84 -17.58 -33.08
CA TYR B 362 31.85 -18.14 -31.74
C TYR B 362 32.34 -19.58 -31.68
N ASN B 363 32.15 -20.35 -32.75
CA ASN B 363 32.53 -21.76 -32.73
C ASN B 363 34.04 -21.97 -32.79
N SER B 364 34.82 -20.93 -33.04
CA SER B 364 36.27 -21.06 -32.95
C SER B 364 36.68 -21.24 -31.50
N ALA B 365 37.59 -22.18 -31.27
CA ALA B 365 38.07 -22.47 -29.92
C ALA B 365 39.19 -21.54 -29.48
N SER B 366 39.62 -20.61 -30.34
CA SER B 366 40.69 -19.69 -30.01
C SER B 366 40.32 -18.69 -28.93
N PHE B 367 39.03 -18.56 -28.60
CA PHE B 367 38.59 -17.61 -27.59
C PHE B 367 38.68 -18.25 -26.21
N SER B 368 38.97 -17.41 -25.21
CA SER B 368 39.10 -17.88 -23.84
C SER B 368 38.47 -16.93 -22.82
N THR B 369 37.70 -15.95 -23.27
CA THR B 369 36.97 -15.05 -22.37
C THR B 369 35.83 -14.43 -23.15
N PHE B 370 34.59 -14.76 -22.75
CA PHE B 370 33.38 -14.44 -23.51
C PHE B 370 32.30 -14.04 -22.51
N LYS B 371 32.20 -12.73 -22.21
CA LYS B 371 31.18 -12.24 -21.29
C LYS B 371 30.24 -11.31 -22.02
N CYS B 372 29.00 -11.76 -22.22
CA CYS B 372 27.94 -10.93 -22.79
C CYS B 372 27.00 -10.51 -21.67
N TYR B 373 26.58 -9.24 -21.69
CA TYR B 373 25.95 -8.62 -20.53
C TYR B 373 24.46 -8.38 -20.73
N GLY B 374 24.07 -7.63 -21.75
CA GLY B 374 22.67 -7.29 -21.92
C GLY B 374 21.86 -8.32 -22.66
N VAL B 375 22.53 -9.17 -23.42
CA VAL B 375 21.88 -10.16 -24.28
C VAL B 375 22.52 -11.51 -24.04
N SER B 376 21.70 -12.54 -23.86
CA SER B 376 22.23 -13.89 -23.78
C SER B 376 22.80 -14.30 -25.13
N PRO B 377 23.93 -15.02 -25.14
CA PRO B 377 24.57 -15.35 -26.42
C PRO B 377 23.68 -16.14 -27.37
N THR B 378 22.87 -17.07 -26.85
CA THR B 378 22.09 -17.93 -27.71
C THR B 378 21.07 -17.16 -28.55
N LYS B 379 20.68 -15.97 -28.12
CA LYS B 379 19.73 -15.15 -28.86
C LYS B 379 20.40 -14.28 -29.92
N LEU B 380 21.74 -14.32 -30.01
CA LEU B 380 22.45 -13.35 -30.83
C LEU B 380 22.05 -13.44 -32.30
N ASN B 381 21.85 -14.66 -32.79
CA ASN B 381 21.47 -14.86 -34.19
C ASN B 381 20.00 -14.59 -34.46
N ASP B 382 19.30 -13.91 -33.54
CA ASP B 382 17.85 -13.82 -33.62
C ASP B 382 17.33 -12.38 -33.62
N LEU B 383 18.20 -11.38 -33.69
CA LEU B 383 17.78 -9.99 -33.50
C LEU B 383 18.24 -9.12 -34.67
N CYS B 384 17.84 -7.86 -34.62
CA CYS B 384 18.27 -6.83 -35.55
C CYS B 384 18.64 -5.59 -34.76
N PHE B 385 19.63 -4.84 -35.25
CA PHE B 385 20.17 -3.71 -34.52
C PHE B 385 20.36 -2.52 -35.46
N THR B 386 20.57 -1.35 -34.84
CA THR B 386 20.71 -0.11 -35.61
C THR B 386 22.13 0.06 -36.13
N ASN B 387 23.13 -0.08 -35.26
CA ASN B 387 24.53 0.01 -35.66
C ASN B 387 25.37 -0.76 -34.66
N VAL B 388 26.59 -1.11 -35.08
CA VAL B 388 27.48 -1.93 -34.27
C VAL B 388 28.82 -1.22 -34.17
N TYR B 389 29.45 -1.31 -33.00
CA TYR B 389 30.79 -0.80 -32.78
C TYR B 389 31.68 -1.92 -32.28
N ALA B 390 32.89 -2.00 -32.84
CA ALA B 390 33.88 -2.99 -32.44
C ALA B 390 35.16 -2.28 -32.04
N ASP B 391 35.64 -2.54 -30.83
CA ASP B 391 36.87 -1.96 -30.32
C ASP B 391 37.89 -3.07 -30.12
N SER B 392 39.10 -2.84 -30.61
CA SER B 392 40.15 -3.85 -30.55
C SER B 392 41.41 -3.25 -29.95
N PHE B 393 42.10 -4.05 -29.12
CA PHE B 393 43.40 -3.66 -28.56
C PHE B 393 44.02 -4.90 -27.91
N VAL B 394 45.14 -4.69 -27.23
CA VAL B 394 45.81 -5.72 -26.45
C VAL B 394 46.09 -5.18 -25.06
N ILE B 395 46.22 -6.09 -24.10
CA ILE B 395 46.35 -5.72 -22.69
C ILE B 395 47.13 -6.83 -21.98
N ARG B 396 47.54 -6.54 -20.75
CA ARG B 396 48.01 -7.60 -19.86
C ARG B 396 46.84 -8.50 -19.49
N GLY B 397 47.09 -9.81 -19.48
CA GLY B 397 46.02 -10.77 -19.28
C GLY B 397 45.37 -10.63 -17.92
N ASP B 398 46.18 -10.52 -16.86
CA ASP B 398 45.66 -10.54 -15.51
C ASP B 398 44.76 -9.35 -15.20
N GLU B 399 44.76 -8.31 -16.04
CA GLU B 399 43.90 -7.16 -15.85
C GLU B 399 42.76 -7.10 -16.85
N VAL B 400 42.43 -8.22 -17.50
CA VAL B 400 41.22 -8.26 -18.32
C VAL B 400 40.00 -7.99 -17.45
N ARG B 401 40.06 -8.35 -16.17
CA ARG B 401 39.00 -8.04 -15.23
C ARG B 401 38.76 -6.53 -15.16
N GLN B 402 39.79 -5.73 -15.44
CA GLN B 402 39.64 -4.28 -15.42
C GLN B 402 38.66 -3.79 -16.48
N ILE B 403 38.42 -4.58 -17.53
CA ILE B 403 37.54 -4.15 -18.61
C ILE B 403 36.06 -4.26 -18.26
N ALA B 404 35.74 -4.84 -17.11
CA ALA B 404 34.34 -5.02 -16.74
C ALA B 404 33.65 -3.67 -16.60
N PRO B 405 32.37 -3.57 -16.95
CA PRO B 405 31.69 -2.27 -16.93
C PRO B 405 31.60 -1.69 -15.53
N GLY B 406 31.77 -0.37 -15.45
CA GLY B 406 31.65 0.35 -14.20
C GLY B 406 32.81 0.19 -13.24
N GLN B 407 33.89 -0.46 -13.66
CA GLN B 407 35.03 -0.69 -12.78
C GLN B 407 35.99 0.49 -12.82
N THR B 408 37.00 0.44 -11.94
CA THR B 408 37.95 1.52 -11.79
C THR B 408 39.36 0.96 -11.68
N GLY B 409 40.33 1.79 -11.99
CA GLY B 409 41.72 1.38 -11.99
C GLY B 409 42.52 2.26 -12.94
N LYS B 410 43.76 1.85 -13.17
CA LYS B 410 44.60 2.56 -14.13
C LYS B 410 44.05 2.41 -15.55
N ILE B 411 43.80 1.16 -15.97
CA ILE B 411 43.36 0.91 -17.33
C ILE B 411 41.95 1.41 -17.54
N ALA B 412 41.05 1.13 -16.60
CA ALA B 412 39.65 1.47 -16.79
C ALA B 412 39.36 2.97 -16.60
N ASP B 413 40.33 3.75 -16.12
CA ASP B 413 40.11 5.16 -15.88
C ASP B 413 41.13 6.06 -16.55
N TYR B 414 42.11 5.50 -17.27
CA TYR B 414 43.13 6.31 -17.93
C TYR B 414 43.06 6.27 -19.44
N ASN B 415 42.65 5.14 -20.03
CA ASN B 415 42.63 5.05 -21.48
C ASN B 415 41.43 4.33 -22.07
N TYR B 416 40.50 3.82 -21.24
CA TYR B 416 39.30 3.18 -21.76
C TYR B 416 38.26 3.12 -20.68
N LYS B 417 37.12 3.79 -20.89
CA LYS B 417 36.02 3.81 -19.93
C LYS B 417 34.75 3.32 -20.60
N LEU B 418 34.15 2.27 -20.03
CA LEU B 418 32.87 1.78 -20.54
C LEU B 418 31.73 2.34 -19.71
N PRO B 419 30.60 2.64 -20.35
CA PRO B 419 29.45 3.15 -19.60
C PRO B 419 28.86 2.09 -18.69
N ASP B 420 28.20 2.55 -17.63
CA ASP B 420 27.59 1.63 -16.67
C ASP B 420 26.42 0.86 -17.28
N ASP B 421 25.79 1.40 -18.31
CA ASP B 421 24.65 0.77 -18.97
C ASP B 421 25.08 0.07 -20.24
N PHE B 422 26.26 -0.54 -20.23
CA PHE B 422 26.80 -1.16 -21.44
C PHE B 422 25.96 -2.37 -21.87
N THR B 423 25.72 -2.46 -23.17
CA THR B 423 25.06 -3.61 -23.77
C THR B 423 25.96 -4.14 -24.88
N GLY B 424 26.26 -5.43 -24.82
CA GLY B 424 27.14 -6.04 -25.79
C GLY B 424 27.95 -7.16 -25.16
N CYS B 425 29.15 -7.38 -25.69
CA CYS B 425 29.98 -8.48 -25.25
C CYS B 425 31.43 -8.06 -25.16
N VAL B 426 32.18 -8.76 -24.31
CA VAL B 426 33.61 -8.57 -24.10
C VAL B 426 34.31 -9.87 -24.41
N ILE B 427 35.36 -9.80 -25.23
CA ILE B 427 36.05 -10.96 -25.77
C ILE B 427 37.53 -10.80 -25.48
N ALA B 428 38.17 -11.86 -24.98
CA ALA B 428 39.59 -11.81 -24.71
C ALA B 428 40.21 -13.18 -24.93
N TRP B 429 41.43 -13.20 -25.46
CA TRP B 429 42.14 -14.46 -25.61
C TRP B 429 43.64 -14.23 -25.68
N ASN B 430 44.39 -15.24 -25.24
CA ASN B 430 45.84 -15.17 -25.23
C ASN B 430 46.38 -15.20 -26.65
N SER B 431 47.40 -14.36 -26.91
CA SER B 431 48.01 -14.26 -28.23
C SER B 431 49.52 -14.12 -28.15
N ASN B 432 50.15 -14.77 -27.17
CA ASN B 432 51.57 -14.57 -26.95
C ASN B 432 52.42 -15.07 -28.12
N ASN B 433 51.97 -16.13 -28.79
CA ASN B 433 52.79 -16.73 -29.84
C ASN B 433 53.06 -15.75 -30.98
N LEU B 434 52.04 -14.97 -31.37
CA LEU B 434 52.17 -13.99 -32.43
C LEU B 434 52.53 -12.60 -31.91
N ASP B 435 52.71 -12.44 -30.62
CA ASP B 435 53.01 -11.13 -30.07
C ASP B 435 54.28 -11.09 -29.24
N SER B 436 54.55 -12.12 -28.44
CA SER B 436 55.74 -12.11 -27.60
C SER B 436 57.00 -12.12 -28.46
N LYS B 437 58.03 -11.42 -27.97
CA LYS B 437 59.28 -11.26 -28.70
C LYS B 437 60.46 -11.58 -27.80
N VAL B 438 61.41 -12.34 -28.33
CA VAL B 438 62.63 -12.63 -27.57
C VAL B 438 63.43 -11.35 -27.35
N GLY B 439 63.40 -10.43 -28.31
CA GLY B 439 64.00 -9.14 -28.15
C GLY B 439 63.16 -8.13 -27.41
N GLY B 440 61.92 -8.51 -27.07
CA GLY B 440 61.04 -7.63 -26.33
C GLY B 440 60.10 -6.85 -27.22
N ASN B 441 58.82 -7.24 -27.23
CA ASN B 441 57.81 -6.55 -28.04
C ASN B 441 57.28 -5.36 -27.24
N TYR B 442 58.15 -4.37 -27.06
CA TYR B 442 57.79 -3.14 -26.38
C TYR B 442 57.07 -2.15 -27.28
N ASN B 443 56.61 -2.61 -28.45
CA ASN B 443 55.99 -1.71 -29.43
C ASN B 443 54.66 -1.15 -28.93
N TYR B 444 54.03 -1.78 -27.94
CA TYR B 444 52.76 -1.34 -27.40
C TYR B 444 52.99 -0.50 -26.16
N GLN B 445 52.35 0.67 -26.11
CA GLN B 445 52.42 1.56 -24.97
C GLN B 445 51.06 1.66 -24.31
N TYR B 446 51.01 2.36 -23.19
CA TYR B 446 49.75 2.65 -22.52
C TYR B 446 49.93 3.87 -21.64
N ARG B 447 48.90 4.72 -21.61
CA ARG B 447 49.01 6.00 -20.92
C ARG B 447 49.00 5.79 -19.41
N LEU B 448 50.19 5.68 -18.82
CA LEU B 448 50.29 5.46 -17.39
C LEU B 448 49.99 6.73 -16.60
N PHE B 449 50.17 7.89 -17.23
CA PHE B 449 50.07 9.17 -16.53
C PHE B 449 49.01 10.03 -17.21
N ARG B 450 48.14 10.61 -16.39
CA ARG B 450 47.11 11.52 -16.88
C ARG B 450 46.65 12.39 -15.71
N LYS B 451 45.97 13.49 -16.05
CA LYS B 451 45.52 14.42 -15.01
C LYS B 451 44.57 13.75 -14.04
N SER B 452 43.57 13.05 -14.56
CA SER B 452 42.55 12.39 -13.75
C SER B 452 41.81 11.41 -14.65
N ASN B 453 40.70 10.88 -14.14
CA ASN B 453 39.89 9.95 -14.91
C ASN B 453 39.17 10.69 -16.05
N LEU B 454 38.50 9.91 -16.90
CA LEU B 454 37.87 10.45 -18.09
C LEU B 454 36.41 9.99 -18.19
N LYS B 455 35.69 10.62 -19.10
CA LYS B 455 34.30 10.28 -19.37
C LYS B 455 34.22 8.94 -20.11
N PRO B 456 33.03 8.37 -20.25
CA PRO B 456 32.89 7.17 -21.08
C PRO B 456 33.11 7.46 -22.54
N PHE B 457 33.88 6.58 -23.20
CA PHE B 457 34.10 6.61 -24.64
C PHE B 457 34.82 7.89 -25.10
N GLU B 458 36.03 8.09 -24.57
CA GLU B 458 36.97 9.06 -25.12
C GLU B 458 38.37 8.47 -25.10
N ARG B 459 39.22 8.99 -25.99
CA ARG B 459 40.58 8.50 -26.16
C ARG B 459 41.53 9.67 -26.26
N ASP B 460 42.75 9.48 -25.76
CA ASP B 460 43.78 10.51 -25.74
C ASP B 460 44.93 10.12 -26.65
N ILE B 461 45.47 11.10 -27.36
CA ILE B 461 46.57 10.86 -28.29
C ILE B 461 47.76 11.71 -27.87
N SER B 462 47.49 12.82 -27.18
CA SER B 462 48.53 13.73 -26.74
C SER B 462 49.52 13.00 -25.82
N THR B 463 50.81 13.27 -26.02
CA THR B 463 51.89 12.64 -25.26
C THR B 463 52.83 13.67 -24.67
N GLU B 464 52.29 14.80 -24.24
CA GLU B 464 53.11 15.86 -23.66
C GLU B 464 53.64 15.47 -22.28
N ILE B 465 54.69 16.16 -21.86
CA ILE B 465 55.39 15.79 -20.63
C ILE B 465 54.45 15.92 -19.44
N TYR B 466 54.44 14.91 -18.60
CA TYR B 466 53.55 14.88 -17.43
C TYR B 466 54.00 15.89 -16.40
N GLN B 467 53.07 16.23 -15.49
CA GLN B 467 53.33 17.15 -14.39
C GLN B 467 52.89 16.47 -13.10
N ALA B 468 53.80 15.67 -12.51
CA ALA B 468 53.50 15.03 -11.24
C ALA B 468 53.58 16.00 -10.08
N GLY B 469 54.45 17.00 -10.16
CA GLY B 469 54.62 17.98 -9.12
C GLY B 469 53.90 19.29 -9.42
N SER B 470 53.57 20.02 -8.36
CA SER B 470 52.90 21.30 -8.52
C SER B 470 53.80 22.33 -9.19
N THR B 471 55.11 22.20 -9.03
CA THR B 471 56.02 23.09 -9.73
C THR B 471 55.97 22.82 -11.22
N PRO B 472 55.80 23.84 -12.06
CA PRO B 472 55.77 23.61 -13.50
C PRO B 472 57.11 23.14 -14.02
N CYS B 473 57.06 22.33 -15.07
CA CYS B 473 58.26 21.77 -15.69
C CYS B 473 58.48 22.46 -17.03
N ASN B 474 59.36 23.44 -17.05
CA ASN B 474 59.77 24.09 -18.29
C ASN B 474 60.67 23.14 -19.07
N GLY B 475 60.64 23.29 -20.39
CA GLY B 475 61.35 22.35 -21.24
C GLY B 475 60.67 20.99 -21.24
N VAL B 476 61.48 19.94 -21.42
CA VAL B 476 60.94 18.59 -21.52
C VAL B 476 61.63 17.67 -20.52
N GLU B 477 62.43 18.24 -19.63
CA GLU B 477 63.18 17.43 -18.67
C GLU B 477 63.32 18.19 -17.36
N GLY B 478 63.61 17.45 -16.30
CA GLY B 478 63.77 17.95 -14.95
C GLY B 478 63.04 17.07 -13.96
N PHE B 479 62.82 17.60 -12.77
CA PHE B 479 62.05 16.87 -11.77
C PHE B 479 60.59 16.80 -12.18
N ASN B 480 59.96 15.65 -11.90
CA ASN B 480 58.56 15.34 -12.21
C ASN B 480 58.22 15.51 -13.69
N CYS B 481 59.23 15.59 -14.55
CA CYS B 481 59.01 15.70 -16.00
C CYS B 481 59.04 14.29 -16.58
N TYR B 482 57.92 13.58 -16.42
CA TYR B 482 57.77 12.22 -16.91
C TYR B 482 57.01 12.21 -18.23
N SER B 483 57.31 11.22 -19.05
CA SER B 483 56.47 10.97 -20.21
C SER B 483 55.15 10.32 -19.76
N PRO B 484 54.03 10.66 -20.39
CA PRO B 484 52.74 10.14 -19.95
C PRO B 484 52.46 8.70 -20.36
N LEU B 485 53.46 7.98 -20.88
CA LEU B 485 53.27 6.62 -21.35
C LEU B 485 54.27 5.69 -20.68
N GLN B 486 53.96 4.40 -20.71
CA GLN B 486 54.84 3.36 -20.22
C GLN B 486 54.82 2.19 -21.21
N SER B 487 55.92 1.46 -21.27
CA SER B 487 56.10 0.38 -22.23
C SER B 487 55.89 -0.96 -21.54
N TYR B 488 54.97 -1.76 -22.07
CA TYR B 488 54.75 -3.09 -21.55
C TYR B 488 55.92 -4.00 -21.91
N GLY B 489 56.28 -4.89 -21.00
CA GLY B 489 57.32 -5.87 -21.28
C GLY B 489 56.74 -7.24 -21.54
N PHE B 490 56.71 -7.64 -22.81
CA PHE B 490 56.15 -8.94 -23.22
C PHE B 490 57.31 -9.80 -23.74
N GLN B 491 57.65 -10.82 -22.98
CA GLN B 491 58.74 -11.72 -23.33
C GLN B 491 58.30 -13.16 -23.18
N PRO B 492 58.91 -14.08 -23.93
CA PRO B 492 58.48 -15.49 -23.87
C PRO B 492 58.58 -16.10 -22.48
N THR B 493 59.51 -15.63 -21.65
CA THR B 493 59.62 -16.15 -20.29
C THR B 493 58.40 -15.81 -19.43
N ASN B 494 57.61 -14.83 -19.85
CA ASN B 494 56.43 -14.44 -19.09
C ASN B 494 55.40 -15.56 -19.13
N GLY B 495 54.68 -15.72 -18.02
CA GLY B 495 53.65 -16.74 -17.93
C GLY B 495 52.25 -16.17 -17.96
N VAL B 496 51.30 -16.90 -17.39
CA VAL B 496 49.92 -16.42 -17.29
C VAL B 496 49.88 -15.23 -16.35
N GLY B 497 49.15 -14.19 -16.75
CA GLY B 497 49.13 -12.94 -16.03
C GLY B 497 50.10 -11.91 -16.55
N TYR B 498 51.02 -12.29 -17.42
CA TYR B 498 51.97 -11.37 -18.03
C TYR B 498 51.96 -11.41 -19.55
N GLN B 499 51.68 -12.57 -20.15
CA GLN B 499 51.64 -12.66 -21.59
C GLN B 499 50.50 -11.80 -22.14
N PRO B 500 50.70 -11.19 -23.31
CA PRO B 500 49.68 -10.29 -23.85
C PRO B 500 48.40 -11.02 -24.21
N TYR B 501 47.28 -10.32 -24.10
CA TYR B 501 45.97 -10.84 -24.45
C TYR B 501 45.29 -9.87 -25.41
N ARG B 502 44.78 -10.40 -26.51
CA ARG B 502 44.02 -9.59 -27.46
C ARG B 502 42.57 -9.50 -26.99
N VAL B 503 42.02 -8.29 -27.01
CA VAL B 503 40.70 -8.01 -26.46
C VAL B 503 39.88 -7.25 -27.49
N VAL B 504 38.64 -7.68 -27.68
CA VAL B 504 37.68 -7.04 -28.58
C VAL B 504 36.37 -6.85 -27.82
N VAL B 505 35.86 -5.62 -27.84
CA VAL B 505 34.60 -5.28 -27.18
C VAL B 505 33.59 -4.93 -28.26
N LEU B 506 32.44 -5.61 -28.24
CA LEU B 506 31.37 -5.37 -29.18
C LEU B 506 30.24 -4.64 -28.47
N SER B 507 29.81 -3.51 -29.02
CA SER B 507 28.80 -2.68 -28.41
C SER B 507 27.76 -2.28 -29.47
N PHE B 508 26.58 -1.94 -28.98
CA PHE B 508 25.45 -1.62 -29.85
C PHE B 508 24.28 -1.14 -28.99
N GLU B 509 23.50 -0.22 -29.56
CA GLU B 509 22.25 0.24 -28.97
C GLU B 509 21.11 -0.19 -29.86
N LEU B 510 20.12 -0.87 -29.29
CA LEU B 510 19.10 -1.57 -30.05
C LEU B 510 17.72 -1.04 -29.71
N LEU B 511 16.79 -1.29 -30.64
CA LEU B 511 15.37 -0.96 -30.47
C LEU B 511 15.17 0.52 -30.19
N HIS B 512 15.81 1.35 -31.02
CA HIS B 512 15.61 2.80 -30.94
C HIS B 512 15.58 3.47 -32.31
N ALA B 513 15.63 2.72 -33.40
CA ALA B 513 15.68 3.28 -34.75
C ALA B 513 15.45 2.16 -35.77
N PRO B 514 15.26 2.48 -37.05
CA PRO B 514 15.19 1.42 -38.06
C PRO B 514 16.46 0.57 -38.11
N ALA B 515 16.34 -0.71 -37.76
CA ALA B 515 17.50 -1.57 -37.67
C ALA B 515 18.02 -1.93 -39.06
N THR B 516 19.32 -2.22 -39.14
CA THR B 516 19.95 -2.61 -40.39
C THR B 516 20.88 -3.80 -40.28
N VAL B 517 21.27 -4.21 -39.08
CA VAL B 517 22.16 -5.35 -38.89
C VAL B 517 21.29 -6.52 -38.49
N CYS B 518 20.94 -7.36 -39.45
CA CYS B 518 20.03 -8.48 -39.24
C CYS B 518 20.75 -9.80 -39.51
N GLY B 519 20.45 -10.80 -38.69
CA GLY B 519 21.16 -12.06 -38.73
C GLY B 519 20.78 -12.96 -39.87
N PRO B 520 21.22 -14.22 -39.81
CA PRO B 520 21.02 -15.14 -40.94
C PRO B 520 19.61 -15.72 -41.03
N LYS B 521 18.77 -15.52 -40.03
CA LYS B 521 17.45 -16.10 -40.04
C LYS B 521 16.60 -15.50 -41.16
N LYS B 522 15.77 -16.33 -41.78
CA LYS B 522 15.11 -15.96 -43.03
C LYS B 522 13.65 -15.58 -42.79
N SER B 523 13.07 -14.93 -43.80
CA SER B 523 11.71 -14.42 -43.74
C SER B 523 10.71 -15.55 -43.91
N THR B 524 9.42 -15.20 -43.85
CA THR B 524 8.33 -16.15 -44.09
C THR B 524 7.10 -15.36 -44.50
N ASN B 525 6.31 -15.94 -45.40
CA ASN B 525 5.10 -15.29 -45.86
C ASN B 525 4.04 -15.25 -44.76
N LEU B 526 3.41 -14.10 -44.59
CA LEU B 526 2.53 -13.85 -43.46
C LEU B 526 1.08 -14.23 -43.79
N VAL B 527 0.27 -14.30 -42.75
CA VAL B 527 -1.15 -14.64 -42.86
C VAL B 527 -1.97 -13.59 -42.12
N LYS B 528 -3.09 -13.21 -42.69
CA LYS B 528 -3.97 -12.21 -42.10
C LYS B 528 -5.14 -12.86 -41.38
N ASN B 529 -5.75 -12.10 -40.47
CA ASN B 529 -7.02 -12.47 -39.83
C ASN B 529 -6.90 -13.77 -39.04
N LYS B 530 -5.69 -14.13 -38.63
CA LYS B 530 -5.47 -15.32 -37.82
C LYS B 530 -4.48 -14.99 -36.73
N CYS B 531 -4.76 -15.45 -35.51
CA CYS B 531 -3.93 -15.11 -34.37
C CYS B 531 -2.56 -15.77 -34.51
N VAL B 532 -1.54 -14.95 -34.79
CA VAL B 532 -0.21 -15.45 -35.07
C VAL B 532 0.81 -14.58 -34.33
N ASN B 533 1.74 -15.21 -33.63
CA ASN B 533 2.91 -14.51 -33.10
C ASN B 533 3.70 -13.92 -34.26
N PHE B 534 4.21 -12.71 -34.08
CA PHE B 534 4.90 -12.02 -35.17
C PHE B 534 6.18 -11.37 -34.69
N ASN B 535 7.14 -11.31 -35.61
CA ASN B 535 8.43 -10.66 -35.38
C ASN B 535 8.76 -9.78 -36.59
N PHE B 536 8.69 -8.47 -36.42
CA PHE B 536 8.95 -7.48 -37.45
C PHE B 536 10.18 -6.68 -37.05
N ASN B 537 11.32 -6.99 -37.66
CA ASN B 537 12.56 -6.25 -37.43
C ASN B 537 12.93 -6.23 -35.95
N GLY B 538 12.68 -7.33 -35.25
CA GLY B 538 12.94 -7.43 -33.84
C GLY B 538 11.76 -7.08 -32.95
N LEU B 539 10.78 -6.36 -33.48
CA LEU B 539 9.54 -6.12 -32.74
C LEU B 539 8.77 -7.41 -32.60
N THR B 540 8.64 -7.89 -31.37
CA THR B 540 7.99 -9.17 -31.09
C THR B 540 6.62 -8.90 -30.47
N GLY B 541 5.58 -9.45 -31.09
CA GLY B 541 4.23 -9.23 -30.59
C GLY B 541 3.34 -10.42 -30.87
N THR B 542 2.15 -10.39 -30.28
CA THR B 542 1.24 -11.52 -30.35
C THR B 542 -0.20 -11.01 -30.50
N GLY B 543 -0.76 -11.17 -31.69
CA GLY B 543 -2.14 -10.78 -31.93
C GLY B 543 -2.53 -10.87 -33.39
N VAL B 544 -3.83 -10.85 -33.67
CA VAL B 544 -4.29 -10.88 -35.05
C VAL B 544 -3.86 -9.61 -35.77
N LEU B 545 -3.62 -9.74 -37.06
CA LEU B 545 -3.21 -8.64 -37.93
C LEU B 545 -4.32 -8.35 -38.93
N THR B 546 -4.46 -7.07 -39.28
CA THR B 546 -5.47 -6.65 -40.23
C THR B 546 -4.91 -5.55 -41.11
N GLU B 547 -5.36 -5.53 -42.37
CA GLU B 547 -4.99 -4.45 -43.26
C GLU B 547 -5.52 -3.12 -42.73
N SER B 548 -4.67 -2.10 -42.75
CA SER B 548 -4.97 -0.83 -42.11
C SER B 548 -5.16 0.26 -43.16
N ASN B 549 -5.63 1.42 -42.67
CA ASN B 549 -5.82 2.60 -43.50
C ASN B 549 -5.26 3.85 -42.83
N LYS B 550 -4.34 3.70 -41.90
CA LYS B 550 -3.74 4.85 -41.22
C LYS B 550 -2.86 5.64 -42.17
N LYS B 551 -2.76 6.94 -41.92
CA LYS B 551 -2.04 7.84 -42.81
C LYS B 551 -0.63 8.10 -42.29
N PHE B 552 0.20 7.07 -42.37
CA PHE B 552 1.60 7.24 -42.00
C PHE B 552 2.30 8.21 -42.95
N LEU B 553 3.25 8.95 -42.41
CA LEU B 553 4.18 9.71 -43.22
C LEU B 553 5.31 8.80 -43.69
N PRO B 554 6.01 9.17 -44.76
CA PRO B 554 6.98 8.23 -45.35
C PRO B 554 8.10 7.80 -44.42
N PHE B 555 8.45 8.61 -43.43
CA PHE B 555 9.58 8.29 -42.57
C PHE B 555 9.19 7.59 -41.28
N GLN B 556 7.93 7.23 -41.12
CA GLN B 556 7.46 6.58 -39.89
C GLN B 556 7.40 5.06 -40.07
N GLN B 557 7.59 4.35 -38.96
CA GLN B 557 7.56 2.89 -39.02
C GLN B 557 6.80 2.22 -37.87
N PHE B 558 6.39 2.94 -36.84
CA PHE B 558 5.66 2.35 -35.73
C PHE B 558 4.26 2.95 -35.63
N GLY B 559 3.58 2.62 -34.54
CA GLY B 559 2.32 3.21 -34.17
C GLY B 559 2.01 2.91 -32.72
N ARG B 560 1.64 3.91 -31.93
CA ARG B 560 1.50 3.73 -30.49
C ARG B 560 0.06 3.97 -30.04
N ASP B 561 -0.22 3.44 -28.86
CA ASP B 561 -1.54 3.48 -28.25
C ASP B 561 -1.52 4.50 -27.11
N ILE B 562 -2.70 4.73 -26.51
CA ILE B 562 -2.78 5.64 -25.36
C ILE B 562 -1.94 5.10 -24.21
N ALA B 563 -1.92 3.78 -24.03
CA ALA B 563 -1.07 3.15 -23.03
C ALA B 563 0.37 2.97 -23.51
N ASP B 564 0.69 3.44 -24.70
CA ASP B 564 2.03 3.36 -25.28
C ASP B 564 2.47 1.90 -25.45
N THR B 565 1.72 1.19 -26.27
CA THR B 565 2.09 -0.14 -26.75
C THR B 565 1.95 -0.17 -28.26
N THR B 566 2.70 -1.07 -28.88
CA THR B 566 2.66 -1.20 -30.34
C THR B 566 1.24 -1.50 -30.80
N ASP B 567 0.79 -0.77 -31.81
CA ASP B 567 -0.56 -0.98 -32.33
C ASP B 567 -0.58 -1.14 -33.84
N ALA B 568 0.28 -0.42 -34.55
CA ALA B 568 0.37 -0.52 -36.00
C ALA B 568 1.83 -0.67 -36.40
N VAL B 569 2.07 -1.41 -37.47
CA VAL B 569 3.43 -1.70 -37.93
C VAL B 569 3.46 -1.60 -39.45
N ARG B 570 4.67 -1.50 -39.98
CA ARG B 570 4.90 -1.45 -41.43
C ARG B 570 5.76 -2.63 -41.83
N ASP B 571 5.35 -3.32 -42.89
CA ASP B 571 6.10 -4.50 -43.33
C ASP B 571 7.47 -4.09 -43.85
N PRO B 572 8.54 -4.78 -43.45
CA PRO B 572 9.88 -4.38 -43.92
C PRO B 572 10.06 -4.49 -45.42
N GLN B 573 9.43 -5.47 -46.07
CA GLN B 573 9.67 -5.68 -47.49
C GLN B 573 8.85 -4.73 -48.34
N THR B 574 7.52 -4.83 -48.26
CA THR B 574 6.63 -4.01 -49.06
C THR B 574 5.94 -2.98 -48.17
N LEU B 575 5.60 -1.84 -48.76
CA LEU B 575 5.16 -0.67 -48.01
C LEU B 575 3.66 -0.78 -47.76
N GLU B 576 3.30 -1.59 -46.76
CA GLU B 576 1.92 -1.70 -46.30
C GLU B 576 1.88 -1.56 -44.79
N ILE B 577 0.68 -1.32 -44.28
CA ILE B 577 0.46 -1.00 -42.87
C ILE B 577 -0.47 -2.04 -42.27
N LEU B 578 -0.13 -2.53 -41.09
CA LEU B 578 -0.89 -3.56 -40.41
C LEU B 578 -1.31 -3.07 -39.03
N ASP B 579 -2.56 -3.36 -38.65
CA ASP B 579 -3.07 -3.07 -37.32
C ASP B 579 -3.17 -4.37 -36.54
N ILE B 580 -2.69 -4.37 -35.30
CA ILE B 580 -2.70 -5.56 -34.48
C ILE B 580 -3.87 -5.49 -33.50
N THR B 581 -4.24 -6.66 -32.97
CA THR B 581 -5.31 -6.74 -31.98
C THR B 581 -5.13 -8.01 -31.14
N PRO B 582 -5.12 -7.89 -29.82
CA PRO B 582 -4.77 -9.04 -28.98
C PRO B 582 -5.84 -10.13 -29.02
N CYS B 583 -5.42 -11.33 -28.61
CA CYS B 583 -6.27 -12.53 -28.65
C CYS B 583 -6.49 -13.05 -27.23
N SER B 584 -7.43 -12.47 -26.50
CA SER B 584 -7.96 -13.18 -25.35
C SER B 584 -9.46 -13.00 -25.10
N PHE B 585 -10.05 -11.89 -25.54
CA PHE B 585 -11.42 -11.52 -25.20
C PHE B 585 -11.68 -11.65 -23.68
N GLY B 586 -11.02 -10.76 -22.93
CA GLY B 586 -11.43 -10.56 -21.55
C GLY B 586 -12.91 -10.29 -21.55
N GLY B 587 -13.68 -10.97 -20.71
CA GLY B 587 -15.05 -11.22 -21.11
C GLY B 587 -15.89 -12.14 -20.24
N VAL B 588 -16.34 -13.23 -20.86
CA VAL B 588 -17.56 -13.97 -20.54
C VAL B 588 -17.85 -14.10 -19.05
N SER B 589 -19.13 -13.91 -18.70
CA SER B 589 -19.63 -14.20 -17.37
C SER B 589 -20.45 -15.48 -17.40
N VAL B 590 -20.50 -16.16 -16.26
CA VAL B 590 -21.09 -17.49 -16.16
C VAL B 590 -22.23 -17.45 -15.16
N ILE B 591 -23.38 -17.99 -15.54
CA ILE B 591 -24.56 -18.04 -14.68
C ILE B 591 -24.87 -19.49 -14.38
N THR B 592 -24.96 -19.83 -13.10
CA THR B 592 -25.24 -21.17 -12.62
C THR B 592 -26.39 -21.12 -11.62
N PRO B 593 -27.22 -22.16 -11.58
CA PRO B 593 -28.29 -22.19 -10.57
C PRO B 593 -27.84 -22.87 -9.27
N GLY B 594 -26.53 -23.04 -9.12
CA GLY B 594 -26.00 -23.71 -7.95
C GLY B 594 -25.71 -25.18 -8.21
N THR B 595 -24.47 -25.61 -7.94
CA THR B 595 -24.08 -26.97 -8.25
C THR B 595 -24.85 -28.01 -7.44
N ASN B 596 -25.43 -27.61 -6.30
CA ASN B 596 -26.17 -28.56 -5.48
C ASN B 596 -27.53 -28.91 -6.06
N THR B 597 -27.94 -28.25 -7.14
CA THR B 597 -29.22 -28.55 -7.79
C THR B 597 -29.06 -29.07 -9.20
N SER B 598 -28.24 -28.42 -10.02
CA SER B 598 -28.02 -28.87 -11.40
C SER B 598 -26.67 -28.38 -11.87
N ASN B 599 -26.12 -29.12 -12.84
CA ASN B 599 -24.84 -28.77 -13.45
C ASN B 599 -24.99 -27.98 -14.73
N GLN B 600 -26.22 -27.70 -15.16
CA GLN B 600 -26.42 -26.89 -16.34
C GLN B 600 -25.97 -25.46 -16.08
N VAL B 601 -25.59 -24.76 -17.15
CA VAL B 601 -24.99 -23.44 -17.05
C VAL B 601 -25.45 -22.59 -18.21
N ALA B 602 -25.29 -21.28 -18.08
CA ALA B 602 -25.52 -20.34 -19.17
C ALA B 602 -24.38 -19.34 -19.20
N VAL B 603 -24.15 -18.74 -20.36
CA VAL B 603 -23.02 -17.86 -20.55
C VAL B 603 -23.50 -16.54 -21.11
N LEU B 604 -23.02 -15.44 -20.54
CA LEU B 604 -23.29 -14.10 -21.06
C LEU B 604 -21.99 -13.55 -21.63
N TYR B 605 -22.01 -13.21 -22.91
CA TYR B 605 -20.91 -12.52 -23.55
C TYR B 605 -21.17 -11.03 -23.47
N GLN B 606 -20.23 -10.29 -22.89
CA GLN B 606 -20.47 -8.92 -22.49
C GLN B 606 -20.21 -7.96 -23.64
N GLY B 607 -21.20 -7.14 -23.96
CA GLY B 607 -21.03 -6.04 -24.89
C GLY B 607 -20.60 -6.43 -26.28
N VAL B 608 -20.84 -7.68 -26.68
CA VAL B 608 -20.51 -8.14 -28.02
C VAL B 608 -21.79 -8.60 -28.71
N ASN B 609 -22.01 -8.10 -29.92
CA ASN B 609 -23.18 -8.46 -30.70
C ASN B 609 -23.05 -9.90 -31.17
N CYS B 610 -24.08 -10.71 -30.93
CA CYS B 610 -23.97 -12.12 -31.30
C CYS B 610 -24.49 -12.40 -32.71
N THR B 611 -23.97 -11.62 -33.65
CA THR B 611 -23.83 -12.05 -35.03
C THR B 611 -22.42 -12.52 -35.32
N GLU B 612 -21.45 -12.04 -34.54
CA GLU B 612 -20.04 -12.34 -34.73
C GLU B 612 -19.40 -13.02 -33.53
N VAL B 613 -20.20 -13.61 -32.63
CA VAL B 613 -19.62 -14.30 -31.48
C VAL B 613 -18.65 -15.40 -31.89
N PRO B 614 -18.93 -16.25 -32.89
CA PRO B 614 -17.92 -17.23 -33.30
C PRO B 614 -16.61 -16.60 -33.70
N VAL B 615 -16.64 -15.44 -34.36
CA VAL B 615 -15.41 -14.79 -34.81
C VAL B 615 -14.67 -14.18 -33.63
N ALA B 616 -15.38 -13.44 -32.78
CA ALA B 616 -14.73 -12.67 -31.72
C ALA B 616 -14.13 -13.56 -30.65
N ILE B 617 -14.68 -14.76 -30.46
CA ILE B 617 -14.16 -15.69 -29.47
C ILE B 617 -13.26 -16.76 -30.07
N HIS B 618 -13.18 -16.84 -31.40
CA HIS B 618 -12.46 -17.91 -32.11
C HIS B 618 -13.03 -19.28 -31.73
N ALA B 619 -14.31 -19.48 -32.07
CA ALA B 619 -14.99 -20.71 -31.70
C ALA B 619 -14.34 -21.92 -32.36
N ASP B 620 -13.95 -21.79 -33.63
CA ASP B 620 -13.36 -22.91 -34.35
C ASP B 620 -11.96 -23.27 -33.86
N GLN B 621 -11.35 -22.44 -33.01
CA GLN B 621 -10.02 -22.70 -32.48
C GLN B 621 -10.05 -23.32 -31.09
N LEU B 622 -11.22 -23.77 -30.62
CA LEU B 622 -11.38 -24.21 -29.25
C LEU B 622 -11.97 -25.62 -29.22
N THR B 623 -12.05 -26.18 -28.03
CA THR B 623 -12.63 -27.50 -27.84
C THR B 623 -14.12 -27.49 -28.17
N PRO B 624 -14.65 -28.62 -28.66
CA PRO B 624 -16.08 -28.66 -29.02
C PRO B 624 -17.02 -28.33 -27.90
N THR B 625 -16.66 -28.63 -26.64
CA THR B 625 -17.52 -28.29 -25.52
C THR B 625 -17.75 -26.79 -25.44
N TRP B 626 -16.76 -26.00 -25.85
CA TRP B 626 -16.96 -24.56 -25.94
C TRP B 626 -17.77 -24.19 -27.18
N ARG B 627 -17.60 -24.95 -28.27
CA ARG B 627 -18.39 -24.68 -29.47
C ARG B 627 -19.88 -24.90 -29.21
N VAL B 628 -20.22 -25.76 -28.25
CA VAL B 628 -21.63 -25.98 -27.92
C VAL B 628 -22.27 -24.68 -27.45
N TYR B 629 -21.61 -23.99 -26.51
CA TYR B 629 -22.13 -22.72 -26.02
C TYR B 629 -21.89 -21.58 -27.01
N SER B 630 -20.94 -21.74 -27.94
CA SER B 630 -20.78 -20.72 -28.98
C SER B 630 -21.94 -20.75 -29.96
N THR B 631 -22.32 -21.93 -30.46
CA THR B 631 -23.38 -22.04 -31.44
C THR B 631 -24.72 -21.61 -30.88
N GLY B 632 -25.25 -22.38 -29.92
CA GLY B 632 -26.45 -21.97 -29.22
C GLY B 632 -27.77 -22.37 -29.86
N SER B 633 -28.36 -21.43 -30.59
CA SER B 633 -29.74 -21.45 -31.10
C SER B 633 -30.72 -21.18 -29.97
N ASN B 634 -30.24 -21.17 -28.73
CA ASN B 634 -30.92 -20.52 -27.61
C ASN B 634 -30.28 -19.16 -27.34
N VAL B 635 -30.36 -18.28 -28.32
CA VAL B 635 -29.58 -17.06 -28.35
C VAL B 635 -30.51 -15.88 -28.07
N PHE B 636 -30.19 -15.11 -27.04
CA PHE B 636 -30.98 -13.96 -26.63
C PHE B 636 -30.09 -12.72 -26.68
N GLN B 637 -30.64 -11.61 -27.16
CA GLN B 637 -29.90 -10.37 -27.30
C GLN B 637 -30.33 -9.41 -26.21
N THR B 638 -29.39 -8.96 -25.38
CA THR B 638 -29.67 -8.06 -24.28
C THR B 638 -28.77 -6.84 -24.40
N ARG B 639 -29.15 -5.77 -23.69
CA ARG B 639 -28.37 -4.54 -23.73
C ARG B 639 -26.96 -4.75 -23.20
N ALA B 640 -26.79 -5.74 -22.31
CA ALA B 640 -25.47 -6.05 -21.78
C ALA B 640 -24.64 -6.93 -22.70
N GLY B 641 -25.22 -7.39 -23.80
CA GLY B 641 -24.51 -8.26 -24.71
C GLY B 641 -25.39 -9.39 -25.24
N CYS B 642 -24.92 -10.62 -25.11
CA CYS B 642 -25.70 -11.72 -25.65
C CYS B 642 -25.65 -12.91 -24.70
N LEU B 643 -26.82 -13.52 -24.47
CA LEU B 643 -26.98 -14.58 -23.50
C LEU B 643 -27.28 -15.89 -24.22
N ILE B 644 -26.59 -16.96 -23.81
CA ILE B 644 -26.75 -18.27 -24.41
C ILE B 644 -26.98 -19.29 -23.31
N GLY B 645 -28.01 -20.11 -23.47
CA GLY B 645 -28.27 -21.18 -22.52
C GLY B 645 -29.59 -21.03 -21.80
N ALA B 646 -30.46 -20.16 -22.29
CA ALA B 646 -31.75 -19.96 -21.66
C ALA B 646 -32.76 -19.51 -22.70
N GLU B 647 -34.04 -19.66 -22.37
CA GLU B 647 -35.13 -19.29 -23.25
C GLU B 647 -35.87 -18.09 -22.69
N HIS B 648 -36.37 -17.25 -23.59
CA HIS B 648 -37.00 -15.99 -23.25
C HIS B 648 -38.52 -16.16 -23.21
N VAL B 649 -39.13 -15.75 -22.10
CA VAL B 649 -40.57 -15.88 -21.92
C VAL B 649 -41.18 -14.50 -21.74
N ASN B 650 -42.40 -14.34 -22.24
CA ASN B 650 -43.07 -13.04 -22.16
C ASN B 650 -43.49 -12.72 -20.73
N ASN B 651 -44.11 -13.67 -20.06
CA ASN B 651 -44.58 -13.44 -18.69
C ASN B 651 -43.40 -13.20 -17.75
N SER B 652 -43.60 -12.29 -16.81
CA SER B 652 -42.52 -11.75 -15.99
C SER B 652 -42.79 -12.04 -14.52
N TYR B 653 -41.97 -12.91 -13.93
CA TYR B 653 -42.02 -13.17 -12.50
C TYR B 653 -41.13 -12.18 -11.77
N GLU B 654 -40.83 -12.48 -10.50
CA GLU B 654 -39.86 -11.70 -9.76
C GLU B 654 -38.44 -12.04 -10.24
N CYS B 655 -37.45 -11.43 -9.60
CA CYS B 655 -36.05 -11.67 -9.95
C CYS B 655 -35.44 -12.69 -9.00
N ASP B 656 -34.74 -13.67 -9.57
CA ASP B 656 -34.12 -14.74 -8.80
C ASP B 656 -32.60 -14.63 -8.82
N ILE B 657 -32.00 -14.66 -10.00
CA ILE B 657 -30.56 -14.49 -10.16
C ILE B 657 -30.33 -13.27 -11.04
N PRO B 658 -29.90 -12.14 -10.47
CA PRO B 658 -29.84 -10.90 -11.25
C PRO B 658 -28.83 -11.01 -12.38
N ILE B 659 -29.14 -10.34 -13.50
CA ILE B 659 -28.26 -10.29 -14.65
C ILE B 659 -27.94 -8.84 -14.95
N GLY B 660 -28.96 -8.05 -15.27
CA GLY B 660 -28.72 -6.64 -15.53
C GLY B 660 -29.51 -6.09 -16.70
N ALA B 661 -29.52 -4.76 -16.83
CA ALA B 661 -30.27 -4.07 -17.86
C ALA B 661 -31.75 -4.47 -17.84
N GLY B 662 -32.26 -4.79 -16.66
CA GLY B 662 -33.64 -5.18 -16.50
C GLY B 662 -33.93 -6.64 -16.73
N ILE B 663 -32.92 -7.47 -17.00
CA ILE B 663 -33.11 -8.88 -17.27
C ILE B 663 -32.63 -9.69 -16.08
N CYS B 664 -33.42 -10.70 -15.71
CA CYS B 664 -33.06 -11.64 -14.67
C CYS B 664 -33.18 -13.05 -15.22
N ALA B 665 -32.67 -14.01 -14.45
CA ALA B 665 -32.68 -15.40 -14.85
C ALA B 665 -33.06 -16.27 -13.67
N SER B 666 -33.54 -17.48 -13.98
CA SER B 666 -33.93 -18.42 -12.95
C SER B 666 -33.91 -19.83 -13.53
N TYR B 667 -34.05 -20.81 -12.65
CA TYR B 667 -33.99 -22.23 -13.02
C TYR B 667 -35.30 -22.88 -12.63
N GLN B 668 -36.05 -23.37 -13.62
CA GLN B 668 -37.35 -23.96 -13.34
C GLN B 668 -37.78 -24.78 -14.55
N THR B 669 -38.90 -25.48 -14.39
CA THR B 669 -39.44 -26.34 -15.44
C THR B 669 -39.72 -25.55 -16.73
N SER B 682 -37.19 -31.56 -18.47
CA SER B 682 -38.16 -30.84 -17.66
C SER B 682 -37.62 -29.47 -17.25
N GLN B 683 -36.66 -29.49 -16.32
CA GLN B 683 -36.08 -28.25 -15.83
C GLN B 683 -35.16 -27.64 -16.88
N SER B 684 -35.00 -26.32 -16.79
CA SER B 684 -34.14 -25.56 -17.70
C SER B 684 -33.93 -24.18 -17.08
N ILE B 685 -33.30 -23.29 -17.86
CA ILE B 685 -33.01 -21.93 -17.44
C ILE B 685 -33.92 -20.99 -18.22
N ILE B 686 -34.55 -20.06 -17.53
CA ILE B 686 -35.43 -19.06 -18.13
C ILE B 686 -34.86 -17.68 -17.86
N ALA B 687 -34.81 -16.85 -18.90
CA ALA B 687 -34.35 -15.48 -18.80
C ALA B 687 -35.49 -14.55 -19.21
N TYR B 688 -35.79 -13.56 -18.38
CA TYR B 688 -36.96 -12.73 -18.59
C TYR B 688 -36.73 -11.34 -18.03
N THR B 689 -37.48 -10.38 -18.55
CA THR B 689 -37.51 -9.05 -17.96
C THR B 689 -38.18 -9.13 -16.59
N MET B 690 -37.57 -8.50 -15.59
CA MET B 690 -38.15 -8.50 -14.26
C MET B 690 -39.40 -7.63 -14.24
N SER B 691 -40.30 -7.95 -13.33
CA SER B 691 -41.60 -7.28 -13.24
C SER B 691 -41.64 -6.40 -11.99
N LEU B 692 -42.21 -5.22 -12.13
CA LEU B 692 -42.36 -4.30 -11.01
C LEU B 692 -43.55 -4.71 -10.17
N GLY B 693 -43.99 -3.84 -9.27
CA GLY B 693 -45.10 -4.16 -8.40
C GLY B 693 -46.40 -4.37 -9.14
N ALA B 694 -47.39 -4.89 -8.41
CA ALA B 694 -48.71 -5.10 -8.98
C ALA B 694 -49.35 -3.78 -9.38
N GLU B 695 -49.91 -3.75 -10.59
CA GLU B 695 -50.50 -2.53 -11.10
C GLU B 695 -51.78 -2.18 -10.36
N ASN B 696 -52.03 -0.89 -10.19
CA ASN B 696 -53.21 -0.40 -9.49
C ASN B 696 -53.45 1.05 -9.88
N SER B 697 -54.68 1.51 -9.65
CA SER B 697 -55.04 2.89 -9.87
C SER B 697 -56.08 3.30 -8.85
N VAL B 698 -56.16 4.61 -8.59
CA VAL B 698 -57.06 5.17 -7.60
C VAL B 698 -57.94 6.22 -8.27
N ALA B 699 -59.23 6.17 -7.98
CA ALA B 699 -60.17 7.15 -8.50
C ALA B 699 -60.14 8.41 -7.64
N TYR B 700 -60.01 9.56 -8.28
CA TYR B 700 -59.90 10.84 -7.59
C TYR B 700 -61.08 11.72 -7.95
N SER B 701 -61.72 12.28 -6.93
CA SER B 701 -62.84 13.19 -7.10
C SER B 701 -62.65 14.38 -6.18
N ASN B 702 -63.30 15.50 -6.53
CA ASN B 702 -63.11 16.73 -5.78
C ASN B 702 -64.13 16.90 -4.66
N ASN B 703 -65.01 15.93 -4.42
CA ASN B 703 -65.98 16.07 -3.35
C ASN B 703 -66.24 14.77 -2.59
N SER B 704 -65.30 13.83 -2.58
CA SER B 704 -65.49 12.56 -1.91
C SER B 704 -64.22 12.12 -1.22
N ILE B 705 -64.35 11.57 -0.02
CA ILE B 705 -63.22 11.04 0.74
C ILE B 705 -63.57 9.64 1.23
N ALA B 706 -62.58 8.99 1.85
CA ALA B 706 -62.74 7.66 2.40
C ALA B 706 -62.27 7.63 3.85
N ILE B 707 -62.94 6.84 4.67
CA ILE B 707 -62.66 6.76 6.10
C ILE B 707 -62.54 5.29 6.49
N PRO B 708 -61.53 4.92 7.29
CA PRO B 708 -61.48 3.55 7.81
C PRO B 708 -62.56 3.32 8.85
N THR B 709 -62.89 2.04 9.02
CA THR B 709 -63.84 1.61 10.02
C THR B 709 -63.33 0.49 10.91
N ASN B 710 -62.17 -0.10 10.59
CA ASN B 710 -61.61 -1.19 11.36
C ASN B 710 -60.10 -1.14 11.22
N PHE B 711 -59.41 -1.77 12.18
CA PHE B 711 -57.97 -1.66 12.28
C PHE B 711 -57.36 -2.98 12.69
N THR B 712 -56.08 -3.15 12.39
CA THR B 712 -55.34 -4.33 12.83
C THR B 712 -53.96 -3.89 13.30
N ILE B 713 -53.42 -4.61 14.27
CA ILE B 713 -52.09 -4.36 14.78
C ILE B 713 -51.18 -5.49 14.33
N SER B 714 -49.89 -5.18 14.21
CA SER B 714 -48.93 -6.12 13.64
C SER B 714 -47.59 -5.97 14.33
N VAL B 715 -46.74 -6.97 14.15
CA VAL B 715 -45.38 -6.97 14.68
C VAL B 715 -44.42 -7.16 13.51
N THR B 716 -43.41 -6.31 13.45
CA THR B 716 -42.40 -6.36 12.39
C THR B 716 -41.02 -6.49 13.02
N THR B 717 -40.16 -7.32 12.41
CA THR B 717 -38.87 -7.64 12.98
C THR B 717 -37.73 -7.06 12.14
N GLU B 718 -36.71 -6.57 12.83
CA GLU B 718 -35.47 -6.14 12.18
C GLU B 718 -34.26 -6.71 12.92
N ILE B 719 -33.19 -6.95 12.17
CA ILE B 719 -31.96 -7.52 12.69
C ILE B 719 -30.82 -6.57 12.41
N LEU B 720 -30.08 -6.19 13.44
CA LEU B 720 -28.98 -5.24 13.30
C LEU B 720 -27.70 -5.85 13.85
N PRO B 721 -26.62 -5.86 13.10
CA PRO B 721 -25.32 -6.26 13.65
C PRO B 721 -24.80 -5.18 14.59
N VAL B 722 -24.04 -5.61 15.60
CA VAL B 722 -23.53 -4.67 16.57
C VAL B 722 -22.02 -4.77 16.70
N SER B 723 -21.51 -5.97 16.98
CA SER B 723 -20.10 -6.14 17.25
C SER B 723 -19.54 -7.33 16.49
N MET B 724 -18.37 -7.14 15.90
CA MET B 724 -17.66 -8.21 15.21
C MET B 724 -16.70 -8.90 16.17
N THR B 725 -16.23 -10.08 15.76
CA THR B 725 -15.33 -10.85 16.60
C THR B 725 -13.97 -10.16 16.72
N LYS B 726 -13.43 -10.17 17.92
CA LYS B 726 -12.09 -9.61 18.13
C LYS B 726 -11.04 -10.51 17.49
N THR B 727 -9.85 -9.94 17.28
CA THR B 727 -8.72 -10.71 16.79
C THR B 727 -7.44 -10.01 17.17
N SER B 728 -6.34 -10.76 17.14
CA SER B 728 -5.03 -10.21 17.44
C SER B 728 -3.98 -11.14 16.84
N VAL B 729 -3.05 -10.56 16.09
CA VAL B 729 -2.05 -11.32 15.36
C VAL B 729 -0.67 -10.81 15.77
N ASP B 730 0.19 -11.74 16.17
CA ASP B 730 1.58 -11.38 16.41
C ASP B 730 2.28 -11.11 15.09
N CYS B 731 3.36 -10.33 15.15
CA CYS B 731 4.04 -9.91 13.93
C CYS B 731 5.20 -10.84 13.58
N THR B 732 6.20 -10.93 14.46
CA THR B 732 7.39 -11.70 14.15
C THR B 732 7.08 -13.18 14.00
N MET B 733 6.20 -13.70 14.86
CA MET B 733 5.91 -15.13 14.84
C MET B 733 5.29 -15.55 13.52
N TYR B 734 4.34 -14.77 13.01
CA TYR B 734 3.76 -15.09 11.71
C TYR B 734 4.80 -14.97 10.60
N ILE B 735 5.59 -13.90 10.63
CA ILE B 735 6.52 -13.63 9.54
C ILE B 735 7.54 -14.75 9.45
N CYS B 736 8.39 -14.89 10.46
CA CYS B 736 9.40 -15.93 10.45
C CYS B 736 9.63 -16.49 11.85
N GLY B 737 8.54 -16.85 12.53
CA GLY B 737 8.66 -17.44 13.85
C GLY B 737 9.62 -18.59 13.95
N ASP B 738 10.02 -18.92 15.19
CA ASP B 738 10.99 -19.97 15.50
C ASP B 738 12.24 -19.88 14.62
N SER B 739 12.81 -18.68 14.56
CA SER B 739 14.07 -18.46 13.87
C SER B 739 14.76 -17.24 14.49
N THR B 740 16.09 -17.30 14.56
CA THR B 740 16.87 -16.24 15.19
C THR B 740 17.45 -15.25 14.18
N GLU B 741 18.06 -15.75 13.11
CA GLU B 741 18.65 -14.86 12.12
C GLU B 741 17.60 -13.98 11.46
N CYS B 742 16.46 -14.56 11.09
CA CYS B 742 15.42 -13.76 10.47
C CYS B 742 14.86 -12.71 11.42
N SER B 743 14.74 -13.05 12.70
CA SER B 743 14.28 -12.05 13.66
C SER B 743 15.26 -10.89 13.75
N ASN B 744 16.56 -11.18 13.74
CA ASN B 744 17.56 -10.12 13.74
C ASN B 744 17.45 -9.26 12.50
N LEU B 745 17.24 -9.88 11.34
CA LEU B 745 17.03 -9.09 10.12
C LEU B 745 15.78 -8.21 10.26
N LEU B 746 14.68 -8.79 10.72
CA LEU B 746 13.41 -8.07 10.76
C LEU B 746 13.46 -6.92 11.74
N LEU B 747 14.26 -7.03 12.80
CA LEU B 747 14.36 -5.96 13.78
C LEU B 747 14.84 -4.65 13.14
N GLN B 748 15.51 -4.73 11.99
CA GLN B 748 16.09 -3.57 11.36
C GLN B 748 15.14 -2.86 10.40
N TYR B 749 13.95 -3.42 10.17
CA TYR B 749 13.03 -2.87 9.19
C TYR B 749 12.22 -1.67 9.69
N GLY B 750 12.28 -1.35 10.97
CA GLY B 750 11.55 -0.21 11.47
C GLY B 750 10.53 -0.53 12.55
N SER B 751 9.34 0.04 12.44
CA SER B 751 8.32 -0.06 13.48
C SER B 751 6.96 -0.37 12.88
N PHE B 752 6.90 -1.35 11.96
CA PHE B 752 5.61 -1.72 11.39
C PHE B 752 4.78 -2.53 12.37
N CYS B 753 5.42 -3.47 13.07
CA CYS B 753 4.69 -4.39 13.94
C CYS B 753 3.98 -3.64 15.05
N THR B 754 4.62 -2.60 15.59
CA THR B 754 3.97 -1.78 16.60
C THR B 754 2.70 -1.15 16.07
N GLN B 755 2.75 -0.62 14.85
CA GLN B 755 1.56 -0.01 14.25
C GLN B 755 0.45 -1.05 14.09
N LEU B 756 0.80 -2.23 13.61
CA LEU B 756 -0.23 -3.25 13.39
C LEU B 756 -0.88 -3.66 14.71
N ASN B 757 -0.06 -3.88 15.73
CA ASN B 757 -0.60 -4.24 17.03
C ASN B 757 -1.49 -3.14 17.59
N ARG B 758 -1.07 -1.88 17.41
CA ARG B 758 -1.88 -0.77 17.91
C ARG B 758 -3.24 -0.72 17.21
N ALA B 759 -3.25 -0.88 15.88
CA ALA B 759 -4.52 -0.82 15.17
C ALA B 759 -5.45 -1.95 15.60
N LEU B 760 -4.93 -3.15 15.73
CA LEU B 760 -5.76 -4.26 16.16
C LEU B 760 -6.29 -4.03 17.57
N THR B 761 -5.45 -3.51 18.46
CA THR B 761 -5.91 -3.22 19.81
C THR B 761 -7.00 -2.14 19.79
N GLY B 762 -6.87 -1.15 18.92
CA GLY B 762 -7.88 -0.12 18.84
C GLY B 762 -9.25 -0.65 18.44
N ILE B 763 -9.28 -1.50 17.41
CA ILE B 763 -10.57 -2.05 17.02
C ILE B 763 -11.11 -2.98 18.11
N ALA B 764 -10.22 -3.71 18.78
CA ALA B 764 -10.65 -4.57 19.86
C ALA B 764 -11.31 -3.78 20.98
N VAL B 765 -10.79 -2.58 21.27
CA VAL B 765 -11.42 -1.74 22.28
C VAL B 765 -12.76 -1.22 21.81
N GLU B 766 -12.82 -0.72 20.57
CA GLU B 766 -14.07 -0.10 20.15
C GLU B 766 -15.20 -1.11 20.00
N GLN B 767 -14.89 -2.41 19.88
CA GLN B 767 -15.96 -3.40 19.90
C GLN B 767 -16.74 -3.36 21.22
N ASP B 768 -16.02 -3.44 22.34
CA ASP B 768 -16.67 -3.33 23.63
C ASP B 768 -17.31 -1.96 23.80
N LYS B 769 -16.70 -0.92 23.24
CA LYS B 769 -17.34 0.39 23.29
C LYS B 769 -18.71 0.36 22.62
N ASN B 770 -18.80 -0.29 21.46
CA ASN B 770 -20.08 -0.38 20.75
C ASN B 770 -21.12 -1.13 21.56
N THR B 771 -20.74 -2.27 22.13
CA THR B 771 -21.70 -3.02 22.94
C THR B 771 -22.19 -2.20 24.12
N GLN B 772 -21.27 -1.50 24.80
CA GLN B 772 -21.65 -0.66 25.92
C GLN B 772 -22.60 0.44 25.47
N GLU B 773 -22.33 1.05 24.32
CA GLU B 773 -23.21 2.10 23.81
C GLU B 773 -24.61 1.56 23.58
N VAL B 774 -24.72 0.41 22.93
CA VAL B 774 -26.04 -0.09 22.53
C VAL B 774 -26.86 -0.51 23.74
N PHE B 775 -26.26 -1.31 24.63
CA PHE B 775 -27.07 -2.04 25.60
C PHE B 775 -27.13 -1.41 26.99
N ALA B 776 -26.31 -0.41 27.29
CA ALA B 776 -26.22 0.16 28.63
C ALA B 776 -26.94 1.49 28.74
N GLN B 777 -28.12 1.60 28.09
CA GLN B 777 -28.86 2.85 28.15
C GLN B 777 -29.35 3.18 29.55
N VAL B 778 -29.74 2.17 30.33
CA VAL B 778 -30.29 2.36 31.65
C VAL B 778 -29.25 1.96 32.69
N LYS B 779 -29.12 2.78 33.74
CA LYS B 779 -28.20 2.51 34.83
C LYS B 779 -28.90 1.92 36.06
N GLN B 780 -29.94 1.13 35.83
CA GLN B 780 -30.65 0.44 36.91
C GLN B 780 -31.27 -0.82 36.33
N ILE B 781 -31.59 -1.77 37.20
CA ILE B 781 -32.19 -3.03 36.80
C ILE B 781 -33.57 -3.12 37.43
N TYR B 782 -34.59 -3.28 36.60
CA TYR B 782 -35.97 -3.40 37.05
C TYR B 782 -36.42 -4.85 36.92
N LYS B 783 -37.33 -5.24 37.80
CA LYS B 783 -37.79 -6.62 37.89
C LYS B 783 -39.30 -6.66 37.73
N THR B 784 -39.77 -7.61 36.94
CA THR B 784 -41.20 -7.78 36.73
C THR B 784 -41.87 -8.27 38.01
N PRO B 785 -43.11 -7.84 38.28
CA PRO B 785 -43.78 -8.30 39.49
C PRO B 785 -44.12 -9.77 39.39
N PRO B 786 -44.27 -10.45 40.54
CA PRO B 786 -44.61 -11.88 40.49
C PRO B 786 -45.94 -12.18 39.82
N ILE B 787 -46.93 -11.30 39.97
CA ILE B 787 -48.22 -11.49 39.32
C ILE B 787 -48.15 -10.94 37.91
N LYS B 788 -48.84 -11.62 36.98
CA LYS B 788 -48.73 -11.27 35.57
C LYS B 788 -50.09 -10.97 34.96
N ASP B 789 -50.89 -10.13 35.61
CA ASP B 789 -52.17 -9.69 35.08
C ASP B 789 -52.00 -8.31 34.46
N PHE B 790 -52.30 -8.21 33.17
CA PHE B 790 -52.16 -6.96 32.43
C PHE B 790 -53.43 -6.65 31.66
N GLY B 791 -54.58 -6.96 32.25
CA GLY B 791 -55.86 -6.62 31.64
C GLY B 791 -56.10 -7.28 30.30
N GLY B 792 -55.71 -8.54 30.15
CA GLY B 792 -55.95 -9.28 28.93
C GLY B 792 -54.76 -9.39 28.00
N PHE B 793 -53.64 -8.74 28.32
CA PHE B 793 -52.45 -8.81 27.50
C PHE B 793 -51.51 -9.87 28.05
N ASN B 794 -50.94 -10.67 27.15
CA ASN B 794 -50.10 -11.79 27.51
C ASN B 794 -48.70 -11.58 26.96
N PHE B 795 -47.69 -11.68 27.83
CA PHE B 795 -46.30 -11.37 27.49
C PHE B 795 -45.37 -12.57 27.70
N SER B 796 -45.92 -13.79 27.71
CA SER B 796 -45.10 -14.95 28.03
C SER B 796 -44.01 -15.21 27.00
N GLN B 797 -44.20 -14.79 25.75
CA GLN B 797 -43.29 -15.17 24.69
C GLN B 797 -41.97 -14.39 24.70
N ILE B 798 -41.86 -13.33 25.49
CA ILE B 798 -40.68 -12.48 25.45
C ILE B 798 -40.01 -12.29 26.81
N LEU B 799 -40.71 -12.49 27.92
CA LEU B 799 -40.08 -12.37 29.21
C LEU B 799 -39.18 -13.57 29.49
N PRO B 800 -38.19 -13.42 30.36
CA PRO B 800 -37.29 -14.54 30.66
C PRO B 800 -38.04 -15.70 31.30
N ASP B 801 -37.51 -16.90 31.07
CA ASP B 801 -38.14 -18.11 31.58
C ASP B 801 -37.37 -18.60 32.81
N PRO B 802 -37.95 -18.54 34.00
CA PRO B 802 -37.24 -19.04 35.19
C PRO B 802 -36.99 -20.54 35.16
N SER B 803 -37.73 -21.30 34.34
CA SER B 803 -37.57 -22.74 34.33
C SER B 803 -36.28 -23.16 33.62
N LYS B 804 -35.94 -22.47 32.53
CA LYS B 804 -34.76 -22.83 31.76
C LYS B 804 -33.49 -22.56 32.58
N PRO B 805 -32.47 -23.41 32.46
CA PRO B 805 -31.23 -23.18 33.21
C PRO B 805 -30.58 -21.85 32.88
N SER B 806 -30.66 -21.42 31.62
CA SER B 806 -30.20 -20.09 31.23
C SER B 806 -31.33 -19.09 31.41
N LYS B 807 -30.98 -17.85 31.73
CA LYS B 807 -31.95 -16.80 31.97
C LYS B 807 -32.25 -16.08 30.66
N ARG B 808 -33.02 -16.74 29.80
CA ARG B 808 -33.38 -16.17 28.52
C ARG B 808 -34.76 -16.63 28.12
N SER B 809 -35.37 -15.89 27.20
CA SER B 809 -36.72 -16.17 26.74
C SER B 809 -36.69 -17.14 25.56
N PRO B 810 -37.87 -17.43 25.02
CA PRO B 810 -37.96 -18.41 23.94
C PRO B 810 -37.42 -17.87 22.62
N ILE B 811 -37.78 -16.63 22.27
CA ILE B 811 -37.30 -16.06 21.02
C ILE B 811 -35.79 -15.97 21.01
N GLU B 812 -35.21 -15.51 22.12
CA GLU B 812 -33.76 -15.49 22.24
C GLU B 812 -33.19 -16.89 22.11
N ASP B 813 -33.89 -17.90 22.64
CA ASP B 813 -33.41 -19.27 22.56
C ASP B 813 -33.38 -19.76 21.12
N LEU B 814 -34.45 -19.51 20.37
CA LEU B 814 -34.47 -19.90 18.96
C LEU B 814 -33.38 -19.18 18.18
N LEU B 815 -33.19 -17.88 18.44
CA LEU B 815 -32.15 -17.16 17.72
C LEU B 815 -30.76 -17.71 18.07
N PHE B 816 -30.54 -18.04 19.34
CA PHE B 816 -29.26 -18.59 19.74
C PHE B 816 -29.00 -19.93 19.08
N ASN B 817 -30.03 -20.78 18.99
CA ASN B 817 -29.87 -22.04 18.29
C ASN B 817 -29.69 -21.85 16.78
N LYS B 818 -30.19 -20.73 16.24
CA LYS B 818 -30.22 -20.55 14.79
C LYS B 818 -28.83 -20.32 14.22
N VAL B 819 -27.96 -19.62 14.94
CA VAL B 819 -26.66 -19.21 14.44
C VAL B 819 -25.58 -20.09 15.06
N THR B 820 -24.71 -20.64 14.23
CA THR B 820 -23.62 -21.48 14.70
C THR B 820 -22.57 -20.66 15.42
N LEU B 842 -8.87 -26.84 10.92
CA LEU B 842 -8.87 -25.49 10.37
C LEU B 842 -8.62 -24.46 11.46
N ILE B 843 -9.27 -24.66 12.61
CA ILE B 843 -9.04 -23.77 13.74
C ILE B 843 -7.65 -23.98 14.32
N CYS B 844 -7.21 -25.24 14.43
CA CYS B 844 -5.90 -25.53 14.98
C CYS B 844 -4.82 -25.41 13.93
N ALA B 845 -4.80 -24.27 13.23
CA ALA B 845 -3.65 -23.79 12.48
C ALA B 845 -3.51 -22.32 12.79
N GLN B 846 -4.64 -21.69 13.14
CA GLN B 846 -4.66 -20.29 13.50
C GLN B 846 -3.89 -20.05 14.79
N LYS B 847 -4.13 -20.90 15.80
CA LYS B 847 -3.44 -20.76 17.07
C LYS B 847 -1.98 -21.21 17.01
N PHE B 848 -1.55 -21.75 15.87
CA PHE B 848 -0.15 -22.13 15.67
C PHE B 848 0.58 -21.18 14.74
N ASN B 849 -0.05 -20.06 14.36
CA ASN B 849 0.59 -19.06 13.52
C ASN B 849 0.27 -17.67 14.03
N GLY B 850 0.30 -17.49 15.35
CA GLY B 850 0.08 -16.20 15.96
C GLY B 850 -1.35 -15.74 15.99
N LEU B 851 -2.20 -16.24 15.11
CA LEU B 851 -3.59 -15.81 15.07
C LEU B 851 -4.29 -16.22 16.36
N ASN B 852 -5.08 -15.31 16.92
CA ASN B 852 -5.78 -15.57 18.17
C ASN B 852 -7.12 -14.84 18.16
N VAL B 853 -8.00 -15.28 19.05
CA VAL B 853 -9.28 -14.61 19.26
C VAL B 853 -9.40 -14.30 20.75
N LEU B 854 -9.72 -13.05 21.06
CA LEU B 854 -9.82 -12.65 22.45
C LEU B 854 -11.28 -12.66 22.89
N PRO B 855 -11.63 -13.34 23.97
CA PRO B 855 -13.02 -13.48 24.33
C PRO B 855 -13.63 -12.15 24.69
N PRO B 856 -14.92 -11.96 24.42
CA PRO B 856 -15.56 -10.68 24.72
C PRO B 856 -15.77 -10.49 26.22
N LEU B 857 -15.93 -9.24 26.61
CA LEU B 857 -16.12 -8.91 28.02
C LEU B 857 -17.53 -9.24 28.47
N LEU B 858 -18.53 -8.59 27.87
CA LEU B 858 -19.92 -8.77 28.26
C LEU B 858 -20.40 -10.13 27.78
N THR B 859 -20.49 -11.09 28.69
CA THR B 859 -21.03 -12.40 28.33
C THR B 859 -22.53 -12.28 28.05
N ASP B 860 -23.04 -13.19 27.23
CA ASP B 860 -24.40 -13.06 26.71
C ASP B 860 -25.47 -13.16 27.79
N GLU B 861 -25.19 -13.82 28.92
CA GLU B 861 -26.16 -13.81 30.01
C GLU B 861 -26.34 -12.40 30.57
N MET B 862 -25.25 -11.64 30.66
CA MET B 862 -25.34 -10.24 31.07
C MET B 862 -26.18 -9.44 30.09
N ILE B 863 -26.02 -9.69 28.79
CA ILE B 863 -26.84 -9.01 27.79
C ILE B 863 -28.30 -9.36 27.97
N ALA B 864 -28.58 -10.64 28.25
CA ALA B 864 -29.96 -11.04 28.49
C ALA B 864 -30.53 -10.34 29.71
N GLN B 865 -29.72 -10.18 30.76
CA GLN B 865 -30.18 -9.45 31.94
C GLN B 865 -30.51 -8.00 31.61
N TYR B 866 -29.63 -7.36 30.82
CA TYR B 866 -29.90 -5.98 30.40
C TYR B 866 -31.21 -5.88 29.63
N THR B 867 -31.42 -6.79 28.67
CA THR B 867 -32.62 -6.73 27.86
C THR B 867 -33.86 -6.98 28.71
N SER B 868 -33.77 -7.90 29.67
CA SER B 868 -34.89 -8.14 30.57
C SER B 868 -35.21 -6.90 31.39
N ALA B 869 -34.17 -6.21 31.87
CA ALA B 869 -34.41 -4.97 32.61
C ALA B 869 -35.12 -3.94 31.74
N LEU B 870 -34.65 -3.77 30.50
CA LEU B 870 -35.30 -2.82 29.61
C LEU B 870 -36.76 -3.19 29.35
N LEU B 871 -37.01 -4.47 29.11
CA LEU B 871 -38.37 -4.91 28.81
C LEU B 871 -39.29 -4.71 30.01
N ALA B 872 -38.82 -5.05 31.22
CA ALA B 872 -39.64 -4.84 32.40
C ALA B 872 -39.93 -3.37 32.63
N GLY B 873 -38.93 -2.52 32.43
CA GLY B 873 -39.16 -1.09 32.57
C GLY B 873 -40.19 -0.58 31.59
N THR B 874 -40.09 -1.00 30.33
CA THR B 874 -41.07 -0.58 29.34
C THR B 874 -42.46 -1.05 29.69
N ILE B 875 -42.59 -2.29 30.17
CA ILE B 875 -43.90 -2.84 30.46
C ILE B 875 -44.55 -2.10 31.62
N THR B 876 -43.81 -1.90 32.71
CA THR B 876 -44.41 -1.39 33.94
C THR B 876 -44.25 0.11 34.13
N SER B 877 -43.68 0.83 33.17
CA SER B 877 -43.47 2.25 33.36
C SER B 877 -43.86 3.11 32.17
N GLY B 878 -44.16 2.53 31.01
CA GLY B 878 -44.48 3.33 29.84
C GLY B 878 -43.23 3.84 29.16
N TRP B 879 -42.94 5.13 29.34
CA TRP B 879 -41.69 5.69 28.84
C TRP B 879 -41.06 6.69 29.79
N THR B 880 -41.68 6.98 30.92
CA THR B 880 -41.13 7.97 31.84
C THR B 880 -39.88 7.50 32.56
N PHE B 881 -39.53 6.21 32.45
CA PHE B 881 -38.31 5.74 33.10
C PHE B 881 -37.07 6.13 32.34
N GLY B 882 -37.20 6.70 31.14
CA GLY B 882 -36.05 7.19 30.42
C GLY B 882 -35.77 8.64 30.72
N ALA B 883 -36.84 9.43 30.87
CA ALA B 883 -36.67 10.85 31.14
C ALA B 883 -36.23 11.11 32.57
N GLY B 884 -36.57 10.22 33.50
CA GLY B 884 -36.24 10.44 34.90
C GLY B 884 -36.62 9.31 35.82
N PRO B 885 -37.23 9.64 36.95
CA PRO B 885 -37.64 8.62 37.91
C PRO B 885 -38.75 7.75 37.33
N ALA B 886 -38.71 6.46 37.68
CA ALA B 886 -39.71 5.53 37.17
C ALA B 886 -41.05 5.76 37.86
N LEU B 887 -42.13 5.82 37.07
CA LEU B 887 -43.47 6.05 37.58
C LEU B 887 -44.39 4.98 37.02
N GLN B 888 -44.95 4.16 37.91
CA GLN B 888 -45.80 3.06 37.47
C GLN B 888 -47.14 3.57 36.95
N ILE B 889 -47.79 2.75 36.14
CA ILE B 889 -49.08 3.08 35.55
C ILE B 889 -49.69 1.81 34.96
N PRO B 890 -50.98 1.57 35.14
CA PRO B 890 -51.59 0.36 34.56
C PRO B 890 -51.47 0.34 33.05
N PHE B 891 -51.36 -0.87 32.49
CA PHE B 891 -51.05 -1.04 31.09
C PHE B 891 -52.15 -0.52 30.18
N PRO B 892 -53.41 -0.69 30.58
CA PRO B 892 -54.52 -0.26 29.74
C PRO B 892 -54.46 1.25 29.47
N MET B 893 -54.25 2.05 30.52
CA MET B 893 -54.10 3.48 30.30
C MET B 893 -52.86 3.85 29.51
N GLN B 894 -51.78 3.06 29.62
CA GLN B 894 -50.62 3.33 28.78
C GLN B 894 -50.97 3.15 27.31
N MET B 895 -51.67 2.07 26.97
CA MET B 895 -52.10 1.90 25.59
C MET B 895 -53.08 2.98 25.17
N ALA B 896 -53.90 3.46 26.10
CA ALA B 896 -54.80 4.56 25.79
C ALA B 896 -54.02 5.82 25.44
N TYR B 897 -52.97 6.12 26.20
CA TYR B 897 -52.13 7.27 25.87
C TYR B 897 -51.45 7.09 24.52
N ARG B 898 -51.00 5.88 24.21
CA ARG B 898 -50.38 5.65 22.90
C ARG B 898 -51.39 5.89 21.78
N PHE B 899 -52.60 5.35 21.91
CA PHE B 899 -53.63 5.57 20.90
C PHE B 899 -53.95 7.05 20.76
N ASN B 900 -53.98 7.78 21.88
CA ASN B 900 -54.18 9.22 21.81
C ASN B 900 -53.04 9.89 21.07
N GLY B 901 -51.82 9.42 21.28
CA GLY B 901 -50.68 9.97 20.57
C GLY B 901 -50.77 9.78 19.08
N ILE B 902 -51.29 8.62 18.65
CA ILE B 902 -51.44 8.37 17.22
C ILE B 902 -52.36 9.41 16.59
N GLY B 903 -53.47 9.71 17.25
CA GLY B 903 -54.42 10.67 16.73
C GLY B 903 -55.85 10.18 16.81
N VAL B 904 -56.05 9.06 17.51
CA VAL B 904 -57.36 8.46 17.70
C VAL B 904 -57.75 8.63 19.16
N THR B 905 -58.97 9.11 19.40
CA THR B 905 -59.43 9.33 20.77
C THR B 905 -59.45 8.02 21.54
N GLN B 906 -59.10 8.09 22.83
CA GLN B 906 -58.75 6.90 23.58
C GLN B 906 -59.94 5.97 23.83
N ASN B 907 -61.16 6.47 23.73
CA ASN B 907 -62.31 5.61 24.03
C ASN B 907 -62.33 4.37 23.14
N VAL B 908 -61.82 4.49 21.91
CA VAL B 908 -61.83 3.37 20.97
C VAL B 908 -61.06 2.19 21.55
N LEU B 909 -60.06 2.45 22.38
CA LEU B 909 -59.36 1.34 23.03
C LEU B 909 -60.24 0.70 24.09
N TYR B 910 -60.89 1.50 24.91
CA TYR B 910 -61.67 0.96 26.02
C TYR B 910 -62.86 0.17 25.52
N GLU B 911 -63.49 0.61 24.45
CA GLU B 911 -64.63 -0.12 23.90
C GLU B 911 -64.22 -1.48 23.36
N ASN B 912 -63.07 -1.56 22.70
CA ASN B 912 -62.65 -2.77 21.99
C ASN B 912 -61.37 -3.36 22.58
N GLN B 913 -61.31 -3.45 23.91
CA GLN B 913 -60.09 -3.93 24.56
C GLN B 913 -59.82 -5.40 24.25
N LYS B 914 -60.87 -6.23 24.29
CA LYS B 914 -60.66 -7.67 24.10
C LYS B 914 -60.16 -7.98 22.71
N LEU B 915 -60.72 -7.32 21.70
CA LEU B 915 -60.27 -7.54 20.32
C LEU B 915 -58.79 -7.22 20.19
N ILE B 916 -58.36 -6.09 20.73
CA ILE B 916 -56.97 -5.68 20.60
C ILE B 916 -56.06 -6.63 21.34
N ALA B 917 -56.48 -7.09 22.52
CA ALA B 917 -55.66 -8.05 23.26
C ALA B 917 -55.50 -9.35 22.48
N ASN B 918 -56.58 -9.86 21.91
CA ASN B 918 -56.50 -11.11 21.16
C ASN B 918 -55.63 -10.94 19.92
N GLN B 919 -55.78 -9.82 19.21
CA GLN B 919 -54.94 -9.56 18.04
C GLN B 919 -53.47 -9.49 18.43
N PHE B 920 -53.18 -8.82 19.55
CA PHE B 920 -51.81 -8.70 20.03
C PHE B 920 -51.21 -10.07 20.31
N ASN B 921 -51.93 -10.90 21.05
CA ASN B 921 -51.42 -12.23 21.39
C ASN B 921 -51.21 -13.08 20.15
N SER B 922 -52.18 -13.08 19.22
CA SER B 922 -52.04 -13.87 18.01
C SER B 922 -50.86 -13.37 17.16
N ALA B 923 -50.69 -12.06 17.06
CA ALA B 923 -49.62 -11.50 16.25
C ALA B 923 -48.27 -11.91 16.80
N ILE B 924 -48.10 -11.85 18.12
CA ILE B 924 -46.82 -12.30 18.68
C ILE B 924 -46.66 -13.81 18.49
N GLY B 925 -47.74 -14.57 18.59
CA GLY B 925 -47.65 -16.00 18.37
C GLY B 925 -47.18 -16.35 16.96
N LYS B 926 -47.55 -15.55 15.97
CA LYS B 926 -47.16 -15.82 14.59
C LYS B 926 -45.65 -15.73 14.39
N ILE B 927 -44.98 -14.82 15.09
CA ILE B 927 -43.60 -14.51 14.75
C ILE B 927 -42.67 -15.67 15.08
N GLN B 928 -42.99 -16.47 16.09
CA GLN B 928 -42.18 -17.65 16.38
C GLN B 928 -42.12 -18.58 15.18
N ASP B 929 -43.30 -18.88 14.62
CA ASP B 929 -43.35 -19.71 13.42
C ASP B 929 -42.67 -19.03 12.24
N SER B 930 -42.85 -17.72 12.11
CA SER B 930 -42.24 -17.00 11.00
C SER B 930 -40.72 -17.13 11.03
N LEU B 931 -40.13 -17.02 12.22
CA LEU B 931 -38.68 -17.22 12.34
C LEU B 931 -38.30 -18.67 12.11
N SER B 932 -39.04 -19.61 12.71
CA SER B 932 -38.67 -21.02 12.63
C SER B 932 -38.80 -21.58 11.21
N SER B 933 -39.59 -20.94 10.35
CA SER B 933 -39.80 -21.49 9.01
C SER B 933 -38.61 -21.21 8.10
N THR B 934 -38.34 -19.93 7.85
CA THR B 934 -37.27 -19.56 6.92
C THR B 934 -35.92 -19.58 7.63
N PRO B 935 -34.94 -20.21 7.00
CA PRO B 935 -33.60 -20.33 7.56
C PRO B 935 -32.67 -19.21 7.10
N SER B 936 -33.11 -18.31 6.23
CA SER B 936 -32.30 -17.22 5.73
C SER B 936 -32.70 -15.87 6.31
N ALA B 937 -33.49 -15.85 7.38
CA ALA B 937 -33.89 -14.58 7.99
C ALA B 937 -32.69 -13.87 8.61
N LEU B 938 -31.80 -14.64 9.25
CA LEU B 938 -30.65 -14.07 9.97
C LEU B 938 -29.40 -14.03 9.13
N GLY B 939 -29.54 -13.84 7.82
CA GLY B 939 -28.36 -13.77 6.96
C GLY B 939 -27.45 -12.60 7.29
N LYS B 940 -28.03 -11.46 7.70
CA LYS B 940 -27.23 -10.30 8.01
C LYS B 940 -26.29 -10.53 9.19
N LEU B 941 -26.58 -11.53 10.03
CA LEU B 941 -25.70 -11.84 11.15
C LEU B 941 -24.66 -12.90 10.79
N GLN B 942 -25.05 -13.91 10.03
CA GLN B 942 -24.08 -14.90 9.57
C GLN B 942 -23.06 -14.29 8.62
N ASP B 943 -23.44 -13.21 7.94
CA ASP B 943 -22.58 -12.60 6.93
C ASP B 943 -21.25 -12.16 7.52
N VAL B 944 -21.29 -11.45 8.65
CA VAL B 944 -20.06 -10.89 9.21
C VAL B 944 -19.13 -11.99 9.67
N VAL B 945 -19.67 -13.01 10.34
CA VAL B 945 -18.84 -14.11 10.82
C VAL B 945 -18.22 -14.85 9.64
N ASN B 946 -19.02 -15.13 8.61
CA ASN B 946 -18.49 -15.83 7.46
C ASN B 946 -17.38 -15.04 6.78
N GLN B 947 -17.58 -13.74 6.62
CA GLN B 947 -16.57 -12.92 5.95
C GLN B 947 -15.28 -12.83 6.75
N ASN B 948 -15.40 -12.67 8.08
CA ASN B 948 -14.19 -12.61 8.91
C ASN B 948 -13.42 -13.91 8.84
N ALA B 949 -14.11 -15.05 9.00
CA ALA B 949 -13.43 -16.33 8.93
C ALA B 949 -12.78 -16.54 7.56
N GLN B 950 -13.48 -16.20 6.49
CA GLN B 950 -12.92 -16.38 5.15
C GLN B 950 -11.67 -15.55 4.96
N ALA B 951 -11.68 -14.30 5.41
CA ALA B 951 -10.51 -13.45 5.23
C ALA B 951 -9.31 -13.98 6.02
N LEU B 952 -9.53 -14.36 7.28
CA LEU B 952 -8.42 -14.85 8.08
C LEU B 952 -7.86 -16.15 7.50
N ASN B 953 -8.74 -17.04 7.05
CA ASN B 953 -8.28 -18.28 6.43
C ASN B 953 -7.54 -17.99 5.13
N THR B 954 -7.96 -16.97 4.39
CA THR B 954 -7.22 -16.60 3.20
C THR B 954 -5.81 -16.14 3.54
N LEU B 955 -5.65 -15.40 4.63
CA LEU B 955 -4.31 -15.00 5.05
C LEU B 955 -3.45 -16.21 5.37
N VAL B 956 -3.99 -17.11 6.21
CA VAL B 956 -3.17 -18.26 6.62
C VAL B 956 -2.88 -19.18 5.45
N LYS B 957 -3.74 -19.17 4.43
CA LYS B 957 -3.45 -19.92 3.21
C LYS B 957 -2.37 -19.24 2.40
N GLN B 958 -2.46 -17.92 2.24
CA GLN B 958 -1.49 -17.19 1.43
C GLN B 958 -0.10 -17.21 2.06
N LEU B 959 -0.01 -17.57 3.33
CA LEU B 959 1.30 -17.82 3.92
C LEU B 959 2.14 -18.82 3.11
N SER B 960 1.50 -19.65 2.28
CA SER B 960 2.18 -20.77 1.64
C SER B 960 3.09 -20.37 0.49
N SER B 961 2.83 -19.25 -0.18
CA SER B 961 3.57 -18.91 -1.38
C SER B 961 5.05 -18.67 -1.07
N ASN B 962 5.86 -18.56 -2.11
CA ASN B 962 7.30 -18.44 -1.98
C ASN B 962 7.86 -17.07 -2.38
N PHE B 963 7.10 -16.26 -3.11
CA PHE B 963 7.50 -14.89 -3.44
C PHE B 963 8.83 -14.86 -4.19
N GLY B 964 9.07 -15.85 -5.03
CA GLY B 964 10.23 -15.85 -5.89
C GLY B 964 11.49 -16.45 -5.29
N ALA B 965 11.47 -16.85 -4.03
CA ALA B 965 12.63 -17.47 -3.41
C ALA B 965 12.78 -18.90 -3.91
N ILE B 966 13.86 -19.56 -3.47
CA ILE B 966 14.12 -20.91 -3.92
C ILE B 966 13.13 -21.89 -3.29
N SER B 967 12.78 -21.69 -2.03
CA SER B 967 11.87 -22.58 -1.33
C SER B 967 10.89 -21.78 -0.51
N SER B 968 9.76 -22.40 -0.18
CA SER B 968 8.67 -21.73 0.50
C SER B 968 8.85 -21.65 2.00
N VAL B 969 9.78 -22.41 2.58
CA VAL B 969 10.02 -22.39 4.02
C VAL B 969 11.45 -21.91 4.26
N LEU B 970 11.59 -20.91 5.13
CA LEU B 970 12.90 -20.29 5.31
C LEU B 970 13.88 -21.20 6.02
N ASN B 971 13.39 -22.15 6.82
CA ASN B 971 14.29 -23.06 7.50
C ASN B 971 15.09 -23.90 6.50
N ASP B 972 14.47 -24.22 5.36
CA ASP B 972 15.18 -24.93 4.30
C ASP B 972 16.38 -24.13 3.82
N ILE B 973 16.16 -22.85 3.49
CA ILE B 973 17.26 -22.00 3.03
C ILE B 973 18.31 -21.86 4.12
N LEU B 974 17.88 -21.65 5.37
CA LEU B 974 18.83 -21.46 6.46
C LEU B 974 19.72 -22.68 6.64
N SER B 975 19.14 -23.87 6.57
CA SER B 975 19.90 -25.10 6.73
C SER B 975 20.50 -25.61 5.42
N ARG B 976 20.33 -24.87 4.32
CA ARG B 976 20.79 -25.32 3.02
C ARG B 976 21.92 -24.51 2.45
N LEU B 977 22.01 -23.21 2.76
CA LEU B 977 23.08 -22.36 2.28
C LEU B 977 23.78 -21.68 3.46
N ASP B 978 24.89 -21.03 3.15
CA ASP B 978 25.59 -20.22 4.13
C ASP B 978 24.84 -18.91 4.37
N PRO B 979 25.09 -18.23 5.48
CA PRO B 979 24.37 -16.99 5.79
C PRO B 979 24.48 -15.92 4.71
N PRO B 980 25.70 -15.49 4.32
CA PRO B 980 25.79 -14.26 3.53
C PRO B 980 25.13 -14.37 2.17
N GLU B 981 24.87 -15.57 1.68
CA GLU B 981 24.04 -15.73 0.49
C GLU B 981 22.56 -15.78 0.84
N ALA B 982 22.20 -16.43 1.95
CA ALA B 982 20.79 -16.52 2.35
C ALA B 982 20.18 -15.16 2.61
N GLU B 983 20.98 -14.23 3.16
CA GLU B 983 20.49 -12.88 3.45
C GLU B 983 19.84 -12.22 2.24
N VAL B 984 20.01 -12.80 1.04
CA VAL B 984 19.31 -12.28 -0.12
C VAL B 984 17.90 -12.88 -0.21
N GLN B 985 17.78 -14.20 0.00
CA GLN B 985 16.49 -14.85 -0.18
C GLN B 985 15.52 -14.54 0.96
N ILE B 986 16.02 -14.47 2.20
CA ILE B 986 15.08 -14.15 3.29
C ILE B 986 14.40 -12.81 3.08
N ASP B 987 15.08 -11.87 2.41
CA ASP B 987 14.53 -10.53 2.24
C ASP B 987 13.21 -10.54 1.48
N ARG B 988 13.13 -11.33 0.40
CA ARG B 988 11.93 -11.34 -0.41
C ARG B 988 10.74 -11.87 0.38
N LEU B 989 10.94 -12.95 1.13
CA LEU B 989 9.87 -13.48 1.96
C LEU B 989 9.39 -12.44 2.96
N ILE B 990 10.33 -11.74 3.61
CA ILE B 990 9.96 -10.75 4.61
C ILE B 990 9.12 -9.65 3.97
N THR B 991 9.56 -9.15 2.82
CA THR B 991 8.84 -8.06 2.16
C THR B 991 7.43 -8.49 1.77
N GLY B 992 7.30 -9.65 1.12
CA GLY B 992 5.99 -10.09 0.70
C GLY B 992 5.03 -10.29 1.86
N ARG B 993 5.51 -10.92 2.93
CA ARG B 993 4.62 -11.19 4.05
C ARG B 993 4.21 -9.89 4.74
N LEU B 994 5.12 -8.91 4.81
CA LEU B 994 4.73 -7.62 5.36
C LEU B 994 3.66 -6.96 4.51
N GLN B 995 3.76 -7.10 3.19
CA GLN B 995 2.72 -6.56 2.32
C GLN B 995 1.37 -7.22 2.60
N SER B 996 1.39 -8.54 2.81
CA SER B 996 0.15 -9.25 3.13
C SER B 996 -0.48 -8.72 4.41
N LEU B 997 0.34 -8.52 5.44
CA LEU B 997 -0.20 -7.96 6.68
C LEU B 997 -0.78 -6.57 6.47
N GLN B 998 -0.10 -5.73 5.70
CA GLN B 998 -0.62 -4.39 5.44
C GLN B 998 -2.03 -4.48 4.83
N THR B 999 -2.17 -5.29 3.78
CA THR B 999 -3.48 -5.39 3.14
C THR B 999 -4.55 -5.90 4.10
N TYR B 1000 -4.22 -6.94 4.87
CA TYR B 1000 -5.21 -7.50 5.78
C TYR B 1000 -5.66 -6.47 6.81
N VAL B 1001 -4.71 -5.71 7.36
CA VAL B 1001 -5.07 -4.72 8.37
C VAL B 1001 -5.95 -3.64 7.78
N THR B 1002 -5.66 -3.22 6.54
CA THR B 1002 -6.50 -2.21 5.90
C THR B 1002 -7.93 -2.71 5.74
N GLN B 1003 -8.09 -3.96 5.28
CA GLN B 1003 -9.43 -4.51 5.14
C GLN B 1003 -10.15 -4.54 6.48
N GLN B 1004 -9.45 -4.96 7.52
CA GLN B 1004 -10.09 -5.03 8.84
C GLN B 1004 -10.53 -3.65 9.32
N LEU B 1005 -9.71 -2.63 9.09
CA LEU B 1005 -10.09 -1.28 9.51
C LEU B 1005 -11.37 -0.84 8.81
N ILE B 1006 -11.46 -1.08 7.50
CA ILE B 1006 -12.66 -0.65 6.78
C ILE B 1006 -13.89 -1.38 7.32
N ARG B 1007 -13.77 -2.69 7.52
CA ARG B 1007 -14.93 -3.44 8.01
C ARG B 1007 -15.35 -2.96 9.39
N ALA B 1008 -14.38 -2.66 10.25
CA ALA B 1008 -14.71 -2.16 11.58
C ALA B 1008 -15.44 -0.83 11.50
N ALA B 1009 -15.05 0.04 10.56
CA ALA B 1009 -15.77 1.29 10.38
C ALA B 1009 -17.23 1.03 10.00
N GLU B 1010 -17.45 0.08 9.08
CA GLU B 1010 -18.82 -0.23 8.68
C GLU B 1010 -19.65 -0.72 9.87
N ILE B 1011 -19.06 -1.61 10.68
CA ILE B 1011 -19.79 -2.15 11.82
C ILE B 1011 -20.08 -1.06 12.85
N ARG B 1012 -19.15 -0.12 13.02
CA ARG B 1012 -19.41 0.99 13.94
C ARG B 1012 -20.59 1.84 13.47
N ALA B 1013 -20.67 2.09 12.16
CA ALA B 1013 -21.82 2.83 11.64
C ALA B 1013 -23.12 2.09 11.94
N SER B 1014 -23.13 0.78 11.71
CA SER B 1014 -24.34 0.01 12.00
C SER B 1014 -24.70 0.05 13.49
N ALA B 1015 -23.69 -0.02 14.36
CA ALA B 1015 -23.94 0.01 15.79
C ALA B 1015 -24.52 1.35 16.21
N ASN B 1016 -24.02 2.45 15.64
CA ASN B 1016 -24.58 3.75 15.98
C ASN B 1016 -26.03 3.86 15.53
N LEU B 1017 -26.35 3.34 14.35
CA LEU B 1017 -27.75 3.34 13.92
C LEU B 1017 -28.61 2.53 14.88
N ALA B 1018 -28.11 1.37 15.32
CA ALA B 1018 -28.88 0.55 16.26
C ALA B 1018 -29.10 1.28 17.58
N ALA B 1019 -28.07 1.99 18.05
CA ALA B 1019 -28.21 2.74 19.30
C ALA B 1019 -29.28 3.81 19.17
N THR B 1020 -29.28 4.54 18.05
CA THR B 1020 -30.30 5.57 17.85
C THR B 1020 -31.70 4.94 17.80
N LYS B 1021 -31.84 3.82 17.09
CA LYS B 1021 -33.14 3.17 17.02
C LYS B 1021 -33.61 2.74 18.40
N MET B 1022 -32.71 2.18 19.21
CA MET B 1022 -33.10 1.75 20.55
C MET B 1022 -33.51 2.95 21.41
N SER B 1023 -32.77 4.05 21.32
CA SER B 1023 -33.10 5.20 22.14
C SER B 1023 -34.44 5.80 21.76
N GLU B 1024 -34.73 5.90 20.46
CA GLU B 1024 -35.90 6.65 20.01
C GLU B 1024 -37.11 5.79 19.70
N CYS B 1025 -37.00 4.45 19.75
CA CYS B 1025 -38.16 3.58 19.63
C CYS B 1025 -38.59 3.01 20.97
N VAL B 1026 -37.70 2.33 21.68
CA VAL B 1026 -38.10 1.63 22.90
C VAL B 1026 -38.40 2.62 24.01
N LEU B 1027 -37.53 3.60 24.22
CA LEU B 1027 -37.66 4.51 25.36
C LEU B 1027 -38.79 5.51 25.19
N GLY B 1028 -39.39 5.60 24.01
CA GLY B 1028 -40.45 6.57 23.79
C GLY B 1028 -41.34 6.23 22.62
N GLN B 1029 -41.74 7.26 21.86
CA GLN B 1029 -42.59 7.09 20.69
C GLN B 1029 -42.16 8.11 19.65
N SER B 1030 -42.00 7.67 18.41
CA SER B 1030 -41.42 8.50 17.36
C SER B 1030 -42.45 8.74 16.26
N LYS B 1031 -42.60 10.01 15.88
CA LYS B 1031 -43.48 10.41 14.80
C LYS B 1031 -42.84 10.27 13.43
N ARG B 1032 -41.56 9.88 13.37
CA ARG B 1032 -40.89 9.75 12.09
C ARG B 1032 -41.48 8.58 11.31
N VAL B 1033 -41.81 8.81 10.04
CA VAL B 1033 -42.48 7.82 9.23
C VAL B 1033 -41.50 6.72 8.83
N ASP B 1034 -41.91 5.48 9.01
CA ASP B 1034 -41.13 4.30 8.64
C ASP B 1034 -39.73 4.38 9.28
N PHE B 1035 -39.70 4.64 10.57
CA PHE B 1035 -38.49 4.52 11.38
C PHE B 1035 -38.63 3.44 12.43
N CYS B 1036 -39.71 3.45 13.19
CA CYS B 1036 -40.00 2.40 14.16
C CYS B 1036 -41.08 1.53 13.51
N GLY B 1037 -40.67 0.60 12.67
CA GLY B 1037 -41.60 -0.29 12.01
C GLY B 1037 -42.25 0.30 10.78
N LYS B 1038 -43.21 -0.45 10.25
CA LYS B 1038 -43.97 -0.08 9.06
C LYS B 1038 -45.40 0.25 9.44
N GLY B 1039 -45.85 1.46 9.08
CA GLY B 1039 -47.19 1.89 9.42
C GLY B 1039 -47.18 2.92 10.54
N TYR B 1040 -48.27 2.98 11.30
CA TYR B 1040 -48.32 3.85 12.47
C TYR B 1040 -47.68 3.14 13.65
N HIS B 1041 -46.71 3.78 14.28
CA HIS B 1041 -45.95 3.13 15.33
C HIS B 1041 -46.65 3.25 16.68
N LEU B 1042 -46.65 2.15 17.43
CA LEU B 1042 -47.21 2.09 18.77
C LEU B 1042 -46.17 1.86 19.84
N MET B 1043 -45.38 0.79 19.74
CA MET B 1043 -44.36 0.52 20.75
C MET B 1043 -43.39 -0.52 20.21
N SER B 1044 -42.44 -0.93 21.05
CA SER B 1044 -41.36 -1.79 20.56
C SER B 1044 -40.88 -2.71 21.66
N PHE B 1045 -40.21 -3.79 21.25
CA PHE B 1045 -39.62 -4.76 22.15
C PHE B 1045 -38.25 -5.20 21.61
N PRO B 1046 -37.20 -5.15 22.43
CA PRO B 1046 -35.90 -5.64 22.00
C PRO B 1046 -35.65 -7.07 22.42
N GLN B 1047 -34.76 -7.73 21.68
CA GLN B 1047 -34.29 -9.08 22.00
C GLN B 1047 -32.83 -9.21 21.60
N SER B 1048 -32.11 -10.05 22.31
CA SER B 1048 -30.70 -10.25 22.05
C SER B 1048 -30.49 -11.35 21.00
N ALA B 1049 -29.26 -11.44 20.51
CA ALA B 1049 -28.86 -12.42 19.52
C ALA B 1049 -27.34 -12.37 19.36
N PRO B 1050 -26.70 -13.49 19.02
CA PRO B 1050 -25.22 -13.50 18.94
C PRO B 1050 -24.67 -12.43 18.01
N HIS B 1051 -23.91 -11.50 18.58
CA HIS B 1051 -23.33 -10.39 17.84
C HIS B 1051 -24.39 -9.60 17.09
N GLY B 1052 -25.54 -9.39 17.71
CA GLY B 1052 -26.58 -8.63 17.04
C GLY B 1052 -27.65 -8.19 17.99
N VAL B 1053 -28.73 -7.67 17.40
CA VAL B 1053 -29.92 -7.28 18.16
C VAL B 1053 -31.12 -7.40 17.24
N VAL B 1054 -32.27 -7.75 17.84
CA VAL B 1054 -33.52 -7.96 17.10
C VAL B 1054 -34.57 -7.04 17.67
N PHE B 1055 -35.29 -6.35 16.81
CA PHE B 1055 -36.35 -5.43 17.20
C PHE B 1055 -37.68 -5.96 16.72
N LEU B 1056 -38.68 -5.96 17.61
CA LEU B 1056 -40.07 -6.25 17.26
C LEU B 1056 -40.87 -4.97 17.48
N HIS B 1057 -41.25 -4.31 16.39
CA HIS B 1057 -42.06 -3.12 16.47
C HIS B 1057 -43.53 -3.52 16.40
N VAL B 1058 -44.32 -3.08 17.39
CA VAL B 1058 -45.76 -3.28 17.39
C VAL B 1058 -46.40 -2.02 16.84
N THR B 1059 -47.13 -2.17 15.75
CA THR B 1059 -47.62 -1.06 14.94
C THR B 1059 -49.11 -1.24 14.63
N TYR B 1060 -49.72 -0.16 14.17
CA TYR B 1060 -51.16 -0.02 14.01
C TYR B 1060 -51.48 0.37 12.57
N VAL B 1061 -52.50 -0.23 11.98
CA VAL B 1061 -52.80 0.06 10.57
C VAL B 1061 -54.28 -0.16 10.27
N PRO B 1062 -54.93 0.79 9.58
CA PRO B 1062 -56.34 0.63 9.23
C PRO B 1062 -56.53 -0.44 8.17
N ALA B 1063 -57.71 -1.07 8.20
CA ALA B 1063 -57.99 -2.20 7.31
C ALA B 1063 -59.13 -1.94 6.34
N GLN B 1064 -60.34 -1.67 6.84
CA GLN B 1064 -61.52 -1.57 6.00
C GLN B 1064 -61.90 -0.11 5.82
N GLU B 1065 -62.32 0.25 4.61
CA GLU B 1065 -62.59 1.64 4.27
C GLU B 1065 -63.97 1.78 3.62
N LYS B 1066 -64.65 2.86 3.97
CA LYS B 1066 -65.91 3.24 3.34
C LYS B 1066 -65.83 4.70 2.95
N ASN B 1067 -66.37 5.05 1.79
CA ASN B 1067 -66.22 6.40 1.26
C ASN B 1067 -67.54 7.15 1.28
N PHE B 1068 -67.44 8.46 1.52
CA PHE B 1068 -68.60 9.34 1.61
C PHE B 1068 -68.32 10.63 0.85
N THR B 1069 -69.35 11.46 0.78
CA THR B 1069 -69.26 12.79 0.20
C THR B 1069 -68.88 13.79 1.28
N THR B 1070 -67.97 14.70 0.93
CA THR B 1070 -67.37 15.63 1.87
C THR B 1070 -67.80 17.07 1.57
N ALA B 1071 -67.45 17.97 2.48
CA ALA B 1071 -67.74 19.38 2.36
C ALA B 1071 -66.74 20.18 3.19
N PRO B 1072 -65.94 21.05 2.56
CA PRO B 1072 -64.90 21.77 3.32
C PRO B 1072 -65.43 22.64 4.43
N ALA B 1073 -66.58 23.27 4.25
CA ALA B 1073 -67.12 24.17 5.26
C ALA B 1073 -68.65 24.01 5.25
N ILE B 1074 -69.34 24.95 5.90
CA ILE B 1074 -70.80 24.86 6.00
C ILE B 1074 -71.35 26.26 6.28
N CYS B 1075 -72.59 26.48 5.86
CA CYS B 1075 -73.27 27.76 6.04
C CYS B 1075 -74.55 27.53 6.84
N HIS B 1076 -74.78 28.35 7.86
CA HIS B 1076 -76.03 28.31 8.60
C HIS B 1076 -76.79 29.62 8.55
N ASP B 1077 -76.14 30.74 8.83
CA ASP B 1077 -76.79 32.04 8.85
C ASP B 1077 -75.97 33.07 8.08
N GLY B 1078 -75.25 32.64 7.06
CA GLY B 1078 -74.27 33.49 6.43
C GLY B 1078 -72.92 33.48 7.10
N LYS B 1079 -72.78 32.77 8.21
CA LYS B 1079 -71.51 32.63 8.91
C LYS B 1079 -70.96 31.23 8.69
N ALA B 1080 -69.70 31.15 8.31
CA ALA B 1080 -69.08 29.86 8.01
C ALA B 1080 -68.58 29.18 9.27
N HIS B 1081 -68.83 27.88 9.36
CA HIS B 1081 -68.38 27.06 10.48
C HIS B 1081 -67.36 26.05 9.97
N PHE B 1082 -66.19 26.04 10.57
CA PHE B 1082 -65.18 25.05 10.24
C PHE B 1082 -65.04 24.03 11.37
N PRO B 1083 -64.74 22.78 11.05
CA PRO B 1083 -64.60 21.77 12.09
C PRO B 1083 -63.40 22.06 12.99
N ARG B 1084 -63.53 21.68 14.25
CA ARG B 1084 -62.43 21.88 15.19
C ARG B 1084 -61.34 20.85 14.97
N GLU B 1085 -61.65 19.57 15.15
CA GLU B 1085 -60.78 18.48 14.75
C GLU B 1085 -61.62 17.41 14.07
N GLY B 1086 -61.06 16.78 13.05
CA GLY B 1086 -61.84 15.87 12.24
C GLY B 1086 -62.23 16.50 10.93
N VAL B 1087 -63.36 16.08 10.37
CA VAL B 1087 -63.78 16.57 9.06
C VAL B 1087 -65.27 16.35 8.92
N PHE B 1088 -65.91 17.20 8.12
CA PHE B 1088 -67.31 17.02 7.76
C PHE B 1088 -67.46 15.81 6.85
N VAL B 1089 -68.62 15.18 6.92
CA VAL B 1089 -68.88 13.97 6.15
C VAL B 1089 -70.39 13.85 5.99
N SER B 1090 -70.82 13.24 4.89
CA SER B 1090 -72.23 13.13 4.59
C SER B 1090 -72.52 11.86 3.83
N ASN B 1091 -73.68 11.26 4.09
CA ASN B 1091 -74.15 10.09 3.37
C ASN B 1091 -75.25 10.42 2.39
N GLY B 1092 -75.40 11.70 2.02
CA GLY B 1092 -76.46 12.12 1.13
C GLY B 1092 -77.75 12.54 1.81
N THR B 1093 -77.86 12.35 3.10
CA THR B 1093 -79.08 12.73 3.80
C THR B 1093 -78.82 13.61 5.02
N HIS B 1094 -77.72 13.38 5.74
CA HIS B 1094 -77.37 14.18 6.90
C HIS B 1094 -75.88 14.49 6.84
N TRP B 1095 -75.39 15.19 7.87
CA TRP B 1095 -73.98 15.53 7.97
C TRP B 1095 -73.48 15.21 9.37
N PHE B 1096 -72.19 14.89 9.45
CA PHE B 1096 -71.57 14.54 10.72
C PHE B 1096 -70.11 14.99 10.68
N VAL B 1097 -69.44 14.87 11.83
CA VAL B 1097 -68.02 15.17 11.96
C VAL B 1097 -67.32 13.91 12.44
N THR B 1098 -66.16 13.62 11.86
CA THR B 1098 -65.45 12.39 12.19
C THR B 1098 -63.95 12.62 12.13
N GLN B 1099 -63.21 11.98 13.04
CA GLN B 1099 -61.77 12.07 12.97
C GLN B 1099 -61.25 11.27 11.77
N ARG B 1100 -60.02 11.58 11.36
CA ARG B 1100 -59.50 11.07 10.11
C ARG B 1100 -59.27 9.57 10.15
N ASN B 1101 -58.75 9.05 11.27
CA ASN B 1101 -58.24 7.70 11.32
C ASN B 1101 -59.27 6.66 11.78
N PHE B 1102 -60.51 7.08 12.03
CA PHE B 1102 -61.52 6.14 12.48
C PHE B 1102 -62.88 6.69 12.07
N TYR B 1103 -63.89 5.82 12.08
CA TYR B 1103 -65.25 6.22 11.77
C TYR B 1103 -66.07 6.18 13.05
N GLU B 1104 -66.67 7.31 13.40
CA GLU B 1104 -67.46 7.46 14.59
C GLU B 1104 -68.35 8.69 14.42
N PRO B 1105 -69.42 8.58 13.62
CA PRO B 1105 -70.18 9.78 13.27
C PRO B 1105 -70.76 10.47 14.49
N GLN B 1106 -70.75 11.80 14.45
CA GLN B 1106 -71.14 12.62 15.57
C GLN B 1106 -72.11 13.68 15.09
N ILE B 1107 -73.12 13.98 15.91
CA ILE B 1107 -74.11 14.99 15.53
C ILE B 1107 -73.47 16.37 15.54
N ILE B 1108 -73.79 17.17 14.52
CA ILE B 1108 -73.19 18.50 14.40
C ILE B 1108 -73.56 19.33 15.61
N THR B 1109 -72.55 19.84 16.30
CA THR B 1109 -72.74 20.66 17.48
C THR B 1109 -71.91 21.92 17.35
N THR B 1110 -72.48 23.04 17.79
CA THR B 1110 -71.75 24.30 17.74
C THR B 1110 -70.47 24.23 18.57
N ASP B 1111 -70.43 23.34 19.57
CA ASP B 1111 -69.19 23.10 20.30
C ASP B 1111 -68.16 22.40 19.43
N ASN B 1112 -68.59 21.62 18.44
CA ASN B 1112 -67.70 20.85 17.60
C ASN B 1112 -67.13 21.65 16.44
N THR B 1113 -67.52 22.91 16.28
CA THR B 1113 -67.05 23.72 15.18
C THR B 1113 -66.84 25.16 15.65
N PHE B 1114 -66.03 25.90 14.91
CA PHE B 1114 -65.75 27.29 15.22
C PHE B 1114 -66.12 28.17 14.03
N VAL B 1115 -66.68 29.32 14.33
CA VAL B 1115 -67.20 30.24 13.31
C VAL B 1115 -66.08 31.17 12.87
N SER B 1116 -66.05 31.48 11.57
CA SER B 1116 -65.07 32.42 11.06
C SER B 1116 -65.56 33.01 9.74
N GLY B 1117 -65.33 34.30 9.56
CA GLY B 1117 -65.63 34.97 8.31
C GLY B 1117 -67.10 34.95 7.96
N ASN B 1118 -67.37 34.85 6.66
CA ASN B 1118 -68.73 34.81 6.13
C ASN B 1118 -68.78 33.78 5.00
N CYS B 1119 -69.96 33.64 4.40
CA CYS B 1119 -70.22 32.59 3.43
C CYS B 1119 -69.85 32.97 2.00
N ASP B 1120 -69.22 34.13 1.79
CA ASP B 1120 -68.96 34.63 0.45
C ASP B 1120 -67.52 34.44 0.00
N VAL B 1121 -66.72 33.66 0.74
CA VAL B 1121 -65.30 33.48 0.44
C VAL B 1121 -64.97 32.03 0.13
N VAL B 1122 -65.48 31.09 0.92
CA VAL B 1122 -65.12 29.69 0.76
C VAL B 1122 -65.69 29.14 -0.55
N ILE B 1123 -64.91 28.33 -1.23
CA ILE B 1123 -65.34 27.65 -2.45
C ILE B 1123 -65.91 26.29 -2.10
N GLY B 1124 -67.00 25.92 -2.76
CA GLY B 1124 -67.59 24.61 -2.53
C GLY B 1124 -68.30 24.45 -1.21
N ILE B 1125 -68.68 25.55 -0.56
CA ILE B 1125 -69.36 25.44 0.71
C ILE B 1125 -70.81 25.00 0.49
N VAL B 1126 -71.38 24.36 1.49
CA VAL B 1126 -72.71 23.77 1.38
C VAL B 1126 -73.65 24.42 2.38
N ASN B 1127 -74.91 24.03 2.31
CA ASN B 1127 -75.96 24.53 3.18
C ASN B 1127 -76.43 23.42 4.11
N ASN B 1128 -76.57 23.75 5.39
CA ASN B 1128 -77.18 22.84 6.36
C ASN B 1128 -77.39 23.59 7.67
N THR B 1129 -78.40 23.17 8.42
CA THR B 1129 -78.63 23.75 9.73
C THR B 1129 -77.55 23.31 10.71
N VAL B 1130 -77.40 24.10 11.77
CA VAL B 1130 -76.45 23.81 12.84
C VAL B 1130 -77.22 23.52 14.11
N TYR B 1131 -76.60 22.76 15.00
CA TYR B 1131 -77.21 22.38 16.26
C TYR B 1131 -76.24 22.70 17.39
N ASP B 1132 -76.79 22.91 18.58
CA ASP B 1132 -76.00 23.24 19.77
C ASP B 1132 -76.74 22.69 20.97
N PRO B 1133 -76.09 22.64 22.12
CA PRO B 1133 -76.83 22.29 23.36
C PRO B 1133 -77.50 23.50 23.97
N LEU B 1134 -76.90 24.66 23.80
CA LEU B 1134 -77.35 25.86 24.50
C LEU B 1134 -78.73 26.29 24.05
N GLN B 1135 -78.99 26.30 22.74
CA GLN B 1135 -80.29 26.73 22.25
C GLN B 1135 -81.42 25.81 22.68
N PRO B 1136 -81.34 24.48 22.52
CA PRO B 1136 -82.41 23.63 23.06
C PRO B 1136 -82.51 23.67 24.58
N GLU B 1137 -81.39 23.85 25.28
CA GLU B 1137 -81.46 23.96 26.74
C GLU B 1137 -82.24 25.20 27.15
N LEU B 1138 -81.93 26.34 26.54
CA LEU B 1138 -82.69 27.55 26.83
C LEU B 1138 -84.11 27.45 26.31
N ASP B 1139 -84.34 26.64 25.29
CA ASP B 1139 -85.71 26.42 24.82
C ASP B 1139 -86.52 25.65 25.84
N SER B 1140 -85.93 24.62 26.43
CA SER B 1140 -86.60 23.90 27.52
C SER B 1140 -86.81 24.81 28.72
N PHE B 1141 -85.82 25.64 29.03
CA PHE B 1141 -85.96 26.61 30.11
C PHE B 1141 -87.10 27.58 29.83
N LYS B 1142 -87.22 28.03 28.59
CA LYS B 1142 -88.27 28.97 28.21
C LYS B 1142 -89.64 28.31 28.23
N GLU B 1143 -89.72 27.04 27.81
CA GLU B 1143 -90.97 26.31 27.92
C GLU B 1143 -91.39 26.16 29.38
N GLU B 1144 -90.42 25.85 30.25
CA GLU B 1144 -90.70 25.75 31.68
C GLU B 1144 -91.15 27.10 32.23
N LEU B 1145 -90.49 28.18 31.81
CA LEU B 1145 -90.83 29.52 32.27
C LEU B 1145 -92.23 29.93 31.81
N ASP B 1146 -92.58 29.57 30.57
CA ASP B 1146 -93.91 29.92 30.07
C ASP B 1146 -94.99 29.08 30.76
N LYS B 1147 -94.69 27.81 31.05
CA LYS B 1147 -95.62 27.01 31.83
C LYS B 1147 -95.79 27.59 33.23
N TYR B 1148 -94.70 28.06 33.84
CA TYR B 1148 -94.78 28.70 35.15
C TYR B 1148 -95.62 29.97 35.09
N PHE B 1149 -95.44 30.76 34.04
CA PHE B 1149 -96.24 31.98 33.88
C PHE B 1149 -97.71 31.65 33.66
N LYS B 1150 -98.01 30.60 32.89
CA LYS B 1150 -99.41 30.20 32.72
C LYS B 1150 -100.01 29.73 34.04
N ASN B 1151 -99.23 29.01 34.85
CA ASN B 1151 -99.69 28.65 36.19
C ASN B 1151 -99.91 29.88 37.04
N HIS B 1152 -99.06 30.90 36.87
CA HIS B 1152 -99.14 32.14 37.63
C HIS B 1152 -100.27 33.06 37.17
N THR B 1153 -100.80 32.85 35.97
CA THR B 1153 -101.91 33.67 35.49
C THR B 1153 -103.14 33.51 36.38
N SER B 1154 -103.47 32.27 36.76
CA SER B 1154 -104.70 32.04 37.52
C SER B 1154 -104.73 32.75 38.85
N PRO B 1155 -103.65 32.78 39.67
CA PRO B 1155 -103.78 33.63 40.86
C PRO B 1155 -103.53 35.10 40.55
N GLN C 14 65.40 -10.23 38.13
CA GLN C 14 64.94 -10.98 39.28
C GLN C 14 63.42 -11.06 39.32
N CYS C 15 62.89 -12.02 40.07
CA CYS C 15 61.46 -12.22 40.21
C CYS C 15 61.15 -12.54 41.65
N VAL C 16 60.80 -11.53 42.43
CA VAL C 16 60.52 -11.67 43.86
C VAL C 16 59.07 -12.06 44.03
N ASN C 17 58.81 -12.94 44.99
CA ASN C 17 57.46 -13.44 45.26
C ASN C 17 57.13 -13.23 46.73
N LEU C 18 55.84 -13.19 47.03
CA LEU C 18 55.37 -12.94 48.39
C LEU C 18 54.98 -14.23 49.09
N THR C 19 55.08 -14.22 50.41
CA THR C 19 54.70 -15.35 51.24
C THR C 19 53.62 -15.04 52.26
N THR C 20 53.43 -13.78 52.63
CA THR C 20 52.44 -13.39 53.65
C THR C 20 51.23 -12.77 52.94
N ARG C 21 50.26 -13.63 52.62
CA ARG C 21 49.00 -13.18 52.04
C ARG C 21 47.93 -14.20 52.39
N THR C 22 46.67 -13.76 52.30
CA THR C 22 45.54 -14.57 52.71
C THR C 22 44.57 -14.75 51.54
N GLN C 23 43.99 -15.94 51.42
CA GLN C 23 43.04 -16.27 50.37
C GLN C 23 41.65 -16.38 50.96
N LEU C 24 40.68 -15.75 50.31
CA LEU C 24 39.30 -15.72 50.80
C LEU C 24 38.36 -16.20 49.70
N PRO C 25 37.22 -16.79 50.08
CA PRO C 25 36.26 -17.21 49.07
C PRO C 25 35.62 -16.02 48.39
N PRO C 26 35.10 -16.18 47.17
CA PRO C 26 34.48 -15.05 46.47
C PRO C 26 33.22 -14.54 47.18
N ALA C 27 33.31 -13.35 47.76
CA ALA C 27 32.16 -12.75 48.42
C ALA C 27 31.16 -12.24 47.39
N TYR C 28 29.88 -12.39 47.70
CA TYR C 28 28.80 -12.01 46.79
C TYR C 28 28.14 -10.73 47.28
N THR C 29 27.93 -9.79 46.37
CA THR C 29 27.28 -8.53 46.72
C THR C 29 26.39 -8.11 45.54
N ASN C 30 25.54 -7.12 45.76
CA ASN C 30 24.68 -6.60 44.71
C ASN C 30 24.73 -5.08 44.69
N SER C 31 24.77 -4.51 43.48
CA SER C 31 25.02 -3.09 43.27
C SER C 31 23.78 -2.23 43.48
N PHE C 32 22.63 -2.72 43.02
CA PHE C 32 21.29 -2.17 43.12
C PHE C 32 21.04 -1.01 42.16
N THR C 33 22.07 -0.36 41.61
CA THR C 33 21.81 0.69 40.63
C THR C 33 22.94 0.91 39.62
N ARG C 34 24.03 0.15 39.66
CA ARG C 34 25.29 0.61 39.08
C ARG C 34 25.54 -0.03 37.72
N GLY C 35 26.36 0.67 36.91
CA GLY C 35 26.75 0.18 35.61
C GLY C 35 26.15 0.94 34.44
N VAL C 36 26.06 2.26 34.55
CA VAL C 36 25.47 3.10 33.51
C VAL C 36 26.51 4.11 33.05
N TYR C 37 26.75 4.17 31.74
CA TYR C 37 27.72 5.08 31.16
C TYR C 37 27.12 5.68 29.89
N TYR C 38 27.78 6.72 29.39
CA TYR C 38 27.32 7.36 28.16
C TYR C 38 27.59 6.43 26.99
N PRO C 39 26.57 6.04 26.22
CA PRO C 39 26.81 5.08 25.14
C PRO C 39 27.52 5.69 23.94
N ASP C 40 27.49 7.00 23.77
CA ASP C 40 28.11 7.64 22.61
C ASP C 40 28.32 9.12 22.92
N LYS C 41 28.80 9.85 21.91
CA LYS C 41 29.07 11.28 22.04
C LYS C 41 27.97 12.05 21.31
N VAL C 42 26.84 12.23 22.00
CA VAL C 42 25.67 12.89 21.44
C VAL C 42 24.97 13.66 22.55
N PHE C 43 24.46 14.84 22.22
CA PHE C 43 23.78 15.71 23.17
C PHE C 43 22.27 15.59 22.99
N ARG C 44 21.57 15.26 24.06
CA ARG C 44 20.11 15.18 24.07
C ARG C 44 19.59 15.85 25.32
N SER C 45 18.46 16.53 25.21
CA SER C 45 17.94 17.36 26.30
C SER C 45 16.50 16.99 26.61
N SER C 46 16.24 16.74 27.90
CA SER C 46 14.88 16.56 28.42
C SER C 46 14.11 15.50 27.65
N VAL C 47 14.78 14.39 27.32
CA VAL C 47 14.21 13.39 26.44
C VAL C 47 14.42 12.02 27.06
N LEU C 48 13.65 11.05 26.58
CA LEU C 48 13.80 9.65 26.97
C LEU C 48 14.28 8.87 25.77
N HIS C 49 15.40 8.17 25.92
CA HIS C 49 15.98 7.38 24.86
C HIS C 49 15.99 5.91 25.26
N SER C 50 15.92 5.03 24.27
CA SER C 50 16.03 3.59 24.48
C SER C 50 17.15 3.05 23.61
N THR C 51 18.04 2.28 24.20
CA THR C 51 19.20 1.77 23.47
C THR C 51 19.48 0.34 23.86
N GLN C 52 20.17 -0.37 22.97
CA GLN C 52 20.56 -1.76 23.20
C GLN C 52 22.08 -1.83 23.11
N ASP C 53 22.73 -2.27 24.19
CA ASP C 53 24.18 -2.31 24.23
C ASP C 53 24.59 -3.17 25.41
N LEU C 54 25.90 -3.21 25.67
CA LEU C 54 26.47 -4.05 26.73
C LEU C 54 26.45 -3.27 28.03
N PHE C 55 25.66 -3.72 28.99
CA PHE C 55 25.52 -3.07 30.29
C PHE C 55 25.61 -4.10 31.40
N LEU C 56 25.97 -3.64 32.59
CA LEU C 56 25.99 -4.50 33.75
C LEU C 56 24.57 -4.73 34.24
N PRO C 57 24.10 -5.96 34.33
CA PRO C 57 22.72 -6.20 34.74
C PRO C 57 22.47 -5.68 36.15
N PHE C 58 21.27 -5.12 36.35
CA PHE C 58 20.91 -4.59 37.65
C PHE C 58 20.76 -5.71 38.67
N PHE C 59 21.06 -5.38 39.93
CA PHE C 59 20.85 -6.30 41.05
C PHE C 59 21.65 -7.58 40.89
N SER C 60 22.80 -7.50 40.23
CA SER C 60 23.60 -8.67 39.89
C SER C 60 24.44 -9.12 41.09
N ASN C 61 25.20 -10.19 40.87
CA ASN C 61 26.08 -10.75 41.89
C ASN C 61 27.51 -10.33 41.58
N VAL C 62 27.87 -9.12 42.00
CA VAL C 62 29.23 -8.63 41.88
C VAL C 62 30.11 -9.38 42.88
N THR C 63 31.33 -9.69 42.48
CA THR C 63 32.27 -10.45 43.31
C THR C 63 33.21 -9.49 44.03
N TRP C 64 33.33 -9.68 45.33
CA TRP C 64 34.08 -8.79 46.20
C TRP C 64 35.38 -9.46 46.62
N PHE C 65 36.50 -8.76 46.41
CA PHE C 65 37.82 -9.24 46.81
C PHE C 65 38.42 -8.28 47.82
N HIS C 66 38.96 -8.85 48.89
CA HIS C 66 39.62 -8.09 49.96
C HIS C 66 41.13 -8.15 49.78
N ALA C 67 41.76 -6.98 49.75
CA ALA C 67 43.23 -6.88 49.66
C ALA C 67 43.70 -5.97 50.78
N ILE C 68 43.89 -6.56 51.96
CA ILE C 68 44.21 -5.78 53.14
C ILE C 68 45.53 -6.23 53.74
N LYS C 77 50.86 -8.41 52.93
CA LYS C 77 50.14 -8.83 54.12
C LYS C 77 48.95 -9.70 53.74
N ARG C 78 48.13 -9.21 52.81
CA ARG C 78 46.91 -9.91 52.41
C ARG C 78 46.61 -9.52 50.96
N PHE C 79 46.96 -10.42 50.03
CA PHE C 79 46.71 -10.23 48.62
C PHE C 79 45.68 -11.23 48.12
N ASP C 80 44.85 -10.78 47.18
CA ASP C 80 43.89 -11.64 46.50
C ASP C 80 43.75 -11.11 45.07
N ASN C 81 44.57 -11.65 44.15
CA ASN C 81 44.62 -11.17 42.78
C ASN C 81 44.94 -12.32 41.83
N PRO C 82 44.00 -13.22 41.62
CA PRO C 82 44.18 -14.28 40.63
C PRO C 82 43.99 -13.71 39.22
N VAL C 83 43.99 -14.61 38.24
CA VAL C 83 43.70 -14.23 36.87
C VAL C 83 42.22 -14.47 36.62
N LEU C 84 41.53 -13.42 36.15
CA LEU C 84 40.09 -13.52 35.99
C LEU C 84 39.71 -13.56 34.52
N PRO C 85 38.64 -14.30 34.18
CA PRO C 85 38.20 -14.36 32.79
C PRO C 85 37.74 -13.01 32.29
N PHE C 86 37.93 -12.78 31.00
CA PHE C 86 37.57 -11.52 30.34
C PHE C 86 36.65 -11.82 29.17
N ASN C 87 35.54 -11.12 29.10
CA ASN C 87 34.58 -11.30 28.00
C ASN C 87 33.65 -10.09 27.96
N ASP C 88 33.61 -9.42 26.81
CA ASP C 88 32.73 -8.27 26.61
C ASP C 88 32.96 -7.19 27.67
N GLY C 89 34.23 -6.89 27.93
CA GLY C 89 34.56 -5.87 28.91
C GLY C 89 34.29 -6.35 30.32
N VAL C 90 34.44 -5.43 31.27
CA VAL C 90 34.29 -5.74 32.68
C VAL C 90 34.08 -4.45 33.45
N TYR C 91 33.47 -4.56 34.63
CA TYR C 91 33.25 -3.45 35.53
C TYR C 91 34.09 -3.67 36.78
N PHE C 92 34.95 -2.71 37.10
CA PHE C 92 35.87 -2.82 38.23
C PHE C 92 35.71 -1.57 39.09
N ALA C 93 35.40 -1.77 40.37
CA ALA C 93 35.16 -0.65 41.27
C ALA C 93 35.92 -0.85 42.57
N SER C 94 36.65 0.16 43.00
CA SER C 94 37.46 0.03 44.21
C SER C 94 37.47 1.33 45.00
N THR C 95 37.52 1.19 46.33
CA THR C 95 37.76 2.31 47.23
C THR C 95 39.00 2.01 48.06
N GLU C 96 39.93 2.95 48.08
CA GLU C 96 41.22 2.76 48.74
C GLU C 96 41.94 4.10 48.81
N LYS C 97 42.63 4.33 49.93
CA LYS C 97 43.43 5.53 50.10
C LYS C 97 44.90 5.14 50.21
N SER C 98 45.76 6.09 49.87
CA SER C 98 47.22 5.97 49.75
C SER C 98 47.64 5.32 48.43
N ASN C 99 46.69 4.98 47.57
CA ASN C 99 46.97 4.58 46.18
C ASN C 99 47.89 3.36 46.13
N ILE C 100 47.35 2.24 46.60
CA ILE C 100 48.08 0.98 46.53
C ILE C 100 47.85 0.23 45.21
N ILE C 101 46.76 0.52 44.51
CA ILE C 101 46.48 -0.09 43.22
C ILE C 101 47.20 0.73 42.15
N ARG C 102 47.71 0.07 41.11
CA ARG C 102 48.53 0.81 40.15
C ARG C 102 48.13 0.54 38.71
N GLY C 103 47.57 -0.62 38.41
CA GLY C 103 47.16 -0.89 37.05
C GLY C 103 46.78 -2.34 36.83
N TRP C 104 46.89 -2.76 35.57
CA TRP C 104 46.49 -4.09 35.16
C TRP C 104 47.34 -4.54 33.97
N ILE C 105 47.10 -5.78 33.55
CA ILE C 105 47.64 -6.33 32.32
C ILE C 105 46.49 -6.95 31.54
N PHE C 106 46.71 -7.11 30.24
CA PHE C 106 45.69 -7.68 29.36
C PHE C 106 46.36 -8.54 28.30
N GLY C 107 45.74 -9.68 28.01
CA GLY C 107 46.28 -10.59 27.02
C GLY C 107 45.53 -11.91 27.06
N THR C 108 46.10 -12.88 26.34
CA THR C 108 45.50 -14.22 26.28
C THR C 108 46.34 -15.30 26.95
N THR C 109 47.67 -15.21 26.89
CA THR C 109 48.52 -16.19 27.55
C THR C 109 49.52 -15.48 28.45
N LEU C 110 49.84 -14.23 28.12
CA LEU C 110 50.67 -13.36 28.96
C LEU C 110 52.06 -13.95 29.21
N ASP C 111 52.57 -14.79 28.30
CA ASP C 111 53.89 -15.39 28.52
C ASP C 111 54.74 -15.22 27.26
N SER C 112 55.34 -14.03 27.13
CA SER C 112 56.48 -13.78 26.25
C SER C 112 56.32 -14.27 24.81
N LYS C 113 55.09 -14.61 24.41
CA LYS C 113 54.88 -15.16 23.07
C LYS C 113 53.65 -14.59 22.37
N THR C 114 52.86 -13.74 23.02
CA THR C 114 51.70 -13.13 22.41
C THR C 114 51.63 -11.67 22.86
N GLN C 115 50.99 -10.85 22.02
CA GLN C 115 50.89 -9.42 22.28
C GLN C 115 50.24 -9.18 23.63
N SER C 116 50.83 -8.30 24.44
CA SER C 116 50.35 -8.04 25.78
C SER C 116 50.18 -6.54 25.98
N LEU C 117 49.33 -6.18 26.95
CA LEU C 117 49.02 -4.80 27.24
C LEU C 117 49.26 -4.53 28.71
N LEU C 118 49.90 -3.39 29.01
CA LEU C 118 50.24 -2.98 30.36
C LEU C 118 49.65 -1.61 30.66
N ILE C 119 48.93 -1.52 31.77
CA ILE C 119 48.43 -0.26 32.31
C ILE C 119 49.03 -0.10 33.70
N VAL C 120 49.67 1.03 33.95
CA VAL C 120 50.23 1.28 35.28
C VAL C 120 50.19 2.76 35.61
N ASN C 121 49.50 3.10 36.70
CA ASN C 121 49.27 4.50 37.09
C ASN C 121 50.34 4.92 38.09
N ASN C 122 51.26 5.76 37.64
CA ASN C 122 52.25 6.35 38.51
C ASN C 122 51.73 7.66 39.08
N ALA C 123 52.39 8.14 40.14
CA ALA C 123 52.10 9.49 40.63
C ALA C 123 52.48 10.53 39.60
N THR C 124 53.45 10.22 38.74
CA THR C 124 53.77 11.04 37.58
C THR C 124 52.76 10.68 36.49
N ASN C 125 53.02 11.08 35.25
CA ASN C 125 52.13 10.74 34.15
C ASN C 125 52.02 9.22 34.00
N VAL C 126 50.79 8.72 33.99
CA VAL C 126 50.54 7.31 33.72
C VAL C 126 51.01 6.95 32.33
N VAL C 127 51.47 5.70 32.16
CA VAL C 127 52.00 5.22 30.90
C VAL C 127 51.20 4.01 30.45
N ILE C 128 50.96 3.92 29.14
CA ILE C 128 50.21 2.83 28.53
C ILE C 128 51.16 2.12 27.57
N LYS C 129 51.28 0.79 27.69
CA LYS C 129 52.19 0.07 26.82
C LYS C 129 51.48 -1.12 26.19
N VAL C 130 51.85 -1.43 24.96
CA VAL C 130 51.36 -2.60 24.25
C VAL C 130 52.57 -3.27 23.62
N CYS C 131 53.08 -4.31 24.28
CA CYS C 131 54.30 -4.98 23.85
C CYS C 131 54.23 -6.46 24.24
N GLU C 132 55.19 -7.22 23.71
CA GLU C 132 55.52 -8.50 24.30
C GLU C 132 56.10 -8.29 25.68
N PHE C 133 55.87 -9.25 26.57
CA PHE C 133 56.30 -9.09 27.95
C PHE C 133 56.54 -10.46 28.57
N GLN C 134 57.51 -10.50 29.48
CA GLN C 134 57.71 -11.63 30.37
C GLN C 134 57.31 -11.21 31.77
N PHE C 135 56.77 -12.14 32.54
CA PHE C 135 56.22 -11.82 33.85
C PHE C 135 56.75 -12.78 34.90
N CYS C 136 56.86 -12.29 36.12
CA CYS C 136 57.23 -13.10 37.27
C CYS C 136 55.99 -13.78 37.84
N ASN C 137 56.22 -14.69 38.78
CA ASN C 137 55.08 -15.33 39.45
C ASN C 137 54.32 -14.32 40.29
N ASP C 138 55.03 -13.40 40.94
CA ASP C 138 54.41 -12.32 41.72
C ASP C 138 55.01 -10.98 41.28
N PRO C 139 54.62 -10.48 40.11
CA PRO C 139 55.11 -9.17 39.68
C PRO C 139 54.28 -8.04 40.28
N PHE C 140 54.97 -7.01 40.75
CA PHE C 140 54.33 -5.89 41.43
C PHE C 140 55.31 -4.73 41.48
N LEU C 141 54.85 -3.62 42.06
CA LEU C 141 55.60 -2.36 42.06
C LEU C 141 55.76 -1.84 43.49
N GLY C 142 56.27 -2.71 44.36
CA GLY C 142 56.33 -2.36 45.78
C GLY C 142 57.19 -1.13 46.03
N VAL C 143 56.73 -0.30 46.96
CA VAL C 143 57.44 0.90 47.39
C VAL C 143 58.05 0.62 48.76
N TYR C 144 59.35 0.82 48.89
CA TYR C 144 60.01 0.65 50.17
C TYR C 144 59.71 1.86 51.06
N TYR C 145 59.25 1.59 52.28
CA TYR C 145 58.95 2.66 53.20
C TYR C 145 60.23 3.27 53.74
N HIS C 146 60.32 4.60 53.72
CA HIS C 146 61.47 5.33 54.21
C HIS C 146 61.04 6.27 55.33
N LYS C 147 61.82 6.29 56.41
CA LYS C 147 61.50 7.16 57.52
C LYS C 147 61.75 8.63 57.19
N ASN C 148 62.59 8.90 56.19
CA ASN C 148 62.87 10.28 55.82
C ASN C 148 61.65 10.97 55.22
N ASN C 149 60.97 10.30 54.30
CA ASN C 149 59.80 10.86 53.62
C ASN C 149 58.66 9.85 53.66
N LYS C 150 57.48 10.32 54.05
CA LYS C 150 56.30 9.45 54.09
C LYS C 150 55.95 8.94 52.70
N SER C 151 56.00 9.82 51.70
CA SER C 151 55.74 9.43 50.31
C SER C 151 57.07 9.10 49.62
N TRP C 152 57.69 8.04 50.10
CA TRP C 152 58.98 7.63 49.57
C TRP C 152 58.83 7.05 48.16
N MET C 153 59.94 7.09 47.41
CA MET C 153 59.94 6.60 46.05
C MET C 153 59.83 5.09 46.01
N GLU C 154 59.29 4.57 44.91
CA GLU C 154 59.15 3.13 44.74
C GLU C 154 60.51 2.47 44.63
N SER C 155 60.60 1.23 45.13
CA SER C 155 61.86 0.50 45.15
C SER C 155 61.86 -0.72 44.24
N GLU C 156 60.92 -1.65 44.43
CA GLU C 156 60.96 -2.94 43.74
C GLU C 156 59.80 -3.01 42.76
N PHE C 157 60.03 -2.56 41.53
CA PHE C 157 59.05 -2.66 40.46
C PHE C 157 59.52 -3.80 39.56
N ARG C 158 59.15 -5.01 39.94
CA ARG C 158 59.70 -6.22 39.33
C ARG C 158 58.59 -6.93 38.56
N VAL C 159 58.38 -6.51 37.32
CA VAL C 159 57.43 -7.13 36.41
C VAL C 159 58.14 -7.71 35.19
N TYR C 160 59.03 -6.93 34.58
CA TYR C 160 59.80 -7.37 33.44
C TYR C 160 61.06 -6.52 33.37
N SER C 161 62.09 -7.05 32.72
CA SER C 161 63.24 -6.24 32.36
C SER C 161 63.12 -5.74 30.91
N SER C 162 63.04 -6.68 29.96
CA SER C 162 62.80 -6.37 28.56
C SER C 162 62.49 -7.65 27.80
N ALA C 163 61.42 -7.64 27.01
CA ALA C 163 61.08 -8.82 26.22
C ALA C 163 61.68 -8.75 24.81
N ASN C 164 61.25 -7.76 24.03
CA ASN C 164 61.76 -7.56 22.67
C ASN C 164 61.19 -6.28 22.05
N ASN C 165 61.46 -6.07 20.76
CA ASN C 165 60.75 -5.07 19.98
C ASN C 165 59.25 -5.19 20.18
N CYS C 166 58.55 -4.07 20.19
CA CYS C 166 57.12 -4.14 20.43
C CYS C 166 56.40 -3.08 19.60
N THR C 167 55.13 -2.87 19.93
CA THR C 167 54.20 -2.19 19.03
C THR C 167 53.84 -0.77 19.47
N PHE C 168 53.28 -0.60 20.66
CA PHE C 168 52.61 0.67 20.98
C PHE C 168 53.08 1.23 22.32
N GLU C 169 53.26 2.54 22.36
CA GLU C 169 53.64 3.26 23.55
C GLU C 169 52.84 4.56 23.64
N TYR C 170 52.41 4.91 24.85
CA TYR C 170 51.64 6.14 25.04
C TYR C 170 51.82 6.63 26.47
N VAL C 171 51.64 7.93 26.65
CA VAL C 171 51.76 8.57 27.96
C VAL C 171 50.63 9.56 28.13
N SER C 172 50.06 9.61 29.33
CA SER C 172 48.96 10.52 29.61
C SER C 172 49.03 10.95 31.07
N GLN C 173 48.26 11.97 31.40
CA GLN C 173 48.24 12.46 32.77
C GLN C 173 47.63 11.43 33.70
N PRO C 174 48.07 11.38 34.97
CA PRO C 174 47.52 10.40 35.91
C PRO C 174 46.08 10.70 36.28
N PHE C 175 45.44 9.77 36.99
CA PHE C 175 44.01 9.86 37.27
C PHE C 175 43.69 10.42 38.65
N LEU C 176 44.49 10.11 39.67
CA LEU C 176 44.20 10.60 41.02
C LEU C 176 45.51 10.95 41.72
N MET C 177 45.41 11.14 43.02
CA MET C 177 46.45 11.73 43.85
C MET C 177 46.35 11.13 45.25
N ASP C 178 46.91 11.83 46.24
CA ASP C 178 46.87 11.41 47.65
C ASP C 178 47.58 10.08 47.84
N LEU C 179 48.90 10.13 47.63
CA LEU C 179 49.77 8.99 47.88
C LEU C 179 49.70 8.52 49.34
N GLU C 180 49.29 9.39 50.26
CA GLU C 180 49.18 9.06 51.67
C GLU C 180 47.91 9.65 52.24
N GLY C 181 47.42 9.05 53.33
CA GLY C 181 46.23 9.53 53.99
C GLY C 181 45.31 8.42 54.46
N LYS C 182 44.73 8.58 55.64
CA LYS C 182 43.79 7.63 56.21
C LYS C 182 42.59 8.36 56.79
N GLN C 183 42.00 9.26 55.99
CA GLN C 183 40.87 10.06 56.45
C GLN C 183 39.67 9.16 56.75
N GLY C 184 38.82 9.64 57.65
CA GLY C 184 37.68 8.85 58.09
C GLY C 184 36.71 8.53 56.96
N ASN C 185 36.45 9.51 56.10
CA ASN C 185 35.54 9.33 54.96
C ASN C 185 36.36 9.02 53.71
N PHE C 186 36.14 7.84 53.14
CA PHE C 186 36.86 7.41 51.96
C PHE C 186 36.38 8.21 50.76
N LYS C 187 37.09 9.29 50.45
CA LYS C 187 36.76 10.15 49.32
C LYS C 187 37.14 9.53 47.98
N ASN C 188 37.72 8.34 47.97
CA ASN C 188 38.18 7.68 46.76
C ASN C 188 37.22 6.55 46.41
N LEU C 189 36.38 6.78 45.40
CA LEU C 189 35.60 5.73 44.77
C LEU C 189 35.94 5.73 43.29
N ARG C 190 36.71 4.74 42.84
CA ARG C 190 37.09 4.62 41.44
C ARG C 190 36.20 3.56 40.80
N GLU C 191 35.45 3.96 39.78
CA GLU C 191 34.66 3.03 39.00
C GLU C 191 35.14 3.07 37.56
N PHE C 192 35.40 1.90 36.99
CA PHE C 192 35.91 1.79 35.63
C PHE C 192 35.14 0.70 34.90
N VAL C 193 34.93 0.93 33.61
CA VAL C 193 34.37 -0.07 32.71
C VAL C 193 35.28 -0.18 31.50
N PHE C 194 35.68 -1.40 31.17
CA PHE C 194 36.58 -1.66 30.05
C PHE C 194 35.83 -2.42 28.97
N LYS C 195 35.95 -1.96 27.73
CA LYS C 195 35.35 -2.63 26.59
C LYS C 195 36.36 -2.74 25.46
N ASN C 196 36.18 -3.76 24.63
CA ASN C 196 37.02 -3.94 23.44
C ASN C 196 36.12 -4.32 22.27
N ILE C 197 35.98 -3.41 21.32
CA ILE C 197 35.10 -3.61 20.17
C ILE C 197 35.84 -3.22 18.90
N ASP C 198 35.82 -4.11 17.90
CA ASP C 198 36.39 -3.93 16.56
C ASP C 198 37.69 -3.12 16.57
N GLY C 199 38.65 -3.60 17.35
CA GLY C 199 39.99 -3.05 17.34
C GLY C 199 40.20 -1.82 18.18
N TYR C 200 39.19 -1.40 18.94
CA TYR C 200 39.27 -0.25 19.82
C TYR C 200 39.09 -0.70 21.26
N PHE C 201 39.97 -0.24 22.14
CA PHE C 201 39.87 -0.50 23.57
C PHE C 201 39.36 0.76 24.23
N LYS C 202 38.11 0.73 24.69
CA LYS C 202 37.45 1.91 25.25
C LYS C 202 37.41 1.82 26.77
N ILE C 203 37.75 2.92 27.43
CA ILE C 203 37.77 3.00 28.89
C ILE C 203 36.79 4.06 29.33
N TYR C 204 35.88 3.70 30.23
CA TYR C 204 34.96 4.64 30.84
C TYR C 204 35.27 4.72 32.33
N SER C 205 35.38 5.93 32.87
CA SER C 205 35.90 6.12 34.20
C SER C 205 35.11 7.17 34.97
N LYS C 206 35.04 7.00 36.28
CA LYS C 206 34.53 8.04 37.17
C LYS C 206 35.16 7.89 38.54
N HIS C 207 35.36 9.02 39.20
CA HIS C 207 35.95 9.08 40.53
C HIS C 207 35.05 9.93 41.42
N THR C 208 34.37 9.28 42.35
CA THR C 208 33.36 9.92 43.19
C THR C 208 33.65 9.62 44.66
N PRO C 209 33.44 10.61 45.53
CA PRO C 209 33.68 10.39 46.97
C PRO C 209 32.43 9.94 47.71
N ILE C 210 32.69 9.24 48.83
CA ILE C 210 31.65 8.83 49.76
C ILE C 210 32.12 9.17 51.16
N ASN C 211 31.15 9.33 52.07
CA ASN C 211 31.43 9.61 53.48
C ASN C 211 30.70 8.61 54.38
N LEU C 212 30.41 7.42 53.86
CA LEU C 212 29.58 6.45 54.56
C LEU C 212 30.25 5.09 54.47
N VAL C 213 29.50 4.04 54.83
CA VAL C 213 30.05 2.69 54.88
C VAL C 213 30.59 2.28 53.51
N ARG C 214 31.63 1.45 53.53
CA ARG C 214 32.38 1.07 52.33
C ARG C 214 31.55 0.27 51.34
N ASP C 215 30.38 -0.24 51.73
CA ASP C 215 29.60 -1.08 50.84
C ASP C 215 29.07 -0.25 49.67
N LEU C 216 28.49 -0.94 48.69
CA LEU C 216 28.05 -0.29 47.46
C LEU C 216 26.93 0.69 47.74
N PRO C 217 27.05 1.95 47.34
CA PRO C 217 26.04 2.95 47.67
C PRO C 217 24.82 2.84 46.77
N GLN C 218 23.73 3.43 47.25
CA GLN C 218 22.53 3.60 46.44
C GLN C 218 22.73 4.82 45.53
N GLY C 219 21.65 5.31 44.93
CA GLY C 219 21.74 6.54 44.17
C GLY C 219 21.89 6.32 42.67
N PHE C 220 22.63 7.21 42.01
CA PHE C 220 22.82 7.11 40.58
C PHE C 220 23.95 8.04 40.16
N SER C 221 24.76 7.59 39.20
CA SER C 221 25.83 8.38 38.65
C SER C 221 26.14 7.89 37.24
N ALA C 222 26.73 8.78 36.44
CA ALA C 222 27.03 8.51 35.05
C ALA C 222 28.54 8.53 34.83
N LEU C 223 29.04 7.55 34.09
CA LEU C 223 30.47 7.42 33.83
C LEU C 223 30.80 8.12 32.51
N GLU C 224 31.47 9.27 32.60
CA GLU C 224 31.88 9.99 31.40
C GLU C 224 32.96 9.20 30.67
N PRO C 225 33.04 9.35 29.34
CA PRO C 225 34.07 8.64 28.59
C PRO C 225 35.43 9.27 28.80
N LEU C 226 36.47 8.43 28.74
CA LEU C 226 37.83 8.87 29.01
C LEU C 226 38.72 8.78 27.77
N VAL C 227 38.86 7.60 27.17
CA VAL C 227 39.80 7.42 26.08
C VAL C 227 39.46 6.12 25.34
N ASP C 228 39.91 6.03 24.09
CA ASP C 228 39.86 4.81 23.29
C ASP C 228 41.21 4.63 22.60
N LEU C 229 41.72 3.41 22.69
CA LEU C 229 43.04 3.08 22.16
C LEU C 229 42.89 2.19 20.94
N PRO C 230 43.33 2.64 19.77
CA PRO C 230 43.22 1.88 18.51
C PRO C 230 44.39 0.96 18.18
N ILE C 231 44.43 -0.20 18.82
CA ILE C 231 45.45 -1.20 18.56
C ILE C 231 44.89 -2.39 17.78
N GLY C 232 43.99 -3.15 18.39
CA GLY C 232 43.36 -4.28 17.73
C GLY C 232 44.05 -5.57 18.12
N ILE C 233 43.50 -6.28 19.10
CA ILE C 233 44.06 -7.53 19.61
C ILE C 233 42.92 -8.36 20.17
N ASN C 234 43.21 -9.62 20.45
CA ASN C 234 42.28 -10.52 21.10
C ASN C 234 42.65 -10.64 22.57
N ILE C 235 41.75 -10.19 23.45
CA ILE C 235 41.97 -10.22 24.89
C ILE C 235 40.98 -11.20 25.49
N THR C 236 41.48 -12.13 26.29
CA THR C 236 40.64 -13.12 26.94
C THR C 236 40.85 -13.22 28.44
N ARG C 237 41.96 -12.74 28.98
CA ARG C 237 42.21 -12.79 30.42
C ARG C 237 42.94 -11.53 30.84
N PHE C 238 42.85 -11.24 32.13
CA PHE C 238 43.46 -10.03 32.68
C PHE C 238 43.73 -10.25 34.16
N GLN C 239 44.55 -9.37 34.72
CA GLN C 239 44.94 -9.48 36.12
C GLN C 239 45.27 -8.08 36.63
N THR C 240 44.87 -7.81 37.88
CA THR C 240 45.09 -6.51 38.49
C THR C 240 46.50 -6.40 39.06
N LEU C 241 46.99 -5.17 39.13
CA LEU C 241 48.34 -4.88 39.63
C LEU C 241 48.24 -3.90 40.79
N LEU C 242 48.80 -4.27 41.94
CA LEU C 242 48.80 -3.42 43.12
C LEU C 242 50.19 -3.43 43.75
N ALA C 243 50.54 -2.31 44.37
CA ALA C 243 51.85 -2.15 44.98
C ALA C 243 51.82 -2.72 46.40
N LEU C 244 52.92 -2.53 47.14
CA LEU C 244 53.04 -3.09 48.48
C LEU C 244 54.12 -2.33 49.23
N HIS C 245 53.91 -2.14 50.53
CA HIS C 245 54.85 -1.39 51.37
C HIS C 245 55.74 -2.33 52.16
N ASN C 246 56.92 -1.84 52.54
CA ASN C 246 57.84 -2.53 53.42
C ASN C 246 57.75 -2.01 54.86
N SER C 247 56.55 -1.64 55.29
CA SER C 247 56.40 -0.90 56.54
C SER C 247 56.78 -1.75 57.76
N SER C 248 56.26 -2.98 57.84
CA SER C 248 56.50 -3.81 59.01
C SER C 248 56.39 -5.28 58.64
N SER C 249 57.02 -6.12 59.47
CA SER C 249 56.95 -7.58 59.32
C SER C 249 57.36 -8.03 57.93
N GLY C 250 58.31 -7.30 57.32
CA GLY C 250 58.67 -7.59 55.95
C GLY C 250 57.80 -6.83 54.97
N TRP C 251 56.77 -7.50 54.46
CA TRP C 251 55.85 -6.93 53.48
C TRP C 251 54.45 -6.89 54.10
N THR C 252 54.02 -5.70 54.51
CA THR C 252 52.70 -5.50 55.09
C THR C 252 52.10 -4.22 54.55
N ALA C 253 50.85 -4.30 54.09
CA ALA C 253 50.12 -3.18 53.53
C ALA C 253 48.96 -2.79 54.44
N GLY C 254 48.22 -1.76 54.03
CA GLY C 254 47.08 -1.29 54.78
C GLY C 254 45.81 -2.06 54.45
N ALA C 255 44.74 -1.33 54.15
CA ALA C 255 43.45 -1.94 53.85
C ALA C 255 42.98 -1.50 52.47
N ALA C 256 42.53 -2.46 51.67
CA ALA C 256 42.00 -2.17 50.34
C ALA C 256 41.08 -3.31 49.92
N ALA C 257 40.23 -3.02 48.95
CA ALA C 257 39.29 -4.02 48.43
C ALA C 257 38.78 -3.53 47.09
N TYR C 258 38.12 -4.44 46.37
CA TYR C 258 37.54 -4.07 45.08
C TYR C 258 36.44 -5.05 44.71
N TYR C 259 35.72 -4.71 43.64
CA TYR C 259 34.57 -5.46 43.18
C TYR C 259 34.67 -5.61 41.66
N VAL C 260 34.33 -6.82 41.19
CA VAL C 260 34.38 -7.16 39.77
C VAL C 260 33.01 -7.64 39.32
N GLY C 261 32.57 -7.16 38.17
CA GLY C 261 31.29 -7.55 37.61
C GLY C 261 31.39 -7.69 36.10
N TYR C 262 30.51 -8.53 35.56
CA TYR C 262 30.53 -8.89 34.15
C TYR C 262 29.35 -8.28 33.43
N LEU C 263 29.58 -7.91 32.17
CA LEU C 263 28.59 -7.23 31.36
C LEU C 263 27.69 -8.23 30.62
N GLN C 264 26.58 -7.73 30.09
CA GLN C 264 25.67 -8.53 29.29
C GLN C 264 24.93 -7.62 28.33
N PRO C 265 24.48 -8.14 27.19
CA PRO C 265 23.75 -7.31 26.22
C PRO C 265 22.30 -7.11 26.65
N ARG C 266 21.91 -5.86 26.88
CA ARG C 266 20.56 -5.54 27.33
C ARG C 266 20.13 -4.20 26.75
N THR C 267 18.84 -3.92 26.87
CA THR C 267 18.24 -2.66 26.44
C THR C 267 17.90 -1.83 27.66
N PHE C 268 18.38 -0.60 27.67
CA PHE C 268 18.13 0.34 28.76
C PHE C 268 17.33 1.53 28.25
N LEU C 269 16.59 2.15 29.16
CA LEU C 269 15.93 3.42 28.91
C LEU C 269 16.58 4.48 29.77
N LEU C 270 16.95 5.59 29.16
CA LEU C 270 17.75 6.63 29.79
C LEU C 270 17.02 7.96 29.68
N LYS C 271 17.19 8.81 30.69
CA LYS C 271 16.51 10.09 30.76
C LYS C 271 17.53 11.22 30.73
N TYR C 272 17.64 11.88 29.58
CA TYR C 272 18.51 13.05 29.46
C TYR C 272 17.78 14.27 30.00
N ASN C 273 18.41 14.93 30.98
CA ASN C 273 17.84 16.10 31.63
C ASN C 273 17.90 17.31 30.71
N GLU C 274 17.48 18.46 31.23
CA GLU C 274 17.52 19.69 30.46
C GLU C 274 18.95 20.11 30.17
N ASN C 275 19.85 19.95 31.14
CA ASN C 275 21.23 20.37 30.95
C ASN C 275 22.02 19.43 30.05
N GLY C 276 21.47 18.27 29.71
CA GLY C 276 22.17 17.31 28.88
C GLY C 276 22.87 16.20 29.63
N THR C 277 22.61 16.05 30.93
CA THR C 277 23.26 15.06 31.76
C THR C 277 22.28 13.97 32.16
N ILE C 278 22.74 12.72 32.14
CA ILE C 278 21.89 11.59 32.49
C ILE C 278 21.51 11.68 33.95
N THR C 279 20.23 11.46 34.25
CA THR C 279 19.75 11.50 35.62
C THR C 279 19.04 10.24 36.07
N ASP C 280 18.49 9.45 35.14
CA ASP C 280 17.78 8.24 35.54
C ASP C 280 17.82 7.23 34.40
N ALA C 281 17.72 5.95 34.78
CA ALA C 281 17.76 4.87 33.82
C ALA C 281 16.95 3.70 34.38
N VAL C 282 16.49 2.84 33.48
CA VAL C 282 15.67 1.69 33.87
C VAL C 282 15.95 0.54 32.91
N ASP C 283 15.97 -0.66 33.45
CA ASP C 283 16.28 -1.87 32.70
C ASP C 283 14.99 -2.51 32.21
N CYS C 284 14.92 -2.77 30.91
CA CYS C 284 13.70 -3.28 30.28
C CYS C 284 13.62 -4.79 30.27
N ALA C 285 14.33 -5.47 31.18
CA ALA C 285 14.27 -6.93 31.27
C ALA C 285 14.26 -7.40 32.71
N LEU C 286 13.84 -6.54 33.63
CA LEU C 286 13.93 -6.86 35.05
C LEU C 286 12.63 -7.46 35.59
N ASP C 287 11.52 -6.73 35.46
CA ASP C 287 10.23 -7.17 35.95
C ASP C 287 9.14 -6.52 35.11
N PRO C 288 7.92 -7.07 35.13
CA PRO C 288 6.87 -6.56 34.23
C PRO C 288 6.63 -5.06 34.31
N LEU C 289 6.71 -4.48 35.51
CA LEU C 289 6.53 -3.03 35.61
C LEU C 289 7.59 -2.30 34.81
N SER C 290 8.84 -2.77 34.85
CA SER C 290 9.90 -2.11 34.12
C SER C 290 9.66 -2.16 32.62
N GLU C 291 9.25 -3.32 32.09
CA GLU C 291 9.08 -3.41 30.65
C GLU C 291 7.81 -2.70 30.17
N THR C 292 6.76 -2.65 31.00
CA THR C 292 5.61 -1.84 30.59
C THR C 292 5.94 -0.36 30.67
N LYS C 293 6.85 0.03 31.56
CA LYS C 293 7.42 1.38 31.47
C LYS C 293 8.18 1.56 30.16
N CYS C 294 8.95 0.54 29.77
CA CYS C 294 9.81 0.64 28.61
C CYS C 294 9.02 0.80 27.32
N THR C 295 7.97 0.00 27.15
CA THR C 295 7.26 -0.01 25.88
C THR C 295 6.45 1.26 25.64
N LEU C 296 6.11 2.00 26.68
CA LEU C 296 5.46 3.29 26.52
C LEU C 296 6.43 4.46 26.47
N LYS C 297 7.73 4.20 26.64
CA LYS C 297 8.74 5.25 26.65
C LYS C 297 8.41 6.33 27.69
N SER C 298 7.98 5.90 28.86
CA SER C 298 7.62 6.82 29.93
C SER C 298 8.04 6.25 31.27
N PHE C 299 8.29 7.14 32.22
CA PHE C 299 8.64 6.74 33.58
C PHE C 299 7.44 6.68 34.51
N THR C 300 6.24 6.97 34.01
CA THR C 300 5.02 6.87 34.80
C THR C 300 4.03 6.00 34.04
N VAL C 301 3.54 4.94 34.69
CA VAL C 301 2.54 4.06 34.11
C VAL C 301 1.18 4.42 34.69
N GLU C 302 0.20 4.63 33.82
CA GLU C 302 -1.14 4.97 34.25
C GLU C 302 -1.97 3.70 34.38
N LYS C 303 -3.04 3.80 35.17
CA LYS C 303 -3.89 2.65 35.43
C LYS C 303 -4.44 2.06 34.14
N GLY C 304 -4.35 0.74 34.01
CA GLY C 304 -4.88 0.07 32.84
C GLY C 304 -4.11 -1.16 32.42
N ILE C 305 -4.84 -2.20 31.98
CA ILE C 305 -4.22 -3.42 31.50
C ILE C 305 -3.45 -3.13 30.22
N TYR C 306 -2.20 -3.58 30.16
CA TYR C 306 -1.31 -3.29 29.04
C TYR C 306 -0.78 -4.57 28.43
N GLN C 307 -0.54 -4.53 27.11
CA GLN C 307 0.10 -5.64 26.43
C GLN C 307 1.60 -5.64 26.70
N THR C 308 2.22 -6.80 26.50
CA THR C 308 3.67 -6.90 26.61
C THR C 308 4.13 -7.99 25.65
N SER C 309 5.43 -8.27 25.64
CA SER C 309 6.00 -9.30 24.73
C SER C 309 5.36 -10.67 24.98
N ASN C 310 5.71 -11.68 24.16
CA ASN C 310 5.01 -13.01 24.27
C ASN C 310 5.81 -14.00 25.12
N PHE C 311 5.18 -15.10 25.51
CA PHE C 311 5.87 -16.16 26.29
C PHE C 311 6.08 -17.36 25.37
N ARG C 312 7.28 -17.95 25.36
CA ARG C 312 7.60 -19.05 24.42
C ARG C 312 8.38 -20.14 25.14
N VAL C 313 7.71 -21.23 25.53
CA VAL C 313 8.39 -22.29 26.33
C VAL C 313 9.65 -22.73 25.59
N GLN C 314 10.78 -22.08 25.87
CA GLN C 314 12.09 -22.50 25.32
C GLN C 314 12.19 -24.03 25.38
N PRO C 315 12.98 -24.68 24.50
CA PRO C 315 13.04 -26.15 24.46
C PRO C 315 13.80 -26.80 25.61
N THR C 316 14.38 -27.98 25.39
CA THR C 316 15.10 -28.71 26.47
C THR C 316 16.25 -29.53 25.88
N GLU C 317 15.96 -30.55 25.06
CA GLU C 317 17.01 -31.45 24.53
C GLU C 317 16.98 -31.47 22.99
N SER C 318 17.97 -32.09 22.36
CA SER C 318 18.02 -32.14 20.86
C SER C 318 18.05 -33.59 20.37
N ILE C 319 17.42 -33.88 19.22
CA ILE C 319 17.36 -35.26 18.76
C ILE C 319 17.76 -35.28 17.29
N VAL C 320 18.69 -36.17 16.93
CA VAL C 320 19.12 -36.33 15.54
C VAL C 320 18.96 -37.80 15.17
N ARG C 321 18.35 -38.06 14.01
CA ARG C 321 18.13 -39.40 13.53
C ARG C 321 18.57 -39.51 12.08
N PHE C 322 19.36 -40.52 11.77
CA PHE C 322 19.87 -40.79 10.44
C PHE C 322 19.67 -42.26 10.12
N PRO C 323 19.63 -42.61 8.84
CA PRO C 323 19.53 -44.03 8.48
C PRO C 323 20.72 -44.82 9.01
N ASN C 324 20.45 -46.08 9.35
CA ASN C 324 21.45 -46.95 9.99
C ASN C 324 22.42 -47.51 8.95
N ILE C 325 23.07 -46.59 8.23
CA ILE C 325 23.97 -46.95 7.14
C ILE C 325 25.40 -46.98 7.66
N THR C 326 26.20 -47.90 7.13
CA THR C 326 27.59 -48.03 7.53
C THR C 326 28.57 -48.21 6.37
N ASN C 327 28.11 -48.53 5.16
CA ASN C 327 29.02 -48.69 4.04
C ASN C 327 29.61 -47.35 3.64
N LEU C 328 30.83 -47.39 3.10
CA LEU C 328 31.54 -46.19 2.68
C LEU C 328 31.42 -46.00 1.17
N CYS C 329 31.27 -44.75 0.75
CA CYS C 329 31.15 -44.44 -0.66
C CYS C 329 32.50 -44.56 -1.33
N PRO C 330 32.61 -45.34 -2.43
CA PRO C 330 33.90 -45.48 -3.12
C PRO C 330 34.18 -44.32 -4.08
N PHE C 331 34.47 -43.15 -3.50
CA PHE C 331 34.85 -42.01 -4.33
C PHE C 331 36.23 -42.18 -4.94
N GLY C 332 37.12 -42.90 -4.24
CA GLY C 332 38.48 -43.02 -4.72
C GLY C 332 38.59 -43.71 -6.07
N GLU C 333 37.80 -44.77 -6.26
CA GLU C 333 37.85 -45.50 -7.52
C GLU C 333 37.28 -44.72 -8.69
N VAL C 334 36.64 -43.58 -8.44
CA VAL C 334 36.16 -42.70 -9.49
C VAL C 334 37.14 -41.56 -9.74
N PHE C 335 37.55 -40.86 -8.68
CA PHE C 335 38.52 -39.77 -8.86
C PHE C 335 39.86 -40.30 -9.32
N ASN C 336 40.33 -41.40 -8.74
CA ASN C 336 41.60 -42.01 -9.11
C ASN C 336 41.42 -43.12 -10.14
N ALA C 337 40.35 -43.07 -10.92
CA ALA C 337 40.10 -44.13 -11.90
C ALA C 337 41.21 -44.14 -12.95
N THR C 338 41.54 -45.34 -13.42
CA THR C 338 42.63 -45.49 -14.37
C THR C 338 42.28 -44.84 -15.71
N ARG C 339 41.12 -45.16 -16.26
CA ARG C 339 40.74 -44.73 -17.60
C ARG C 339 39.51 -43.83 -17.53
N PHE C 340 39.55 -42.74 -18.29
CA PHE C 340 38.41 -41.83 -18.43
C PHE C 340 38.00 -41.80 -19.88
N ALA C 341 36.70 -42.02 -20.14
CA ALA C 341 36.20 -42.12 -21.49
C ALA C 341 36.24 -40.75 -22.18
N SER C 342 35.93 -40.75 -23.48
CA SER C 342 35.96 -39.53 -24.26
C SER C 342 34.82 -38.60 -23.85
N VAL C 343 34.92 -37.34 -24.28
CA VAL C 343 33.95 -36.33 -23.89
C VAL C 343 32.57 -36.66 -24.45
N TYR C 344 32.49 -37.10 -25.70
CA TYR C 344 31.20 -37.37 -26.33
C TYR C 344 30.56 -38.65 -25.84
N ALA C 345 31.25 -39.45 -25.03
CA ALA C 345 30.73 -40.70 -24.49
C ALA C 345 31.05 -40.78 -22.99
N TRP C 346 30.75 -39.72 -22.27
CA TRP C 346 31.11 -39.60 -20.86
C TRP C 346 30.56 -40.77 -20.05
N ASN C 347 31.15 -40.98 -18.87
CA ASN C 347 30.73 -42.06 -18.00
C ASN C 347 29.75 -41.55 -16.96
N ARG C 348 28.62 -42.25 -16.81
CA ARG C 348 27.62 -41.96 -15.80
C ARG C 348 27.56 -43.11 -14.81
N LYS C 349 27.69 -42.80 -13.53
CA LYS C 349 27.73 -43.81 -12.48
C LYS C 349 26.75 -43.47 -11.37
N ARG C 350 26.09 -44.50 -10.84
CA ARG C 350 25.13 -44.36 -9.76
C ARG C 350 25.79 -44.63 -8.42
N ILE C 351 25.46 -43.82 -7.42
CA ILE C 351 25.99 -44.00 -6.07
C ILE C 351 24.81 -44.11 -5.11
N SER C 352 24.83 -45.14 -4.26
CA SER C 352 23.74 -45.35 -3.32
C SER C 352 24.23 -46.20 -2.16
N ASN C 353 23.49 -46.13 -1.05
CA ASN C 353 23.69 -46.98 0.12
C ASN C 353 25.12 -46.88 0.64
N CYS C 354 25.51 -45.66 1.01
CA CYS C 354 26.84 -45.43 1.57
C CYS C 354 26.86 -44.10 2.29
N VAL C 355 27.88 -43.92 3.13
CA VAL C 355 28.11 -42.67 3.84
C VAL C 355 29.31 -41.97 3.19
N ALA C 356 29.18 -40.68 2.95
CA ALA C 356 30.21 -39.91 2.25
C ALA C 356 30.85 -38.91 3.21
N ASP C 357 31.98 -38.36 2.76
CA ASP C 357 32.69 -37.33 3.51
C ASP C 357 33.33 -36.40 2.49
N TYR C 358 32.66 -35.29 2.18
CA TYR C 358 33.17 -34.34 1.21
C TYR C 358 34.17 -33.36 1.81
N SER C 359 34.38 -33.40 3.13
CA SER C 359 35.35 -32.52 3.75
C SER C 359 36.76 -32.81 3.24
N VAL C 360 37.11 -34.09 3.12
CA VAL C 360 38.44 -34.46 2.65
C VAL C 360 38.64 -34.00 1.21
N LEU C 361 37.62 -34.16 0.37
CA LEU C 361 37.73 -33.72 -1.02
C LEU C 361 37.86 -32.20 -1.10
N TYR C 362 37.07 -31.47 -0.32
CA TYR C 362 37.12 -30.01 -0.38
C TYR C 362 38.46 -29.49 0.13
N ASN C 363 38.95 -30.01 1.25
CA ASN C 363 40.17 -29.48 1.85
C ASN C 363 41.39 -29.78 0.99
N SER C 364 41.44 -30.96 0.37
CA SER C 364 42.57 -31.30 -0.48
C SER C 364 42.66 -30.33 -1.66
N ALA C 365 43.86 -29.85 -1.93
CA ALA C 365 44.10 -28.83 -2.96
C ALA C 365 44.64 -29.43 -4.25
N SER C 366 44.20 -30.64 -4.60
CA SER C 366 44.69 -31.33 -5.79
C SER C 366 43.87 -31.03 -7.03
N PHE C 367 42.92 -30.11 -6.95
CA PHE C 367 41.98 -29.84 -8.03
C PHE C 367 42.13 -28.41 -8.52
N SER C 368 41.87 -28.21 -9.81
CA SER C 368 42.04 -26.90 -10.42
C SER C 368 40.83 -26.00 -10.16
N THR C 369 39.63 -26.49 -10.43
CA THR C 369 38.41 -25.74 -10.18
C THR C 369 37.41 -26.60 -9.42
N PHE C 370 36.67 -25.96 -8.52
CA PHE C 370 35.73 -26.67 -7.65
C PHE C 370 34.57 -25.73 -7.36
N LYS C 371 33.45 -25.94 -8.04
CA LYS C 371 32.31 -25.03 -7.92
C LYS C 371 31.05 -25.84 -7.62
N CYS C 372 30.42 -25.52 -6.50
CA CYS C 372 29.10 -26.06 -6.16
C CYS C 372 28.04 -25.06 -6.57
N TYR C 373 26.87 -25.56 -6.93
CA TYR C 373 25.79 -24.71 -7.42
C TYR C 373 24.57 -24.75 -6.53
N GLY C 374 24.05 -25.92 -6.19
CA GLY C 374 22.85 -25.99 -5.38
C GLY C 374 23.06 -25.46 -3.98
N VAL C 375 24.16 -25.84 -3.34
CA VAL C 375 24.38 -25.52 -1.93
C VAL C 375 25.81 -25.04 -1.74
N SER C 376 26.04 -24.40 -0.59
CA SER C 376 27.38 -24.01 -0.21
C SER C 376 28.19 -25.25 0.17
N PRO C 377 29.48 -25.30 -0.16
CA PRO C 377 30.25 -26.53 0.08
C PRO C 377 30.23 -27.00 1.53
N THR C 378 30.34 -26.08 2.48
CA THR C 378 30.46 -26.48 3.89
C THR C 378 29.24 -27.22 4.39
N LYS C 379 28.12 -27.15 3.66
CA LYS C 379 26.91 -27.83 4.08
C LYS C 379 26.83 -29.27 3.60
N LEU C 380 27.62 -29.66 2.59
CA LEU C 380 27.50 -31.02 2.07
C LEU C 380 27.78 -32.08 3.12
N ASN C 381 28.50 -31.74 4.19
CA ASN C 381 28.78 -32.72 5.22
C ASN C 381 27.57 -33.06 6.08
N ASP C 382 26.46 -32.34 5.93
CA ASP C 382 25.30 -32.56 6.80
C ASP C 382 24.01 -32.56 5.99
N LEU C 383 24.02 -33.19 4.83
CA LEU C 383 22.83 -33.30 3.99
C LEU C 383 22.64 -34.73 3.54
N CYS C 384 21.44 -35.27 3.76
CA CYS C 384 21.07 -36.55 3.18
C CYS C 384 20.65 -36.36 1.73
N PHE C 385 21.06 -37.30 0.88
CA PHE C 385 20.88 -37.18 -0.56
C PHE C 385 19.90 -38.25 -1.02
N THR C 386 18.96 -37.85 -1.89
CA THR C 386 18.03 -38.83 -2.46
C THR C 386 18.76 -39.82 -3.36
N ASN C 387 19.64 -39.31 -4.22
CA ASN C 387 20.43 -40.14 -5.12
C ASN C 387 21.60 -39.32 -5.62
N VAL C 388 22.61 -40.00 -6.14
CA VAL C 388 23.83 -39.35 -6.62
C VAL C 388 24.23 -39.95 -7.95
N TYR C 389 24.41 -39.10 -8.95
CA TYR C 389 24.89 -39.52 -10.27
C TYR C 389 26.14 -38.73 -10.62
N ALA C 390 27.19 -39.45 -11.00
CA ALA C 390 28.48 -38.84 -11.27
C ALA C 390 28.86 -39.05 -12.73
N ASP C 391 29.17 -37.96 -13.42
CA ASP C 391 29.67 -38.00 -14.79
C ASP C 391 31.15 -37.67 -14.80
N SER C 392 31.92 -38.52 -15.48
CA SER C 392 33.37 -38.39 -15.56
C SER C 392 33.79 -38.39 -17.02
N PHE C 393 34.74 -37.51 -17.35
CA PHE C 393 35.37 -37.54 -18.68
C PHE C 393 36.59 -36.62 -18.66
N VAL C 394 37.18 -36.43 -19.83
CA VAL C 394 38.39 -35.63 -20.02
C VAL C 394 38.14 -34.64 -21.15
N ILE C 395 38.57 -33.40 -20.94
CA ILE C 395 38.31 -32.31 -21.86
C ILE C 395 39.64 -31.60 -22.14
N ARG C 396 39.66 -30.82 -23.23
CA ARG C 396 40.76 -29.91 -23.44
C ARG C 396 40.81 -28.89 -22.31
N GLY C 397 42.02 -28.58 -21.84
CA GLY C 397 42.17 -27.72 -20.68
C GLY C 397 41.67 -26.31 -20.88
N ASP C 398 41.52 -25.87 -22.12
CA ASP C 398 41.10 -24.49 -22.37
C ASP C 398 39.62 -24.29 -22.06
N GLU C 399 38.77 -25.22 -22.48
CA GLU C 399 37.33 -25.03 -22.49
C GLU C 399 36.66 -25.39 -21.18
N VAL C 400 37.40 -25.39 -20.07
CA VAL C 400 36.81 -25.75 -18.78
C VAL C 400 35.62 -24.85 -18.47
N ARG C 401 35.73 -23.56 -18.78
CA ARG C 401 34.67 -22.62 -18.45
C ARG C 401 33.37 -22.93 -19.20
N GLN C 402 33.42 -23.77 -20.23
CA GLN C 402 32.17 -24.14 -20.90
C GLN C 402 31.33 -25.12 -20.10
N ILE C 403 31.84 -25.66 -19.00
CA ILE C 403 31.07 -26.63 -18.24
C ILE C 403 29.96 -25.97 -17.43
N ALA C 404 30.11 -24.68 -17.13
CA ALA C 404 29.13 -24.00 -16.28
C ALA C 404 27.75 -24.00 -16.95
N PRO C 405 26.67 -24.10 -16.17
CA PRO C 405 25.33 -24.14 -16.77
C PRO C 405 25.00 -22.83 -17.47
N GLY C 406 24.20 -22.93 -18.52
CA GLY C 406 23.79 -21.77 -19.28
C GLY C 406 24.81 -21.25 -20.26
N GLN C 407 26.02 -21.79 -20.26
CA GLN C 407 27.04 -21.40 -21.22
C GLN C 407 26.73 -22.01 -22.58
N THR C 408 27.42 -21.51 -23.60
CA THR C 408 27.30 -22.03 -24.95
C THR C 408 28.67 -22.13 -25.59
N GLY C 409 28.76 -22.94 -26.63
CA GLY C 409 30.03 -23.29 -27.24
C GLY C 409 30.00 -24.72 -27.73
N LYS C 410 30.92 -25.03 -28.65
CA LYS C 410 30.85 -26.27 -29.40
C LYS C 410 30.68 -27.48 -28.48
N ILE C 411 31.53 -27.58 -27.46
CA ILE C 411 31.39 -28.67 -26.49
C ILE C 411 30.04 -28.57 -25.77
N ALA C 412 29.67 -27.38 -25.34
CA ALA C 412 28.39 -27.22 -24.66
C ALA C 412 27.23 -27.32 -25.63
N ASP C 413 27.37 -26.78 -26.85
CA ASP C 413 26.26 -26.79 -27.79
C ASP C 413 25.91 -28.21 -28.23
N TYR C 414 26.92 -29.02 -28.56
CA TYR C 414 26.61 -30.33 -29.13
C TYR C 414 27.54 -31.45 -28.65
N ASN C 415 28.14 -31.33 -27.48
CA ASN C 415 28.80 -32.49 -26.89
C ASN C 415 28.33 -32.79 -25.48
N TYR C 416 28.10 -31.77 -24.65
CA TYR C 416 27.68 -31.97 -23.27
C TYR C 416 27.19 -30.66 -22.66
N LYS C 417 25.96 -30.65 -22.13
CA LYS C 417 25.44 -29.45 -21.50
C LYS C 417 24.48 -29.83 -20.38
N LEU C 418 24.19 -28.84 -19.54
CA LEU C 418 23.48 -29.01 -18.29
C LEU C 418 22.12 -28.32 -18.31
N PRO C 419 21.19 -28.73 -17.47
CA PRO C 419 19.86 -28.09 -17.46
C PRO C 419 19.90 -26.67 -16.94
N ASP C 420 18.72 -26.06 -16.81
CA ASP C 420 18.64 -24.66 -16.39
C ASP C 420 19.05 -24.47 -14.94
N ASP C 421 18.89 -25.49 -14.09
CA ASP C 421 19.20 -25.37 -12.68
C ASP C 421 20.44 -26.16 -12.29
N PHE C 422 20.45 -27.47 -12.53
CA PHE C 422 21.60 -28.33 -12.26
C PHE C 422 22.10 -28.16 -10.83
N THR C 423 21.28 -28.64 -9.89
CA THR C 423 21.61 -28.49 -8.48
C THR C 423 22.67 -29.49 -8.02
N GLY C 424 23.80 -29.51 -8.71
CA GLY C 424 24.91 -30.38 -8.39
C GLY C 424 26.19 -29.59 -8.17
N CYS C 425 27.32 -30.26 -8.42
CA CYS C 425 28.62 -29.63 -8.25
C CYS C 425 29.56 -30.14 -9.35
N VAL C 426 30.62 -29.37 -9.60
CA VAL C 426 31.57 -29.68 -10.64
C VAL C 426 32.98 -29.52 -10.08
N ILE C 427 33.88 -30.43 -10.47
CA ILE C 427 35.27 -30.35 -10.04
C ILE C 427 36.17 -30.86 -11.17
N ALA C 428 37.22 -30.10 -11.47
CA ALA C 428 38.11 -30.38 -12.58
C ALA C 428 39.55 -30.13 -12.15
N TRP C 429 40.47 -30.87 -12.78
CA TRP C 429 41.86 -30.81 -12.37
C TRP C 429 42.78 -31.20 -13.52
N ASN C 430 44.05 -30.82 -13.37
CA ASN C 430 45.03 -31.03 -14.44
C ASN C 430 45.41 -32.50 -14.55
N SER C 431 45.57 -32.96 -15.79
CA SER C 431 45.94 -34.34 -16.06
C SER C 431 46.94 -34.42 -17.22
N ASN C 432 47.94 -33.55 -17.21
CA ASN C 432 48.97 -33.60 -18.24
C ASN C 432 50.12 -34.54 -17.89
N ASN C 433 50.13 -35.10 -16.69
CA ASN C 433 51.22 -35.96 -16.25
C ASN C 433 50.89 -37.44 -16.31
N LEU C 434 49.61 -37.79 -16.45
CA LEU C 434 49.21 -39.19 -16.52
C LEU C 434 48.48 -39.53 -17.81
N ASP C 435 47.50 -38.72 -18.20
CA ASP C 435 46.78 -38.98 -19.45
C ASP C 435 47.63 -38.61 -20.66
N SER C 436 48.32 -37.48 -20.61
CA SER C 436 49.08 -37.02 -21.76
C SER C 436 50.28 -37.94 -22.01
N LYS C 437 50.47 -38.33 -23.26
CA LYS C 437 51.55 -39.21 -23.67
C LYS C 437 52.48 -38.45 -24.61
N VAL C 438 53.78 -38.51 -24.31
CA VAL C 438 54.78 -37.88 -25.19
C VAL C 438 54.80 -38.56 -26.54
N GLY C 439 54.46 -39.85 -26.60
CA GLY C 439 54.38 -40.56 -27.86
C GLY C 439 53.15 -40.24 -28.68
N GLY C 440 52.21 -39.49 -28.13
CA GLY C 440 51.04 -39.06 -28.87
C GLY C 440 49.75 -39.73 -28.42
N ASN C 441 48.95 -39.01 -27.63
CA ASN C 441 47.66 -39.51 -27.17
C ASN C 441 46.61 -39.11 -28.19
N TYR C 442 46.20 -40.06 -29.02
CA TYR C 442 45.24 -39.81 -30.09
C TYR C 442 43.94 -40.57 -29.90
N ASN C 443 43.63 -40.98 -28.67
CA ASN C 443 42.41 -41.72 -28.37
C ASN C 443 41.26 -40.82 -27.92
N TYR C 444 41.51 -39.53 -27.70
CA TYR C 444 40.47 -38.62 -27.25
C TYR C 444 39.89 -37.88 -28.45
N GLN C 445 38.57 -37.95 -28.60
CA GLN C 445 37.88 -37.39 -29.75
C GLN C 445 36.68 -36.57 -29.30
N TYR C 446 36.15 -35.78 -30.24
CA TYR C 446 34.90 -35.06 -30.03
C TYR C 446 34.26 -34.81 -31.39
N ARG C 447 33.21 -33.99 -31.40
CA ARG C 447 32.41 -33.76 -32.59
C ARG C 447 32.76 -32.43 -33.23
N LEU C 448 32.71 -32.40 -34.56
CA LEU C 448 33.12 -31.26 -35.37
C LEU C 448 31.99 -30.55 -36.08
N PHE C 449 31.07 -31.26 -36.72
CA PHE C 449 29.79 -30.71 -37.14
C PHE C 449 28.65 -31.59 -36.68
N ARG C 450 27.50 -30.96 -36.44
CA ARG C 450 26.32 -31.62 -35.91
C ARG C 450 25.08 -30.99 -36.54
N LYS C 451 24.07 -31.83 -36.80
CA LYS C 451 22.85 -31.32 -37.43
C LYS C 451 22.17 -30.27 -36.56
N SER C 452 22.07 -30.54 -35.26
CA SER C 452 21.39 -29.62 -34.35
C SER C 452 21.91 -29.86 -32.94
N ASN C 453 21.67 -28.87 -32.07
CA ASN C 453 22.17 -28.94 -30.71
C ASN C 453 21.51 -30.08 -29.94
N LEU C 454 22.21 -30.57 -28.93
CA LEU C 454 21.74 -31.69 -28.13
C LEU C 454 20.68 -31.21 -27.14
N LYS C 455 20.33 -32.07 -26.19
CA LYS C 455 19.39 -31.76 -25.14
C LYS C 455 20.12 -31.86 -23.80
N PRO C 456 19.53 -31.40 -22.69
CA PRO C 456 20.18 -31.58 -21.39
C PRO C 456 20.34 -33.05 -21.06
N PHE C 457 21.59 -33.47 -20.85
CA PHE C 457 21.92 -34.84 -20.44
C PHE C 457 21.48 -35.86 -21.50
N GLU C 458 21.94 -35.63 -22.74
CA GLU C 458 21.62 -36.50 -23.86
C GLU C 458 22.91 -36.94 -24.53
N ARG C 459 22.97 -38.22 -24.92
CA ARG C 459 24.19 -38.86 -25.40
C ARG C 459 24.03 -39.26 -26.87
N ASP C 460 25.11 -39.12 -27.63
CA ASP C 460 25.10 -39.43 -29.06
C ASP C 460 26.38 -40.14 -29.45
N ILE C 461 26.25 -41.28 -30.13
CA ILE C 461 27.39 -42.07 -30.58
C ILE C 461 27.32 -42.24 -32.09
N SER C 462 26.77 -41.24 -32.78
CA SER C 462 26.63 -41.34 -34.22
C SER C 462 28.00 -41.30 -34.91
N THR C 463 28.09 -41.98 -36.05
CA THR C 463 29.33 -42.03 -36.82
C THR C 463 29.12 -41.81 -38.31
N GLU C 464 27.89 -41.52 -38.74
CA GLU C 464 27.64 -41.25 -40.15
C GLU C 464 28.29 -39.95 -40.58
N ILE C 465 28.70 -39.89 -41.85
CA ILE C 465 29.40 -38.72 -42.36
C ILE C 465 28.42 -37.58 -42.54
N TYR C 466 28.82 -36.39 -42.11
CA TYR C 466 27.96 -35.22 -42.17
C TYR C 466 28.04 -34.57 -43.54
N GLN C 467 26.88 -34.31 -44.15
CA GLN C 467 26.80 -33.62 -45.43
C GLN C 467 26.86 -32.13 -45.16
N ALA C 468 28.09 -31.60 -45.05
CA ALA C 468 28.24 -30.17 -44.79
C ALA C 468 27.64 -29.33 -45.90
N GLY C 469 27.84 -29.75 -47.16
CA GLY C 469 27.16 -29.14 -48.28
C GLY C 469 25.79 -29.78 -48.50
N SER C 470 25.08 -29.23 -49.49
CA SER C 470 23.76 -29.76 -49.84
C SER C 470 23.83 -30.91 -50.84
N THR C 471 25.01 -31.20 -51.40
CA THR C 471 25.14 -32.27 -52.36
C THR C 471 24.94 -33.62 -51.69
N PRO C 472 24.37 -34.59 -52.39
CA PRO C 472 24.26 -35.94 -51.83
C PRO C 472 25.62 -36.55 -51.55
N CYS C 473 25.72 -37.26 -50.43
CA CYS C 473 26.95 -37.93 -50.05
C CYS C 473 26.64 -39.40 -49.76
N ASN C 474 27.35 -40.29 -50.44
CA ASN C 474 27.14 -41.72 -50.26
C ASN C 474 28.46 -42.41 -49.95
N GLY C 475 28.42 -43.73 -49.78
CA GLY C 475 29.63 -44.45 -49.43
C GLY C 475 30.16 -43.97 -48.09
N VAL C 476 31.43 -43.58 -48.07
CA VAL C 476 32.11 -43.11 -46.87
C VAL C 476 32.72 -41.73 -47.07
N GLU C 477 33.52 -41.56 -48.12
CA GLU C 477 34.34 -40.37 -48.30
C GLU C 477 33.92 -39.61 -49.55
N GLY C 478 34.12 -38.29 -49.50
CA GLY C 478 33.81 -37.42 -50.62
C GLY C 478 34.07 -35.98 -50.23
N PHE C 479 33.69 -35.08 -51.13
CA PHE C 479 33.84 -33.66 -50.85
C PHE C 479 32.60 -33.13 -50.14
N ASN C 480 32.80 -32.10 -49.31
CA ASN C 480 31.81 -31.53 -48.42
C ASN C 480 31.28 -32.52 -47.40
N CYS C 481 31.88 -33.72 -47.34
CA CYS C 481 31.46 -34.74 -46.37
C CYS C 481 32.66 -35.65 -46.14
N TYR C 482 33.33 -35.47 -45.00
CA TYR C 482 34.56 -36.19 -44.73
C TYR C 482 34.50 -37.05 -43.47
N SER C 483 34.07 -36.48 -42.33
CA SER C 483 34.13 -37.24 -41.09
C SER C 483 33.27 -36.57 -40.04
N PRO C 484 32.58 -37.34 -39.19
CA PRO C 484 31.75 -36.74 -38.16
C PRO C 484 32.54 -36.31 -36.93
N LEU C 485 33.58 -37.06 -36.58
CA LEU C 485 34.34 -36.81 -35.36
C LEU C 485 35.77 -36.40 -35.69
N GLN C 486 36.43 -35.81 -34.69
CA GLN C 486 37.80 -35.37 -34.80
C GLN C 486 38.54 -35.67 -33.51
N SER C 487 39.75 -36.21 -33.63
CA SER C 487 40.59 -36.49 -32.48
C SER C 487 41.45 -35.27 -32.17
N TYR C 488 42.35 -35.44 -31.20
CA TYR C 488 43.27 -34.37 -30.84
C TYR C 488 44.52 -34.96 -30.21
N GLY C 489 45.65 -34.29 -30.43
CA GLY C 489 46.92 -34.73 -29.91
C GLY C 489 47.24 -34.15 -28.55
N PHE C 490 46.54 -34.57 -27.51
CA PHE C 490 46.76 -34.08 -26.15
C PHE C 490 48.09 -34.62 -25.65
N GLN C 491 49.13 -33.78 -25.70
CA GLN C 491 50.49 -34.19 -25.39
C GLN C 491 51.11 -33.22 -24.40
N PRO C 492 52.09 -33.67 -23.60
CA PRO C 492 52.81 -32.74 -22.72
C PRO C 492 53.70 -31.78 -23.47
N THR C 493 53.87 -31.96 -24.78
CA THR C 493 54.71 -31.06 -25.57
C THR C 493 54.15 -29.64 -25.58
N ASN C 494 52.83 -29.50 -25.70
CA ASN C 494 52.22 -28.20 -25.85
C ASN C 494 52.32 -27.38 -24.57
N GLY C 495 52.16 -26.06 -24.72
CA GLY C 495 52.23 -25.15 -23.61
C GLY C 495 50.95 -25.17 -22.79
N VAL C 496 50.84 -24.16 -21.91
CA VAL C 496 49.71 -24.09 -21.00
C VAL C 496 48.43 -23.87 -21.79
N GLY C 497 47.32 -24.41 -21.28
CA GLY C 497 46.03 -24.31 -21.91
C GLY C 497 45.65 -25.51 -22.73
N TYR C 498 46.60 -26.08 -23.46
CA TYR C 498 46.33 -27.22 -24.33
C TYR C 498 46.46 -28.56 -23.63
N GLN C 499 46.88 -28.57 -22.37
CA GLN C 499 46.98 -29.83 -21.64
C GLN C 499 45.58 -30.39 -21.39
N PRO C 500 45.40 -31.70 -21.45
CA PRO C 500 44.10 -32.28 -21.10
C PRO C 500 43.81 -32.14 -19.62
N TYR C 501 42.52 -32.04 -19.30
CA TYR C 501 42.06 -31.93 -17.92
C TYR C 501 41.01 -32.99 -17.65
N ARG C 502 40.95 -33.45 -16.41
CA ARG C 502 39.99 -34.46 -15.98
C ARG C 502 38.87 -33.77 -15.22
N VAL C 503 37.62 -34.04 -15.63
CA VAL C 503 36.46 -33.36 -15.09
C VAL C 503 35.46 -34.40 -14.58
N VAL C 504 34.88 -34.12 -13.42
CA VAL C 504 33.81 -34.94 -12.87
C VAL C 504 32.74 -34.03 -12.25
N VAL C 505 31.49 -34.34 -12.52
CA VAL C 505 30.35 -33.59 -12.01
C VAL C 505 29.44 -34.54 -11.24
N LEU C 506 28.77 -34.01 -10.22
CA LEU C 506 27.88 -34.77 -9.37
C LEU C 506 26.51 -34.11 -9.36
N SER C 507 25.45 -34.92 -9.45
CA SER C 507 24.09 -34.43 -9.49
C SER C 507 23.23 -35.19 -8.48
N PHE C 508 22.29 -34.48 -7.88
CA PHE C 508 21.48 -35.01 -6.79
C PHE C 508 20.22 -34.18 -6.65
N GLU C 509 19.30 -34.68 -5.82
CA GLU C 509 18.07 -33.98 -5.46
C GLU C 509 17.94 -33.95 -3.94
N LEU C 510 16.96 -33.19 -3.44
CA LEU C 510 16.84 -32.96 -2.01
C LEU C 510 15.57 -33.53 -1.40
N LEU C 511 14.39 -33.13 -1.86
CA LEU C 511 13.13 -33.48 -1.20
C LEU C 511 12.38 -34.50 -2.06
N HIS C 512 12.67 -35.77 -1.84
CA HIS C 512 12.10 -36.89 -2.58
C HIS C 512 11.98 -38.08 -1.65
N ALA C 513 11.88 -39.28 -2.23
CA ALA C 513 11.76 -40.57 -1.58
C ALA C 513 12.80 -40.74 -0.48
N PRO C 514 12.61 -41.68 0.46
CA PRO C 514 13.55 -41.84 1.56
C PRO C 514 15.00 -41.86 1.10
N ALA C 515 15.83 -41.06 1.77
CA ALA C 515 17.20 -40.86 1.33
C ALA C 515 18.04 -42.12 1.53
N THR C 516 19.08 -42.24 0.72
CA THR C 516 20.01 -43.36 0.80
C THR C 516 21.46 -42.93 1.00
N VAL C 517 21.82 -41.70 0.62
CA VAL C 517 23.16 -41.18 0.82
C VAL C 517 23.08 -40.08 1.87
N CYS C 518 23.88 -40.20 2.92
CA CYS C 518 23.81 -39.27 4.04
C CYS C 518 25.22 -38.97 4.54
N GLY C 519 25.33 -37.88 5.29
CA GLY C 519 26.60 -37.45 5.81
C GLY C 519 27.07 -38.32 6.97
N PRO C 520 28.28 -38.05 7.44
CA PRO C 520 28.90 -38.90 8.46
C PRO C 520 28.44 -38.64 9.89
N LYS C 521 27.34 -37.92 10.10
CA LYS C 521 26.88 -37.66 11.45
C LYS C 521 26.36 -38.94 12.10
N LYS C 522 26.34 -38.93 13.42
CA LYS C 522 25.91 -40.07 14.22
C LYS C 522 24.48 -39.87 14.72
N SER C 523 23.73 -40.96 14.79
CA SER C 523 22.37 -40.93 15.27
C SER C 523 22.34 -40.89 16.80
N THR C 524 21.14 -40.72 17.35
CA THR C 524 20.97 -40.69 18.79
C THR C 524 19.57 -41.20 19.13
N ASN C 525 19.28 -41.23 20.44
CA ASN C 525 18.00 -41.70 20.92
C ASN C 525 16.88 -40.73 20.54
N LEU C 526 15.64 -41.19 20.67
CA LEU C 526 14.46 -40.41 20.32
C LEU C 526 13.60 -40.20 21.55
N VAL C 527 13.26 -38.94 21.82
CA VAL C 527 12.44 -38.56 22.97
C VAL C 527 11.34 -37.62 22.50
N LYS C 528 10.10 -37.96 22.80
CA LYS C 528 8.94 -37.11 22.50
C LYS C 528 8.64 -36.24 23.71
N ASN C 529 7.45 -35.60 23.73
CA ASN C 529 6.82 -35.36 25.02
C ASN C 529 7.62 -34.50 25.99
N LYS C 530 7.45 -33.17 25.95
CA LYS C 530 8.46 -32.14 26.26
C LYS C 530 9.35 -31.79 25.08
N CYS C 531 8.81 -30.91 24.24
CA CYS C 531 9.35 -30.38 22.99
C CYS C 531 10.86 -30.29 22.91
N VAL C 532 11.42 -30.79 21.81
CA VAL C 532 12.84 -30.80 21.56
C VAL C 532 13.10 -30.33 20.12
N ASN C 533 14.39 -30.26 19.79
CA ASN C 533 14.83 -29.92 18.45
C ASN C 533 15.19 -31.19 17.69
N PHE C 534 14.60 -31.37 16.52
CA PHE C 534 14.75 -32.58 15.74
C PHE C 534 15.50 -32.30 14.45
N ASN C 535 16.18 -33.33 13.95
CA ASN C 535 16.92 -33.25 12.69
C ASN C 535 16.77 -34.62 12.02
N PHE C 536 15.78 -34.73 11.13
CA PHE C 536 15.51 -35.96 10.40
C PHE C 536 15.98 -35.78 8.96
N ASN C 537 17.08 -36.44 8.61
CA ASN C 537 17.58 -36.48 7.23
C ASN C 537 17.73 -35.09 6.65
N GLY C 538 18.30 -34.18 7.43
CA GLY C 538 18.52 -32.82 6.99
C GLY C 538 17.34 -31.88 7.19
N LEU C 539 16.21 -32.39 7.66
CA LEU C 539 15.07 -31.55 8.01
C LEU C 539 15.21 -31.18 9.49
N THR C 540 15.46 -29.91 9.77
CA THR C 540 15.68 -29.42 11.12
C THR C 540 14.48 -28.60 11.59
N GLY C 541 14.08 -28.80 12.84
CA GLY C 541 12.97 -28.04 13.37
C GLY C 541 12.88 -28.21 14.87
N THR C 542 11.81 -27.66 15.43
CA THR C 542 11.57 -27.72 16.87
C THR C 542 10.09 -27.98 17.12
N GLY C 543 9.79 -28.91 18.03
CA GLY C 543 8.40 -29.20 18.32
C GLY C 543 8.27 -30.35 19.28
N VAL C 544 7.01 -30.71 19.56
CA VAL C 544 6.67 -31.93 20.28
C VAL C 544 6.34 -33.00 19.26
N LEU C 545 6.77 -34.22 19.54
CA LEU C 545 6.54 -35.37 18.67
C LEU C 545 5.53 -36.30 19.32
N THR C 546 4.62 -36.83 18.52
CA THR C 546 3.61 -37.76 19.02
C THR C 546 3.45 -38.92 18.03
N GLU C 547 3.00 -40.05 18.56
CA GLU C 547 2.67 -41.19 17.71
C GLU C 547 1.51 -40.82 16.80
N SER C 548 1.63 -41.16 15.53
CA SER C 548 0.63 -40.82 14.54
C SER C 548 0.03 -42.08 13.92
N ASN C 549 -1.25 -42.01 13.60
CA ASN C 549 -1.98 -43.09 12.95
C ASN C 549 -2.42 -42.58 11.58
N LYS C 550 -1.53 -42.72 10.60
CA LYS C 550 -1.80 -42.25 9.25
C LYS C 550 -1.14 -43.21 8.27
N LYS C 551 -1.65 -43.21 7.04
CA LYS C 551 -1.24 -44.19 6.03
C LYS C 551 -0.33 -43.52 5.01
N PHE C 552 0.91 -44.00 4.94
CA PHE C 552 1.88 -43.51 3.96
C PHE C 552 2.21 -44.63 2.98
N LEU C 553 2.20 -44.30 1.70
CA LEU C 553 2.67 -45.22 0.69
C LEU C 553 4.19 -45.33 0.77
N PRO C 554 4.77 -46.41 0.24
CA PRO C 554 6.22 -46.62 0.42
C PRO C 554 7.07 -45.49 -0.12
N PHE C 555 6.63 -44.79 -1.17
CA PHE C 555 7.44 -43.73 -1.75
C PHE C 555 7.23 -42.37 -1.08
N GLN C 556 6.42 -42.31 -0.03
CA GLN C 556 6.16 -41.04 0.65
C GLN C 556 7.02 -40.94 1.90
N GLN C 557 7.59 -39.75 2.11
CA GLN C 557 8.47 -39.47 3.24
C GLN C 557 7.93 -38.38 4.15
N PHE C 558 7.55 -37.24 3.60
CA PHE C 558 7.14 -36.08 4.39
C PHE C 558 5.67 -35.77 4.19
N GLY C 559 5.03 -35.32 5.27
CA GLY C 559 3.64 -34.93 5.25
C GLY C 559 3.50 -33.43 5.46
N ARG C 560 2.50 -32.84 4.80
CA ARG C 560 2.32 -31.40 4.84
C ARG C 560 0.91 -31.01 5.24
N ASP C 561 0.59 -29.72 5.13
CA ASP C 561 -0.72 -29.20 5.49
C ASP C 561 -1.04 -28.03 4.55
N ILE C 562 -2.08 -27.27 4.90
CA ILE C 562 -2.50 -26.16 4.04
C ILE C 562 -1.47 -25.04 4.07
N ALA C 563 -0.87 -24.78 5.24
CA ALA C 563 0.11 -23.71 5.34
C ALA C 563 1.43 -24.04 4.69
N ASP C 564 1.56 -25.22 4.09
CA ASP C 564 2.79 -25.68 3.44
C ASP C 564 3.96 -25.68 4.43
N THR C 565 3.81 -26.51 5.46
CA THR C 565 4.88 -26.77 6.43
C THR C 565 4.82 -28.23 6.84
N THR C 566 5.97 -28.78 7.20
CA THR C 566 6.04 -30.19 7.55
C THR C 566 5.23 -30.47 8.81
N ASP C 567 4.50 -31.59 8.80
CA ASP C 567 3.71 -31.98 9.97
C ASP C 567 3.83 -33.45 10.33
N ALA C 568 4.19 -34.33 9.41
CA ALA C 568 4.36 -35.74 9.70
C ALA C 568 5.63 -36.24 9.03
N VAL C 569 6.39 -37.06 9.74
CA VAL C 569 7.67 -37.56 9.25
C VAL C 569 7.76 -39.04 9.53
N ARG C 570 8.65 -39.71 8.80
CA ARG C 570 8.92 -41.14 8.97
C ARG C 570 10.37 -41.30 9.41
N ASP C 571 10.56 -41.92 10.57
CA ASP C 571 11.90 -42.04 11.13
C ASP C 571 12.75 -42.97 10.27
N PRO C 572 13.98 -42.58 9.95
CA PRO C 572 14.84 -43.49 9.17
C PRO C 572 15.14 -44.82 9.86
N GLN C 573 15.27 -44.83 11.18
CA GLN C 573 15.66 -46.05 11.89
C GLN C 573 14.49 -47.01 12.04
N THR C 574 13.38 -46.53 12.60
CA THR C 574 12.15 -47.30 12.72
C THR C 574 11.09 -46.67 11.83
N LEU C 575 10.26 -47.51 11.20
CA LEU C 575 9.37 -47.06 10.14
C LEU C 575 8.00 -46.63 10.66
N GLU C 576 7.93 -46.11 11.87
CA GLU C 576 6.68 -45.57 12.39
C GLU C 576 6.57 -44.08 12.11
N ILE C 577 5.34 -43.63 11.85
CA ILE C 577 5.06 -42.25 11.48
C ILE C 577 4.94 -41.42 12.75
N LEU C 578 5.43 -40.17 12.70
CA LEU C 578 5.41 -39.28 13.84
C LEU C 578 4.80 -37.95 13.42
N ASP C 579 3.96 -37.39 14.29
CA ASP C 579 3.35 -36.08 14.08
C ASP C 579 4.05 -35.03 14.92
N ILE C 580 4.01 -33.77 14.49
CA ILE C 580 4.75 -32.71 15.23
C ILE C 580 3.79 -31.60 15.64
N THR C 581 3.89 -31.10 16.88
CA THR C 581 3.06 -29.95 17.33
C THR C 581 3.97 -28.88 17.93
N PRO C 582 3.71 -27.57 17.75
CA PRO C 582 4.63 -26.52 18.22
C PRO C 582 4.53 -26.25 19.73
N CYS C 583 5.68 -26.09 20.40
CA CYS C 583 5.67 -25.88 21.87
C CYS C 583 5.21 -24.45 22.15
N SER C 584 4.52 -24.25 23.28
CA SER C 584 3.31 -23.38 23.38
C SER C 584 3.67 -21.89 23.39
N PHE C 585 2.70 -21.03 23.07
CA PHE C 585 2.93 -19.57 23.10
C PHE C 585 1.60 -18.85 23.37
N GLY C 586 1.66 -17.58 23.78
CA GLY C 586 0.42 -16.85 24.10
C GLY C 586 0.71 -15.42 24.54
N GLY C 587 -0.29 -14.55 24.46
CA GLY C 587 -0.05 -13.16 24.77
C GLY C 587 0.10 -12.94 26.27
N VAL C 588 0.83 -11.88 26.62
CA VAL C 588 1.09 -11.52 28.00
C VAL C 588 0.53 -10.13 28.25
N SER C 589 -0.28 -9.99 29.30
CA SER C 589 -0.80 -8.70 29.69
C SER C 589 -0.44 -8.45 31.15
N VAL C 590 -0.24 -7.17 31.48
CA VAL C 590 0.07 -6.76 32.84
C VAL C 590 -1.04 -5.85 33.33
N ILE C 591 -1.61 -6.20 34.48
CA ILE C 591 -2.63 -5.40 35.13
C ILE C 591 -1.95 -4.61 36.24
N THR C 592 -2.13 -3.30 36.23
CA THR C 592 -1.47 -2.46 37.21
C THR C 592 -2.34 -1.27 37.56
N PRO C 593 -2.38 -0.88 38.82
CA PRO C 593 -3.04 0.38 39.18
C PRO C 593 -2.13 1.56 38.89
N GLY C 594 -2.55 2.76 39.27
CA GLY C 594 -1.70 3.92 39.03
C GLY C 594 -0.35 3.77 39.71
N THR C 595 0.69 4.28 39.05
CA THR C 595 2.03 4.16 39.60
C THR C 595 2.17 4.90 40.92
N ASN C 596 1.58 6.09 41.02
CA ASN C 596 1.70 6.88 42.25
C ASN C 596 1.03 6.17 43.42
N THR C 597 -0.13 5.57 43.19
CA THR C 597 -0.84 4.91 44.29
C THR C 597 -0.09 3.68 44.78
N SER C 598 0.44 2.87 43.86
CA SER C 598 1.13 1.65 44.26
C SER C 598 2.03 1.20 43.12
N ASN C 599 2.92 0.25 43.43
CA ASN C 599 3.81 -0.33 42.44
C ASN C 599 3.60 -1.84 42.30
N GLN C 600 2.50 -2.37 42.82
CA GLN C 600 2.18 -3.78 42.61
C GLN C 600 1.66 -3.99 41.19
N VAL C 601 1.86 -5.20 40.68
CA VAL C 601 1.34 -5.60 39.38
C VAL C 601 0.85 -7.03 39.46
N ALA C 602 0.06 -7.43 38.46
CA ALA C 602 -0.32 -8.82 38.27
C ALA C 602 -0.18 -9.16 36.80
N VAL C 603 0.00 -10.43 36.52
CA VAL C 603 0.22 -10.87 35.15
C VAL C 603 -0.95 -11.75 34.71
N LEU C 604 -1.26 -11.69 33.43
CA LEU C 604 -2.27 -12.55 32.83
C LEU C 604 -1.67 -13.16 31.58
N TYR C 605 -1.52 -14.49 31.59
CA TYR C 605 -1.14 -15.25 30.41
C TYR C 605 -2.42 -15.66 29.73
N GLN C 606 -2.71 -15.06 28.58
CA GLN C 606 -4.00 -15.21 27.94
C GLN C 606 -3.98 -16.37 26.96
N GLY C 607 -5.08 -17.11 26.95
CA GLY C 607 -5.20 -18.26 26.08
C GLY C 607 -4.26 -19.40 26.41
N VAL C 608 -4.12 -19.74 27.70
CA VAL C 608 -3.27 -20.84 28.12
C VAL C 608 -3.85 -21.45 29.38
N ASN C 609 -3.70 -22.78 29.50
CA ASN C 609 -4.03 -23.45 30.73
C ASN C 609 -3.03 -23.05 31.82
N CYS C 610 -3.51 -23.03 33.06
CA CYS C 610 -2.65 -22.61 34.17
C CYS C 610 -1.47 -23.56 34.37
N THR C 611 -1.73 -24.87 34.24
CA THR C 611 -0.71 -25.88 34.56
C THR C 611 0.55 -25.70 33.75
N GLU C 612 0.48 -25.08 32.56
CA GLU C 612 1.67 -24.91 31.74
C GLU C 612 2.65 -23.92 32.33
N VAL C 613 2.22 -23.04 33.22
CA VAL C 613 3.11 -22.02 33.77
C VAL C 613 4.04 -22.62 34.83
N PRO C 614 3.53 -23.32 35.86
CA PRO C 614 4.48 -23.96 36.79
C PRO C 614 5.37 -24.98 36.12
N VAL C 615 4.92 -25.61 35.04
CA VAL C 615 5.79 -26.47 34.27
C VAL C 615 6.94 -25.67 33.67
N ALA C 616 6.66 -24.41 33.29
CA ALA C 616 7.66 -23.50 32.74
C ALA C 616 8.28 -22.62 33.81
N ILE C 617 8.38 -23.12 35.04
CA ILE C 617 9.01 -22.37 36.12
C ILE C 617 10.52 -22.45 36.01
N THR C 625 14.51 -14.32 31.68
CA THR C 625 13.40 -13.38 31.68
C THR C 625 13.14 -12.85 33.08
N TRP C 626 11.86 -12.86 33.49
CA TRP C 626 11.46 -12.39 34.81
C TRP C 626 10.61 -13.49 35.46
N ARG C 627 11.18 -14.16 36.46
CA ARG C 627 10.44 -15.16 37.22
C ARG C 627 10.14 -14.69 38.64
N VAL C 628 10.42 -13.42 38.95
CA VAL C 628 10.13 -12.89 40.27
C VAL C 628 8.63 -12.86 40.52
N TYR C 629 7.84 -12.57 39.49
CA TYR C 629 6.40 -12.64 39.57
C TYR C 629 5.84 -13.96 39.06
N SER C 630 6.69 -14.91 38.73
CA SER C 630 6.26 -16.25 38.34
C SER C 630 6.25 -17.23 39.51
N THR C 631 6.55 -16.75 40.73
CA THR C 631 6.54 -17.64 41.89
C THR C 631 5.16 -18.26 42.09
N GLY C 632 4.11 -17.45 42.04
CA GLY C 632 2.77 -17.97 42.18
C GLY C 632 2.21 -17.82 43.58
N SER C 633 1.74 -18.94 44.14
CA SER C 633 1.06 -19.04 45.42
C SER C 633 -0.29 -18.33 45.42
N ASN C 634 -0.67 -17.70 44.31
CA ASN C 634 -1.97 -17.04 44.18
C ASN C 634 -2.33 -17.08 42.70
N VAL C 635 -3.12 -18.09 42.31
CA VAL C 635 -3.40 -18.35 40.90
C VAL C 635 -4.91 -18.43 40.70
N PHE C 636 -5.41 -17.70 39.71
CA PHE C 636 -6.78 -17.80 39.27
C PHE C 636 -6.80 -18.32 37.83
N GLN C 637 -7.79 -19.15 37.52
CA GLN C 637 -7.95 -19.69 36.17
C GLN C 637 -9.23 -19.10 35.59
N THR C 638 -9.08 -18.06 34.79
CA THR C 638 -10.22 -17.46 34.09
C THR C 638 -10.41 -18.16 32.76
N ARG C 639 -11.64 -18.07 32.24
CA ARG C 639 -11.90 -18.62 30.91
C ARG C 639 -11.03 -17.97 29.85
N ALA C 640 -10.52 -16.76 30.11
CA ALA C 640 -9.63 -16.08 29.19
C ALA C 640 -8.16 -16.44 29.38
N GLY C 641 -7.80 -17.11 30.46
CA GLY C 641 -6.39 -17.44 30.64
C GLY C 641 -6.06 -17.72 32.10
N CYS C 642 -4.80 -17.46 32.45
CA CYS C 642 -4.29 -17.71 33.79
C CYS C 642 -3.81 -16.41 34.40
N LEU C 643 -4.29 -16.10 35.60
CA LEU C 643 -4.00 -14.84 36.28
C LEU C 643 -3.15 -15.12 37.52
N ILE C 644 -2.02 -14.42 37.62
CA ILE C 644 -1.10 -14.56 38.74
C ILE C 644 -0.97 -13.20 39.42
N GLY C 645 -1.10 -13.19 40.74
CA GLY C 645 -0.93 -11.98 41.51
C GLY C 645 -2.20 -11.25 41.89
N ALA C 646 -3.36 -11.90 41.84
CA ALA C 646 -4.61 -11.29 42.23
C ALA C 646 -5.39 -12.22 43.14
N GLU C 647 -6.08 -11.63 44.11
CA GLU C 647 -6.92 -12.38 45.05
C GLU C 647 -8.37 -12.07 44.75
N HIS C 648 -9.14 -13.10 44.46
CA HIS C 648 -10.53 -12.90 44.08
C HIS C 648 -11.43 -12.97 45.31
N VAL C 649 -12.61 -12.35 45.19
CA VAL C 649 -13.58 -12.26 46.26
C VAL C 649 -14.92 -12.76 45.76
N ASN C 650 -15.94 -12.64 46.61
CA ASN C 650 -17.30 -13.05 46.27
C ASN C 650 -18.20 -11.88 45.90
N ASN C 651 -18.22 -10.83 46.73
CA ASN C 651 -19.08 -9.69 46.45
C ASN C 651 -18.65 -9.00 45.17
N SER C 652 -19.63 -8.54 44.39
CA SER C 652 -19.40 -7.92 43.10
C SER C 652 -19.39 -6.41 43.23
N TYR C 653 -18.73 -5.76 42.27
CA TYR C 653 -18.65 -4.31 42.20
C TYR C 653 -18.80 -3.90 40.73
N GLU C 654 -18.60 -2.62 40.46
CA GLU C 654 -18.50 -2.14 39.09
C GLU C 654 -17.08 -2.36 38.58
N CYS C 655 -16.91 -2.18 37.26
CA CYS C 655 -15.62 -2.45 36.65
C CYS C 655 -14.66 -1.27 36.83
N ASP C 656 -13.40 -1.59 37.06
CA ASP C 656 -12.31 -0.63 37.06
C ASP C 656 -11.26 -0.96 36.01
N ILE C 657 -10.85 -2.22 35.92
CA ILE C 657 -9.94 -2.68 34.88
C ILE C 657 -10.57 -3.89 34.21
N PRO C 658 -10.90 -3.82 32.92
CA PRO C 658 -11.56 -4.95 32.27
C PRO C 658 -10.55 -6.04 31.90
N ILE C 659 -10.83 -7.27 32.30
CA ILE C 659 -10.05 -8.41 31.85
C ILE C 659 -10.88 -9.16 30.81
N GLY C 660 -12.07 -9.61 31.20
CA GLY C 660 -12.93 -10.26 30.24
C GLY C 660 -13.76 -11.40 30.78
N ALA C 661 -14.72 -11.87 29.99
CA ALA C 661 -15.64 -12.93 30.40
C ALA C 661 -16.34 -12.58 31.70
N GLY C 662 -16.64 -11.29 31.88
CA GLY C 662 -17.28 -10.83 33.09
C GLY C 662 -16.36 -10.64 34.27
N ILE C 663 -15.06 -10.64 34.06
CA ILE C 663 -14.07 -10.50 35.14
C ILE C 663 -13.42 -9.14 35.02
N CYS C 664 -13.51 -8.34 36.08
CA CYS C 664 -12.89 -7.04 36.16
C CYS C 664 -12.10 -6.92 37.46
N ALA C 665 -11.01 -6.17 37.41
CA ALA C 665 -10.11 -6.03 38.56
C ALA C 665 -10.11 -4.59 39.06
N SER C 666 -9.61 -4.42 40.28
CA SER C 666 -9.53 -3.12 40.92
C SER C 666 -8.51 -3.19 42.04
N TYR C 667 -8.18 -2.02 42.57
CA TYR C 667 -7.19 -1.89 43.64
C TYR C 667 -7.84 -1.29 44.87
N GLN C 668 -7.78 -2.02 45.98
CA GLN C 668 -8.26 -1.53 47.27
C GLN C 668 -7.85 -2.56 48.32
N THR C 669 -8.23 -2.29 49.57
CA THR C 669 -7.95 -3.22 50.66
C THR C 669 -8.66 -4.54 50.45
N SER C 682 -3.92 -3.45 54.18
CA SER C 682 -4.01 -4.63 53.33
C SER C 682 -4.38 -4.24 51.91
N GLN C 683 -3.76 -3.18 51.40
CA GLN C 683 -4.06 -2.72 50.05
C GLN C 683 -3.50 -3.68 49.02
N SER C 684 -4.35 -4.12 48.10
CA SER C 684 -3.95 -5.09 47.09
C SER C 684 -4.91 -4.96 45.91
N ILE C 685 -4.93 -5.97 45.03
CA ILE C 685 -5.74 -5.96 43.83
C ILE C 685 -6.66 -7.17 43.83
N ILE C 686 -7.89 -6.96 43.38
CA ILE C 686 -8.95 -7.96 43.41
C ILE C 686 -9.53 -8.11 42.00
N ALA C 687 -9.75 -9.35 41.58
CA ALA C 687 -10.46 -9.65 40.36
C ALA C 687 -11.78 -10.35 40.70
N TYR C 688 -12.88 -9.79 40.22
CA TYR C 688 -14.20 -10.26 40.62
C TYR C 688 -15.13 -10.21 39.41
N THR C 689 -16.40 -10.50 39.64
CA THR C 689 -17.42 -10.50 38.61
C THR C 689 -18.15 -9.17 38.58
N MET C 690 -18.61 -8.80 37.38
CA MET C 690 -19.28 -7.52 37.20
C MET C 690 -20.56 -7.44 38.01
N SER C 691 -20.99 -6.21 38.29
CA SER C 691 -22.30 -5.93 38.86
C SER C 691 -22.93 -4.80 38.05
N LEU C 692 -24.16 -5.03 37.57
CA LEU C 692 -24.78 -4.09 36.64
C LEU C 692 -25.46 -2.92 37.32
N GLY C 693 -25.56 -2.92 38.65
CA GLY C 693 -26.14 -1.80 39.35
C GLY C 693 -27.05 -2.28 40.46
N ALA C 694 -27.78 -1.34 41.04
CA ALA C 694 -28.65 -1.62 42.16
C ALA C 694 -30.02 -2.06 41.66
N GLU C 695 -30.40 -3.29 41.98
CA GLU C 695 -31.72 -3.78 41.62
C GLU C 695 -32.80 -2.97 42.32
N ASN C 696 -33.82 -2.58 41.58
CA ASN C 696 -34.89 -1.74 42.12
C ASN C 696 -36.18 -2.07 41.37
N SER C 697 -37.03 -2.89 41.99
CA SER C 697 -38.32 -3.18 41.41
C SER C 697 -39.27 -2.01 41.64
N VAL C 698 -40.41 -2.07 40.98
CA VAL C 698 -41.43 -1.03 41.06
C VAL C 698 -42.75 -1.68 41.45
N ALA C 699 -43.53 -0.99 42.29
CA ALA C 699 -44.83 -1.49 42.71
C ALA C 699 -45.84 -1.29 41.60
N TYR C 700 -46.43 -2.38 41.14
CA TYR C 700 -47.40 -2.36 40.06
C TYR C 700 -48.78 -2.74 40.57
N SER C 701 -49.80 -2.05 40.08
CA SER C 701 -51.19 -2.34 40.40
C SER C 701 -52.06 -1.86 39.27
N ASN C 702 -53.28 -2.36 39.23
CA ASN C 702 -54.19 -2.05 38.14
C ASN C 702 -55.05 -0.83 38.40
N ASN C 703 -54.88 -0.15 39.54
CA ASN C 703 -55.69 1.03 39.81
C ASN C 703 -54.88 2.14 40.50
N SER C 704 -53.59 2.24 40.22
CA SER C 704 -52.75 3.24 40.87
C SER C 704 -51.68 3.75 39.92
N ILE C 705 -51.45 5.06 39.94
CA ILE C 705 -50.35 5.69 39.22
C ILE C 705 -49.61 6.59 40.21
N ALA C 706 -48.51 7.17 39.73
CA ALA C 706 -47.71 8.11 40.50
C ALA C 706 -47.50 9.37 39.68
N ILE C 707 -47.57 10.52 40.34
CA ILE C 707 -47.44 11.81 39.66
C ILE C 707 -46.40 12.65 40.39
N PRO C 708 -45.52 13.35 39.67
CA PRO C 708 -44.59 14.24 40.35
C PRO C 708 -45.20 15.63 40.53
N THR C 709 -44.80 16.26 41.65
CA THR C 709 -45.28 17.59 41.98
C THR C 709 -44.23 18.67 41.83
N ASN C 710 -42.95 18.32 41.88
CA ASN C 710 -41.86 19.27 41.77
C ASN C 710 -41.00 18.89 40.58
N PHE C 711 -40.09 19.79 40.20
CA PHE C 711 -39.27 19.57 39.02
C PHE C 711 -37.89 20.17 39.24
N THR C 712 -36.96 19.76 38.37
CA THR C 712 -35.58 20.22 38.42
C THR C 712 -35.14 20.60 37.01
N ILE C 713 -34.27 21.60 36.92
CA ILE C 713 -33.72 22.05 35.64
C ILE C 713 -32.23 21.81 35.66
N SER C 714 -31.72 21.14 34.62
CA SER C 714 -30.31 20.77 34.57
C SER C 714 -29.70 21.17 33.25
N VAL C 715 -28.37 21.18 33.21
CA VAL C 715 -27.60 21.49 32.03
C VAL C 715 -26.58 20.38 31.81
N THR C 716 -26.49 19.90 30.58
CA THR C 716 -25.61 18.78 30.25
C THR C 716 -24.68 19.19 29.11
N THR C 717 -23.42 18.80 29.21
CA THR C 717 -22.40 19.18 28.24
C THR C 717 -22.12 18.04 27.27
N GLU C 718 -21.89 18.39 26.01
CA GLU C 718 -21.51 17.44 24.97
C GLU C 718 -20.36 18.00 24.18
N ILE C 719 -19.45 17.13 23.73
CA ILE C 719 -18.24 17.54 23.02
C ILE C 719 -18.14 16.76 21.73
N LEU C 720 -17.93 17.46 20.62
CA LEU C 720 -17.85 16.81 19.32
C LEU C 720 -16.70 17.36 18.48
N PRO C 721 -15.84 16.51 17.94
CA PRO C 721 -14.76 17.00 17.06
C PRO C 721 -15.32 17.46 15.72
N VAL C 722 -14.59 18.37 15.08
CA VAL C 722 -15.02 18.92 13.80
C VAL C 722 -13.94 18.81 12.75
N SER C 723 -12.75 19.30 13.05
CA SER C 723 -11.71 19.44 12.05
C SER C 723 -10.42 18.79 12.51
N MET C 724 -9.65 18.28 11.54
CA MET C 724 -8.30 17.80 11.77
C MET C 724 -7.33 18.64 10.96
N THR C 725 -6.11 18.79 11.47
CA THR C 725 -5.15 19.70 10.88
C THR C 725 -4.82 19.29 9.45
N LYS C 726 -4.84 20.25 8.55
CA LYS C 726 -4.44 20.00 7.17
C LYS C 726 -2.98 19.59 7.12
N THR C 727 -2.61 18.89 6.05
CA THR C 727 -1.24 18.42 5.91
C THR C 727 -0.90 18.38 4.43
N SER C 728 0.40 18.48 4.13
CA SER C 728 0.88 18.31 2.76
C SER C 728 2.29 17.75 2.81
N VAL C 729 2.61 16.90 1.85
CA VAL C 729 3.87 16.16 1.83
C VAL C 729 4.46 16.23 0.42
N ASP C 730 5.77 16.46 0.35
CA ASP C 730 6.50 16.34 -0.90
C ASP C 730 7.09 14.95 -1.01
N CYS C 731 7.06 14.41 -2.23
CA CYS C 731 7.49 13.03 -2.44
C CYS C 731 9.00 12.92 -2.56
N THR C 732 9.58 13.56 -3.57
CA THR C 732 11.01 13.40 -3.83
C THR C 732 11.85 13.94 -2.69
N MET C 733 11.51 15.14 -2.19
CA MET C 733 12.30 15.77 -1.15
C MET C 733 12.26 14.99 0.16
N TYR C 734 11.26 14.14 0.35
CA TYR C 734 11.21 13.33 1.56
C TYR C 734 12.09 12.09 1.43
N ILE C 735 11.88 11.31 0.37
CA ILE C 735 12.60 10.04 0.25
C ILE C 735 14.07 10.27 -0.05
N CYS C 736 14.38 11.19 -0.97
CA CYS C 736 15.76 11.41 -1.39
C CYS C 736 16.04 12.89 -1.58
N GLY C 737 15.66 13.70 -0.59
CA GLY C 737 15.94 15.12 -0.67
C GLY C 737 17.42 15.40 -0.85
N ASP C 738 17.71 16.49 -1.56
CA ASP C 738 19.05 17.04 -1.77
C ASP C 738 20.04 16.02 -2.35
N SER C 739 19.55 15.08 -3.16
CA SER C 739 20.41 14.16 -3.88
C SER C 739 20.08 14.24 -5.38
N THR C 740 20.87 13.53 -6.17
CA THR C 740 20.73 13.53 -7.62
C THR C 740 20.49 12.16 -8.22
N GLU C 741 21.15 11.12 -7.71
CA GLU C 741 20.93 9.78 -8.22
C GLU C 741 19.49 9.34 -8.00
N CYS C 742 18.93 9.66 -6.83
CA CYS C 742 17.54 9.33 -6.56
C CYS C 742 16.60 10.03 -7.52
N SER C 743 16.94 11.24 -7.95
CA SER C 743 16.11 11.94 -8.92
C SER C 743 16.04 11.19 -10.23
N ASN C 744 17.03 10.35 -10.52
CA ASN C 744 16.97 9.48 -11.69
C ASN C 744 16.23 8.19 -11.36
N LEU C 745 16.54 7.59 -10.21
CA LEU C 745 15.98 6.28 -9.88
C LEU C 745 14.48 6.33 -9.72
N LEU C 746 13.96 7.37 -9.06
CA LEU C 746 12.54 7.40 -8.71
C LEU C 746 11.66 7.43 -9.96
N LEU C 747 12.10 8.14 -11.00
CA LEU C 747 11.29 8.28 -12.21
C LEU C 747 10.96 6.95 -12.84
N GLN C 748 11.74 5.90 -12.54
CA GLN C 748 11.49 4.59 -13.12
C GLN C 748 10.22 3.95 -12.55
N TYR C 749 9.84 4.30 -11.32
CA TYR C 749 8.81 3.52 -10.64
C TYR C 749 7.41 3.94 -11.04
N GLY C 750 7.19 5.21 -11.30
CA GLY C 750 5.87 5.61 -11.78
C GLY C 750 5.51 7.00 -11.28
N SER C 751 4.21 7.19 -11.07
CA SER C 751 3.65 8.47 -10.67
C SER C 751 2.99 8.40 -9.29
N PHE C 752 3.64 7.75 -8.34
CA PHE C 752 3.10 7.72 -6.98
C PHE C 752 3.09 9.10 -6.36
N CYS C 753 4.14 9.89 -6.64
CA CYS C 753 4.24 11.23 -6.06
C CYS C 753 3.13 12.14 -6.55
N THR C 754 2.64 11.92 -7.77
CA THR C 754 1.47 12.66 -8.23
C THR C 754 0.19 12.13 -7.62
N GLN C 755 0.12 10.82 -7.37
CA GLN C 755 -1.10 10.23 -6.81
C GLN C 755 -1.34 10.71 -5.38
N LEU C 756 -0.30 10.73 -4.55
CA LEU C 756 -0.50 10.98 -3.13
C LEU C 756 -1.04 12.39 -2.88
N ASN C 757 -0.50 13.37 -3.59
CA ASN C 757 -0.87 14.75 -3.34
C ASN C 757 -2.34 15.02 -3.65
N ARG C 758 -2.92 14.28 -4.59
CA ARG C 758 -4.34 14.46 -4.87
C ARG C 758 -5.19 14.06 -3.66
N ALA C 759 -4.88 12.92 -3.04
CA ALA C 759 -5.63 12.50 -1.86
C ALA C 759 -5.44 13.50 -0.72
N LEU C 760 -4.21 13.95 -0.50
CA LEU C 760 -3.97 14.90 0.58
C LEU C 760 -4.71 16.22 0.32
N THR C 761 -4.74 16.66 -0.94
CA THR C 761 -5.49 17.87 -1.29
C THR C 761 -6.98 17.68 -1.05
N GLY C 762 -7.51 16.50 -1.39
CA GLY C 762 -8.90 16.23 -1.09
C GLY C 762 -9.20 16.37 0.38
N ILE C 763 -8.34 15.82 1.24
CA ILE C 763 -8.54 15.93 2.68
C ILE C 763 -8.49 17.40 3.10
N ALA C 764 -7.53 18.15 2.56
CA ALA C 764 -7.38 19.55 2.95
C ALA C 764 -8.64 20.34 2.62
N VAL C 765 -9.22 20.12 1.43
CA VAL C 765 -10.45 20.82 1.09
C VAL C 765 -11.60 20.34 1.97
N GLU C 766 -11.61 19.04 2.29
CA GLU C 766 -12.71 18.49 3.07
C GLU C 766 -12.80 19.12 4.44
N GLN C 767 -11.66 19.44 5.06
CA GLN C 767 -11.70 20.04 6.39
C GLN C 767 -12.40 21.40 6.36
N ASP C 768 -12.05 22.24 5.39
CA ASP C 768 -12.70 23.53 5.26
C ASP C 768 -14.20 23.36 5.00
N LYS C 769 -14.56 22.40 4.15
CA LYS C 769 -15.96 22.15 3.89
C LYS C 769 -16.70 21.77 5.18
N ASN C 770 -16.06 20.94 6.01
CA ASN C 770 -16.68 20.51 7.26
C ASN C 770 -16.98 21.70 8.16
N THR C 771 -15.97 22.53 8.41
CA THR C 771 -16.20 23.63 9.34
C THR C 771 -17.19 24.64 8.78
N GLN C 772 -17.17 24.86 7.46
CA GLN C 772 -18.15 25.74 6.84
C GLN C 772 -19.56 25.20 7.04
N GLU C 773 -19.73 23.89 6.88
CA GLU C 773 -21.04 23.30 7.08
C GLU C 773 -21.51 23.44 8.52
N VAL C 774 -20.61 23.25 9.48
CA VAL C 774 -21.03 23.24 10.87
C VAL C 774 -21.41 24.63 11.36
N PHE C 775 -20.58 25.65 11.05
CA PHE C 775 -20.74 26.96 11.66
C PHE C 775 -21.37 28.02 10.75
N ALA C 776 -22.03 27.62 9.66
CA ALA C 776 -22.62 28.64 8.81
C ALA C 776 -24.11 28.41 8.59
N GLN C 777 -24.84 28.13 9.66
CA GLN C 777 -26.27 27.90 9.55
C GLN C 777 -27.09 29.19 9.58
N VAL C 778 -26.46 30.33 9.82
CA VAL C 778 -27.17 31.60 9.96
C VAL C 778 -26.71 32.52 8.84
N LYS C 779 -27.62 33.41 8.42
CA LYS C 779 -27.38 34.28 7.27
C LYS C 779 -27.15 35.74 7.63
N GLN C 780 -27.63 36.21 8.78
CA GLN C 780 -27.47 37.59 9.18
C GLN C 780 -26.92 37.63 10.58
N ILE C 781 -25.83 38.37 10.77
CA ILE C 781 -25.23 38.51 12.09
C ILE C 781 -26.10 39.43 12.96
N TYR C 782 -26.62 38.88 14.04
CA TYR C 782 -27.32 39.66 15.05
C TYR C 782 -26.37 40.00 16.17
N LYS C 783 -26.65 41.10 16.87
CA LYS C 783 -25.84 41.53 17.99
C LYS C 783 -26.69 41.69 19.24
N THR C 784 -26.09 41.36 20.38
CA THR C 784 -26.82 41.37 21.64
C THR C 784 -27.27 42.78 22.01
N PRO C 785 -28.44 42.90 22.66
CA PRO C 785 -28.84 44.21 23.17
C PRO C 785 -27.89 44.66 24.27
N PRO C 786 -27.62 45.96 24.38
CA PRO C 786 -26.75 46.43 25.47
C PRO C 786 -27.29 46.15 26.85
N ILE C 787 -28.61 46.16 27.03
CA ILE C 787 -29.18 45.96 28.35
C ILE C 787 -29.24 44.47 28.68
N LYS C 788 -29.36 44.17 29.97
CA LYS C 788 -29.39 42.80 30.48
C LYS C 788 -30.60 42.58 31.36
N ASP C 789 -31.77 42.97 30.87
CA ASP C 789 -33.02 42.83 31.61
C ASP C 789 -33.72 41.52 31.26
N PHE C 790 -33.02 40.41 31.48
CA PHE C 790 -33.53 39.09 31.10
C PHE C 790 -34.28 38.42 32.24
N GLY C 791 -35.26 39.12 32.82
CA GLY C 791 -36.17 38.54 33.79
C GLY C 791 -35.49 37.85 34.96
N GLY C 792 -34.28 38.27 35.29
CA GLY C 792 -33.51 37.59 36.32
C GLY C 792 -32.64 36.46 35.84
N PHE C 793 -32.65 36.17 34.54
CA PHE C 793 -31.80 35.11 33.99
C PHE C 793 -30.42 35.68 33.70
N ASN C 794 -29.42 35.19 34.41
CA ASN C 794 -28.05 35.72 34.31
C ASN C 794 -27.29 34.95 33.25
N PHE C 795 -27.07 35.60 32.10
CA PHE C 795 -26.40 34.98 30.96
C PHE C 795 -24.93 35.37 30.86
N SER C 796 -24.37 36.00 31.89
CA SER C 796 -23.03 36.56 31.77
C SER C 796 -21.97 35.50 31.59
N GLN C 797 -22.23 34.26 31.99
CA GLN C 797 -21.20 33.22 31.91
C GLN C 797 -20.95 32.72 30.49
N ILE C 798 -21.81 33.07 29.55
CA ILE C 798 -21.65 32.57 28.18
C ILE C 798 -21.60 33.68 27.14
N LEU C 799 -22.08 34.89 27.44
CA LEU C 799 -22.01 35.98 26.49
C LEU C 799 -20.55 36.39 26.29
N PRO C 800 -20.23 36.98 25.13
CA PRO C 800 -18.84 37.42 24.91
C PRO C 800 -18.42 38.46 25.93
N ASP C 801 -17.15 38.38 26.33
CA ASP C 801 -16.61 39.28 27.34
C ASP C 801 -15.92 40.44 26.65
N PRO C 802 -16.42 41.67 26.79
CA PRO C 802 -15.75 42.80 26.13
C PRO C 802 -14.40 43.15 26.73
N SER C 803 -14.08 42.65 27.93
CA SER C 803 -12.87 43.06 28.62
C SER C 803 -11.62 42.68 27.83
N LYS C 804 -11.51 41.41 27.47
CA LYS C 804 -10.31 40.94 26.79
C LYS C 804 -10.29 41.40 25.34
N PRO C 805 -9.10 41.66 24.78
CA PRO C 805 -9.03 41.97 23.34
C PRO C 805 -9.57 40.84 22.48
N SER C 806 -9.36 39.60 22.90
CA SER C 806 -10.02 38.45 22.31
C SER C 806 -11.33 38.24 23.06
N LYS C 807 -12.44 38.65 22.45
CA LYS C 807 -13.75 38.65 23.10
C LYS C 807 -14.25 37.21 23.17
N ARG C 808 -13.69 36.47 24.12
CA ARG C 808 -14.08 35.10 24.39
C ARG C 808 -14.69 35.00 25.78
N SER C 809 -15.81 34.28 25.88
CA SER C 809 -16.47 34.13 27.16
C SER C 809 -15.64 33.23 28.08
N PRO C 810 -16.13 33.07 29.32
CA PRO C 810 -15.40 32.30 30.31
C PRO C 810 -15.30 30.83 29.92
N ILE C 811 -16.41 30.26 29.44
CA ILE C 811 -16.45 28.83 29.16
C ILE C 811 -15.46 28.49 28.05
N GLU C 812 -15.42 29.29 27.00
CA GLU C 812 -14.48 29.03 25.92
C GLU C 812 -13.04 29.34 26.34
N ASP C 813 -12.83 30.27 27.27
CA ASP C 813 -11.48 30.46 27.81
C ASP C 813 -10.99 29.20 28.51
N LEU C 814 -11.83 28.63 29.38
CA LEU C 814 -11.43 27.40 30.05
C LEU C 814 -11.26 26.26 29.05
N LEU C 815 -12.12 26.20 28.03
CA LEU C 815 -12.01 25.15 27.03
C LEU C 815 -10.71 25.24 26.27
N PHE C 816 -10.31 26.46 25.87
CA PHE C 816 -9.05 26.61 25.16
C PHE C 816 -7.87 26.29 26.07
N ASN C 817 -7.93 26.72 27.33
CA ASN C 817 -6.82 26.46 28.24
C ASN C 817 -6.64 24.97 28.51
N LYS C 818 -7.75 24.25 28.66
CA LYS C 818 -7.65 22.83 28.99
C LYS C 818 -7.06 22.00 27.87
N VAL C 819 -7.09 22.49 26.63
CA VAL C 819 -6.55 21.78 25.47
C VAL C 819 -5.16 22.32 25.17
N THR C 820 -4.18 21.43 25.16
CA THR C 820 -2.79 21.79 24.88
C THR C 820 -2.35 21.13 23.60
N LEU C 821 -1.75 21.91 22.70
CA LEU C 821 -1.29 21.40 21.41
C LEU C 821 0.19 21.08 21.45
N GLN C 846 9.72 25.44 7.05
CA GLN C 846 8.67 25.16 8.03
C GLN C 846 9.04 23.94 8.87
N LYS C 847 8.60 22.76 8.43
CA LYS C 847 8.91 21.52 9.12
C LYS C 847 10.22 20.95 8.59
N PHE C 848 10.53 19.71 8.97
CA PHE C 848 11.88 19.19 8.81
C PHE C 848 12.13 18.69 7.39
N ASN C 849 11.38 17.68 6.96
CA ASN C 849 11.62 17.02 5.67
C ASN C 849 10.33 17.02 4.86
N GLY C 850 10.11 18.08 4.08
CA GLY C 850 9.01 18.13 3.14
C GLY C 850 7.63 18.22 3.74
N LEU C 851 7.47 17.97 5.03
CA LEU C 851 6.16 18.12 5.66
C LEU C 851 5.76 19.58 5.71
N ASN C 852 4.46 19.84 5.57
CA ASN C 852 3.96 21.19 5.67
C ASN C 852 2.56 21.15 6.25
N VAL C 853 2.25 22.13 7.08
CA VAL C 853 0.92 22.27 7.67
C VAL C 853 0.31 23.58 7.18
N LEU C 854 -0.97 23.55 6.84
CA LEU C 854 -1.59 24.72 6.26
C LEU C 854 -2.63 25.30 7.22
N PRO C 855 -2.75 26.62 7.29
CA PRO C 855 -3.70 27.21 8.22
C PRO C 855 -5.13 27.01 7.74
N PRO C 856 -6.10 26.97 8.65
CA PRO C 856 -7.49 26.84 8.24
C PRO C 856 -7.99 28.13 7.60
N LEU C 857 -9.07 28.00 6.84
CA LEU C 857 -9.63 29.18 6.18
C LEU C 857 -10.25 30.14 7.18
N LEU C 858 -10.84 29.63 8.25
CA LEU C 858 -11.55 30.47 9.21
C LEU C 858 -10.67 30.67 10.44
N THR C 859 -10.42 31.93 10.77
CA THR C 859 -9.73 32.24 12.01
C THR C 859 -10.62 31.88 13.20
N ASP C 860 -9.98 31.49 14.30
CA ASP C 860 -10.75 31.15 15.50
C ASP C 860 -11.57 32.33 15.99
N GLU C 861 -11.12 33.55 15.74
CA GLU C 861 -11.87 34.73 16.16
C GLU C 861 -13.20 34.81 15.44
N MET C 862 -13.20 34.62 14.13
CA MET C 862 -14.45 34.69 13.38
C MET C 862 -15.34 33.50 13.66
N ILE C 863 -14.75 32.36 14.05
CA ILE C 863 -15.54 31.24 14.56
C ILE C 863 -16.30 31.66 15.82
N ALA C 864 -15.57 32.26 16.77
CA ALA C 864 -16.22 32.76 17.97
C ALA C 864 -17.28 33.80 17.64
N GLN C 865 -17.07 34.55 16.57
CA GLN C 865 -18.05 35.56 16.19
C GLN C 865 -19.35 34.90 15.72
N TYR C 866 -19.24 33.87 14.87
CA TYR C 866 -20.42 33.08 14.51
C TYR C 866 -21.12 32.54 15.74
N THR C 867 -20.37 31.96 16.67
CA THR C 867 -21.01 31.39 17.86
C THR C 867 -21.75 32.47 18.64
N SER C 868 -21.13 33.65 18.78
CA SER C 868 -21.79 34.75 19.48
C SER C 868 -23.06 35.18 18.78
N ALA C 869 -23.03 35.26 17.44
CA ALA C 869 -24.22 35.65 16.71
C ALA C 869 -25.34 34.64 16.91
N LEU C 870 -25.01 33.35 16.86
CA LEU C 870 -26.02 32.32 17.08
C LEU C 870 -26.61 32.41 18.48
N LEU C 871 -25.76 32.62 19.49
CA LEU C 871 -26.25 32.71 20.86
C LEU C 871 -27.15 33.93 21.05
N ALA C 872 -26.77 35.06 20.47
CA ALA C 872 -27.60 36.26 20.58
C ALA C 872 -28.94 36.06 19.90
N GLY C 873 -28.93 35.45 18.72
CA GLY C 873 -30.19 35.18 18.04
C GLY C 873 -31.09 34.27 18.86
N THR C 874 -30.52 33.23 19.46
CA THR C 874 -31.31 32.32 20.29
C THR C 874 -31.91 33.07 21.48
N ILE C 875 -31.12 33.87 22.18
CA ILE C 875 -31.62 34.50 23.39
C ILE C 875 -32.57 35.64 23.12
N THR C 876 -32.56 36.21 21.90
CA THR C 876 -33.43 37.35 21.62
C THR C 876 -34.67 36.97 20.82
N SER C 877 -34.51 36.28 19.69
CA SER C 877 -35.62 36.06 18.77
C SER C 877 -36.32 34.73 18.99
N GLY C 878 -36.05 34.06 20.10
CA GLY C 878 -36.69 32.78 20.35
C GLY C 878 -36.14 31.68 19.47
N TRP C 879 -36.95 31.19 18.53
CA TRP C 879 -36.50 30.18 17.58
C TRP C 879 -37.00 30.42 16.18
N THR C 880 -37.62 31.58 15.90
CA THR C 880 -38.09 31.89 14.57
C THR C 880 -37.03 32.54 13.70
N PHE C 881 -35.86 32.85 14.25
CA PHE C 881 -34.81 33.46 13.45
C PHE C 881 -34.16 32.46 12.50
N GLY C 882 -34.43 31.17 12.65
CA GLY C 882 -33.95 30.20 11.71
C GLY C 882 -34.91 29.85 10.60
N ALA C 883 -36.16 30.27 10.72
CA ALA C 883 -37.18 29.98 9.73
C ALA C 883 -37.45 31.15 8.78
N GLY C 884 -36.65 32.21 8.84
CA GLY C 884 -36.85 33.34 7.98
C GLY C 884 -36.59 34.67 8.65
N PRO C 885 -37.57 35.57 8.61
CA PRO C 885 -37.41 36.87 9.25
C PRO C 885 -37.39 36.71 10.77
N ALA C 886 -36.51 37.46 11.42
CA ALA C 886 -36.39 37.39 12.87
C ALA C 886 -37.54 38.15 13.54
N LEU C 887 -37.98 37.63 14.68
CA LEU C 887 -39.07 38.22 15.44
C LEU C 887 -38.70 38.22 16.91
N GLN C 888 -38.77 39.39 17.54
CA GLN C 888 -38.39 39.51 18.94
C GLN C 888 -39.56 39.14 19.85
N ILE C 889 -39.21 38.69 21.05
CA ILE C 889 -40.21 38.29 22.05
C ILE C 889 -39.53 38.25 23.42
N PRO C 890 -40.18 38.76 24.47
CA PRO C 890 -39.57 38.72 25.79
C PRO C 890 -39.38 37.29 26.28
N PHE C 891 -38.40 37.12 27.16
CA PHE C 891 -37.99 35.78 27.56
C PHE C 891 -39.09 35.03 28.30
N PRO C 892 -39.96 35.74 29.00
CA PRO C 892 -40.98 35.06 29.81
C PRO C 892 -41.88 34.18 28.95
N MET C 893 -42.48 34.75 27.90
CA MET C 893 -43.32 33.91 27.06
C MET C 893 -42.53 32.97 26.17
N GLN C 894 -41.25 33.23 25.92
CA GLN C 894 -40.45 32.23 25.23
C GLN C 894 -40.33 30.97 26.06
N MET C 895 -39.97 31.11 27.34
CA MET C 895 -39.92 29.95 28.22
C MET C 895 -41.30 29.36 28.42
N ALA C 896 -42.35 30.19 28.39
CA ALA C 896 -43.70 29.67 28.50
C ALA C 896 -44.03 28.76 27.33
N TYR C 897 -43.66 29.17 26.12
CA TYR C 897 -43.89 28.33 24.95
C TYR C 897 -43.05 27.05 25.04
N ARG C 898 -41.82 27.17 25.55
CA ARG C 898 -41.00 25.98 25.70
C ARG C 898 -41.65 24.96 26.62
N PHE C 899 -42.16 25.39 27.77
CA PHE C 899 -42.88 24.45 28.64
C PHE C 899 -44.15 23.94 27.98
N ASN C 900 -44.90 24.81 27.30
CA ASN C 900 -46.12 24.35 26.65
C ASN C 900 -45.83 23.31 25.57
N GLY C 901 -44.61 23.29 25.04
CA GLY C 901 -44.25 22.27 24.08
C GLY C 901 -44.26 20.87 24.66
N ILE C 902 -43.90 20.72 25.92
CA ILE C 902 -43.75 19.40 26.54
C ILE C 902 -44.95 19.03 27.39
N GLY C 903 -46.12 19.60 27.10
CA GLY C 903 -47.33 19.24 27.82
C GLY C 903 -47.38 19.67 29.28
N VAL C 904 -46.92 20.87 29.58
CA VAL C 904 -47.06 21.47 30.90
C VAL C 904 -47.70 22.84 30.72
N THR C 905 -48.76 23.11 31.48
CA THR C 905 -49.48 24.36 31.34
C THR C 905 -48.58 25.54 31.66
N GLN C 906 -48.67 26.59 30.84
CA GLN C 906 -47.71 27.69 30.93
C GLN C 906 -47.80 28.42 32.25
N ASN C 907 -48.98 28.46 32.88
CA ASN C 907 -49.13 29.21 34.11
C ASN C 907 -48.12 28.77 35.17
N VAL C 908 -47.72 27.51 35.13
CA VAL C 908 -46.75 27.00 36.09
C VAL C 908 -45.49 27.85 36.07
N LEU C 909 -44.98 28.14 34.87
CA LEU C 909 -43.79 28.98 34.77
C LEU C 909 -44.03 30.34 35.40
N TYR C 910 -45.20 30.92 35.18
CA TYR C 910 -45.49 32.21 35.77
C TYR C 910 -45.65 32.14 37.28
N GLU C 911 -45.93 30.95 37.82
CA GLU C 911 -46.04 30.83 39.27
C GLU C 911 -44.66 30.83 39.94
N ASN C 912 -43.69 30.15 39.33
CA ASN C 912 -42.40 29.91 39.98
C ASN C 912 -41.26 30.49 39.16
N GLN C 913 -41.44 31.72 38.67
CA GLN C 913 -40.44 32.32 37.81
C GLN C 913 -39.09 32.46 38.52
N LYS C 914 -39.10 33.01 39.73
CA LYS C 914 -37.84 33.23 40.44
C LYS C 914 -37.16 31.93 40.79
N LEU C 915 -37.94 30.90 41.18
CA LEU C 915 -37.35 29.62 41.50
C LEU C 915 -36.63 29.02 40.28
N ILE C 916 -37.28 29.07 39.13
CA ILE C 916 -36.67 28.54 37.91
C ILE C 916 -35.43 29.35 37.55
N ALA C 917 -35.49 30.67 37.72
CA ALA C 917 -34.32 31.49 37.43
C ALA C 917 -33.14 31.11 38.32
N ASN C 918 -33.40 30.91 39.62
CA ASN C 918 -32.32 30.53 40.52
C ASN C 918 -31.77 29.15 40.17
N GLN C 919 -32.64 28.20 39.86
CA GLN C 919 -32.19 26.88 39.43
C GLN C 919 -31.27 27.00 38.21
N PHE C 920 -31.70 27.76 37.21
CA PHE C 920 -30.94 27.90 35.98
C PHE C 920 -29.59 28.55 36.24
N ASN C 921 -29.56 29.61 37.04
CA ASN C 921 -28.29 30.28 37.31
C ASN C 921 -27.33 29.38 38.06
N SER C 922 -27.80 28.68 39.09
CA SER C 922 -26.90 27.78 39.82
C SER C 922 -26.39 26.68 38.92
N ALA C 923 -27.26 26.09 38.10
CA ALA C 923 -26.85 25.01 37.23
C ALA C 923 -25.81 25.47 36.22
N ILE C 924 -26.02 26.65 35.62
CA ILE C 924 -25.05 27.12 34.64
C ILE C 924 -23.76 27.53 35.31
N GLY C 925 -23.82 27.94 36.58
CA GLY C 925 -22.60 28.24 37.30
C GLY C 925 -21.79 27.01 37.66
N LYS C 926 -22.46 25.86 37.82
CA LYS C 926 -21.75 24.64 38.17
C LYS C 926 -20.77 24.21 37.08
N ILE C 927 -21.16 24.34 35.81
CA ILE C 927 -20.36 23.82 34.70
C ILE C 927 -18.96 24.39 34.69
N GLN C 928 -18.82 25.66 35.10
CA GLN C 928 -17.53 26.36 35.01
C GLN C 928 -16.42 25.55 35.66
N ASP C 929 -16.66 25.08 36.89
CA ASP C 929 -15.67 24.24 37.57
C ASP C 929 -15.96 22.76 37.42
N SER C 930 -17.13 22.37 36.93
CA SER C 930 -17.36 20.96 36.61
C SER C 930 -16.42 20.52 35.51
N LEU C 931 -16.19 21.37 34.51
CA LEU C 931 -15.18 21.08 33.51
C LEU C 931 -13.79 21.07 34.12
N SER C 932 -13.50 22.02 35.01
CA SER C 932 -12.14 22.23 35.49
C SER C 932 -11.72 21.25 36.59
N SER C 933 -12.66 20.50 37.17
CA SER C 933 -12.31 19.58 38.24
C SER C 933 -11.85 18.24 37.70
N THR C 934 -12.71 17.57 36.93
CA THR C 934 -12.34 16.29 36.35
C THR C 934 -11.25 16.47 35.29
N PRO C 935 -10.47 15.41 35.08
CA PRO C 935 -9.34 15.46 34.19
C PRO C 935 -9.60 14.84 32.82
N SER C 936 -10.65 14.03 32.68
CA SER C 936 -10.98 13.39 31.42
C SER C 936 -12.17 14.06 30.73
N ALA C 937 -12.44 15.33 31.04
CA ALA C 937 -13.57 16.01 30.42
C ALA C 937 -13.36 16.18 28.92
N LEU C 938 -12.17 16.55 28.50
CA LEU C 938 -11.90 16.90 27.11
C LEU C 938 -11.03 15.86 26.41
N GLY C 939 -11.24 14.58 26.72
CA GLY C 939 -10.46 13.54 26.07
C GLY C 939 -10.78 13.41 24.60
N LYS C 940 -12.05 13.61 24.23
CA LYS C 940 -12.45 13.44 22.83
C LYS C 940 -11.75 14.44 21.92
N LEU C 941 -11.51 15.65 22.41
CA LEU C 941 -10.75 16.63 21.63
C LEU C 941 -9.25 16.45 21.79
N GLN C 942 -8.79 15.76 22.83
CA GLN C 942 -7.38 15.51 23.00
C GLN C 942 -6.89 14.39 22.08
N ASP C 943 -7.75 13.41 21.80
CA ASP C 943 -7.33 12.27 20.99
C ASP C 943 -6.98 12.71 19.57
N VAL C 944 -7.80 13.57 18.97
CA VAL C 944 -7.59 13.97 17.59
C VAL C 944 -6.25 14.70 17.44
N VAL C 945 -5.72 15.26 18.53
CA VAL C 945 -4.42 15.90 18.48
C VAL C 945 -3.31 14.91 18.77
N ASN C 946 -3.46 14.13 19.84
CA ASN C 946 -2.37 13.24 20.25
C ASN C 946 -2.10 12.17 19.21
N GLN C 947 -3.16 11.54 18.68
CA GLN C 947 -2.96 10.49 17.68
C GLN C 947 -2.32 11.05 16.42
N ASN C 948 -2.77 12.23 15.97
CA ASN C 948 -2.19 12.85 14.80
C ASN C 948 -0.70 13.14 15.00
N ALA C 949 -0.36 13.73 16.14
CA ALA C 949 1.03 14.06 16.40
C ALA C 949 1.88 12.80 16.46
N GLN C 950 1.38 11.75 17.11
CA GLN C 950 2.14 10.52 17.21
C GLN C 950 2.37 9.90 15.84
N ALA C 951 1.33 9.89 15.00
CA ALA C 951 1.49 9.32 13.66
C ALA C 951 2.54 10.09 12.86
N LEU C 952 2.49 11.42 12.91
CA LEU C 952 3.46 12.21 12.16
C LEU C 952 4.87 12.00 12.71
N ASN C 953 5.00 11.90 14.03
CA ASN C 953 6.30 11.66 14.64
C ASN C 953 6.87 10.32 14.21
N THR C 954 6.04 9.27 14.18
CA THR C 954 6.53 7.98 13.72
C THR C 954 6.92 8.04 12.25
N LEU C 955 6.16 8.79 11.44
CA LEU C 955 6.51 8.93 10.04
C LEU C 955 7.88 9.55 9.88
N VAL C 956 8.16 10.63 10.60
CA VAL C 956 9.47 11.25 10.45
C VAL C 956 10.56 10.38 11.07
N LYS C 957 10.23 9.63 12.12
CA LYS C 957 11.21 8.76 12.76
C LYS C 957 11.61 7.61 11.85
N GLN C 958 10.70 7.17 10.97
CA GLN C 958 10.96 6.01 10.13
C GLN C 958 12.16 6.19 9.22
N LEU C 959 12.59 7.44 9.00
CA LEU C 959 13.64 7.73 8.03
C LEU C 959 15.01 7.19 8.44
N SER C 960 15.17 6.73 9.68
CA SER C 960 16.48 6.39 10.22
C SER C 960 16.75 4.89 10.24
N SER C 961 15.98 4.09 9.50
CA SER C 961 16.19 2.65 9.47
C SER C 961 16.94 2.27 8.18
N ASN C 962 17.77 1.24 8.30
CA ASN C 962 18.61 0.82 7.17
C ASN C 962 17.87 -0.06 6.17
N PHE C 963 16.72 -0.61 6.56
CA PHE C 963 15.92 -1.47 5.68
C PHE C 963 16.74 -2.62 5.11
N GLY C 964 17.70 -3.12 5.88
CA GLY C 964 18.54 -4.21 5.44
C GLY C 964 19.74 -3.80 4.63
N ALA C 965 19.89 -2.52 4.29
CA ALA C 965 21.01 -2.05 3.50
C ALA C 965 22.21 -1.80 4.42
N ILE C 966 23.22 -1.09 3.90
CA ILE C 966 24.44 -0.89 4.67
C ILE C 966 24.30 0.31 5.60
N SER C 967 23.91 1.47 5.07
CA SER C 967 23.86 2.70 5.85
C SER C 967 22.55 3.41 5.60
N SER C 968 22.13 4.19 6.59
CA SER C 968 20.86 4.92 6.55
C SER C 968 20.99 6.31 5.95
N VAL C 969 22.16 6.68 5.46
CA VAL C 969 22.35 7.98 4.82
C VAL C 969 22.93 7.74 3.43
N LEU C 970 22.35 8.43 2.44
CA LEU C 970 22.72 8.17 1.05
C LEU C 970 24.16 8.61 0.77
N ASN C 971 24.60 9.70 1.39
CA ASN C 971 25.93 10.22 1.11
C ASN C 971 27.00 9.21 1.44
N ASP C 972 26.82 8.46 2.53
CA ASP C 972 27.79 7.43 2.89
C ASP C 972 27.86 6.34 1.81
N ILE C 973 26.71 5.90 1.31
CA ILE C 973 26.71 4.81 0.33
C ILE C 973 27.31 5.29 -0.99
N LEU C 974 26.93 6.49 -1.44
CA LEU C 974 27.44 6.99 -2.72
C LEU C 974 28.93 7.29 -2.67
N SER C 975 29.46 7.68 -1.51
CA SER C 975 30.83 8.14 -1.41
C SER C 975 31.81 7.04 -1.04
N ARG C 976 31.36 5.80 -0.94
CA ARG C 976 32.25 4.70 -0.59
C ARG C 976 32.32 3.63 -1.67
N LEU C 977 31.19 3.22 -2.23
CA LEU C 977 31.14 2.10 -3.15
C LEU C 977 30.82 2.57 -4.57
N ASP C 978 31.23 1.76 -5.54
CA ASP C 978 31.04 2.08 -6.93
C ASP C 978 29.57 1.90 -7.34
N PRO C 979 29.11 2.65 -8.34
CA PRO C 979 27.69 2.60 -8.74
C PRO C 979 27.22 1.22 -9.17
N PRO C 980 27.96 0.48 -10.00
CA PRO C 980 27.35 -0.71 -10.63
C PRO C 980 26.89 -1.77 -9.64
N GLU C 981 27.41 -1.77 -8.41
CA GLU C 981 26.80 -2.58 -7.36
C GLU C 981 25.98 -1.74 -6.39
N ALA C 982 26.27 -0.44 -6.30
CA ALA C 982 25.52 0.44 -5.41
C ALA C 982 24.09 0.63 -5.87
N GLU C 983 23.74 0.24 -7.09
CA GLU C 983 22.38 0.41 -7.59
C GLU C 983 21.33 -0.39 -6.81
N VAL C 984 21.75 -1.10 -5.77
CA VAL C 984 20.84 -1.93 -4.98
C VAL C 984 20.39 -1.24 -3.71
N GLN C 985 21.31 -0.58 -3.01
CA GLN C 985 20.97 0.04 -1.73
C GLN C 985 19.95 1.15 -1.90
N ILE C 986 20.13 2.00 -2.91
CA ILE C 986 19.16 3.05 -3.17
C ILE C 986 17.79 2.44 -3.46
N ASP C 987 17.77 1.33 -4.21
CA ASP C 987 16.51 0.66 -4.48
C ASP C 987 15.84 0.20 -3.19
N ARG C 988 16.60 -0.40 -2.28
CA ARG C 988 16.02 -0.88 -1.03
C ARG C 988 15.46 0.26 -0.19
N LEU C 989 16.25 1.34 -0.04
CA LEU C 989 15.77 2.47 0.75
C LEU C 989 14.53 3.09 0.13
N ILE C 990 14.50 3.23 -1.19
CA ILE C 990 13.32 3.79 -1.85
C ILE C 990 12.10 2.92 -1.61
N THR C 991 12.27 1.60 -1.70
CA THR C 991 11.13 0.71 -1.48
C THR C 991 10.58 0.89 -0.07
N GLY C 992 11.47 0.93 0.92
CA GLY C 992 11.01 1.10 2.30
C GLY C 992 10.27 2.42 2.50
N ARG C 993 10.84 3.51 1.99
CA ARG C 993 10.22 4.81 2.22
C ARG C 993 8.88 4.93 1.49
N LEU C 994 8.77 4.34 0.29
CA LEU C 994 7.49 4.31 -0.39
C LEU C 994 6.46 3.54 0.42
N GLN C 995 6.87 2.41 1.02
CA GLN C 995 5.94 1.68 1.87
C GLN C 995 5.45 2.54 3.03
N SER C 996 6.36 3.28 3.66
CA SER C 996 5.97 4.13 4.78
C SER C 996 4.97 5.20 4.34
N LEU C 997 5.23 5.83 3.20
CA LEU C 997 4.33 6.86 2.71
C LEU C 997 2.95 6.30 2.42
N GLN C 998 2.89 5.12 1.80
CA GLN C 998 1.59 4.52 1.49
C GLN C 998 0.82 4.25 2.77
N THR C 999 1.48 3.69 3.78
CA THR C 999 0.79 3.41 5.03
C THR C 999 0.24 4.68 5.64
N TYR C 1000 1.06 5.74 5.69
CA TYR C 1000 0.61 6.99 6.30
C TYR C 1000 -0.60 7.55 5.57
N VAL C 1001 -0.57 7.52 4.23
CA VAL C 1001 -1.68 8.11 3.47
C VAL C 1001 -2.98 7.33 3.71
N THR C 1002 -2.90 6.00 3.74
CA THR C 1002 -4.13 5.24 3.98
C THR C 1002 -4.70 5.51 5.38
N GLN C 1003 -3.84 5.57 6.38
CA GLN C 1003 -4.32 5.90 7.72
C GLN C 1003 -5.00 7.26 7.73
N GLN C 1004 -4.40 8.24 7.06
CA GLN C 1004 -4.99 9.57 7.00
C GLN C 1004 -6.38 9.53 6.36
N LEU C 1005 -6.52 8.77 5.27
CA LEU C 1005 -7.82 8.70 4.59
C LEU C 1005 -8.89 8.14 5.52
N ILE C 1006 -8.58 7.05 6.23
CA ILE C 1006 -9.61 6.45 7.08
C ILE C 1006 -9.98 7.38 8.22
N ARG C 1007 -8.98 8.01 8.85
CA ARG C 1007 -9.28 8.94 9.95
C ARG C 1007 -10.11 10.11 9.46
N ALA C 1008 -9.80 10.62 8.27
CA ALA C 1008 -10.61 11.70 7.71
C ALA C 1008 -12.05 11.27 7.50
N ALA C 1009 -12.26 10.02 7.08
CA ALA C 1009 -13.61 9.52 6.92
C ALA C 1009 -14.38 9.57 8.23
N GLU C 1010 -13.78 9.04 9.30
CA GLU C 1010 -14.51 9.02 10.56
C GLU C 1010 -14.77 10.44 11.07
N ILE C 1011 -13.80 11.35 10.89
CA ILE C 1011 -13.99 12.73 11.30
C ILE C 1011 -15.14 13.37 10.54
N ARG C 1012 -15.25 13.07 9.24
CA ARG C 1012 -16.35 13.62 8.45
C ARG C 1012 -17.69 13.13 8.98
N ALA C 1013 -17.77 11.84 9.34
CA ALA C 1013 -19.01 11.33 9.92
C ALA C 1013 -19.37 12.08 11.19
N SER C 1014 -18.40 12.27 12.07
CA SER C 1014 -18.67 12.97 13.33
C SER C 1014 -19.09 14.41 13.07
N ALA C 1015 -18.47 15.07 12.11
CA ALA C 1015 -18.84 16.45 11.79
C ALA C 1015 -20.26 16.53 11.26
N ASN C 1016 -20.68 15.58 10.44
CA ASN C 1016 -22.06 15.57 9.96
C ASN C 1016 -23.03 15.39 11.11
N LEU C 1017 -22.71 14.50 12.06
CA LEU C 1017 -23.58 14.36 13.23
C LEU C 1017 -23.66 15.66 14.01
N ALA C 1018 -22.53 16.35 14.19
CA ALA C 1018 -22.53 17.60 14.92
C ALA C 1018 -23.36 18.66 14.20
N ALA C 1019 -23.29 18.69 12.87
CA ALA C 1019 -24.11 19.64 12.11
C ALA C 1019 -25.58 19.36 12.32
N THR C 1020 -25.98 18.08 12.28
CA THR C 1020 -27.37 17.75 12.52
C THR C 1020 -27.81 18.19 13.92
N LYS C 1021 -26.98 17.92 14.92
CA LYS C 1021 -27.33 18.34 16.28
C LYS C 1021 -27.46 19.85 16.38
N MET C 1022 -26.54 20.59 15.76
CA MET C 1022 -26.60 22.04 15.80
C MET C 1022 -27.87 22.56 15.15
N SER C 1023 -28.26 21.97 14.02
CA SER C 1023 -29.46 22.45 13.34
C SER C 1023 -30.73 22.09 14.09
N GLU C 1024 -30.73 20.96 14.82
CA GLU C 1024 -31.99 20.46 15.37
C GLU C 1024 -32.20 20.78 16.84
N CYS C 1025 -31.15 20.92 17.64
CA CYS C 1025 -31.31 21.19 19.06
C CYS C 1025 -31.19 22.67 19.42
N VAL C 1026 -30.88 23.55 18.46
CA VAL C 1026 -30.64 24.96 18.73
C VAL C 1026 -31.73 25.83 18.11
N LEU C 1027 -31.87 25.80 16.79
CA LEU C 1027 -32.84 26.64 16.09
C LEU C 1027 -34.28 26.20 16.35
N GLY C 1028 -34.49 25.05 16.98
CA GLY C 1028 -35.82 24.59 17.31
C GLY C 1028 -35.75 23.67 18.52
N GLN C 1029 -36.92 23.23 18.95
CA GLN C 1029 -37.04 22.31 20.06
C GLN C 1029 -37.40 20.92 19.53
N SER C 1030 -36.61 19.93 19.90
CA SER C 1030 -36.73 18.59 19.33
C SER C 1030 -37.35 17.63 20.34
N LYS C 1031 -38.26 16.79 19.85
CA LYS C 1031 -38.92 15.79 20.67
C LYS C 1031 -38.17 14.46 20.72
N ARG C 1032 -37.12 14.30 19.93
CA ARG C 1032 -36.39 13.04 19.91
C ARG C 1032 -35.71 12.81 21.26
N VAL C 1033 -35.88 11.62 21.81
CA VAL C 1033 -35.35 11.33 23.14
C VAL C 1033 -33.84 11.18 23.07
N ASP C 1034 -33.16 11.71 24.08
CA ASP C 1034 -31.71 11.63 24.24
C ASP C 1034 -30.94 12.25 23.08
N PHE C 1035 -31.62 12.96 22.18
CA PHE C 1035 -30.93 13.62 21.08
C PHE C 1035 -30.51 15.04 21.41
N CYS C 1036 -30.96 15.58 22.52
CA CYS C 1036 -30.53 16.89 22.98
C CYS C 1036 -30.32 16.89 24.49
N GLY C 1037 -29.90 15.76 25.03
CA GLY C 1037 -29.66 15.64 26.45
C GLY C 1037 -30.73 14.79 27.13
N LYS C 1038 -30.35 14.18 28.25
CA LYS C 1038 -31.25 13.32 28.99
C LYS C 1038 -32.43 14.12 29.54
N GLY C 1039 -33.59 13.49 29.58
CA GLY C 1039 -34.79 14.14 30.06
C GLY C 1039 -35.52 14.87 28.94
N TYR C 1040 -36.56 15.59 29.33
CA TYR C 1040 -37.30 16.39 28.36
C TYR C 1040 -36.47 17.60 27.97
N HIS C 1041 -36.46 17.90 26.68
CA HIS C 1041 -35.56 18.92 26.15
C HIS C 1041 -36.23 20.29 26.15
N LEU C 1042 -35.46 21.30 26.53
CA LEU C 1042 -35.94 22.68 26.56
C LEU C 1042 -35.21 23.55 25.55
N MET C 1043 -33.89 23.64 25.61
CA MET C 1043 -33.15 24.51 24.69
C MET C 1043 -31.67 24.20 24.83
N SER C 1044 -30.84 24.93 24.07
CA SER C 1044 -29.42 24.63 24.09
C SER C 1044 -28.62 25.83 23.62
N PHE C 1045 -27.33 25.81 23.93
CA PHE C 1045 -26.39 26.83 23.52
C PHE C 1045 -25.11 26.20 22.95
N PRO C 1046 -24.54 26.79 21.92
CA PRO C 1046 -23.27 26.29 21.41
C PRO C 1046 -22.08 27.03 21.98
N GLN C 1047 -20.90 26.40 21.94
CA GLN C 1047 -19.65 27.04 22.33
C GLN C 1047 -18.55 26.46 21.47
N SER C 1048 -17.59 27.30 21.09
CA SER C 1048 -16.49 26.82 20.26
C SER C 1048 -15.42 26.15 21.12
N ALA C 1049 -14.53 25.41 20.46
CA ALA C 1049 -13.39 24.79 21.11
C ALA C 1049 -12.39 24.42 20.03
N PRO C 1050 -11.11 24.25 20.41
CA PRO C 1050 -10.10 23.95 19.38
C PRO C 1050 -10.44 22.69 18.62
N HIS C 1051 -10.78 22.84 17.34
CA HIS C 1051 -11.24 21.73 16.51
C HIS C 1051 -12.40 20.99 17.17
N GLY C 1052 -13.39 21.74 17.63
CA GLY C 1052 -14.53 21.07 18.24
C GLY C 1052 -15.62 22.01 18.68
N VAL C 1053 -16.75 21.42 19.02
CA VAL C 1053 -17.93 22.14 19.47
C VAL C 1053 -18.40 21.56 20.79
N VAL C 1054 -18.78 22.43 21.72
CA VAL C 1054 -19.32 22.02 23.01
C VAL C 1054 -20.75 22.53 23.09
N PHE C 1055 -21.69 21.63 23.28
CA PHE C 1055 -23.09 21.97 23.41
C PHE C 1055 -23.49 21.94 24.88
N LEU C 1056 -24.25 22.95 25.30
CA LEU C 1056 -24.85 22.99 26.63
C LEU C 1056 -26.35 22.84 26.46
N HIS C 1057 -26.90 21.71 26.90
CA HIS C 1057 -28.32 21.42 26.78
C HIS C 1057 -29.01 21.77 28.10
N VAL C 1058 -29.98 22.67 28.03
CA VAL C 1058 -30.84 23.00 29.16
C VAL C 1058 -32.09 22.14 29.05
N THR C 1059 -32.31 21.31 30.07
CA THR C 1059 -33.36 20.29 30.04
C THR C 1059 -34.08 20.26 31.38
N TYR C 1060 -35.23 19.58 31.37
CA TYR C 1060 -36.22 19.58 32.44
C TYR C 1060 -36.47 18.16 32.89
N VAL C 1061 -36.50 17.93 34.21
CA VAL C 1061 -36.61 16.57 34.74
C VAL C 1061 -37.59 16.55 35.91
N PRO C 1062 -38.46 15.53 36.02
CA PRO C 1062 -39.42 15.50 37.12
C PRO C 1062 -38.77 15.13 38.44
N ALA C 1063 -39.13 15.88 39.48
CA ALA C 1063 -38.62 15.70 40.84
C ALA C 1063 -39.56 14.79 41.63
N GLN C 1064 -39.44 14.82 42.95
CA GLN C 1064 -40.18 13.95 43.87
C GLN C 1064 -41.64 13.79 43.47
N GLU C 1065 -42.14 12.57 43.67
CA GLU C 1065 -43.47 12.17 43.21
C GLU C 1065 -44.25 11.50 44.34
N LYS C 1066 -45.56 11.52 44.19
CA LYS C 1066 -46.46 10.88 45.13
C LYS C 1066 -47.49 10.08 44.33
N ASN C 1067 -47.95 8.97 44.89
CA ASN C 1067 -48.86 8.11 44.16
C ASN C 1067 -50.30 8.31 44.64
N PHE C 1068 -51.24 7.90 43.79
CA PHE C 1068 -52.65 8.18 43.99
C PHE C 1068 -53.44 6.95 43.58
N THR C 1069 -54.76 7.12 43.44
CA THR C 1069 -55.65 6.09 42.95
C THR C 1069 -56.37 6.59 41.71
N THR C 1070 -56.30 5.82 40.63
CA THR C 1070 -56.82 6.23 39.33
C THR C 1070 -58.06 5.43 38.96
N ALA C 1071 -58.66 5.82 37.84
CA ALA C 1071 -59.88 5.19 37.33
C ALA C 1071 -60.03 5.53 35.85
N PRO C 1072 -60.25 4.53 35.00
CA PRO C 1072 -60.27 4.81 33.56
C PRO C 1072 -61.34 5.79 33.12
N ALA C 1073 -62.51 5.77 33.75
CA ALA C 1073 -63.61 6.61 33.31
C ALA C 1073 -64.55 6.85 34.49
N ILE C 1074 -65.58 7.65 34.25
CA ILE C 1074 -66.57 7.98 35.27
C ILE C 1074 -67.95 7.91 34.62
N CYS C 1075 -68.94 7.48 35.40
CA CYS C 1075 -70.31 7.35 34.91
C CYS C 1075 -71.26 8.05 35.88
N HIS C 1076 -72.04 9.01 35.36
CA HIS C 1076 -73.01 9.71 36.19
C HIS C 1076 -74.45 9.45 35.76
N ASP C 1077 -74.83 9.85 34.54
CA ASP C 1077 -76.19 9.67 34.06
C ASP C 1077 -76.28 8.46 33.12
N GLY C 1078 -75.86 7.31 33.64
CA GLY C 1078 -75.79 6.11 32.84
C GLY C 1078 -74.77 6.14 31.73
N LYS C 1079 -74.20 7.30 31.40
CA LYS C 1079 -73.20 7.45 30.37
C LYS C 1079 -71.85 7.76 30.99
N ALA C 1080 -70.80 7.61 30.18
CA ALA C 1080 -69.43 7.72 30.66
C ALA C 1080 -68.77 9.00 30.16
N HIS C 1081 -67.83 9.50 30.96
CA HIS C 1081 -67.06 10.69 30.63
C HIS C 1081 -65.59 10.33 30.52
N PHE C 1082 -64.91 10.88 29.52
CA PHE C 1082 -63.47 10.71 29.35
C PHE C 1082 -62.79 12.07 29.40
N PRO C 1083 -61.58 12.15 29.97
CA PRO C 1083 -60.92 13.45 30.08
C PRO C 1083 -60.44 13.96 28.74
N ARG C 1084 -60.58 15.26 28.53
CA ARG C 1084 -60.09 15.87 27.30
C ARG C 1084 -58.57 15.80 27.22
N GLU C 1085 -57.90 16.25 28.28
CA GLU C 1085 -56.47 15.99 28.45
C GLU C 1085 -56.20 15.87 29.93
N GLY C 1086 -55.28 14.99 30.30
CA GLY C 1086 -55.05 14.67 31.68
C GLY C 1086 -55.64 13.33 32.06
N VAL C 1087 -55.67 13.08 33.36
CA VAL C 1087 -56.12 11.80 33.89
C VAL C 1087 -56.94 12.03 35.14
N PHE C 1088 -57.83 11.10 35.43
CA PHE C 1088 -58.61 11.12 36.65
C PHE C 1088 -57.77 10.65 37.83
N VAL C 1089 -57.89 11.35 38.94
CA VAL C 1089 -57.11 11.08 40.14
C VAL C 1089 -58.06 11.11 41.32
N SER C 1090 -57.67 10.46 42.41
CA SER C 1090 -58.51 10.42 43.60
C SER C 1090 -57.63 10.18 44.82
N ASN C 1091 -57.72 11.07 45.80
CA ASN C 1091 -56.94 10.92 47.02
C ASN C 1091 -57.61 10.00 48.03
N GLY C 1092 -58.79 9.47 47.73
CA GLY C 1092 -59.47 8.56 48.63
C GLY C 1092 -60.89 8.99 48.93
N THR C 1093 -61.18 10.27 48.74
CA THR C 1093 -62.49 10.82 49.03
C THR C 1093 -63.22 11.33 47.81
N HIS C 1094 -62.55 12.06 46.92
CA HIS C 1094 -63.17 12.63 45.75
C HIS C 1094 -62.27 12.43 44.54
N TRP C 1095 -62.79 12.76 43.37
CA TRP C 1095 -62.07 12.60 42.11
C TRP C 1095 -61.83 13.96 41.48
N PHE C 1096 -60.70 14.08 40.78
CA PHE C 1096 -60.33 15.31 40.11
C PHE C 1096 -59.61 14.97 38.81
N VAL C 1097 -59.29 15.99 38.02
CA VAL C 1097 -58.58 15.84 36.76
C VAL C 1097 -57.22 16.52 36.89
N THR C 1098 -56.19 15.89 36.35
CA THR C 1098 -54.83 16.38 36.52
C THR C 1098 -54.06 16.29 35.21
N GLN C 1099 -53.16 17.25 35.01
CA GLN C 1099 -52.17 17.11 33.96
C GLN C 1099 -51.20 15.98 34.30
N ARG C 1100 -50.60 15.41 33.26
CA ARG C 1100 -49.82 14.19 33.45
C ARG C 1100 -48.58 14.44 34.29
N ASN C 1101 -47.86 15.53 34.02
CA ASN C 1101 -46.54 15.74 34.62
C ASN C 1101 -46.54 16.76 35.75
N PHE C 1102 -47.71 17.22 36.19
CA PHE C 1102 -47.77 18.17 37.29
C PHE C 1102 -49.09 17.99 38.03
N TYR C 1103 -49.01 17.74 39.33
CA TYR C 1103 -50.21 17.52 40.13
C TYR C 1103 -50.86 18.87 40.41
N GLU C 1104 -52.11 19.00 39.99
CA GLU C 1104 -52.86 20.24 40.15
C GLU C 1104 -54.34 19.92 40.08
N PRO C 1105 -54.93 19.39 41.15
CA PRO C 1105 -56.30 18.89 41.07
C PRO C 1105 -57.30 19.99 40.74
N GLN C 1106 -58.34 19.60 40.01
CA GLN C 1106 -59.39 20.50 39.60
C GLN C 1106 -60.73 19.79 39.70
N ILE C 1107 -61.76 20.54 40.06
CA ILE C 1107 -63.10 19.95 40.15
C ILE C 1107 -63.52 19.48 38.77
N ILE C 1108 -64.14 18.30 38.71
CA ILE C 1108 -64.50 17.70 37.44
C ILE C 1108 -65.69 18.43 36.85
N THR C 1109 -65.44 19.34 35.92
CA THR C 1109 -66.48 20.13 35.29
C THR C 1109 -66.90 19.49 33.97
N THR C 1110 -67.77 20.18 33.23
CA THR C 1110 -68.19 19.67 31.94
C THR C 1110 -67.09 19.81 30.90
N ASP C 1111 -66.44 20.97 30.84
CA ASP C 1111 -65.46 21.23 29.78
C ASP C 1111 -64.28 20.27 29.83
N ASN C 1112 -63.96 19.73 31.01
CA ASN C 1112 -62.80 18.86 31.12
C ASN C 1112 -63.03 17.50 30.50
N THR C 1113 -64.28 17.08 30.36
CA THR C 1113 -64.60 15.72 29.92
C THR C 1113 -65.59 15.76 28.77
N PHE C 1114 -65.59 14.68 27.99
CA PHE C 1114 -66.57 14.49 26.94
C PHE C 1114 -67.19 13.10 27.08
N VAL C 1115 -68.45 12.99 26.68
CA VAL C 1115 -69.23 11.77 26.89
C VAL C 1115 -69.26 10.97 25.60
N SER C 1116 -69.28 9.65 25.73
CA SER C 1116 -69.40 8.76 24.57
C SER C 1116 -69.89 7.41 25.07
N GLY C 1117 -71.13 7.06 24.71
CA GLY C 1117 -71.69 5.77 25.08
C GLY C 1117 -72.07 5.71 26.54
N ASN C 1118 -72.77 4.63 26.89
CA ASN C 1118 -73.14 4.37 28.27
C ASN C 1118 -72.00 3.66 29.00
N CYS C 1119 -72.19 3.44 30.30
CA CYS C 1119 -71.12 2.95 31.17
C CYS C 1119 -71.28 1.47 31.50
N ASP C 1120 -71.70 0.65 30.54
CA ASP C 1120 -71.79 -0.78 30.72
C ASP C 1120 -70.70 -1.55 29.97
N VAL C 1121 -69.84 -0.86 29.23
CA VAL C 1121 -68.84 -1.49 28.40
C VAL C 1121 -67.44 -1.39 28.99
N VAL C 1122 -67.07 -0.20 29.49
CA VAL C 1122 -65.73 0.00 30.02
C VAL C 1122 -65.53 -0.86 31.25
N ILE C 1123 -64.43 -1.60 31.28
CA ILE C 1123 -64.08 -2.44 32.42
C ILE C 1123 -63.38 -1.58 33.46
N GLY C 1124 -63.86 -1.66 34.70
CA GLY C 1124 -63.26 -0.93 35.79
C GLY C 1124 -63.74 0.48 36.00
N ILE C 1125 -64.87 0.85 35.39
CA ILE C 1125 -65.40 2.19 35.60
C ILE C 1125 -65.81 2.37 37.06
N VAL C 1126 -65.88 3.62 37.49
CA VAL C 1126 -66.21 3.96 38.87
C VAL C 1126 -67.27 5.05 38.87
N ASN C 1127 -67.99 5.15 39.99
CA ASN C 1127 -69.11 6.05 40.13
C ASN C 1127 -68.71 7.33 40.82
N ASN C 1128 -69.26 8.45 40.34
CA ASN C 1128 -69.17 9.74 41.02
C ASN C 1128 -70.04 10.72 40.27
N THR C 1129 -70.07 11.95 40.75
CA THR C 1129 -70.88 12.99 40.16
C THR C 1129 -70.09 13.83 39.18
N VAL C 1130 -70.80 14.53 38.30
CA VAL C 1130 -70.23 15.53 37.41
C VAL C 1130 -70.99 16.82 37.61
N TYR C 1131 -70.26 17.92 37.75
CA TYR C 1131 -70.85 19.21 38.07
C TYR C 1131 -70.70 20.15 36.88
N ASP C 1132 -71.81 20.53 36.28
CA ASP C 1132 -71.81 21.43 35.15
C ASP C 1132 -71.43 22.84 35.59
N PRO C 1133 -70.41 23.46 34.99
CA PRO C 1133 -70.04 24.82 35.40
C PRO C 1133 -71.11 25.85 35.12
N LEU C 1134 -71.95 25.63 34.12
CA LEU C 1134 -72.98 26.60 33.75
C LEU C 1134 -74.29 26.34 34.47
N GLN C 1135 -74.48 25.15 35.04
CA GLN C 1135 -75.69 24.90 35.81
C GLN C 1135 -75.88 25.85 37.00
N PRO C 1136 -74.85 26.23 37.77
CA PRO C 1136 -75.08 27.23 38.82
C PRO C 1136 -75.57 28.56 38.28
N GLU C 1137 -75.11 28.97 37.10
CA GLU C 1137 -75.59 30.22 36.50
C GLU C 1137 -77.09 30.14 36.22
N LEU C 1138 -77.52 29.09 35.52
CA LEU C 1138 -78.93 28.96 35.19
C LEU C 1138 -79.78 28.72 36.43
N ASP C 1139 -79.21 28.06 37.45
CA ASP C 1139 -79.93 27.84 38.70
C ASP C 1139 -80.10 29.14 39.47
N SER C 1140 -79.07 30.00 39.45
CA SER C 1140 -79.20 31.32 40.06
C SER C 1140 -80.22 32.16 39.31
N PHE C 1141 -80.25 32.05 37.99
CA PHE C 1141 -81.27 32.76 37.21
C PHE C 1141 -82.67 32.23 37.55
N LYS C 1142 -82.79 30.92 37.74
CA LYS C 1142 -84.07 30.33 38.14
C LYS C 1142 -84.47 30.80 39.53
N GLU C 1143 -83.51 30.91 40.44
CA GLU C 1143 -83.79 31.43 41.79
C GLU C 1143 -84.23 32.89 41.73
N GLU C 1144 -83.59 33.68 40.88
CA GLU C 1144 -84.01 35.06 40.68
C GLU C 1144 -85.41 35.12 40.09
N LEU C 1145 -85.72 34.21 39.16
CA LEU C 1145 -87.06 34.15 38.59
C LEU C 1145 -88.09 33.78 39.66
N ASP C 1146 -87.75 32.85 40.54
CA ASP C 1146 -88.65 32.51 41.64
C ASP C 1146 -88.86 33.69 42.57
N LYS C 1147 -87.79 34.44 42.86
CA LYS C 1147 -87.92 35.63 43.70
C LYS C 1147 -88.82 36.67 43.02
N TYR C 1148 -88.65 36.84 41.71
CA TYR C 1148 -89.50 37.78 40.97
C TYR C 1148 -90.95 37.34 40.99
N PHE C 1149 -91.20 36.03 40.85
CA PHE C 1149 -92.56 35.53 40.95
C PHE C 1149 -93.16 35.76 42.33
N LYS C 1150 -92.36 35.54 43.38
CA LYS C 1150 -92.84 35.80 44.73
C LYS C 1150 -93.18 37.27 44.93
N ASN C 1151 -92.34 38.16 44.42
CA ASN C 1151 -92.63 39.59 44.50
C ASN C 1151 -93.85 39.97 43.67
N HIS C 1152 -94.02 39.35 42.51
CA HIS C 1152 -95.05 39.72 41.55
C HIS C 1152 -96.41 39.09 41.85
N THR C 1153 -96.47 38.08 42.72
CA THR C 1153 -97.77 37.53 43.07
C THR C 1153 -98.64 38.55 43.78
N SER C 1154 -98.06 39.32 44.70
CA SER C 1154 -98.86 40.27 45.47
C SER C 1154 -99.50 41.37 44.63
N PRO C 1155 -98.81 42.03 43.67
CA PRO C 1155 -99.57 43.03 42.91
C PRO C 1155 -100.48 42.39 41.86
#